data_6SMQ
#
_entry.id   6SMQ
#
_cell.length_a   1.00
_cell.length_b   1.00
_cell.length_c   1.00
_cell.angle_alpha   90.00
_cell.angle_beta   90.00
_cell.angle_gamma   90.00
#
_symmetry.space_group_name_H-M   'P 1'
#
loop_
_entity.id
_entity.type
_entity.pdbx_description
1 polymer 'Lipoprotein RagB'
2 polymer 'RagA protein'
3 polymer SER-GLY-ALA-THR-THR-ALA-THR-THR-THR-THR-SER-ASN-SER
4 polymer 'RagA protein'
5 non-polymer '(1R,4S,6R)-6-({[2-(ACETYLAMINO)-2-DEOXY-ALPHA-D-GLUCOPYRANOSYL]OXY}METHYL)-4-HYDROXY-1-{[(15-METHYLHEXADECANOYL)OXY]METHYL}-4-OXIDO-7-OXO-3,5-DIOXA-8-AZA-4-PHOSPHAHEPTACOS-1-YL 15-METHYLHEXADECANOATE'
6 non-polymer 'PALMITIC ACID'
7 non-polymer (HYDROXYETHYLOXY)TRI(ETHYLOXY)OCTANE
#
loop_
_entity_poly.entity_id
_entity_poly.type
_entity_poly.pdbx_seq_one_letter_code
_entity_poly.pdbx_strand_id
1 'polypeptide(L)'
;CELDRDPEGKDFQQPYTSFVQTKQNRDGLYALLRNTENPRMHFYQELQSDMYCTTITDGNSLAPFVNWDLGILNDHGRAD
EDEVSGIAGYYFVYNRLNQQANAFVNNTEAALQNQVYKNSTEIANAKSFLAEGKVLQALAIWRLMDRFSFHESVTEVNSG
AKDLGVILLKEYNPGYIGPRATKAQCYDYILSRLSEAIEVLPENRESVLYVSRDYAYALRARIYLALGEYGKAAADAKMV
VDKYPLIGAADASEFENIYRSDANNPEIIFRGFASATLGSFTATTLNGAAPAGKDIKYNPSAVPFQWVVDLYENEDFRKS
VYIAKVVKKDKGYLVNKFLEDKAYRDVQDKPNLKVGARYFSVAEVYLILVESALQTGDTPTAEKYLKALSKARGAEVSVV
NMEALQAERTRELIGEGSRLRDMVRWSIPNNHDAFETQPGLEGFANTTPLKAQAPVGFYAYTWEFPQRDRQTNPQLIKNW
PI
;
A,D
2 'polypeptide(L)'
;LSTVSGSVAKVSSEKLAEKPVANIMDALQGQVAGMQVMTTSGDPTAVASVEIHGTGSLGASSAPLYIVDGMQTSLDVVAT
MNPNDFESMSVLKDASATSIYGARAANGVVFIQTKKGKMSERGRITFNASYGISQILNTKPLDNMMTGDELLDFQVKAGF
WGNNQTVQKVKDMILAGAEDLYGNYDSLKDEYGKTLFPVDFNHDADWLKALFKTAPTSQGDISFSGGSQGTSYYASIGYF
DQEGMAREPANFKRYSGRLNFESRINEWLKVGANLSGAIANRRSADYFGKYYMGSGTFGVLTMPRYYNPFDVNGDLADVY
YMYGATRPSMTEPYFAKMRPFSSESHQANVNGFAQITPIKGLTLKAQAGVDITNTRTSSKRMPNNPYDSTPLGERRERAY
RDVSKSFTNTAEYKFSIDEKHDLTALMGHEYIEYEGDVIGASSKGFESDKLMLLSQGKTGNSLSLPEHRVAEYAYLSFFS
RFNYGFDKWMYIDFSVRNDQSSRFGSNNRSAWFYSVGGMFDIYNKFIQESNWLSDLRLKMSYGTTGNSEIGNYNHQALVT
VNNYTEDAMGLSISTAGNPDLSWEKQSQFNFGLAAGAFNNRLSAEVDFYVRTTNDMLIDVPMPYISGFFSQYQNVGSMKN
TGVDLSLKGTIYQNKDWNVYASANFNYNRQEITKLFFGLNKYMLPNTGTIWEIGYPNSFYMAEYAGIDKKTGKQLWYVPG
QVDADGNKVTTSQYSADLETRIDKSVTPPITGGFSLGASWKGLSLDADFAYIVGKWMINNDRYFTENGGGLMQLNKDKML
LNAWTEDNKETDVPKLGQSPQFDTHLLENASFLRLKNLKLTYVLPNSLFAGQNVIGGARVYLMARNLLTVTKYKGFDPEA
GGNVGKNQYPNSKQYVAGIQLSF
;
B
3 'polypeptide(L)' SGATTATTTTSNS C
4 'polypeptide(L)'
;QVVVLGYGTGQKLSTVSGSVAKVSSEKLAEKPVANIMDALQGQVAGMQVMTTSGDPTAVASVEIHGTGSLGASSAPLYIV
DGMQTSLDVVATMNPNDFESMSVLKDASATSIYGARAANGVVFIQTKKGKMSERGRITFNASYGISQILNTKPLDNMMTG
DELLDFQVKAGFWGNNQTVQKVKDMILAGAEDLYGNYDSLKDEYGKTLFPVDFNHDADWLKALFKTAPTSQGDISFSGGS
QGTSYYASIGYFDQEGMAREPANFKRYSGRLNFESRINEWLKVGANLSGAIANRRSADYFGKYYMGSGTFGVLTMPRYYN
PFDVNGDLADVYYMYGATRPSMTEPYFAKMRPFSSESHQANVNGFAQITPIKGLTLKAQAGVDITNTRTSSKRMPNNPYD
STPLGERRERAYRDVSKSFTNTAEYKFSIDEKHDLTALMGHEYIEYEGDVIGASSKGFESDKLMLLSQGKTGNSLSLPEH
RVAEYAYLSFFSRFNYGFDKWMYIDFSVRNDQSSRFGSNNRSAWFYSVGGMFDIYNKFIQESNWLSDLRLKMSYGTTGNS
EIGNYNHQALVTVNNYTEDAMGLSISTAGNPDLSWEKQSQFNFGLAAGAFNNRLSAEVDFYVRTTNDMLIDVPMPYISGF
FSQYQNVGSMKNTGVDLSLKGTIYQNKDWNVYASANFNYNRQEITKLFFGLNKYMLPNTGTIWEIGYPNSFYMAEYAGID
KKTGKQLWYVPGQVDADGNKVTTSQYSADLETRIDKSVTPPITGGFSLGASWKGLSLDADFAYIVGKWMINNDRYFTENG
GGLMQLNKDKMLLNAWTEDNKETDVPKLGQSPQFDTHLLENASFLRLKNLKLTYVLPNSLFAGQNVIGGARVYLMARNLL
TVTKYKGFDPEAGGNVGKNQYPNSKQYVAGIQLSF
;
E
#
loop_
_chem_comp.id
_chem_comp.type
_chem_comp.name
_chem_comp.formula
5PL non-polymer '(1R,4S,6R)-6-({[2-(ACETYLAMINO)-2-DEOXY-ALPHA-D-GLUCOPYRANOSYL]OXY}METHYL)-4-HYDROXY-1-{[(15-METHYLHEXADECANOYL)OXY]METHYL}-4-OXIDO-7-OXO-3,5-DIOXA-8-AZA-4-PHOSPHAHEPTACOS-1-YL 15-METHYLHEXADECANOATE' 'C67 H129 N2 O15 P'
C8E non-polymer (HYDROXYETHYLOXY)TRI(ETHYLOXY)OCTANE 'C16 H34 O5'
PLM non-polymer 'PALMITIC ACID' 'C16 H32 O2'
#
# COMPACT_ATOMS: atom_id res chain seq x y z
N CYS A 1 -0.68 -2.43 -37.71
CA CYS A 1 -0.20 -2.13 -36.37
C CYS A 1 0.79 -1.00 -36.29
N GLU A 2 0.54 -0.09 -35.36
CA GLU A 2 1.53 0.87 -34.94
C GLU A 2 2.27 0.27 -33.74
N LEU A 3 3.60 0.21 -33.84
CA LEU A 3 4.43 -0.35 -32.80
C LEU A 3 5.17 0.74 -32.05
N ASP A 4 4.67 1.96 -32.05
CA ASP A 4 5.36 3.06 -31.40
C ASP A 4 5.03 3.07 -29.92
N ARG A 5 6.03 2.77 -29.08
CA ARG A 5 5.90 2.83 -27.63
C ARG A 5 6.86 3.90 -27.11
N ASP A 6 6.33 4.87 -26.37
CA ASP A 6 7.05 6.02 -25.86
C ASP A 6 6.96 6.08 -24.35
N PRO A 7 8.02 6.49 -23.64
CA PRO A 7 8.06 6.35 -22.19
C PRO A 7 7.04 7.20 -21.45
N GLU A 8 6.81 6.84 -20.19
CA GLU A 8 5.91 7.56 -19.32
C GLU A 8 6.72 8.42 -18.37
N GLY A 9 6.25 9.63 -18.12
CA GLY A 9 6.98 10.52 -17.28
C GLY A 9 8.23 11.10 -17.90
N LYS A 10 8.37 11.01 -19.22
CA LYS A 10 9.54 11.49 -19.91
C LYS A 10 9.13 12.12 -21.23
N ASP A 11 9.73 13.27 -21.53
CA ASP A 11 9.47 14.01 -22.75
C ASP A 11 10.75 14.05 -23.56
N PHE A 12 10.71 14.72 -24.70
CA PHE A 12 11.83 14.75 -25.61
C PHE A 12 12.65 16.02 -25.44
N GLN A 13 13.94 15.93 -25.77
CA GLN A 13 14.82 17.10 -25.76
C GLN A 13 14.51 17.97 -26.96
N GLN A 14 14.04 19.18 -26.71
CA GLN A 14 13.69 20.12 -27.76
C GLN A 14 14.34 21.47 -27.50
N PRO A 15 14.57 22.27 -28.55
CA PRO A 15 15.03 23.65 -28.33
C PRO A 15 13.95 24.50 -27.68
N TYR A 16 14.39 25.56 -27.00
CA TYR A 16 13.49 26.32 -26.14
C TYR A 16 12.63 27.24 -27.00
N THR A 17 11.31 27.13 -26.83
CA THR A 17 10.38 27.97 -27.57
C THR A 17 9.55 28.89 -26.69
N SER A 18 9.61 28.74 -25.38
CA SER A 18 8.80 29.52 -24.47
C SER A 18 9.69 30.10 -23.39
N PHE A 19 9.11 30.92 -22.52
CA PHE A 19 9.85 31.38 -21.35
C PHE A 19 9.72 30.43 -20.19
N VAL A 20 8.61 29.70 -20.08
CA VAL A 20 8.46 28.75 -18.99
C VAL A 20 9.31 27.50 -19.20
N GLN A 21 9.71 27.22 -20.43
CA GLN A 21 10.63 26.11 -20.68
C GLN A 21 12.03 26.45 -20.22
N THR A 22 12.43 27.71 -20.39
CA THR A 22 13.72 28.18 -19.89
C THR A 22 13.75 28.18 -18.37
N LYS A 23 12.65 28.58 -17.73
CA LYS A 23 12.56 28.53 -16.28
C LYS A 23 12.59 27.10 -15.76
N GLN A 24 11.94 26.17 -16.46
CA GLN A 24 11.95 24.78 -16.03
C GLN A 24 13.34 24.17 -16.15
N ASN A 25 14.05 24.45 -17.24
CA ASN A 25 15.38 23.86 -17.35
C ASN A 25 16.39 24.54 -16.42
N ARG A 26 16.15 25.79 -16.05
CA ARG A 26 17.00 26.45 -15.06
C ARG A 26 16.80 25.86 -13.67
N ASP A 27 15.55 25.60 -13.28
CA ASP A 27 15.31 24.94 -11.99
C ASP A 27 15.88 23.53 -11.97
N GLY A 28 15.87 22.84 -13.10
CA GLY A 28 16.54 21.56 -13.18
C GLY A 28 18.05 21.66 -13.03
N LEU A 29 18.65 22.73 -13.55
CA LEU A 29 20.07 22.96 -13.38
C LEU A 29 20.45 23.19 -11.92
N TYR A 30 19.61 23.91 -11.19
CA TYR A 30 19.91 24.15 -9.77
C TYR A 30 19.68 22.91 -8.92
N ALA A 31 18.68 22.10 -9.24
CA ALA A 31 18.49 20.85 -8.51
C ALA A 31 19.56 19.84 -8.83
N LEU A 32 20.19 19.94 -10.00
CA LEU A 32 21.37 19.12 -10.28
C LEU A 32 22.58 19.60 -9.50
N LEU A 33 22.75 20.92 -9.39
CA LEU A 33 23.84 21.50 -8.61
C LEU A 33 23.77 21.11 -7.14
N ARG A 34 22.56 20.97 -6.60
CA ARG A 34 22.43 20.64 -5.17
C ARG A 34 22.97 19.25 -4.84
N ASN A 35 22.93 18.30 -5.77
CA ASN A 35 23.46 16.96 -5.53
C ASN A 35 24.90 16.79 -5.99
N THR A 36 25.53 17.87 -6.44
CA THR A 36 26.95 17.87 -6.80
C THR A 36 27.76 18.59 -5.73
N GLU A 37 27.44 19.84 -5.47
CA GLU A 37 28.15 20.65 -4.47
C GLU A 37 27.44 20.52 -3.13
N ASN A 38 27.54 19.34 -2.56
CA ASN A 38 27.07 19.10 -1.21
C ASN A 38 28.25 18.56 -0.42
N PRO A 39 28.23 18.65 0.92
CA PRO A 39 29.43 18.28 1.69
C PRO A 39 29.83 16.83 1.63
N ARG A 40 29.00 15.94 1.08
CA ARG A 40 29.38 14.54 1.03
C ARG A 40 30.50 14.28 0.02
N MET A 41 30.63 15.12 -1.01
CA MET A 41 31.68 14.90 -2.00
C MET A 41 33.01 15.53 -1.60
N HIS A 42 33.04 16.40 -0.60
CA HIS A 42 34.27 17.03 -0.16
C HIS A 42 34.80 16.42 1.12
N PHE A 43 34.30 15.25 1.51
CA PHE A 43 34.86 14.55 2.64
C PHE A 43 36.14 13.81 2.30
N TYR A 44 36.34 13.48 1.03
CA TYR A 44 37.50 12.68 0.64
C TYR A 44 38.77 13.51 0.69
N GLN A 45 38.71 14.76 0.26
CA GLN A 45 39.84 15.67 0.31
C GLN A 45 40.01 16.32 1.67
N GLU A 46 39.14 16.03 2.62
CA GLU A 46 39.28 16.51 3.99
C GLU A 46 39.99 15.48 4.86
N LEU A 47 39.65 14.20 4.68
CA LEU A 47 40.28 13.13 5.43
C LEU A 47 41.71 12.90 4.99
N GLN A 48 42.07 13.31 3.78
CA GLN A 48 43.40 13.02 3.26
C GLN A 48 44.46 13.95 3.82
N SER A 49 44.07 15.00 4.53
CA SER A 49 45.00 15.91 5.18
C SER A 49 45.58 15.27 6.45
N ASP A 50 46.36 16.05 7.19
CA ASP A 50 46.97 15.57 8.43
C ASP A 50 46.18 15.95 9.67
N MET A 51 44.87 15.73 9.70
CA MET A 51 44.12 16.04 10.90
C MET A 51 43.32 14.88 11.46
N TYR A 52 43.28 13.73 10.81
CA TYR A 52 42.37 12.68 11.21
C TYR A 52 43.10 11.39 11.54
N CYS A 53 42.49 10.62 12.41
CA CYS A 53 42.98 9.35 12.91
C CYS A 53 41.83 8.37 12.85
N THR A 54 42.00 7.25 12.14
CA THR A 54 40.91 6.31 12.05
C THR A 54 40.74 5.55 13.35
N THR A 55 39.49 5.35 13.76
CA THR A 55 39.19 4.59 14.96
C THR A 55 39.15 3.10 14.60
N ILE A 56 38.73 2.26 15.55
CA ILE A 56 38.62 0.83 15.28
C ILE A 56 37.28 0.46 14.68
N THR A 57 36.37 1.42 14.48
CA THR A 57 35.10 1.17 13.84
C THR A 57 35.23 1.07 12.33
N ASP A 58 36.37 1.46 11.78
CA ASP A 58 36.53 1.67 10.36
C ASP A 58 36.49 0.35 9.59
N GLY A 59 35.71 0.31 8.53
CA GLY A 59 35.64 -0.86 7.68
C GLY A 59 36.30 -0.64 6.34
N ASN A 60 37.49 -0.02 6.35
CA ASN A 60 38.34 0.25 5.19
C ASN A 60 37.71 1.24 4.22
N SER A 61 36.74 2.03 4.68
CA SER A 61 36.11 3.04 3.83
C SER A 61 36.90 4.33 3.82
N LEU A 62 37.21 4.85 5.00
CA LEU A 62 37.99 6.07 5.13
C LEU A 62 39.47 5.81 5.28
N ALA A 63 39.86 4.57 5.54
CA ALA A 63 41.26 4.25 5.75
C ALA A 63 42.17 4.38 4.54
N PRO A 64 41.74 4.22 3.28
CA PRO A 64 42.63 4.62 2.18
C PRO A 64 43.02 6.08 2.17
N PHE A 65 42.10 6.97 2.55
CA PHE A 65 42.36 8.38 2.42
C PHE A 65 43.19 8.92 3.58
N VAL A 66 42.93 8.44 4.79
CA VAL A 66 43.66 8.93 5.95
C VAL A 66 45.09 8.41 5.93
N ASN A 67 45.26 7.11 5.77
CA ASN A 67 46.57 6.48 5.86
C ASN A 67 47.29 6.42 4.51
N TRP A 68 46.76 7.10 3.49
CA TRP A 68 47.39 7.31 2.18
C TRP A 68 47.76 5.99 1.50
N ASP A 69 46.72 5.24 1.16
CA ASP A 69 46.88 3.93 0.52
C ASP A 69 46.79 4.10 -0.98
N LEU A 70 47.93 4.28 -1.64
CA LEU A 70 47.97 4.55 -3.06
C LEU A 70 47.70 3.32 -3.93
N GLY A 71 47.59 2.13 -3.36
CA GLY A 71 47.13 0.99 -4.13
C GLY A 71 45.63 0.96 -4.33
N ILE A 72 44.89 1.67 -3.50
CA ILE A 72 43.45 1.79 -3.63
C ILE A 72 43.06 3.12 -4.27
N LEU A 73 43.76 4.20 -3.91
CA LEU A 73 43.45 5.54 -4.36
C LEU A 73 43.74 5.77 -5.83
N ASN A 74 44.43 4.86 -6.50
CA ASN A 74 44.59 4.97 -7.95
C ASN A 74 43.25 4.80 -8.65
N ASP A 75 42.67 3.63 -8.54
CA ASP A 75 41.35 3.33 -9.07
C ASP A 75 40.39 3.27 -7.89
N HIS A 76 39.73 4.39 -7.61
CA HIS A 76 38.84 4.48 -6.47
C HIS A 76 37.50 5.02 -6.92
N GLY A 77 36.43 4.45 -6.38
CA GLY A 77 35.11 5.00 -6.51
C GLY A 77 34.31 4.36 -7.64
N ARG A 78 33.01 4.59 -7.60
CA ARG A 78 32.09 4.08 -8.59
C ARG A 78 31.26 5.22 -9.16
N ALA A 79 30.85 5.05 -10.41
CA ALA A 79 29.84 5.92 -10.99
C ALA A 79 29.04 5.08 -11.99
N ASP A 80 27.94 4.51 -11.52
CA ASP A 80 27.05 3.74 -12.35
C ASP A 80 25.62 3.90 -11.83
N GLU A 81 24.72 3.04 -12.28
CA GLU A 81 23.32 3.15 -11.92
C GLU A 81 23.03 2.62 -10.53
N ASP A 82 24.01 2.03 -9.85
CA ASP A 82 23.85 1.65 -8.45
C ASP A 82 24.33 2.75 -7.51
N GLU A 83 25.62 3.10 -7.61
CA GLU A 83 26.27 3.98 -6.66
C GLU A 83 27.05 5.06 -7.41
N VAL A 84 27.17 6.23 -6.79
CA VAL A 84 28.07 7.28 -7.25
C VAL A 84 28.87 7.76 -6.05
N SER A 85 30.16 7.44 -6.02
CA SER A 85 30.99 7.77 -4.87
C SER A 85 32.45 7.77 -5.30
N GLY A 86 33.30 8.30 -4.44
CA GLY A 86 34.73 8.21 -4.65
C GLY A 86 35.31 9.30 -5.51
N ILE A 87 36.53 9.03 -5.98
CA ILE A 87 37.20 9.92 -6.92
C ILE A 87 36.52 9.88 -8.28
N ALA A 88 36.07 8.69 -8.71
CA ALA A 88 35.35 8.57 -9.98
C ALA A 88 33.99 9.22 -9.90
N GLY A 89 33.35 9.18 -8.73
CA GLY A 89 32.10 9.89 -8.57
C GLY A 89 32.28 11.39 -8.53
N TYR A 90 33.36 11.87 -7.89
CA TYR A 90 33.70 13.28 -7.90
C TYR A 90 33.96 13.78 -9.31
N TYR A 91 34.62 12.97 -10.14
CA TYR A 91 34.85 13.37 -11.52
C TYR A 91 33.56 13.40 -12.31
N PHE A 92 32.70 12.39 -12.11
CA PHE A 92 31.50 12.27 -12.91
C PHE A 92 30.50 13.37 -12.61
N VAL A 93 30.31 13.74 -11.34
CA VAL A 93 29.24 14.69 -11.03
C VAL A 93 29.58 16.09 -11.52
N TYR A 94 30.85 16.48 -11.52
CA TYR A 94 31.19 17.80 -12.02
C TYR A 94 31.28 17.83 -13.54
N ASN A 95 31.59 16.70 -14.19
CA ASN A 95 31.47 16.68 -15.64
C ASN A 95 30.02 16.68 -16.10
N ARG A 96 29.12 16.04 -15.35
CA ARG A 96 27.70 16.10 -15.65
C ARG A 96 27.14 17.50 -15.45
N LEU A 97 27.57 18.19 -14.40
CA LEU A 97 27.13 19.57 -14.18
C LEU A 97 27.63 20.49 -15.27
N ASN A 98 28.88 20.30 -15.70
CA ASN A 98 29.44 21.13 -16.77
C ASN A 98 28.70 20.91 -18.09
N GLN A 99 28.37 19.65 -18.42
CA GLN A 99 27.68 19.39 -19.67
C GLN A 99 26.23 19.89 -19.66
N GLN A 100 25.54 19.77 -18.53
CA GLN A 100 24.16 20.22 -18.51
C GLN A 100 24.05 21.73 -18.47
N ALA A 101 25.01 22.41 -17.83
CA ALA A 101 25.05 23.86 -17.93
C ALA A 101 25.39 24.31 -19.35
N ASN A 102 26.20 23.54 -20.08
CA ASN A 102 26.47 23.84 -21.48
C ASN A 102 25.21 23.73 -22.34
N ALA A 103 24.41 22.69 -22.12
CA ALA A 103 23.17 22.52 -22.87
C ALA A 103 22.19 23.65 -22.58
N PHE A 104 22.07 24.04 -21.31
CA PHE A 104 21.17 25.13 -20.95
C PHE A 104 21.63 26.45 -21.55
N VAL A 105 22.93 26.73 -21.50
CA VAL A 105 23.46 28.01 -21.99
C VAL A 105 23.34 28.10 -23.50
N ASN A 106 23.67 27.04 -24.23
CA ASN A 106 23.57 27.10 -25.69
C ASN A 106 22.12 27.16 -26.16
N ASN A 107 21.21 26.45 -25.47
CA ASN A 107 19.81 26.50 -25.89
C ASN A 107 19.18 27.85 -25.60
N THR A 108 19.51 28.48 -24.47
CA THR A 108 18.93 29.80 -24.23
C THR A 108 19.62 30.90 -25.04
N GLU A 109 20.88 30.70 -25.46
CA GLU A 109 21.50 31.63 -26.41
C GLU A 109 20.81 31.57 -27.76
N ALA A 110 20.55 30.36 -28.26
CA ALA A 110 19.84 30.23 -29.53
C ALA A 110 18.41 30.72 -29.45
N ALA A 111 17.74 30.54 -28.32
CA ALA A 111 16.40 31.08 -28.17
C ALA A 111 16.40 32.59 -28.09
N LEU A 112 17.46 33.19 -27.52
CA LEU A 112 17.56 34.65 -27.53
C LEU A 112 17.83 35.17 -28.93
N GLN A 113 18.62 34.44 -29.72
CA GLN A 113 18.92 34.87 -31.08
C GLN A 113 17.77 34.63 -32.05
N ASN A 114 16.87 33.70 -31.78
CA ASN A 114 15.75 33.44 -32.66
C ASN A 114 14.51 34.29 -32.34
N GLN A 115 14.56 35.09 -31.28
CA GLN A 115 13.49 36.00 -30.85
C GLN A 115 12.19 35.26 -30.57
N VAL A 116 12.23 34.37 -29.58
CA VAL A 116 11.05 33.60 -29.19
C VAL A 116 10.40 34.12 -27.91
N TYR A 117 10.97 35.13 -27.26
CA TYR A 117 10.40 35.69 -26.05
C TYR A 117 9.56 36.91 -26.36
N LYS A 118 8.48 37.09 -25.60
CA LYS A 118 7.48 38.07 -25.97
C LYS A 118 7.87 39.49 -25.58
N ASN A 119 7.96 39.76 -24.29
CA ASN A 119 8.11 41.11 -23.78
C ASN A 119 9.57 41.49 -23.68
N SER A 120 9.84 42.57 -22.95
CA SER A 120 11.21 42.94 -22.65
C SER A 120 11.66 42.40 -21.30
N THR A 121 10.72 42.18 -20.38
CA THR A 121 11.07 41.58 -19.10
C THR A 121 11.49 40.13 -19.27
N GLU A 122 10.94 39.43 -20.25
CA GLU A 122 11.39 38.08 -20.55
C GLU A 122 12.80 38.07 -21.13
N ILE A 123 13.15 39.09 -21.93
CA ILE A 123 14.51 39.20 -22.45
C ILE A 123 15.50 39.49 -21.32
N ALA A 124 15.12 40.38 -20.40
CA ALA A 124 15.99 40.69 -19.26
C ALA A 124 16.17 39.49 -18.34
N ASN A 125 15.10 38.75 -18.08
CA ASN A 125 15.19 37.56 -17.25
C ASN A 125 15.99 36.46 -17.94
N ALA A 126 15.87 36.33 -19.26
CA ALA A 126 16.63 35.31 -19.97
C ALA A 126 18.11 35.64 -19.99
N LYS A 127 18.47 36.92 -20.07
CA LYS A 127 19.87 37.28 -19.99
C LYS A 127 20.44 37.06 -18.59
N SER A 128 19.65 37.31 -17.54
CA SER A 128 20.09 37.00 -16.19
C SER A 128 20.27 35.49 -16.00
N PHE A 129 19.40 34.68 -16.62
CA PHE A 129 19.51 33.22 -16.53
C PHE A 129 20.77 32.73 -17.23
N LEU A 130 21.10 33.37 -18.35
CA LEU A 130 22.32 33.04 -19.08
C LEU A 130 23.57 33.32 -18.26
N ALA A 131 23.60 34.46 -17.55
CA ALA A 131 24.75 34.74 -16.68
C ALA A 131 24.83 33.78 -15.50
N GLU A 132 23.68 33.40 -14.94
CA GLU A 132 23.65 32.43 -13.86
C GLU A 132 24.11 31.05 -14.31
N GLY A 133 23.95 30.72 -15.59
CA GLY A 133 24.53 29.48 -16.11
C GLY A 133 26.02 29.56 -16.37
N LYS A 134 26.50 30.74 -16.77
CA LYS A 134 27.94 30.93 -16.97
C LYS A 134 28.72 30.78 -15.66
N VAL A 135 28.14 31.22 -14.54
CA VAL A 135 28.78 31.03 -13.24
C VAL A 135 28.92 29.54 -12.90
N LEU A 136 27.92 28.74 -13.23
CA LEU A 136 27.96 27.32 -12.89
C LEU A 136 28.93 26.54 -13.78
N GLN A 137 29.09 26.95 -15.04
CA GLN A 137 30.17 26.38 -15.85
C GLN A 137 31.54 26.70 -15.27
N ALA A 138 31.72 27.93 -14.76
CA ALA A 138 32.97 28.30 -14.13
C ALA A 138 33.25 27.49 -12.87
N LEU A 139 32.22 27.24 -12.06
CA LEU A 139 32.40 26.46 -10.84
C LEU A 139 32.74 25.00 -11.14
N ALA A 140 32.09 24.41 -12.15
CA ALA A 140 32.37 23.02 -12.48
C ALA A 140 33.79 22.83 -13.00
N ILE A 141 34.24 23.73 -13.89
CA ILE A 141 35.60 23.61 -14.40
C ILE A 141 36.63 23.86 -13.31
N TRP A 142 36.37 24.81 -12.40
CA TRP A 142 37.35 25.08 -11.35
C TRP A 142 37.45 23.94 -10.36
N ARG A 143 36.33 23.30 -10.01
CA ARG A 143 36.42 22.21 -9.06
C ARG A 143 36.98 20.93 -9.67
N LEU A 144 36.93 20.77 -10.99
CA LEU A 144 37.67 19.66 -11.58
C LEU A 144 39.17 19.95 -11.65
N MET A 145 39.54 21.18 -12.00
CA MET A 145 40.95 21.60 -12.03
C MET A 145 41.59 21.61 -10.65
N ASP A 146 40.80 21.78 -9.59
CA ASP A 146 41.31 21.76 -8.23
C ASP A 146 41.89 20.41 -7.86
N ARG A 147 41.18 19.33 -8.18
CA ARG A 147 41.63 18.00 -7.77
C ARG A 147 42.46 17.28 -8.83
N PHE A 148 42.26 17.53 -10.11
CA PHE A 148 42.91 16.73 -11.14
C PHE A 148 43.94 17.51 -11.95
N SER A 149 44.66 18.43 -11.31
CA SER A 149 45.74 19.13 -11.98
C SER A 149 46.76 19.54 -10.94
N PHE A 150 48.02 19.61 -11.37
CA PHE A 150 49.13 19.79 -10.45
C PHE A 150 49.28 21.25 -10.03
N HIS A 151 49.58 21.45 -8.76
CA HIS A 151 50.13 22.72 -8.33
C HIS A 151 51.56 22.84 -8.84
N GLU A 152 52.02 24.08 -9.01
CA GLU A 152 53.30 24.33 -9.66
C GLU A 152 54.51 23.95 -8.81
N SER A 153 54.33 23.66 -7.53
CA SER A 153 55.43 23.20 -6.69
C SER A 153 55.43 21.68 -6.56
N VAL A 154 55.51 20.99 -7.70
CA VAL A 154 55.53 19.54 -7.73
C VAL A 154 56.84 19.10 -8.34
N THR A 155 57.37 17.97 -7.87
CA THR A 155 58.68 17.50 -8.31
C THR A 155 58.60 16.48 -9.44
N GLU A 156 58.02 15.31 -9.19
CA GLU A 156 58.03 14.22 -10.15
C GLU A 156 56.61 13.91 -10.61
N VAL A 157 56.40 13.93 -11.93
CA VAL A 157 55.11 13.71 -12.54
C VAL A 157 55.28 12.71 -13.67
N ASN A 158 54.16 12.29 -14.26
CA ASN A 158 54.19 11.57 -15.51
C ASN A 158 54.57 12.55 -16.61
N SER A 159 55.45 12.12 -17.52
CA SER A 159 56.19 13.02 -18.37
C SER A 159 55.33 13.77 -19.37
N GLY A 160 55.06 15.04 -19.06
CA GLY A 160 54.30 15.90 -19.93
C GLY A 160 53.06 16.48 -19.30
N ALA A 161 52.87 16.27 -17.99
CA ALA A 161 51.60 16.60 -17.35
C ALA A 161 51.72 17.68 -16.28
N LYS A 162 52.83 18.42 -16.25
CA LYS A 162 52.97 19.44 -15.23
C LYS A 162 52.23 20.72 -15.58
N ASP A 163 52.04 20.99 -16.86
CA ASP A 163 51.32 22.18 -17.28
C ASP A 163 50.08 21.80 -18.08
N LEU A 164 49.34 20.81 -17.59
CA LEU A 164 48.11 20.36 -18.23
C LEU A 164 46.95 20.59 -17.29
N GLY A 165 45.77 20.77 -17.87
CA GLY A 165 44.56 20.91 -17.10
C GLY A 165 43.67 19.70 -17.26
N VAL A 166 42.37 19.93 -17.49
CA VAL A 166 41.41 18.87 -17.71
C VAL A 166 40.83 19.04 -19.11
N ILE A 167 40.00 18.08 -19.52
CA ILE A 167 39.39 18.09 -20.84
C ILE A 167 38.28 19.13 -20.86
N LEU A 168 38.40 20.10 -21.76
CA LEU A 168 37.59 21.31 -21.76
C LEU A 168 36.57 21.24 -22.89
N LEU A 169 35.30 21.00 -22.56
CA LEU A 169 34.21 21.07 -23.52
C LEU A 169 33.44 22.35 -23.28
N LYS A 170 33.22 23.10 -24.35
CA LYS A 170 32.50 24.37 -24.28
C LYS A 170 31.17 24.34 -25.01
N GLU A 171 30.75 23.18 -25.52
CA GLU A 171 29.42 23.03 -26.07
C GLU A 171 28.98 21.59 -25.89
N TYR A 172 27.67 21.39 -25.83
CA TYR A 172 27.10 20.12 -25.41
C TYR A 172 27.16 19.12 -26.56
N ASN A 173 28.03 18.11 -26.44
CA ASN A 173 27.87 16.92 -27.23
C ASN A 173 28.41 15.78 -26.38
N PRO A 174 27.66 14.69 -26.24
CA PRO A 174 28.15 13.55 -25.45
C PRO A 174 29.05 12.59 -26.22
N GLY A 175 29.34 12.85 -27.49
CA GLY A 175 30.15 11.93 -28.27
C GLY A 175 31.53 12.45 -28.58
N TYR A 176 32.17 13.07 -27.60
CA TYR A 176 33.43 13.76 -27.82
C TYR A 176 34.52 13.11 -26.96
N ILE A 177 35.60 12.69 -27.60
CA ILE A 177 36.81 12.29 -26.90
C ILE A 177 37.96 13.14 -27.43
N GLY A 178 38.81 13.61 -26.54
CA GLY A 178 39.86 14.53 -26.90
C GLY A 178 40.97 14.62 -25.87
N PRO A 179 42.00 15.39 -26.17
CA PRO A 179 43.14 15.52 -25.25
C PRO A 179 42.91 16.60 -24.22
N ARG A 180 43.81 16.64 -23.24
CA ARG A 180 43.70 17.59 -22.14
C ARG A 180 44.14 18.98 -22.56
N ALA A 181 43.47 19.99 -22.04
CA ALA A 181 43.88 21.36 -22.25
C ALA A 181 45.06 21.70 -21.36
N THR A 182 45.59 22.90 -21.52
CA THR A 182 46.63 23.38 -20.63
C THR A 182 46.01 24.12 -19.45
N LYS A 183 46.84 24.51 -18.48
CA LYS A 183 46.33 25.20 -17.31
C LYS A 183 45.92 26.62 -17.64
N ALA A 184 46.65 27.27 -18.55
CA ALA A 184 46.35 28.66 -18.90
C ALA A 184 45.04 28.77 -19.66
N GLN A 185 44.74 27.79 -20.53
CA GLN A 185 43.48 27.79 -21.28
C GLN A 185 42.29 27.63 -20.35
N CYS A 186 42.38 26.70 -19.41
CA CYS A 186 41.29 26.47 -18.47
C CYS A 186 41.10 27.65 -17.53
N TYR A 187 42.19 28.30 -17.11
CA TYR A 187 42.02 29.42 -16.21
C TYR A 187 41.51 30.67 -16.92
N ASP A 188 41.90 30.90 -18.18
CA ASP A 188 41.29 32.00 -18.92
C ASP A 188 39.83 31.71 -19.25
N TYR A 189 39.46 30.44 -19.43
CA TYR A 189 38.05 30.11 -19.65
C TYR A 189 37.22 30.37 -18.39
N ILE A 190 37.71 29.94 -17.23
CA ILE A 190 37.02 30.17 -15.96
C ILE A 190 36.86 31.66 -15.69
N LEU A 191 37.94 32.42 -15.83
CA LEU A 191 37.88 33.83 -15.49
C LEU A 191 37.12 34.63 -16.54
N SER A 192 37.05 34.15 -17.78
CA SER A 192 36.21 34.80 -18.77
C SER A 192 34.74 34.59 -18.45
N ARG A 193 34.36 33.39 -18.02
CA ARG A 193 32.98 33.13 -17.61
C ARG A 193 32.57 34.01 -16.44
N LEU A 194 33.45 34.12 -15.43
CA LEU A 194 33.12 34.91 -14.26
C LEU A 194 33.06 36.41 -14.57
N SER A 195 34.00 36.93 -15.38
CA SER A 195 33.96 38.35 -15.67
C SER A 195 32.87 38.71 -16.67
N GLU A 196 32.44 37.79 -17.53
CA GLU A 196 31.28 38.04 -18.37
C GLU A 196 29.99 37.95 -17.58
N ALA A 197 29.98 37.20 -16.48
CA ALA A 197 28.76 37.05 -15.70
C ALA A 197 28.60 38.08 -14.60
N ILE A 198 29.67 38.75 -14.17
CA ILE A 198 29.52 39.82 -13.19
C ILE A 198 28.86 41.04 -13.82
N GLU A 199 29.17 41.31 -15.09
CA GLU A 199 28.69 42.52 -15.75
C GLU A 199 27.21 42.47 -16.13
N VAL A 200 26.51 41.35 -15.93
CA VAL A 200 25.12 41.21 -16.30
C VAL A 200 24.21 41.06 -15.09
N LEU A 201 24.63 40.27 -14.10
CA LEU A 201 23.85 40.04 -12.90
C LEU A 201 23.70 41.33 -12.11
N PRO A 202 22.55 41.53 -11.44
CA PRO A 202 22.30 42.82 -10.80
C PRO A 202 23.14 43.04 -9.56
N GLU A 203 22.98 44.22 -8.97
CA GLU A 203 23.89 44.63 -7.91
C GLU A 203 23.52 44.01 -6.57
N ASN A 204 22.24 43.87 -6.28
CA ASN A 204 21.78 43.31 -5.03
C ASN A 204 21.27 41.88 -5.24
N ARG A 205 21.21 41.13 -4.14
CA ARG A 205 20.85 39.72 -4.19
C ARG A 205 19.35 39.56 -4.35
N GLU A 206 18.93 38.82 -5.38
CA GLU A 206 17.52 38.55 -5.58
C GLU A 206 17.02 37.57 -4.53
N SER A 207 17.65 36.40 -4.45
CA SER A 207 17.28 35.34 -3.53
C SER A 207 18.55 34.65 -3.06
N VAL A 208 18.47 34.03 -1.87
CA VAL A 208 19.60 33.29 -1.34
C VAL A 208 19.75 31.92 -1.99
N LEU A 209 18.75 31.47 -2.73
CA LEU A 209 18.78 30.15 -3.34
C LEU A 209 19.23 30.16 -4.79
N TYR A 210 19.68 31.29 -5.32
CA TYR A 210 20.09 31.42 -6.71
C TYR A 210 21.39 32.21 -6.78
N VAL A 211 22.07 32.13 -7.93
CA VAL A 211 23.36 32.77 -8.11
C VAL A 211 23.18 34.28 -8.19
N SER A 212 23.99 35.02 -7.45
CA SER A 212 23.98 36.47 -7.41
C SER A 212 25.33 37.00 -7.87
N ARG A 213 25.49 38.31 -7.78
CA ARG A 213 26.78 38.93 -8.06
C ARG A 213 27.74 38.76 -6.90
N ASP A 214 27.20 38.67 -5.69
CA ASP A 214 28.00 38.42 -4.50
C ASP A 214 28.69 37.06 -4.58
N TYR A 215 27.99 36.04 -5.06
CA TYR A 215 28.61 34.73 -5.20
C TYR A 215 29.65 34.70 -6.30
N ALA A 216 29.46 35.47 -7.38
CA ALA A 216 30.47 35.54 -8.41
C ALA A 216 31.73 36.23 -7.93
N TYR A 217 31.58 37.28 -7.12
CA TYR A 217 32.73 37.92 -6.50
C TYR A 217 33.44 37.00 -5.53
N ALA A 218 32.67 36.24 -4.73
CA ALA A 218 33.26 35.33 -3.75
C ALA A 218 33.99 34.17 -4.41
N LEU A 219 33.40 33.59 -5.45
CA LEU A 219 34.05 32.52 -6.19
C LEU A 219 35.29 33.02 -6.91
N ARG A 220 35.25 34.21 -7.50
CA ARG A 220 36.41 34.75 -8.19
C ARG A 220 37.53 35.08 -7.23
N ALA A 221 37.21 35.54 -6.02
CA ALA A 221 38.23 35.75 -5.00
C ALA A 221 38.84 34.43 -4.55
N ARG A 222 38.04 33.38 -4.42
CA ARG A 222 38.55 32.08 -4.02
C ARG A 222 39.48 31.49 -5.08
N ILE A 223 39.10 31.60 -6.35
CA ILE A 223 39.94 31.12 -7.45
C ILE A 223 41.23 31.92 -7.55
N TYR A 224 41.16 33.24 -7.35
CA TYR A 224 42.36 34.08 -7.39
C TYR A 224 43.29 33.82 -6.22
N LEU A 225 42.74 33.49 -5.04
CA LEU A 225 43.60 33.13 -3.92
C LEU A 225 44.28 31.79 -4.14
N ALA A 226 43.52 30.78 -4.59
CA ALA A 226 44.08 29.46 -4.85
C ALA A 226 44.97 29.44 -6.07
N LEU A 227 44.91 30.48 -6.91
CA LEU A 227 45.81 30.63 -8.04
C LEU A 227 47.19 31.11 -7.59
N GLY A 228 47.22 32.05 -6.66
CA GLY A 228 48.45 32.65 -6.21
C GLY A 228 48.56 34.14 -6.46
N GLU A 229 47.47 34.82 -6.76
CA GLU A 229 47.46 36.25 -7.05
C GLU A 229 46.65 36.94 -5.96
N TYR A 230 47.33 37.72 -5.13
CA TYR A 230 46.72 38.25 -3.91
C TYR A 230 46.09 39.63 -4.08
N GLY A 231 46.56 40.41 -5.06
CA GLY A 231 45.98 41.73 -5.26
C GLY A 231 44.55 41.65 -5.80
N LYS A 232 44.34 40.84 -6.83
CA LYS A 232 43.01 40.66 -7.39
C LYS A 232 42.09 39.91 -6.42
N ALA A 233 42.65 39.03 -5.59
CA ALA A 233 41.86 38.34 -4.59
C ALA A 233 41.34 39.31 -3.53
N ALA A 234 42.19 40.22 -3.05
CA ALA A 234 41.74 41.22 -2.09
C ALA A 234 40.77 42.20 -2.72
N ALA A 235 41.00 42.57 -3.98
CA ALA A 235 40.13 43.50 -4.68
C ALA A 235 38.74 42.91 -4.92
N ASP A 236 38.66 41.59 -5.11
CA ASP A 236 37.35 40.96 -5.29
C ASP A 236 36.66 40.66 -3.97
N ALA A 237 37.43 40.31 -2.93
CA ALA A 237 36.83 40.04 -1.63
C ALA A 237 36.38 41.30 -0.93
N LYS A 238 36.92 42.46 -1.30
CA LYS A 238 36.50 43.70 -0.65
C LYS A 238 35.11 44.16 -1.04
N MET A 239 34.54 43.61 -2.12
CA MET A 239 33.24 44.06 -2.61
C MET A 239 32.07 43.29 -2.00
N VAL A 240 32.34 42.30 -1.16
CA VAL A 240 31.29 41.40 -0.67
C VAL A 240 31.43 41.22 0.83
N VAL A 241 32.54 41.71 1.41
CA VAL A 241 32.83 41.44 2.81
C VAL A 241 31.95 42.26 3.76
N ASP A 242 31.39 43.38 3.31
CA ASP A 242 30.67 44.29 4.19
C ASP A 242 29.16 44.25 4.00
N LYS A 243 28.64 43.26 3.29
CA LYS A 243 27.21 43.15 3.08
C LYS A 243 26.57 42.05 3.91
N TYR A 244 27.35 41.24 4.62
CA TYR A 244 26.83 40.08 5.34
C TYR A 244 27.38 40.09 6.76
N PRO A 245 26.54 40.34 7.76
CA PRO A 245 27.04 40.39 9.14
C PRO A 245 27.33 39.01 9.69
N LEU A 246 28.22 38.98 10.68
CA LEU A 246 28.54 37.73 11.37
C LEU A 246 27.43 37.40 12.37
N ILE A 247 27.53 36.20 12.95
CA ILE A 247 26.55 35.74 13.91
C ILE A 247 26.81 36.42 15.24
N GLY A 248 25.82 37.16 15.75
CA GLY A 248 25.97 37.81 17.03
C GLY A 248 25.41 36.98 18.16
N ALA A 249 26.26 36.22 18.84
CA ALA A 249 25.83 35.34 19.91
C ALA A 249 26.57 35.70 21.18
N ALA A 250 25.99 35.29 22.31
CA ALA A 250 26.56 35.57 23.62
C ALA A 250 27.13 34.35 24.31
N ASP A 251 26.72 33.15 23.92
CA ASP A 251 27.25 31.91 24.46
C ASP A 251 27.16 30.83 23.39
N ALA A 252 27.52 29.60 23.77
CA ALA A 252 27.65 28.54 22.78
C ALA A 252 26.30 28.01 22.31
N SER A 253 25.27 28.06 23.16
CA SER A 253 23.97 27.56 22.73
C SER A 253 23.27 28.52 21.78
N GLU A 254 23.48 29.82 21.95
CA GLU A 254 22.93 30.79 21.01
C GLU A 254 23.64 30.69 19.66
N PHE A 255 24.96 30.48 19.67
CA PHE A 255 25.69 30.26 18.43
C PHE A 255 25.29 28.96 17.78
N GLU A 256 24.94 27.94 18.55
CA GLU A 256 24.46 26.69 17.96
C GLU A 256 23.08 26.87 17.34
N ASN A 257 22.22 27.66 17.99
CA ASN A 257 20.87 27.84 17.46
C ASN A 257 20.85 28.72 16.21
N ILE A 258 21.76 29.67 16.10
CA ILE A 258 21.78 30.51 14.90
C ILE A 258 22.63 29.89 13.79
N TYR A 259 23.69 29.16 14.14
CA TYR A 259 24.57 28.62 13.11
C TYR A 259 23.91 27.46 12.38
N ARG A 260 23.30 26.54 13.11
CA ARG A 260 22.81 25.30 12.52
C ARG A 260 21.58 25.48 11.66
N SER A 261 20.84 26.58 11.84
CA SER A 261 19.63 26.79 11.08
C SER A 261 19.94 27.57 9.81
N ASP A 262 19.62 26.98 8.66
CA ASP A 262 19.89 27.63 7.38
C ASP A 262 19.04 28.87 7.16
N ALA A 263 17.80 28.86 7.66
CA ALA A 263 16.87 29.95 7.39
C ALA A 263 17.18 31.20 8.19
N ASN A 264 17.85 31.08 9.33
CA ASN A 264 18.12 32.22 10.19
C ASN A 264 19.61 32.54 10.31
N ASN A 265 20.47 31.85 9.58
CA ASN A 265 21.90 32.13 9.56
C ASN A 265 22.15 33.36 8.71
N PRO A 266 22.59 34.47 9.28
CA PRO A 266 22.66 35.74 8.54
C PRO A 266 23.92 35.94 7.71
N GLU A 267 24.70 34.91 7.42
CA GLU A 267 25.94 35.09 6.69
C GLU A 267 26.13 34.03 5.63
N ILE A 268 25.08 33.71 4.90
CA ILE A 268 25.13 32.76 3.81
C ILE A 268 24.94 33.52 2.51
N ILE A 269 25.92 33.45 1.62
CA ILE A 269 25.82 34.14 0.34
C ILE A 269 25.00 33.32 -0.67
N PHE A 270 25.06 32.00 -0.57
CA PHE A 270 24.45 31.11 -1.55
C PHE A 270 24.23 29.77 -0.85
N ARG A 271 23.04 29.20 -1.00
CA ARG A 271 22.75 27.88 -0.47
C ARG A 271 21.66 27.24 -1.31
N GLY A 272 21.53 25.94 -1.20
CA GLY A 272 20.53 25.20 -1.94
C GLY A 272 19.23 25.07 -1.15
N PHE A 273 18.13 24.94 -1.88
CA PHE A 273 16.83 24.79 -1.26
C PHE A 273 16.76 23.45 -0.53
N ALA A 274 16.25 23.46 0.68
CA ALA A 274 16.06 22.23 1.42
C ALA A 274 14.80 22.33 2.24
N SER A 275 14.03 21.26 2.24
CA SER A 275 12.85 21.14 3.08
C SER A 275 12.98 19.84 3.86
N ALA A 276 11.96 19.51 4.64
CA ALA A 276 11.99 18.20 5.28
C ALA A 276 11.72 17.08 4.29
N THR A 277 11.09 17.39 3.16
CA THR A 277 10.66 16.41 2.17
C THR A 277 11.48 16.48 0.89
N LEU A 278 11.96 17.64 0.49
CA LEU A 278 12.71 17.81 -0.75
C LEU A 278 14.00 18.57 -0.45
N GLY A 279 15.13 17.94 -0.71
CA GLY A 279 16.39 18.64 -0.71
C GLY A 279 17.30 18.41 0.47
N SER A 280 16.94 17.54 1.40
CA SER A 280 17.73 17.31 2.58
C SER A 280 18.41 15.96 2.52
N PHE A 281 19.53 15.84 3.23
CA PHE A 281 20.34 14.64 3.19
C PHE A 281 21.09 14.53 4.52
N THR A 282 21.53 13.33 4.84
CA THR A 282 22.33 13.10 6.04
C THR A 282 23.79 12.99 5.64
N ALA A 283 24.65 13.74 6.32
CA ALA A 283 26.10 13.66 6.11
C ALA A 283 26.75 13.23 7.42
N THR A 284 26.75 11.93 7.66
CA THR A 284 27.17 11.37 8.94
C THR A 284 28.44 10.56 8.83
N THR A 285 29.38 10.99 7.99
CA THR A 285 30.62 10.27 7.84
C THR A 285 31.64 10.69 8.89
N LEU A 286 31.85 11.99 9.04
CA LEU A 286 32.87 12.50 9.95
C LEU A 286 32.46 12.37 11.41
N ASN A 287 31.17 12.23 11.71
CA ASN A 287 30.77 12.08 13.10
C ASN A 287 30.11 10.76 13.42
N GLY A 288 29.60 10.05 12.43
CA GLY A 288 29.07 8.71 12.66
C GLY A 288 27.81 8.65 13.49
N ALA A 289 26.97 9.68 13.39
CA ALA A 289 25.86 9.85 14.31
C ALA A 289 24.71 8.93 13.95
N ALA A 290 23.91 8.61 14.95
CA ALA A 290 22.76 7.81 14.76
C ALA A 290 21.74 8.28 15.77
N PRO A 291 20.49 8.49 15.38
CA PRO A 291 19.46 8.87 16.34
C PRO A 291 19.10 7.69 17.23
N ALA A 292 18.68 7.99 18.44
CA ALA A 292 18.20 6.98 19.38
C ALA A 292 17.16 7.64 20.24
N GLY A 293 15.89 7.35 19.98
CA GLY A 293 14.79 7.99 20.66
C GLY A 293 14.81 9.47 20.42
N LYS A 294 15.16 10.22 21.46
CA LYS A 294 15.23 11.66 21.38
C LYS A 294 16.64 12.22 21.37
N ASP A 295 17.67 11.39 21.57
CA ASP A 295 19.02 11.93 21.54
C ASP A 295 19.84 11.27 20.43
N ILE A 296 21.13 11.61 20.38
CA ILE A 296 22.03 11.21 19.33
C ILE A 296 23.18 10.43 19.95
N LYS A 297 23.61 9.35 19.29
CA LYS A 297 24.73 8.55 19.75
C LYS A 297 25.73 8.40 18.62
N TYR A 298 27.01 8.55 18.92
CA TYR A 298 28.04 8.71 17.92
C TYR A 298 28.97 7.51 17.91
N ASN A 299 29.41 7.12 16.72
CA ASN A 299 30.32 6.00 16.52
C ASN A 299 31.24 6.33 15.36
N PRO A 300 32.20 7.24 15.57
CA PRO A 300 32.90 7.81 14.42
C PRO A 300 33.98 6.89 13.86
N SER A 301 34.12 6.96 12.54
CA SER A 301 35.13 6.16 11.86
C SER A 301 36.49 6.83 11.85
N ALA A 302 36.56 8.12 12.18
CA ALA A 302 37.81 8.84 12.28
C ALA A 302 37.58 10.05 13.18
N VAL A 303 38.53 10.30 14.08
CA VAL A 303 38.45 11.39 15.06
C VAL A 303 39.65 12.29 14.83
N PRO A 304 39.61 13.57 15.24
CA PRO A 304 40.78 14.43 15.04
C PRO A 304 41.93 14.13 16.00
N PHE A 305 43.09 14.64 15.64
CA PHE A 305 44.29 14.53 16.46
C PHE A 305 44.23 15.52 17.62
N GLN A 306 45.22 15.44 18.50
CA GLN A 306 45.23 16.31 19.67
C GLN A 306 45.62 17.74 19.32
N TRP A 307 46.49 17.93 18.33
CA TRP A 307 46.87 19.28 17.92
C TRP A 307 45.73 20.04 17.26
N VAL A 308 44.72 19.32 16.76
CA VAL A 308 43.54 19.97 16.20
C VAL A 308 42.62 20.46 17.31
N VAL A 309 42.48 19.67 18.37
CA VAL A 309 41.67 20.06 19.52
C VAL A 309 42.34 21.21 20.27
N ASP A 310 43.66 21.22 20.32
CA ASP A 310 44.38 22.26 21.03
C ASP A 310 44.41 23.60 20.30
N LEU A 311 43.88 23.68 19.07
CA LEU A 311 43.76 24.97 18.40
C LEU A 311 42.70 25.83 19.03
N TYR A 312 41.65 25.23 19.57
CA TYR A 312 40.52 25.95 20.10
C TYR A 312 40.72 26.22 21.59
N GLU A 313 40.57 27.47 21.99
CA GLU A 313 40.57 27.80 23.40
C GLU A 313 39.27 27.33 24.03
N ASN A 314 39.27 27.22 25.37
CA ASN A 314 38.16 26.58 26.06
C ASN A 314 36.88 27.40 26.03
N GLU A 315 36.97 28.71 25.83
CA GLU A 315 35.81 29.57 25.78
C GLU A 315 35.36 29.87 24.36
N ASP A 316 35.83 29.11 23.38
CA ASP A 316 35.42 29.28 22.00
C ASP A 316 34.04 28.71 21.77
N PHE A 317 33.28 29.37 20.91
CA PHE A 317 31.93 28.89 20.62
C PHE A 317 31.94 27.71 19.67
N ARG A 318 33.00 27.54 18.90
CA ARG A 318 33.12 26.44 17.96
C ARG A 318 33.64 25.16 18.60
N LYS A 319 34.00 25.17 19.88
CA LYS A 319 34.45 23.97 20.57
C LYS A 319 33.31 23.18 21.18
N SER A 320 32.08 23.53 20.84
CA SER A 320 30.93 22.70 21.15
C SER A 320 29.97 22.66 19.98
N VAL A 321 30.32 23.27 18.84
CA VAL A 321 29.51 23.23 17.64
C VAL A 321 30.30 22.56 16.54
N TYR A 322 31.49 23.08 16.23
CA TYR A 322 32.25 22.57 15.11
C TYR A 322 32.93 21.24 15.44
N ILE A 323 33.53 21.16 16.62
CA ILE A 323 33.97 19.89 17.19
C ILE A 323 33.31 19.74 18.54
N ALA A 324 32.88 18.53 18.87
CA ALA A 324 32.17 18.31 20.12
C ALA A 324 32.80 17.15 20.88
N LYS A 325 32.70 17.20 22.21
CA LYS A 325 33.30 16.19 23.08
C LYS A 325 32.25 15.13 23.39
N VAL A 326 32.05 14.24 22.42
CA VAL A 326 30.94 13.29 22.52
C VAL A 326 31.35 11.87 22.17
N VAL A 327 32.64 11.63 21.97
CA VAL A 327 33.11 10.27 21.70
C VAL A 327 33.23 9.52 23.02
N LYS A 328 32.71 8.29 23.04
CA LYS A 328 32.63 7.43 24.24
C LYS A 328 31.90 8.14 25.39
N LYS A 329 30.84 8.86 25.00
CA LYS A 329 29.84 9.60 25.76
C LYS A 329 30.33 10.88 26.42
N ASP A 330 31.62 10.99 26.74
CA ASP A 330 32.19 12.26 27.17
C ASP A 330 33.70 12.37 26.94
N LYS A 331 34.32 11.38 26.34
CA LYS A 331 35.77 11.20 26.48
C LYS A 331 36.60 11.90 25.43
N GLY A 332 36.06 12.21 24.26
CA GLY A 332 36.90 12.75 23.21
C GLY A 332 36.11 13.51 22.19
N TYR A 333 36.83 14.18 21.29
CA TYR A 333 36.25 15.12 20.35
C TYR A 333 36.06 14.48 18.97
N LEU A 334 35.02 14.93 18.28
CA LEU A 334 34.80 14.61 16.88
C LEU A 334 34.36 15.87 16.15
N VAL A 335 34.36 15.80 14.82
CA VAL A 335 33.98 16.93 13.98
C VAL A 335 32.47 16.89 13.77
N ASN A 336 31.76 17.80 14.43
CA ASN A 336 30.31 17.78 14.54
C ASN A 336 29.69 18.95 13.80
N LYS A 337 30.23 19.32 12.65
CA LYS A 337 29.75 20.49 11.94
C LYS A 337 28.45 20.21 11.20
N PHE A 338 28.40 19.10 10.49
CA PHE A 338 27.21 18.70 9.73
C PHE A 338 26.37 17.73 10.54
N LEU A 339 25.93 18.16 11.71
CA LEU A 339 25.10 17.27 12.53
C LEU A 339 23.66 17.25 12.00
N GLU A 340 22.96 18.36 12.10
CA GLU A 340 21.53 18.34 11.88
C GLU A 340 21.02 19.75 11.72
N ASP A 341 19.75 19.85 11.36
CA ASP A 341 19.01 21.09 11.29
C ASP A 341 17.59 20.76 11.74
N LYS A 342 17.12 21.45 12.77
CA LYS A 342 15.87 21.07 13.43
C LYS A 342 14.64 21.44 12.62
N ALA A 343 14.80 22.13 11.49
CA ALA A 343 13.64 22.46 10.67
C ALA A 343 13.25 21.32 9.76
N TYR A 344 14.20 20.47 9.40
CA TYR A 344 13.96 19.37 8.48
C TYR A 344 13.76 18.09 9.30
N ARG A 345 12.66 18.08 10.04
CA ARG A 345 12.36 16.99 10.95
C ARG A 345 10.96 16.48 10.69
N ASP A 346 10.83 15.14 10.64
CA ASP A 346 9.53 14.50 10.53
C ASP A 346 8.68 14.82 11.74
N VAL A 347 9.10 14.34 12.89
CA VAL A 347 8.53 14.73 14.17
C VAL A 347 9.53 15.66 14.84
N GLN A 348 9.03 16.73 15.45
CA GLN A 348 9.90 17.74 16.02
C GLN A 348 10.67 17.24 17.24
N ASP A 349 10.24 16.13 17.85
CA ASP A 349 10.87 15.65 19.06
C ASP A 349 12.05 14.75 18.78
N LYS A 350 12.04 14.05 17.65
CA LYS A 350 13.00 13.00 17.38
C LYS A 350 13.93 13.40 16.24
N PRO A 351 15.23 13.25 16.41
CA PRO A 351 16.17 13.69 15.38
C PRO A 351 16.24 12.71 14.21
N ASN A 352 16.51 13.28 13.04
CA ASN A 352 16.77 12.46 11.88
C ASN A 352 18.04 12.87 11.16
N LEU A 353 18.74 13.89 11.66
CA LEU A 353 20.10 14.27 11.28
C LEU A 353 20.20 14.67 9.82
N LYS A 354 19.27 15.49 9.37
CA LYS A 354 19.20 15.92 7.98
C LYS A 354 19.66 17.37 7.88
N VAL A 355 20.53 17.66 6.91
CA VAL A 355 21.06 19.00 6.68
C VAL A 355 20.74 19.41 5.26
N GLY A 356 21.20 20.60 4.86
CA GLY A 356 21.09 21.04 3.49
C GLY A 356 22.43 21.55 2.99
N ALA A 357 22.49 21.80 1.68
CA ALA A 357 23.74 22.21 1.06
C ALA A 357 23.94 23.71 1.16
N ARG A 358 25.13 24.12 1.59
CA ARG A 358 25.52 25.52 1.62
C ARG A 358 26.74 25.66 0.72
N TYR A 359 26.75 26.69 -0.12
CA TYR A 359 27.78 26.82 -1.13
C TYR A 359 28.84 27.84 -0.79
N PHE A 360 28.49 28.89 -0.06
CA PHE A 360 29.45 29.89 0.37
C PHE A 360 28.91 30.61 1.58
N SER A 361 29.80 30.94 2.52
CA SER A 361 29.47 31.76 3.67
C SER A 361 30.50 32.87 3.76
N VAL A 362 30.18 33.93 4.51
CA VAL A 362 31.04 35.12 4.49
C VAL A 362 32.26 34.95 5.38
N ALA A 363 32.32 33.92 6.20
CA ALA A 363 33.49 33.71 7.04
C ALA A 363 34.68 33.13 6.28
N GLU A 364 34.54 32.84 4.99
CA GLU A 364 35.68 32.53 4.14
C GLU A 364 36.15 33.75 3.38
N VAL A 365 35.24 34.69 3.12
CA VAL A 365 35.61 35.96 2.48
C VAL A 365 36.53 36.75 3.40
N TYR A 366 36.26 36.70 4.71
CA TYR A 366 37.14 37.33 5.70
C TYR A 366 38.54 36.72 5.67
N LEU A 367 38.63 35.40 5.56
CA LEU A 367 39.94 34.75 5.59
C LEU A 367 40.72 34.98 4.30
N ILE A 368 40.02 35.04 3.16
CA ILE A 368 40.65 35.39 1.89
C ILE A 368 41.16 36.83 1.94
N LEU A 369 40.38 37.73 2.54
CA LEU A 369 40.77 39.14 2.61
C LEU A 369 41.95 39.36 3.55
N VAL A 370 41.96 38.68 4.70
CA VAL A 370 43.09 38.79 5.63
C VAL A 370 44.36 38.20 5.02
N GLU A 371 44.26 37.06 4.33
CA GLU A 371 45.46 36.45 3.77
C GLU A 371 46.02 37.29 2.63
N SER A 372 45.14 37.84 1.79
CA SER A 372 45.62 38.67 0.69
C SER A 372 46.17 40.00 1.18
N ALA A 373 45.56 40.57 2.23
CA ALA A 373 46.08 41.81 2.79
C ALA A 373 47.42 41.60 3.48
N LEU A 374 47.62 40.44 4.11
CA LEU A 374 48.92 40.16 4.72
C LEU A 374 49.99 39.91 3.67
N GLN A 375 49.63 39.28 2.56
CA GLN A 375 50.64 38.96 1.55
C GLN A 375 50.98 40.16 0.67
N THR A 376 50.04 41.08 0.45
CA THR A 376 50.35 42.27 -0.34
C THR A 376 50.93 43.41 0.49
N GLY A 377 51.18 43.17 1.78
CA GLY A 377 51.79 44.18 2.62
C GLY A 377 50.85 45.24 3.16
N ASP A 378 49.68 44.83 3.66
CA ASP A 378 48.69 45.76 4.20
C ASP A 378 48.29 45.27 5.59
N THR A 379 48.90 45.86 6.62
CA THR A 379 48.64 45.44 7.99
C THR A 379 47.38 45.95 8.71
N PRO A 380 46.81 47.16 8.49
CA PRO A 380 45.60 47.50 9.27
C PRO A 380 44.34 46.78 8.83
N THR A 381 44.23 46.38 7.56
CA THR A 381 43.05 45.69 7.09
C THR A 381 42.98 44.25 7.62
N ALA A 382 44.15 43.60 7.68
CA ALA A 382 44.23 42.23 8.19
C ALA A 382 43.83 42.17 9.66
N GLU A 383 44.28 43.13 10.47
CA GLU A 383 43.83 43.19 11.85
C GLU A 383 42.36 43.56 11.93
N LYS A 384 41.93 44.52 11.10
CA LYS A 384 40.56 45.02 11.09
C LYS A 384 39.54 43.92 10.81
N TYR A 385 39.94 42.88 10.07
CA TYR A 385 39.03 41.77 9.84
C TYR A 385 39.30 40.53 10.68
N LEU A 386 40.56 40.26 11.06
CA LEU A 386 40.82 39.07 11.87
C LEU A 386 40.33 39.24 13.30
N LYS A 387 40.47 40.44 13.87
CA LYS A 387 39.91 40.68 15.20
C LYS A 387 38.40 40.58 15.18
N ALA A 388 37.76 41.05 14.09
CA ALA A 388 36.31 41.02 13.99
C ALA A 388 35.78 39.61 13.89
N LEU A 389 36.39 38.79 13.01
CA LEU A 389 35.95 37.40 12.85
C LEU A 389 36.19 36.60 14.12
N SER A 390 37.37 36.73 14.72
CA SER A 390 37.67 35.91 15.88
C SER A 390 36.99 36.40 17.14
N LYS A 391 36.57 37.67 17.19
CA LYS A 391 35.78 38.11 18.33
C LYS A 391 34.32 37.75 18.18
N ALA A 392 33.81 37.71 16.95
CA ALA A 392 32.46 37.23 16.75
C ALA A 392 32.36 35.72 16.97
N ARG A 393 33.47 35.00 16.78
CA ARG A 393 33.45 33.56 17.01
C ARG A 393 33.64 33.18 18.48
N GLY A 394 34.07 34.10 19.33
CA GLY A 394 34.13 33.80 20.75
C GLY A 394 35.41 34.13 21.48
N ALA A 395 36.57 33.94 20.84
CA ALA A 395 37.86 34.18 21.47
C ALA A 395 38.75 34.93 20.49
N GLU A 396 39.16 36.13 20.87
CA GLU A 396 39.83 37.05 19.96
C GLU A 396 41.33 36.76 19.86
N VAL A 397 41.89 37.03 18.70
CA VAL A 397 43.32 36.86 18.45
C VAL A 397 44.06 38.08 18.99
N SER A 398 45.23 37.85 19.61
CA SER A 398 46.05 38.96 20.08
C SER A 398 46.86 39.59 18.94
N VAL A 399 47.70 38.80 18.28
CA VAL A 399 48.62 39.31 17.27
C VAL A 399 48.33 38.64 15.93
N VAL A 400 48.50 39.39 14.85
CA VAL A 400 48.20 38.93 13.49
C VAL A 400 49.53 38.82 12.73
N ASN A 401 50.01 37.59 12.50
CA ASN A 401 51.35 37.42 11.96
C ASN A 401 51.49 36.23 11.03
N MET A 402 50.39 35.77 10.41
CA MET A 402 50.28 34.63 9.50
C MET A 402 50.61 33.29 10.16
N GLU A 403 50.80 33.23 11.47
CA GLU A 403 50.61 31.99 12.20
C GLU A 403 49.20 31.94 12.77
N ALA A 404 48.72 33.10 13.22
CA ALA A 404 47.33 33.24 13.63
C ALA A 404 46.39 33.06 12.45
N LEU A 405 46.82 33.49 11.26
CA LEU A 405 46.00 33.30 10.07
C LEU A 405 45.85 31.82 9.71
N GLN A 406 46.95 31.08 9.74
CA GLN A 406 46.91 29.65 9.48
C GLN A 406 46.08 28.93 10.51
N ALA A 407 46.22 29.31 11.78
CA ALA A 407 45.44 28.68 12.85
C ALA A 407 43.95 29.02 12.72
N GLU A 408 43.61 30.27 12.40
CA GLU A 408 42.21 30.65 12.32
C GLU A 408 41.54 30.07 11.09
N ARG A 409 42.26 29.97 9.98
CA ARG A 409 41.68 29.34 8.79
C ARG A 409 41.52 27.85 8.99
N THR A 410 42.41 27.22 9.75
CA THR A 410 42.23 25.82 10.07
C THR A 410 41.08 25.61 11.05
N ARG A 411 40.87 26.57 11.95
CA ARG A 411 39.81 26.45 12.94
C ARG A 411 38.45 26.68 12.31
N GLU A 412 38.37 27.58 11.35
CA GLU A 412 37.07 28.03 10.84
C GLU A 412 36.51 27.08 9.77
N LEU A 413 37.37 26.54 8.91
CA LEU A 413 36.93 25.66 7.84
C LEU A 413 37.40 24.24 8.16
N ILE A 414 36.61 23.53 8.96
CA ILE A 414 36.91 22.16 9.31
C ILE A 414 35.70 21.31 8.91
N GLY A 415 35.93 20.29 8.10
CA GLY A 415 34.87 19.51 7.49
C GLY A 415 34.57 19.91 6.06
N GLU A 416 34.93 21.13 5.66
CA GLU A 416 34.66 21.61 4.32
C GLU A 416 35.72 21.20 3.30
N GLY A 417 36.82 20.62 3.74
CA GLY A 417 37.81 20.13 2.82
C GLY A 417 38.62 21.22 2.16
N SER A 418 39.22 22.11 2.94
CA SER A 418 40.11 23.13 2.40
C SER A 418 41.52 23.01 2.96
N ARG A 419 41.79 22.02 3.80
CA ARG A 419 43.08 21.90 4.45
C ARG A 419 44.14 21.31 3.53
N LEU A 420 43.77 20.39 2.63
CA LEU A 420 44.75 19.80 1.71
C LEU A 420 45.26 20.84 0.72
N ARG A 421 44.37 21.69 0.21
CA ARG A 421 44.75 22.78 -0.67
C ARG A 421 45.60 23.82 0.05
N ASP A 422 45.31 24.05 1.34
CA ASP A 422 46.10 25.00 2.12
C ASP A 422 47.49 24.45 2.41
N MET A 423 47.59 23.18 2.79
CA MET A 423 48.90 22.64 3.08
C MET A 423 49.71 22.35 1.83
N VAL A 424 49.09 22.33 0.65
CA VAL A 424 49.86 22.41 -0.57
C VAL A 424 50.33 23.84 -0.81
N ARG A 425 49.45 24.81 -0.60
CA ARG A 425 49.76 26.21 -0.87
C ARG A 425 50.71 26.82 0.14
N TRP A 426 50.86 26.22 1.31
CA TRP A 426 51.71 26.75 2.37
C TRP A 426 52.99 25.96 2.56
N SER A 427 53.25 24.94 1.72
CA SER A 427 54.42 24.06 1.80
C SER A 427 54.51 23.35 3.15
N ILE A 428 53.41 22.73 3.56
CA ILE A 428 53.32 21.99 4.81
C ILE A 428 53.37 20.50 4.47
N PRO A 429 54.32 19.73 5.00
CA PRO A 429 54.35 18.29 4.76
C PRO A 429 53.32 17.55 5.60
N ASN A 430 53.32 16.22 5.57
CA ASN A 430 52.24 15.50 6.25
C ASN A 430 52.46 15.45 7.75
N ASN A 431 53.52 14.74 8.18
CA ASN A 431 53.82 14.45 9.59
C ASN A 431 52.64 13.79 10.30
N HIS A 432 52.06 12.77 9.69
CA HIS A 432 51.00 12.00 10.33
C HIS A 432 51.56 11.01 11.35
N ASP A 433 52.77 10.50 11.10
CA ASP A 433 53.40 9.58 12.04
C ASP A 433 53.88 10.27 13.31
N ALA A 434 54.12 11.57 13.26
CA ALA A 434 54.68 12.28 14.41
C ALA A 434 53.63 12.76 15.40
N PHE A 435 52.37 12.86 15.00
CA PHE A 435 51.35 13.43 15.85
C PHE A 435 50.88 12.41 16.88
N GLU A 436 50.43 12.91 18.02
CA GLU A 436 49.85 12.07 19.05
C GLU A 436 48.33 12.08 18.94
N THR A 437 47.72 11.01 19.43
CA THR A 437 46.27 10.91 19.42
C THR A 437 45.71 11.50 20.72
N GLN A 438 44.39 11.56 20.80
CA GLN A 438 43.74 12.08 22.00
C GLN A 438 43.90 11.09 23.13
N PRO A 439 44.35 11.52 24.32
CA PRO A 439 44.68 10.56 25.37
C PRO A 439 43.47 9.95 26.05
N GLY A 440 42.29 10.56 25.92
CA GLY A 440 41.11 10.00 26.56
C GLY A 440 40.47 8.88 25.77
N LEU A 441 40.90 8.67 24.54
CA LEU A 441 40.24 7.76 23.60
C LEU A 441 41.07 6.54 23.28
N GLU A 442 41.96 6.12 24.18
CA GLU A 442 42.85 5.02 23.84
C GLU A 442 42.12 3.69 23.93
N GLY A 443 42.35 2.84 22.94
CA GLY A 443 41.56 1.65 22.75
C GLY A 443 40.60 1.85 21.60
N PHE A 444 40.11 3.08 21.44
CA PHE A 444 39.24 3.43 20.34
C PHE A 444 40.01 4.06 19.19
N ALA A 445 40.80 5.09 19.46
CA ALA A 445 41.61 5.76 18.44
C ALA A 445 43.08 5.45 18.70
N ASN A 446 43.72 4.74 17.77
CA ASN A 446 45.09 4.29 17.95
C ASN A 446 45.99 4.71 16.79
N THR A 447 47.25 4.27 16.83
CA THR A 447 48.31 4.74 15.93
C THR A 447 48.42 3.82 14.72
N THR A 448 48.08 4.34 13.56
CA THR A 448 48.32 3.63 12.31
C THR A 448 49.30 4.44 11.47
N PRO A 449 50.40 3.85 11.01
CA PRO A 449 51.34 4.60 10.17
C PRO A 449 50.79 4.77 8.76
N LEU A 450 51.39 5.70 8.04
CA LEU A 450 51.03 5.91 6.64
C LEU A 450 51.56 4.77 5.79
N LYS A 451 50.79 4.40 4.78
CA LYS A 451 51.24 3.40 3.83
C LYS A 451 52.06 4.00 2.71
N ALA A 452 52.22 5.32 2.69
CA ALA A 452 53.02 6.01 1.70
C ALA A 452 53.38 7.38 2.27
N GLN A 453 54.67 7.69 2.28
CA GLN A 453 55.12 8.97 2.80
C GLN A 453 54.85 10.08 1.79
N ALA A 454 54.38 11.22 2.30
CA ALA A 454 53.93 12.33 1.45
C ALA A 454 54.70 13.61 1.79
N PRO A 455 55.92 13.76 1.27
CA PRO A 455 56.65 15.02 1.49
C PRO A 455 56.11 16.18 0.66
N VAL A 456 56.78 17.32 0.73
CA VAL A 456 56.39 18.48 -0.06
C VAL A 456 56.73 18.24 -1.52
N GLY A 457 55.74 18.37 -2.39
CA GLY A 457 55.93 18.10 -3.80
C GLY A 457 55.59 16.70 -4.22
N PHE A 458 54.86 15.95 -3.39
CA PHE A 458 54.43 14.61 -3.74
C PHE A 458 53.38 14.68 -4.83
N TYR A 459 53.39 13.68 -5.72
CA TYR A 459 52.43 13.68 -6.81
C TYR A 459 51.02 13.38 -6.33
N ALA A 460 50.88 12.68 -5.20
CA ALA A 460 49.59 12.14 -4.81
C ALA A 460 48.73 13.12 -4.05
N TYR A 461 49.12 14.39 -3.98
CA TYR A 461 48.21 15.40 -3.48
C TYR A 461 47.10 15.67 -4.48
N THR A 462 47.38 15.52 -5.77
CA THR A 462 46.36 15.64 -6.81
C THR A 462 45.95 14.25 -7.27
N TRP A 463 44.68 14.11 -7.61
CA TRP A 463 44.18 12.77 -7.83
C TRP A 463 44.49 12.32 -9.26
N GLU A 464 44.35 11.03 -9.48
CA GLU A 464 44.58 10.45 -10.78
C GLU A 464 43.26 10.36 -11.53
N PHE A 465 43.32 10.51 -12.85
CA PHE A 465 42.13 10.45 -13.67
C PHE A 465 41.49 9.07 -13.56
N PRO A 466 40.16 8.98 -13.52
CA PRO A 466 39.51 7.69 -13.31
C PRO A 466 39.71 6.82 -14.53
N GLN A 467 39.61 5.51 -14.33
CA GLN A 467 40.02 4.57 -15.36
C GLN A 467 38.88 4.21 -16.31
N ARG A 468 37.91 5.09 -16.52
CA ARG A 468 37.11 4.98 -17.73
C ARG A 468 37.68 5.86 -18.82
N ASP A 469 38.07 7.09 -18.47
CA ASP A 469 39.13 7.76 -19.19
C ASP A 469 40.43 7.00 -19.00
N ARG A 470 41.40 7.25 -19.88
CA ARG A 470 42.62 6.44 -20.08
C ARG A 470 42.33 5.06 -20.64
N GLN A 471 41.07 4.72 -20.87
CA GLN A 471 40.65 3.49 -21.51
C GLN A 471 39.79 3.75 -22.72
N THR A 472 38.96 4.78 -22.69
CA THR A 472 38.11 5.11 -23.82
C THR A 472 38.76 6.10 -24.77
N ASN A 473 39.66 6.96 -24.30
CA ASN A 473 40.51 7.70 -25.22
C ASN A 473 41.95 7.60 -24.76
N PRO A 474 42.85 7.11 -25.61
CA PRO A 474 44.25 6.97 -25.22
C PRO A 474 45.13 8.17 -25.54
N GLN A 475 44.56 9.32 -25.88
CA GLN A 475 45.31 10.56 -25.97
C GLN A 475 45.21 11.39 -24.70
N LEU A 476 44.83 10.76 -23.59
CA LEU A 476 44.78 11.42 -22.29
C LEU A 476 46.05 11.08 -21.54
N ILE A 477 46.82 12.10 -21.18
CA ILE A 477 48.03 11.92 -20.39
C ILE A 477 47.64 11.83 -18.93
N LYS A 478 48.08 10.76 -18.26
CA LYS A 478 47.73 10.58 -16.86
C LYS A 478 48.66 11.40 -15.97
N ASN A 479 48.32 11.46 -14.69
CA ASN A 479 49.03 12.33 -13.74
C ASN A 479 50.24 11.65 -13.10
N TRP A 480 50.02 10.52 -12.45
CA TRP A 480 51.01 9.93 -11.56
C TRP A 480 52.08 9.18 -12.34
N PRO A 481 53.29 9.08 -11.80
CA PRO A 481 54.31 8.23 -12.44
C PRO A 481 54.00 6.75 -12.36
N ILE A 482 53.25 6.30 -11.36
CA ILE A 482 52.93 4.89 -11.24
C ILE A 482 51.55 4.56 -11.82
N LEU B 1 7.42 -29.29 -35.26
CA LEU B 1 8.10 -28.51 -34.25
C LEU B 1 9.30 -27.79 -34.84
N SER B 2 10.23 -28.60 -35.34
CA SER B 2 11.45 -28.13 -35.98
C SER B 2 11.58 -28.77 -37.35
N THR B 3 12.75 -28.62 -37.94
CA THR B 3 13.04 -29.20 -39.24
C THR B 3 13.79 -30.52 -39.09
N VAL B 4 13.79 -31.30 -40.16
CA VAL B 4 14.49 -32.57 -40.18
C VAL B 4 16.00 -32.34 -40.18
N SER B 5 16.44 -31.25 -40.81
CA SER B 5 17.85 -30.89 -40.93
C SER B 5 18.32 -30.01 -39.78
N GLY B 6 17.59 -29.98 -38.67
CA GLY B 6 17.98 -29.14 -37.55
C GLY B 6 18.73 -29.90 -36.49
N SER B 7 19.42 -29.19 -35.61
CA SER B 7 20.10 -29.78 -34.46
C SER B 7 19.19 -29.61 -33.26
N VAL B 8 18.44 -30.65 -32.94
CA VAL B 8 17.47 -30.66 -31.86
C VAL B 8 17.86 -31.74 -30.87
N ALA B 9 17.94 -31.39 -29.60
CA ALA B 9 18.21 -32.35 -28.52
C ALA B 9 17.02 -32.40 -27.60
N LYS B 10 16.44 -33.59 -27.46
CA LYS B 10 15.22 -33.77 -26.68
C LYS B 10 15.55 -34.38 -25.32
N VAL B 11 14.93 -33.83 -24.29
CA VAL B 11 15.06 -34.31 -22.91
C VAL B 11 13.73 -34.90 -22.49
N SER B 12 13.74 -36.12 -21.98
CA SER B 12 12.52 -36.87 -21.74
C SER B 12 11.81 -36.36 -20.49
N SER B 13 10.78 -37.08 -20.05
CA SER B 13 10.03 -36.67 -18.88
C SER B 13 10.61 -37.20 -17.58
N GLU B 14 11.55 -38.13 -17.64
CA GLU B 14 12.11 -38.68 -16.41
C GLU B 14 13.26 -37.85 -15.89
N LYS B 15 13.69 -36.83 -16.63
CA LYS B 15 14.67 -35.89 -16.14
C LYS B 15 14.05 -34.64 -15.54
N LEU B 16 12.73 -34.55 -15.50
CA LEU B 16 12.05 -33.36 -15.02
C LEU B 16 11.10 -33.61 -13.88
N ALA B 17 10.81 -34.87 -13.54
CA ALA B 17 9.65 -35.15 -12.72
C ALA B 17 9.92 -34.91 -11.24
N GLU B 18 10.84 -35.65 -10.65
CA GLU B 18 11.03 -35.63 -9.21
C GLU B 18 12.29 -34.84 -8.90
N LYS B 19 12.14 -33.52 -8.77
CA LYS B 19 13.23 -32.61 -8.46
C LYS B 19 12.84 -31.72 -7.29
N PRO B 20 13.73 -31.54 -6.32
CA PRO B 20 13.35 -30.86 -5.09
C PRO B 20 13.54 -29.35 -5.10
N VAL B 21 13.67 -28.76 -6.29
CA VAL B 21 13.92 -27.33 -6.41
C VAL B 21 12.85 -26.70 -7.29
N ALA B 22 12.68 -25.39 -7.15
CA ALA B 22 11.79 -24.65 -8.02
C ALA B 22 12.48 -24.16 -9.29
N ASN B 23 13.75 -24.49 -9.46
CA ASN B 23 14.52 -24.11 -10.64
C ASN B 23 14.54 -25.30 -11.58
N ILE B 24 13.73 -25.24 -12.63
CA ILE B 24 13.57 -26.39 -13.51
C ILE B 24 14.79 -26.56 -14.41
N MET B 25 15.40 -25.45 -14.84
CA MET B 25 16.55 -25.52 -15.72
C MET B 25 17.79 -26.04 -15.01
N ASP B 26 17.83 -25.96 -13.68
CA ASP B 26 18.88 -26.61 -12.90
C ASP B 26 18.87 -28.12 -13.08
N ALA B 27 17.72 -28.71 -13.43
CA ALA B 27 17.67 -30.14 -13.71
C ALA B 27 18.35 -30.51 -15.00
N LEU B 28 18.73 -29.53 -15.84
CA LEU B 28 19.31 -29.80 -17.15
C LEU B 28 20.80 -29.57 -17.20
N GLN B 29 21.46 -29.47 -16.06
CA GLN B 29 22.89 -29.25 -16.04
C GLN B 29 23.60 -30.55 -16.36
N GLY B 30 24.30 -30.58 -17.49
CA GLY B 30 24.95 -31.79 -17.95
C GLY B 30 24.03 -32.74 -18.67
N GLN B 31 23.08 -32.23 -19.44
CA GLN B 31 22.11 -33.06 -20.14
C GLN B 31 22.04 -32.78 -21.63
N VAL B 32 22.19 -31.52 -22.04
CA VAL B 32 22.20 -31.13 -23.43
C VAL B 32 23.63 -30.74 -23.79
N ALA B 33 24.07 -31.10 -24.98
CA ALA B 33 25.43 -30.79 -25.41
C ALA B 33 25.45 -29.37 -25.98
N GLY B 34 26.28 -28.51 -25.41
CA GLY B 34 26.38 -27.14 -25.84
C GLY B 34 25.58 -26.16 -25.05
N MET B 35 24.71 -26.63 -24.16
CA MET B 35 23.89 -25.80 -23.30
C MET B 35 24.54 -25.77 -21.93
N GLN B 36 24.88 -24.58 -21.45
CA GLN B 36 25.64 -24.42 -20.20
C GLN B 36 24.76 -23.75 -19.15
N VAL B 37 24.22 -24.56 -18.25
CA VAL B 37 23.37 -24.06 -17.17
C VAL B 37 24.22 -23.84 -15.94
N MET B 38 24.20 -22.62 -15.41
CA MET B 38 24.90 -22.28 -14.17
C MET B 38 23.93 -21.51 -13.29
N THR B 39 23.67 -22.01 -12.10
CA THR B 39 22.90 -21.27 -11.11
C THR B 39 23.85 -20.79 -10.01
N THR B 40 23.82 -19.48 -9.75
CA THR B 40 24.83 -18.83 -8.94
C THR B 40 24.34 -18.47 -7.55
N SER B 41 23.32 -19.16 -7.05
CA SER B 41 22.84 -18.98 -5.69
C SER B 41 21.95 -20.17 -5.34
N GLY B 42 21.95 -20.52 -4.06
CA GLY B 42 21.10 -21.55 -3.54
C GLY B 42 19.83 -21.03 -2.92
N ASP B 43 19.49 -19.79 -3.21
CA ASP B 43 18.23 -19.19 -2.79
C ASP B 43 17.06 -19.95 -3.41
N PRO B 44 15.98 -20.19 -2.66
CA PRO B 44 14.83 -20.91 -3.23
C PRO B 44 14.13 -20.14 -4.33
N THR B 45 14.30 -18.83 -4.42
CA THR B 45 13.69 -18.01 -5.45
C THR B 45 14.66 -17.59 -6.53
N ALA B 46 15.90 -18.08 -6.49
CA ALA B 46 16.85 -17.77 -7.54
C ALA B 46 16.55 -18.61 -8.76
N VAL B 47 17.13 -18.21 -9.89
CA VAL B 47 16.79 -18.82 -11.17
C VAL B 47 18.09 -18.99 -11.96
N ALA B 48 18.05 -19.90 -12.92
CA ALA B 48 19.26 -20.33 -13.62
C ALA B 48 19.61 -19.36 -14.74
N SER B 49 20.81 -19.55 -15.27
CA SER B 49 21.37 -18.73 -16.34
C SER B 49 21.89 -19.64 -17.43
N VAL B 50 21.28 -19.60 -18.60
CA VAL B 50 21.54 -20.54 -19.68
C VAL B 50 22.30 -19.84 -20.79
N GLU B 51 23.30 -20.52 -21.35
CA GLU B 51 24.01 -20.05 -22.54
C GLU B 51 24.21 -21.23 -23.47
N ILE B 52 23.64 -21.16 -24.66
CA ILE B 52 23.78 -22.19 -25.66
C ILE B 52 24.82 -21.74 -26.66
N HIS B 53 25.86 -22.55 -26.84
CA HIS B 53 26.99 -22.30 -27.76
C HIS B 53 27.71 -21.00 -27.41
N GLY B 54 28.06 -20.85 -26.14
CA GLY B 54 28.85 -19.72 -25.69
C GLY B 54 28.06 -18.43 -25.64
N THR B 55 28.70 -17.42 -25.07
CA THR B 55 28.07 -16.11 -24.99
C THR B 55 28.09 -15.45 -26.36
N GLY B 56 27.03 -14.71 -26.65
CA GLY B 56 26.80 -14.28 -28.01
C GLY B 56 26.93 -12.80 -28.22
N SER B 57 26.74 -12.03 -27.16
CA SER B 57 26.78 -10.58 -27.24
C SER B 57 27.37 -10.04 -25.95
N LEU B 58 28.03 -8.89 -26.06
CA LEU B 58 28.70 -8.27 -24.92
C LEU B 58 27.77 -7.37 -24.11
N GLY B 59 26.72 -6.85 -24.72
CA GLY B 59 25.82 -5.96 -24.03
C GLY B 59 24.40 -6.46 -23.87
N ALA B 60 23.93 -7.24 -24.83
CA ALA B 60 22.57 -7.75 -24.75
C ALA B 60 22.55 -9.09 -24.04
N SER B 61 21.35 -9.58 -23.79
CA SER B 61 21.16 -10.85 -23.12
C SER B 61 21.56 -12.01 -24.04
N SER B 62 22.02 -13.10 -23.42
CA SER B 62 22.33 -14.33 -24.13
C SER B 62 21.39 -15.45 -23.77
N ALA B 63 20.31 -15.15 -23.05
CA ALA B 63 19.36 -16.17 -22.64
C ALA B 63 18.58 -16.68 -23.84
N PRO B 64 18.18 -17.95 -23.85
CA PRO B 64 17.35 -18.45 -24.94
C PRO B 64 15.95 -17.91 -24.92
N LEU B 65 15.15 -18.29 -25.91
CA LEU B 65 13.72 -18.07 -25.84
C LEU B 65 13.09 -19.24 -25.10
N TYR B 66 12.31 -18.94 -24.07
CA TYR B 66 11.64 -19.97 -23.29
C TYR B 66 10.19 -20.02 -23.71
N ILE B 67 9.75 -21.17 -24.21
CA ILE B 67 8.43 -21.31 -24.81
C ILE B 67 7.73 -22.49 -24.19
N VAL B 68 6.56 -22.25 -23.60
CA VAL B 68 5.69 -23.30 -23.08
C VAL B 68 4.45 -23.31 -23.95
N ASP B 69 4.33 -24.36 -24.77
CA ASP B 69 3.12 -24.66 -25.57
C ASP B 69 2.78 -23.57 -26.57
N GLY B 70 3.76 -22.87 -27.11
CA GLY B 70 3.47 -21.88 -28.13
C GLY B 70 3.68 -20.45 -27.69
N MET B 71 3.27 -20.11 -26.47
CA MET B 71 3.47 -18.78 -25.93
C MET B 71 4.82 -18.68 -25.25
N GLN B 72 5.54 -17.60 -25.51
CA GLN B 72 6.84 -17.42 -24.87
C GLN B 72 6.66 -16.83 -23.49
N THR B 73 7.41 -17.36 -22.53
CA THR B 73 7.24 -17.03 -21.12
C THR B 73 8.59 -16.67 -20.51
N SER B 74 8.54 -15.98 -19.39
CA SER B 74 9.73 -15.72 -18.59
C SER B 74 10.05 -16.96 -17.77
N LEU B 75 11.15 -16.92 -17.02
CA LEU B 75 11.54 -18.08 -16.23
C LEU B 75 10.96 -18.03 -14.82
N ASP B 76 10.57 -16.85 -14.36
CA ASP B 76 9.83 -16.73 -13.10
C ASP B 76 8.39 -17.18 -13.23
N VAL B 77 7.83 -17.18 -14.43
CA VAL B 77 6.50 -17.74 -14.63
C VAL B 77 6.55 -19.26 -14.67
N VAL B 78 7.56 -19.82 -15.35
CA VAL B 78 7.78 -21.26 -15.37
C VAL B 78 8.16 -21.79 -14.00
N ALA B 79 8.71 -20.92 -13.13
CA ALA B 79 8.90 -21.28 -11.72
C ALA B 79 7.60 -21.62 -11.00
N THR B 80 6.45 -21.14 -11.48
CA THR B 80 5.16 -21.39 -10.86
C THR B 80 4.36 -22.48 -11.57
N MET B 81 5.02 -23.35 -12.33
CA MET B 81 4.38 -24.46 -13.00
C MET B 81 4.89 -25.76 -12.41
N ASN B 82 3.98 -26.67 -12.11
CA ASN B 82 4.30 -27.99 -11.60
C ASN B 82 5.04 -28.79 -12.67
N PRO B 83 6.26 -29.26 -12.42
CA PRO B 83 7.00 -30.00 -13.44
C PRO B 83 6.58 -31.44 -13.61
N ASN B 84 5.59 -31.91 -12.87
CA ASN B 84 4.96 -33.18 -13.18
C ASN B 84 3.91 -33.06 -14.28
N ASP B 85 3.74 -31.87 -14.84
CA ASP B 85 2.87 -31.64 -15.98
C ASP B 85 3.61 -31.57 -17.29
N PHE B 86 4.94 -31.67 -17.28
CA PHE B 86 5.76 -31.48 -18.46
C PHE B 86 6.03 -32.83 -19.11
N GLU B 87 5.76 -32.93 -20.41
CA GLU B 87 5.95 -34.17 -21.15
C GLU B 87 7.35 -34.32 -21.67
N SER B 88 7.94 -33.24 -22.16
CA SER B 88 9.28 -33.29 -22.72
C SER B 88 9.83 -31.87 -22.75
N MET B 89 11.11 -31.77 -23.06
CA MET B 89 11.77 -30.49 -23.23
C MET B 89 12.77 -30.64 -24.35
N SER B 90 12.59 -29.86 -25.42
CA SER B 90 13.46 -29.96 -26.58
C SER B 90 14.18 -28.63 -26.78
N VAL B 91 15.49 -28.71 -26.92
CA VAL B 91 16.35 -27.54 -27.07
C VAL B 91 16.78 -27.44 -28.53
N LEU B 92 16.31 -26.42 -29.22
CA LEU B 92 16.60 -26.22 -30.64
C LEU B 92 17.82 -25.31 -30.74
N LYS B 93 19.00 -25.92 -30.82
CA LYS B 93 20.25 -25.16 -30.83
C LYS B 93 20.82 -25.07 -32.24
N ASP B 94 20.09 -24.43 -33.15
CA ASP B 94 20.50 -24.43 -34.54
C ASP B 94 19.93 -23.20 -35.22
N ALA B 95 20.11 -23.14 -36.54
CA ALA B 95 19.61 -22.04 -37.35
C ALA B 95 18.52 -22.46 -38.31
N SER B 96 18.44 -23.76 -38.62
CA SER B 96 17.35 -24.29 -39.41
C SER B 96 16.19 -24.79 -38.55
N ALA B 97 16.34 -24.78 -37.23
CA ALA B 97 15.27 -25.21 -36.34
C ALA B 97 14.57 -24.04 -35.67
N THR B 98 15.29 -22.97 -35.39
CA THR B 98 14.70 -21.77 -34.79
C THR B 98 14.44 -20.74 -35.88
N SER B 99 13.56 -21.11 -36.81
CA SER B 99 13.23 -20.27 -37.94
C SER B 99 11.83 -19.70 -37.89
N ILE B 100 10.96 -20.27 -37.06
CA ILE B 100 9.61 -19.75 -36.87
C ILE B 100 9.46 -19.02 -35.55
N TYR B 101 10.53 -18.92 -34.78
CA TYR B 101 10.59 -18.14 -33.55
C TYR B 101 11.56 -17.00 -33.77
N GLY B 102 11.23 -15.81 -33.31
CA GLY B 102 12.03 -14.70 -33.79
C GLY B 102 12.37 -13.54 -32.89
N ALA B 103 12.01 -13.58 -31.60
CA ALA B 103 12.30 -12.45 -30.74
C ALA B 103 13.78 -12.35 -30.43
N ARG B 104 14.31 -13.36 -29.73
CA ARG B 104 15.74 -13.50 -29.52
C ARG B 104 16.16 -14.93 -29.76
N ALA B 105 15.61 -15.55 -30.80
CA ALA B 105 15.88 -16.94 -31.09
C ALA B 105 17.21 -17.16 -31.79
N ALA B 106 18.07 -16.15 -31.88
CA ALA B 106 19.46 -16.40 -32.20
C ALA B 106 20.18 -17.12 -31.09
N ASN B 107 19.66 -17.06 -29.87
CA ASN B 107 20.28 -17.64 -28.70
C ASN B 107 19.81 -19.06 -28.43
N GLY B 108 19.02 -19.64 -29.32
CA GLY B 108 18.41 -20.92 -29.07
C GLY B 108 17.00 -20.78 -28.52
N VAL B 109 16.24 -21.85 -28.63
CA VAL B 109 14.87 -21.92 -28.14
C VAL B 109 14.76 -23.14 -27.26
N VAL B 110 14.23 -22.99 -26.05
CA VAL B 110 13.89 -24.12 -25.20
C VAL B 110 12.38 -24.29 -25.23
N PHE B 111 11.93 -25.41 -25.78
CA PHE B 111 10.51 -25.69 -25.98
C PHE B 111 10.07 -26.71 -24.96
N ILE B 112 9.04 -26.38 -24.19
CA ILE B 112 8.48 -27.25 -23.16
C ILE B 112 7.06 -27.62 -23.57
N GLN B 113 6.77 -28.91 -23.60
CA GLN B 113 5.44 -29.41 -23.95
C GLN B 113 4.80 -30.03 -22.74
N THR B 114 3.55 -29.67 -22.49
CA THR B 114 2.83 -30.19 -21.36
C THR B 114 2.08 -31.47 -21.73
N LYS B 115 1.69 -32.23 -20.72
CA LYS B 115 1.09 -33.53 -20.95
C LYS B 115 -0.33 -33.38 -21.45
N LYS B 116 -0.73 -34.26 -22.37
CA LYS B 116 -2.12 -34.42 -22.74
C LYS B 116 -2.54 -35.84 -22.46
N GLY B 117 -3.84 -36.04 -22.28
CA GLY B 117 -4.33 -37.32 -21.84
C GLY B 117 -4.35 -38.39 -22.90
N LYS B 118 -3.60 -39.46 -22.69
CA LYS B 118 -3.65 -40.61 -23.59
C LYS B 118 -4.97 -41.34 -23.37
N MET B 119 -5.76 -41.43 -24.42
CA MET B 119 -7.15 -41.85 -24.30
C MET B 119 -7.31 -43.36 -24.30
N SER B 120 -8.24 -43.83 -23.47
CA SER B 120 -8.44 -45.26 -23.25
C SER B 120 -9.84 -45.47 -22.68
N GLU B 121 -10.07 -46.66 -22.13
CA GLU B 121 -11.35 -46.99 -21.52
C GLU B 121 -11.45 -46.50 -20.08
N ARG B 122 -10.33 -46.41 -19.38
CA ARG B 122 -10.28 -45.91 -18.02
C ARG B 122 -9.18 -44.87 -17.90
N GLY B 123 -9.51 -43.73 -17.32
CA GLY B 123 -8.50 -42.74 -17.04
C GLY B 123 -7.59 -43.16 -15.90
N ARG B 124 -6.48 -42.45 -15.77
CA ARG B 124 -5.48 -42.77 -14.77
C ARG B 124 -5.45 -41.68 -13.72
N ILE B 125 -5.30 -42.08 -12.46
CA ILE B 125 -5.22 -41.20 -11.31
C ILE B 125 -3.90 -41.45 -10.62
N THR B 126 -3.04 -40.45 -10.55
CA THR B 126 -1.80 -40.59 -9.81
C THR B 126 -1.76 -39.58 -8.69
N PHE B 127 -1.13 -39.97 -7.58
CA PHE B 127 -1.02 -39.14 -6.38
C PHE B 127 0.42 -39.20 -5.91
N ASN B 128 1.16 -38.11 -6.12
CA ASN B 128 2.54 -38.04 -5.66
C ASN B 128 2.62 -37.24 -4.38
N ALA B 129 3.51 -37.67 -3.48
CA ALA B 129 3.81 -36.91 -2.28
C ALA B 129 5.28 -37.06 -1.97
N SER B 130 5.86 -36.06 -1.32
CA SER B 130 7.29 -36.05 -1.08
C SER B 130 7.65 -35.09 0.04
N TYR B 131 8.70 -35.44 0.77
CA TYR B 131 9.23 -34.65 1.87
C TYR B 131 10.74 -34.82 1.90
N GLY B 132 11.44 -33.77 2.30
CA GLY B 132 12.90 -33.84 2.36
C GLY B 132 13.49 -32.67 3.11
N ILE B 133 14.78 -32.79 3.38
CA ILE B 133 15.52 -31.74 4.08
C ILE B 133 16.64 -31.22 3.20
N SER B 134 17.09 -30.01 3.51
CA SER B 134 18.08 -29.31 2.74
C SER B 134 19.12 -28.69 3.65
N GLN B 135 20.39 -28.87 3.31
CA GLN B 135 21.51 -28.43 4.14
C GLN B 135 22.49 -27.62 3.31
N ILE B 136 23.53 -27.17 3.97
CA ILE B 136 24.66 -26.52 3.32
C ILE B 136 25.65 -27.59 2.90
N LEU B 137 26.33 -27.37 1.78
CA LEU B 137 27.07 -28.45 1.12
C LEU B 137 28.54 -28.49 1.49
N ASN B 138 29.10 -27.39 1.96
CA ASN B 138 30.53 -27.26 2.21
C ASN B 138 30.71 -26.45 3.48
N THR B 139 31.10 -27.11 4.57
CA THR B 139 31.47 -26.42 5.80
C THR B 139 32.95 -26.56 6.09
N LYS B 140 33.74 -26.78 5.07
CA LYS B 140 35.20 -26.87 5.13
C LYS B 140 35.98 -25.55 5.20
N PRO B 141 35.61 -24.44 4.51
CA PRO B 141 36.50 -23.24 4.56
C PRO B 141 36.64 -22.57 5.91
N LEU B 142 35.79 -22.88 6.89
CA LEU B 142 35.94 -22.32 8.23
C LEU B 142 36.65 -23.26 9.17
N ASP B 143 37.36 -24.24 8.64
CA ASP B 143 38.26 -25.07 9.43
C ASP B 143 39.67 -24.52 9.46
N ASN B 144 39.91 -23.36 8.84
CA ASN B 144 41.23 -22.76 8.79
C ASN B 144 41.31 -21.43 9.53
N MET B 145 40.20 -20.88 9.98
CA MET B 145 40.19 -19.58 10.62
C MET B 145 40.75 -19.68 12.04
N MET B 146 41.10 -18.52 12.60
CA MET B 146 41.66 -18.45 13.94
C MET B 146 40.61 -18.78 14.99
N THR B 147 41.06 -18.97 16.21
CA THR B 147 40.19 -19.12 17.35
C THR B 147 40.04 -17.77 18.03
N GLY B 148 39.47 -17.74 19.23
CA GLY B 148 39.30 -16.48 19.91
C GLY B 148 40.57 -15.96 20.57
N ASP B 149 41.27 -16.87 21.25
CA ASP B 149 42.48 -16.51 21.97
C ASP B 149 43.61 -16.13 21.02
N GLU B 150 43.74 -16.88 19.91
CA GLU B 150 44.74 -16.55 18.90
C GLU B 150 44.45 -15.22 18.23
N LEU B 151 43.17 -14.91 18.01
CA LEU B 151 42.82 -13.65 17.38
C LEU B 151 43.08 -12.47 18.29
N LEU B 152 42.79 -12.61 19.59
CA LEU B 152 43.08 -11.51 20.49
C LEU B 152 44.57 -11.31 20.68
N ASP B 153 45.35 -12.40 20.70
CA ASP B 153 46.80 -12.24 20.82
C ASP B 153 47.41 -11.65 19.55
N PHE B 154 46.88 -12.03 18.38
CA PHE B 154 47.35 -11.47 17.12
C PHE B 154 47.01 -9.99 17.00
N GLN B 155 45.83 -9.60 17.47
CA GLN B 155 45.43 -8.20 17.46
C GLN B 155 46.22 -7.36 18.44
N VAL B 156 46.55 -7.92 19.61
CA VAL B 156 47.34 -7.18 20.60
C VAL B 156 48.77 -7.01 20.11
N LYS B 157 49.36 -8.05 19.52
CA LYS B 157 50.73 -7.92 19.03
C LYS B 157 50.81 -7.03 17.79
N ALA B 158 49.77 -7.01 16.95
CA ALA B 158 49.81 -6.22 15.72
C ALA B 158 49.49 -4.75 15.93
N GLY B 159 49.33 -4.30 17.17
CA GLY B 159 49.09 -2.90 17.43
C GLY B 159 47.71 -2.40 17.13
N PHE B 160 46.71 -3.28 17.06
CA PHE B 160 45.37 -2.84 16.71
C PHE B 160 44.69 -2.14 17.88
N TRP B 161 45.01 -2.58 19.10
CA TRP B 161 44.36 -2.03 20.32
C TRP B 161 45.20 -0.92 20.95
N GLY B 162 46.35 -0.60 20.37
CA GLY B 162 47.20 0.48 20.90
C GLY B 162 48.58 -0.01 21.27
N ASN B 163 49.52 0.91 21.48
CA ASN B 163 50.89 0.54 21.89
C ASN B 163 50.91 0.29 23.39
N ASN B 164 51.77 -0.61 23.86
CA ASN B 164 51.88 -0.95 25.31
C ASN B 164 50.51 -1.37 25.84
N GLN B 165 50.01 -2.51 25.37
CA GLN B 165 48.68 -3.04 25.82
C GLN B 165 48.82 -4.55 26.06
N THR B 166 48.45 -5.01 27.25
CA THR B 166 48.54 -6.46 27.57
C THR B 166 47.24 -7.12 27.16
N VAL B 167 47.29 -8.41 26.79
CA VAL B 167 46.09 -9.14 26.40
C VAL B 167 45.04 -9.09 27.50
N GLN B 168 45.48 -9.00 28.77
CA GLN B 168 44.54 -8.92 29.88
C GLN B 168 43.84 -7.57 29.95
N LYS B 169 44.52 -6.48 29.59
CA LYS B 169 43.89 -5.17 29.61
C LYS B 169 42.82 -5.04 28.54
N VAL B 170 43.14 -5.50 27.33
CA VAL B 170 42.16 -5.51 26.24
C VAL B 170 41.02 -6.47 26.55
N LYS B 171 41.34 -7.57 27.20
CA LYS B 171 40.34 -8.57 27.54
C LYS B 171 39.39 -8.07 28.61
N ASP B 172 39.88 -7.29 29.56
CA ASP B 172 39.07 -6.90 30.71
C ASP B 172 38.49 -5.49 30.59
N MET B 173 39.33 -4.47 30.53
CA MET B 173 38.79 -3.12 30.64
C MET B 173 38.31 -2.57 29.32
N ILE B 174 38.66 -3.21 28.21
CA ILE B 174 38.20 -2.72 26.93
C ILE B 174 36.95 -3.47 26.48
N LEU B 175 37.06 -4.78 26.26
CA LEU B 175 35.98 -5.48 25.57
C LEU B 175 34.83 -5.84 26.49
N ALA B 176 35.11 -6.11 27.75
CA ALA B 176 34.05 -6.44 28.71
C ALA B 176 33.44 -5.20 29.34
N GLY B 177 33.49 -4.06 28.65
CA GLY B 177 32.57 -2.96 28.84
C GLY B 177 31.35 -3.11 27.94
N ALA B 178 30.88 -4.35 27.82
CA ALA B 178 29.56 -4.70 27.33
C ALA B 178 28.55 -4.74 28.44
N GLU B 179 29.00 -4.56 29.67
CA GLU B 179 28.10 -4.35 30.80
C GLU B 179 27.48 -2.97 30.76
N ASP B 180 28.21 -2.00 30.21
CA ASP B 180 27.72 -0.63 30.16
C ASP B 180 26.63 -0.48 29.12
N LEU B 181 26.74 -1.18 28.00
CA LEU B 181 25.71 -1.08 26.97
C LEU B 181 24.47 -1.88 27.35
N TYR B 182 24.65 -3.08 27.89
CA TYR B 182 23.52 -3.91 28.25
C TYR B 182 22.81 -3.40 29.49
N GLY B 183 23.45 -2.56 30.28
CA GLY B 183 22.81 -2.02 31.46
C GLY B 183 21.89 -0.85 31.21
N ASN B 184 21.80 -0.36 29.98
CA ASN B 184 20.92 0.74 29.65
C ASN B 184 19.58 0.27 29.12
N TYR B 185 19.40 -1.02 28.90
CA TYR B 185 18.19 -1.56 28.28
C TYR B 185 17.49 -2.44 29.29
N ASP B 186 16.19 -2.19 29.48
CA ASP B 186 15.42 -2.83 30.55
C ASP B 186 15.31 -4.34 30.37
N SER B 187 15.36 -4.82 29.13
CA SER B 187 15.25 -6.25 28.85
C SER B 187 16.57 -6.98 28.99
N LEU B 188 17.70 -6.28 28.88
CA LEU B 188 19.01 -6.89 29.03
C LEU B 188 19.70 -6.51 30.32
N LYS B 189 19.10 -5.63 31.12
CA LYS B 189 19.75 -5.08 32.31
C LYS B 189 19.93 -6.15 33.37
N ASP B 190 18.88 -6.90 33.66
CA ASP B 190 18.89 -7.94 34.65
C ASP B 190 19.12 -9.32 34.05
N GLU B 191 19.55 -9.38 32.79
CA GLU B 191 19.84 -10.64 32.12
C GLU B 191 21.32 -10.82 31.81
N TYR B 192 22.10 -9.74 31.82
CA TYR B 192 23.54 -9.83 31.65
C TYR B 192 24.14 -10.58 32.83
N GLY B 193 25.01 -11.54 32.53
CA GLY B 193 25.65 -12.34 33.56
C GLY B 193 24.89 -13.57 34.00
N LYS B 194 23.55 -13.50 34.01
CA LYS B 194 22.77 -14.65 34.41
C LYS B 194 22.64 -15.65 33.27
N THR B 195 22.00 -15.24 32.17
CA THR B 195 21.79 -16.09 31.00
C THR B 195 22.22 -15.41 29.72
N LEU B 196 23.21 -14.52 29.75
CA LEU B 196 23.56 -13.76 28.57
C LEU B 196 25.00 -13.30 28.71
N PHE B 197 25.92 -13.99 28.02
CA PHE B 197 27.34 -13.63 28.00
C PHE B 197 27.70 -13.21 26.59
N PRO B 198 27.56 -11.93 26.24
CA PRO B 198 27.86 -11.50 24.87
C PRO B 198 29.34 -11.47 24.54
N VAL B 199 30.22 -11.50 25.53
CA VAL B 199 31.66 -11.57 25.31
C VAL B 199 32.18 -12.72 26.13
N ASP B 200 32.74 -13.73 25.45
CA ASP B 200 33.14 -14.98 26.07
C ASP B 200 34.52 -15.34 25.56
N PHE B 201 35.50 -15.35 26.46
CA PHE B 201 36.87 -15.64 26.06
C PHE B 201 37.31 -17.06 26.39
N ASN B 202 36.50 -17.85 27.08
CA ASN B 202 36.86 -19.23 27.37
C ASN B 202 36.46 -20.18 26.25
N HIS B 203 35.18 -20.20 25.91
CA HIS B 203 34.67 -21.01 24.81
C HIS B 203 34.70 -20.20 23.51
N ASP B 204 34.43 -20.87 22.40
CA ASP B 204 34.34 -20.23 21.11
C ASP B 204 32.94 -20.38 20.54
N ALA B 205 32.38 -19.28 20.06
CA ALA B 205 31.03 -19.30 19.53
C ALA B 205 30.99 -19.96 18.17
N ASP B 206 29.87 -20.63 17.88
CA ASP B 206 29.64 -21.27 16.60
C ASP B 206 28.79 -20.33 15.77
N TRP B 207 29.38 -19.73 14.75
CA TRP B 207 28.63 -18.79 13.93
C TRP B 207 27.95 -19.46 12.75
N LEU B 208 28.39 -20.66 12.35
CA LEU B 208 27.65 -21.40 11.34
C LEU B 208 26.31 -21.88 11.86
N LYS B 209 26.20 -22.16 13.15
CA LYS B 209 24.92 -22.54 13.72
C LYS B 209 24.03 -21.33 13.94
N ALA B 210 24.62 -20.15 14.10
CA ALA B 210 23.86 -18.94 14.28
C ALA B 210 23.35 -18.39 12.97
N LEU B 211 24.05 -18.64 11.87
CA LEU B 211 23.70 -18.00 10.61
C LEU B 211 23.11 -18.94 9.57
N PHE B 212 23.10 -20.25 9.81
CA PHE B 212 22.55 -21.20 8.85
C PHE B 212 21.82 -22.31 9.60
N LYS B 213 20.97 -23.04 8.87
CA LYS B 213 20.13 -24.05 9.49
C LYS B 213 19.85 -25.17 8.49
N THR B 214 19.03 -26.12 8.92
CA THR B 214 18.55 -27.21 8.10
C THR B 214 17.09 -26.97 7.77
N ALA B 215 16.77 -26.90 6.49
CA ALA B 215 15.45 -26.44 6.10
C ALA B 215 14.60 -27.57 5.56
N PRO B 216 13.28 -27.47 5.62
CA PRO B 216 12.41 -28.47 5.00
C PRO B 216 11.96 -28.13 3.59
N THR B 217 11.44 -29.17 2.92
CA THR B 217 10.91 -29.10 1.57
C THR B 217 9.81 -30.15 1.47
N SER B 218 8.67 -29.79 0.90
CA SER B 218 7.57 -30.74 0.74
C SER B 218 6.85 -30.44 -0.56
N GLN B 219 6.26 -31.47 -1.16
CA GLN B 219 5.42 -31.26 -2.32
C GLN B 219 4.44 -32.41 -2.45
N GLY B 220 3.37 -32.15 -3.19
CA GLY B 220 2.36 -33.18 -3.44
C GLY B 220 1.38 -32.78 -4.51
N ASP B 221 0.94 -33.72 -5.35
CA ASP B 221 -0.03 -33.37 -6.37
C ASP B 221 -0.90 -34.56 -6.74
N ILE B 222 -2.13 -34.26 -7.17
CA ILE B 222 -3.08 -35.25 -7.66
C ILE B 222 -3.38 -34.93 -9.10
N SER B 223 -3.34 -35.95 -9.96
CA SER B 223 -3.43 -35.72 -11.39
C SER B 223 -4.25 -36.79 -12.08
N PHE B 224 -5.22 -36.35 -12.87
CA PHE B 224 -6.16 -37.21 -13.59
C PHE B 224 -5.93 -37.05 -15.08
N SER B 225 -5.97 -38.15 -15.81
CA SER B 225 -5.72 -38.08 -17.25
C SER B 225 -6.61 -39.06 -17.97
N GLY B 226 -7.23 -38.62 -19.05
CA GLY B 226 -8.16 -39.54 -19.71
C GLY B 226 -8.40 -39.23 -21.16
N GLY B 227 -9.61 -39.46 -21.62
CA GLY B 227 -9.98 -39.13 -22.99
C GLY B 227 -10.78 -40.20 -23.69
N SER B 228 -11.68 -39.76 -24.54
CA SER B 228 -12.51 -40.59 -25.40
C SER B 228 -11.86 -40.72 -26.78
N GLN B 229 -12.64 -41.16 -27.77
CA GLN B 229 -12.12 -41.31 -29.11
C GLN B 229 -11.82 -39.97 -29.78
N GLY B 230 -12.55 -38.92 -29.44
CA GLY B 230 -12.28 -37.61 -30.00
C GLY B 230 -11.50 -36.70 -29.09
N THR B 231 -11.94 -36.57 -27.84
CA THR B 231 -11.43 -35.59 -26.90
C THR B 231 -10.38 -36.23 -26.00
N SER B 232 -9.73 -35.38 -25.21
CA SER B 232 -8.71 -35.80 -24.26
C SER B 232 -8.50 -34.69 -23.25
N TYR B 233 -8.21 -35.09 -22.02
CA TYR B 233 -8.04 -34.12 -20.93
C TYR B 233 -6.92 -34.58 -20.01
N TYR B 234 -6.26 -33.59 -19.40
CA TYR B 234 -5.27 -33.81 -18.36
C TYR B 234 -5.47 -32.71 -17.32
N ALA B 235 -5.84 -33.08 -16.10
CA ALA B 235 -6.02 -32.11 -15.03
C ALA B 235 -5.07 -32.43 -13.89
N SER B 236 -4.66 -31.39 -13.17
CA SER B 236 -3.64 -31.56 -12.14
C SER B 236 -3.77 -30.45 -11.13
N ILE B 237 -3.81 -30.79 -9.83
CA ILE B 237 -3.69 -29.78 -8.78
C ILE B 237 -2.53 -30.18 -7.87
N GLY B 238 -1.80 -29.19 -7.39
CA GLY B 238 -0.57 -29.48 -6.68
C GLY B 238 -0.21 -28.51 -5.59
N TYR B 239 0.97 -28.70 -5.01
CA TYR B 239 1.42 -27.93 -3.87
C TYR B 239 2.92 -28.12 -3.72
N PHE B 240 3.65 -27.03 -3.54
CA PHE B 240 5.10 -27.07 -3.38
C PHE B 240 5.52 -26.05 -2.34
N ASP B 241 6.48 -26.42 -1.49
CA ASP B 241 6.91 -25.58 -0.38
C ASP B 241 8.38 -25.83 -0.11
N GLN B 242 9.23 -24.81 -0.25
CA GLN B 242 10.64 -24.95 -0.01
C GLN B 242 11.13 -23.83 0.89
N GLU B 243 11.78 -24.20 1.99
CA GLU B 243 12.34 -23.22 2.92
C GLU B 243 13.82 -23.05 2.66
N GLY B 244 14.33 -21.86 2.97
CA GLY B 244 15.73 -21.58 2.73
C GLY B 244 16.59 -22.03 3.89
N MET B 245 17.83 -22.39 3.57
CA MET B 245 18.75 -22.95 4.55
C MET B 245 19.55 -21.91 5.31
N ALA B 246 19.26 -20.63 5.15
CA ALA B 246 19.88 -19.59 5.97
C ALA B 246 18.88 -19.08 7.00
N ARG B 247 19.39 -18.45 8.05
CA ARG B 247 18.50 -17.88 9.04
C ARG B 247 17.84 -16.61 8.54
N GLU B 248 18.45 -15.93 7.59
CA GLU B 248 17.78 -14.85 6.90
C GLU B 248 16.73 -15.46 5.98
N PRO B 249 15.44 -15.20 6.19
CA PRO B 249 14.43 -16.07 5.61
C PRO B 249 14.22 -15.82 4.13
N ALA B 250 14.10 -16.92 3.41
CA ALA B 250 13.80 -16.93 1.99
C ALA B 250 13.00 -18.19 1.76
N ASN B 251 11.91 -18.09 1.02
CA ASN B 251 11.05 -19.23 0.84
C ASN B 251 10.37 -19.13 -0.51
N PHE B 252 9.98 -20.29 -1.03
CA PHE B 252 9.14 -20.33 -2.22
C PHE B 252 7.98 -21.26 -1.90
N LYS B 253 6.77 -20.86 -2.25
CA LYS B 253 5.60 -21.69 -1.97
C LYS B 253 4.56 -21.45 -3.04
N ARG B 254 4.00 -22.52 -3.61
CA ARG B 254 3.00 -22.30 -4.64
C ARG B 254 1.95 -23.39 -4.62
N TYR B 255 0.73 -22.99 -4.97
CA TYR B 255 -0.41 -23.87 -5.18
C TYR B 255 -0.84 -23.69 -6.62
N SER B 256 -0.67 -24.73 -7.44
CA SER B 256 -0.81 -24.68 -8.88
C SER B 256 -2.02 -25.46 -9.33
N GLY B 257 -2.41 -25.25 -10.57
CA GLY B 257 -3.48 -26.01 -11.19
C GLY B 257 -3.31 -25.97 -12.70
N ARG B 258 -3.75 -27.03 -13.37
CA ARG B 258 -3.63 -27.09 -14.81
C ARG B 258 -4.74 -27.95 -15.40
N LEU B 259 -5.38 -27.47 -16.46
CA LEU B 259 -6.29 -28.27 -17.26
C LEU B 259 -5.90 -28.14 -18.72
N ASN B 260 -5.43 -29.22 -19.32
CA ASN B 260 -5.20 -29.28 -20.76
C ASN B 260 -6.34 -30.06 -21.39
N PHE B 261 -6.96 -29.48 -22.40
CA PHE B 261 -8.14 -30.05 -23.00
C PHE B 261 -7.98 -29.99 -24.51
N GLU B 262 -8.45 -31.01 -25.20
CA GLU B 262 -8.26 -31.07 -26.64
C GLU B 262 -9.42 -31.85 -27.23
N SER B 263 -10.07 -31.29 -28.24
CA SER B 263 -11.30 -31.90 -28.70
C SER B 263 -11.41 -31.82 -30.21
N ARG B 264 -11.86 -32.91 -30.81
CA ARG B 264 -12.18 -32.97 -32.23
C ARG B 264 -13.68 -32.76 -32.36
N ILE B 265 -14.08 -31.61 -32.90
CA ILE B 265 -15.49 -31.26 -32.95
C ILE B 265 -16.20 -32.05 -34.05
N ASN B 266 -15.73 -31.90 -35.27
CA ASN B 266 -16.31 -32.56 -36.42
C ASN B 266 -15.20 -32.78 -37.43
N GLU B 267 -15.56 -33.07 -38.68
CA GLU B 267 -14.54 -33.50 -39.62
C GLU B 267 -13.71 -32.35 -40.20
N TRP B 268 -13.93 -31.11 -39.79
CA TRP B 268 -13.06 -30.03 -40.26
C TRP B 268 -12.55 -29.13 -39.14
N LEU B 269 -12.87 -29.41 -37.87
CA LEU B 269 -12.53 -28.49 -36.81
C LEU B 269 -11.93 -29.24 -35.63
N LYS B 270 -10.93 -28.64 -35.01
CA LYS B 270 -10.30 -29.21 -33.81
C LYS B 270 -9.92 -28.07 -32.89
N VAL B 271 -10.45 -28.07 -31.66
CA VAL B 271 -10.19 -26.96 -30.75
C VAL B 271 -9.44 -27.47 -29.54
N GLY B 272 -8.82 -26.54 -28.82
CA GLY B 272 -8.07 -26.94 -27.65
C GLY B 272 -7.70 -25.78 -26.77
N ALA B 273 -7.38 -26.08 -25.53
CA ALA B 273 -7.08 -25.07 -24.51
C ALA B 273 -6.08 -25.64 -23.52
N ASN B 274 -5.23 -24.79 -22.99
CA ASN B 274 -4.25 -25.15 -21.96
C ASN B 274 -4.32 -24.13 -20.85
N LEU B 275 -5.19 -24.34 -19.88
CA LEU B 275 -5.42 -23.34 -18.84
C LEU B 275 -4.56 -23.66 -17.63
N SER B 276 -3.95 -22.63 -17.06
CA SER B 276 -3.08 -22.82 -15.91
C SER B 276 -3.21 -21.63 -14.99
N GLY B 277 -2.90 -21.85 -13.72
CA GLY B 277 -2.91 -20.77 -12.76
C GLY B 277 -2.20 -21.19 -11.49
N ALA B 278 -1.82 -20.20 -10.71
CA ALA B 278 -1.13 -20.48 -9.46
C ALA B 278 -1.33 -19.34 -8.48
N ILE B 279 -1.17 -19.67 -7.21
CA ILE B 279 -1.01 -18.71 -6.13
C ILE B 279 0.34 -18.97 -5.50
N ALA B 280 1.24 -17.98 -5.55
CA ALA B 280 2.60 -18.21 -5.10
C ALA B 280 3.06 -17.12 -4.14
N ASN B 281 3.81 -17.54 -3.14
CA ASN B 281 4.47 -16.65 -2.19
C ASN B 281 5.97 -16.82 -2.35
N ARG B 282 6.66 -15.73 -2.71
CA ARG B 282 8.10 -15.69 -2.79
C ARG B 282 8.67 -14.82 -1.68
N ARG B 283 9.90 -15.10 -1.29
CA ARG B 283 10.68 -14.20 -0.44
C ARG B 283 12.14 -14.53 -0.64
N SER B 284 12.96 -13.54 -0.95
CA SER B 284 14.37 -13.79 -1.23
C SER B 284 15.26 -13.15 -0.16
N ALA B 285 16.34 -13.83 0.18
CA ALA B 285 17.35 -13.30 1.10
C ALA B 285 18.14 -12.25 0.34
N ASP B 286 17.90 -10.98 0.68
CA ASP B 286 18.24 -9.88 -0.21
C ASP B 286 19.39 -9.05 0.37
N TYR B 287 20.20 -9.68 1.23
CA TYR B 287 21.43 -9.09 1.73
C TYR B 287 22.66 -9.84 1.27
N PHE B 288 22.51 -10.97 0.60
CA PHE B 288 23.64 -11.75 0.10
C PHE B 288 24.21 -11.10 -1.14
N GLY B 289 25.50 -11.30 -1.37
CA GLY B 289 26.18 -10.67 -2.46
C GLY B 289 26.91 -9.40 -2.09
N LYS B 290 26.79 -8.94 -0.85
CA LYS B 290 27.43 -7.74 -0.38
C LYS B 290 28.06 -8.03 0.97
N TYR B 291 28.95 -7.16 1.43
CA TYR B 291 29.65 -7.36 2.68
C TYR B 291 29.08 -6.46 3.75
N TYR B 292 28.43 -7.06 4.73
CA TYR B 292 28.04 -6.43 5.97
C TYR B 292 28.78 -7.14 7.08
N MET B 293 28.42 -6.86 8.34
CA MET B 293 29.26 -7.34 9.42
C MET B 293 28.97 -8.79 9.77
N GLY B 294 27.77 -9.08 10.25
CA GLY B 294 27.49 -10.43 10.70
C GLY B 294 26.49 -11.11 9.80
N SER B 295 26.65 -10.92 8.50
CA SER B 295 25.70 -11.37 7.51
C SER B 295 26.35 -12.34 6.54
N GLY B 296 25.69 -13.45 6.26
CA GLY B 296 26.08 -14.32 5.17
C GLY B 296 27.23 -15.25 5.52
N THR B 297 27.86 -15.81 4.49
CA THR B 297 29.04 -16.65 4.70
C THR B 297 30.26 -15.82 5.07
N PHE B 298 30.30 -14.56 4.66
CA PHE B 298 31.28 -13.61 5.17
C PHE B 298 31.14 -13.45 6.68
N GLY B 299 29.93 -13.56 7.21
CA GLY B 299 29.74 -13.49 8.64
C GLY B 299 30.16 -14.74 9.37
N VAL B 300 30.05 -15.91 8.74
CA VAL B 300 30.54 -17.11 9.40
C VAL B 300 32.05 -17.16 9.34
N LEU B 301 32.66 -16.48 8.36
CA LEU B 301 34.11 -16.52 8.27
C LEU B 301 34.77 -15.48 9.16
N THR B 302 34.25 -14.26 9.19
CA THR B 302 34.99 -13.13 9.70
C THR B 302 34.55 -12.60 11.05
N MET B 303 33.50 -13.12 11.67
CA MET B 303 33.14 -12.63 12.98
C MET B 303 34.12 -13.16 14.02
N PRO B 304 34.56 -12.33 14.97
CA PRO B 304 35.50 -12.79 15.99
C PRO B 304 34.85 -13.82 16.89
N ARG B 305 35.60 -14.87 17.19
CA ARG B 305 35.02 -16.03 17.85
C ARG B 305 34.78 -15.81 19.34
N TYR B 306 35.22 -14.69 19.90
CA TYR B 306 34.90 -14.35 21.28
C TYR B 306 33.65 -13.49 21.41
N TYR B 307 32.80 -13.47 20.39
CA TYR B 307 31.51 -12.78 20.42
C TYR B 307 30.43 -13.84 20.35
N ASN B 308 29.62 -13.92 21.39
CA ASN B 308 28.66 -15.00 21.54
C ASN B 308 27.26 -14.51 21.21
N PRO B 309 26.57 -15.07 20.23
CA PRO B 309 25.17 -14.72 19.97
C PRO B 309 24.14 -15.61 20.66
N PHE B 310 24.55 -16.49 21.55
CA PHE B 310 23.68 -17.53 22.10
C PHE B 310 23.33 -17.22 23.55
N ASP B 311 22.61 -18.16 24.17
CA ASP B 311 22.24 -18.17 25.56
C ASP B 311 23.07 -19.21 26.31
N VAL B 312 22.73 -19.44 27.58
CA VAL B 312 23.32 -20.55 28.29
C VAL B 312 22.59 -21.86 28.01
N ASN B 313 21.39 -21.80 27.43
CA ASN B 313 20.69 -23.01 27.03
C ASN B 313 21.18 -23.54 25.69
N GLY B 314 21.92 -22.74 24.93
CA GLY B 314 22.31 -23.09 23.59
C GLY B 314 21.42 -22.51 22.52
N ASP B 315 20.37 -21.79 22.89
CA ASP B 315 19.48 -21.21 21.91
C ASP B 315 19.98 -19.82 21.53
N LEU B 316 19.46 -19.31 20.43
CA LEU B 316 19.92 -18.05 19.87
C LEU B 316 19.27 -16.91 20.63
N ALA B 317 20.04 -15.86 20.91
CA ALA B 317 19.54 -14.72 21.65
C ALA B 317 18.80 -13.77 20.72
N ASP B 318 18.50 -12.57 21.23
CA ASP B 318 17.91 -11.54 20.40
C ASP B 318 18.93 -10.54 19.89
N VAL B 319 20.05 -10.36 20.60
CA VAL B 319 21.05 -9.36 20.25
C VAL B 319 22.42 -9.95 20.50
N TYR B 320 23.46 -9.29 19.98
CA TYR B 320 24.83 -9.55 20.37
C TYR B 320 25.58 -8.23 20.49
N TYR B 321 26.85 -8.30 20.87
CA TYR B 321 27.67 -7.13 21.11
C TYR B 321 28.86 -7.12 20.17
N MET B 322 29.22 -5.94 19.69
CA MET B 322 30.48 -5.69 19.01
C MET B 322 31.06 -4.41 19.58
N TYR B 323 32.36 -4.41 19.84
CA TYR B 323 32.94 -3.35 20.65
C TYR B 323 32.99 -2.02 19.92
N GLY B 324 32.62 -0.97 20.62
CA GLY B 324 32.51 0.35 20.06
C GLY B 324 31.11 0.73 19.66
N ALA B 325 30.18 -0.22 19.65
CA ALA B 325 28.83 0.04 19.19
C ALA B 325 28.08 0.89 20.20
N THR B 326 27.04 1.54 19.71
CA THR B 326 26.18 2.39 20.54
C THR B 326 24.83 1.79 20.81
N ARG B 327 24.47 0.71 20.11
CA ARG B 327 23.27 -0.04 20.36
C ARG B 327 23.57 -1.50 20.06
N PRO B 328 22.80 -2.44 20.58
CA PRO B 328 23.04 -3.84 20.26
C PRO B 328 22.65 -4.15 18.83
N SER B 329 23.19 -5.25 18.33
CA SER B 329 23.00 -5.68 16.97
C SER B 329 22.07 -6.87 16.95
N MET B 330 20.98 -6.77 16.20
CA MET B 330 19.98 -7.82 16.21
C MET B 330 20.45 -9.03 15.44
N THR B 331 20.09 -10.21 15.92
CA THR B 331 20.42 -11.46 15.24
C THR B 331 19.49 -11.64 14.04
N GLU B 332 19.63 -12.73 13.31
CA GLU B 332 18.74 -12.90 12.17
C GLU B 332 17.29 -13.28 12.48
N PRO B 333 16.96 -14.18 13.43
CA PRO B 333 15.54 -14.43 13.72
C PRO B 333 14.82 -13.26 14.36
N TYR B 334 15.54 -12.35 15.01
CA TYR B 334 14.90 -11.19 15.59
C TYR B 334 14.79 -10.05 14.60
N PHE B 335 15.75 -9.91 13.69
CA PHE B 335 15.63 -8.91 12.64
C PHE B 335 14.56 -9.30 11.64
N ALA B 336 14.30 -10.59 11.47
CA ALA B 336 13.22 -11.01 10.59
C ALA B 336 11.84 -10.95 11.25
N LYS B 337 11.78 -10.67 12.55
CA LYS B 337 10.53 -10.57 13.28
C LYS B 337 10.07 -9.14 13.45
N MET B 338 11.01 -8.20 13.43
CA MET B 338 10.71 -6.78 13.47
C MET B 338 10.69 -6.15 12.10
N ARG B 339 11.05 -6.89 11.05
CA ARG B 339 10.85 -6.46 9.67
C ARG B 339 10.12 -7.55 8.90
N PRO B 340 8.79 -7.60 8.98
CA PRO B 340 8.05 -8.60 8.21
C PRO B 340 7.96 -8.24 6.74
N PHE B 341 7.69 -9.25 5.92
CA PHE B 341 7.57 -9.07 4.48
C PHE B 341 6.71 -10.18 3.92
N SER B 342 5.57 -9.85 3.34
CA SER B 342 4.75 -10.83 2.67
C SER B 342 4.57 -10.46 1.21
N SER B 343 4.53 -11.49 0.36
CA SER B 343 4.22 -11.33 -1.06
C SER B 343 3.13 -12.33 -1.43
N GLU B 344 2.16 -11.92 -2.24
CA GLU B 344 1.21 -12.87 -2.78
C GLU B 344 0.97 -12.57 -4.24
N SER B 345 1.24 -13.53 -5.11
CA SER B 345 1.16 -13.32 -6.54
C SER B 345 0.19 -14.32 -7.13
N HIS B 346 -0.80 -13.81 -7.86
CA HIS B 346 -1.77 -14.62 -8.57
C HIS B 346 -1.42 -14.65 -10.05
N GLN B 347 -1.34 -15.84 -10.63
CA GLN B 347 -0.89 -16.00 -12.00
C GLN B 347 -1.91 -16.81 -12.78
N ALA B 348 -2.21 -16.39 -14.02
CA ALA B 348 -3.10 -17.15 -14.88
C ALA B 348 -2.59 -17.11 -16.31
N ASN B 349 -2.41 -18.28 -16.92
CA ASN B 349 -2.00 -18.38 -18.32
C ASN B 349 -3.08 -19.15 -19.06
N VAL B 350 -3.78 -18.51 -19.99
CA VAL B 350 -4.80 -19.20 -20.77
C VAL B 350 -4.42 -19.13 -22.26
N ASN B 351 -4.20 -20.30 -22.84
CA ASN B 351 -3.91 -20.46 -24.27
C ASN B 351 -5.08 -21.11 -24.95
N GLY B 352 -5.11 -21.06 -26.26
CA GLY B 352 -6.17 -21.74 -26.98
C GLY B 352 -5.92 -21.73 -28.45
N PHE B 353 -6.41 -22.76 -29.13
CA PHE B 353 -6.21 -22.84 -30.57
C PHE B 353 -7.43 -23.46 -31.24
N ALA B 354 -7.57 -23.13 -32.52
CA ALA B 354 -8.58 -23.68 -33.41
C ALA B 354 -7.92 -24.03 -34.73
N GLN B 355 -8.09 -25.28 -35.16
CA GLN B 355 -7.41 -25.82 -36.33
C GLN B 355 -8.45 -26.32 -37.32
N ILE B 356 -8.35 -25.87 -38.57
CA ILE B 356 -9.36 -26.09 -39.59
C ILE B 356 -8.71 -26.73 -40.81
N THR B 357 -9.25 -27.86 -41.26
CA THR B 357 -8.79 -28.51 -42.48
C THR B 357 -9.95 -28.49 -43.49
N PRO B 358 -10.09 -27.44 -44.29
CA PRO B 358 -11.19 -27.36 -45.25
C PRO B 358 -11.09 -28.41 -46.35
N ILE B 359 -9.96 -28.43 -47.04
CA ILE B 359 -9.70 -29.42 -48.08
C ILE B 359 -8.57 -30.31 -47.60
N LYS B 360 -8.30 -31.38 -48.34
CA LYS B 360 -7.14 -32.18 -48.03
C LYS B 360 -5.89 -31.43 -48.46
N GLY B 361 -4.85 -31.48 -47.64
CA GLY B 361 -3.77 -30.54 -47.81
C GLY B 361 -3.71 -29.49 -46.71
N LEU B 362 -4.19 -28.29 -47.00
CA LEU B 362 -3.94 -27.14 -46.14
C LEU B 362 -4.68 -27.22 -44.82
N THR B 363 -4.10 -26.57 -43.80
CA THR B 363 -4.50 -26.65 -42.41
C THR B 363 -4.35 -25.28 -41.77
N LEU B 364 -5.43 -24.51 -41.76
CA LEU B 364 -5.42 -23.17 -41.16
C LEU B 364 -5.49 -23.28 -39.64
N LYS B 365 -4.47 -22.80 -38.95
CA LYS B 365 -4.44 -22.85 -37.49
C LYS B 365 -4.37 -21.44 -36.93
N ALA B 366 -5.21 -21.17 -35.95
CA ALA B 366 -5.19 -19.90 -35.23
C ALA B 366 -4.97 -20.20 -33.76
N GLN B 367 -4.18 -19.35 -33.10
CA GLN B 367 -3.79 -19.58 -31.73
C GLN B 367 -3.71 -18.25 -31.02
N ALA B 368 -4.22 -18.19 -29.79
CA ALA B 368 -4.21 -16.94 -29.05
C ALA B 368 -4.09 -17.24 -27.57
N GLY B 369 -3.44 -16.36 -26.84
CA GLY B 369 -3.28 -16.60 -25.42
C GLY B 369 -2.88 -15.36 -24.66
N VAL B 370 -3.11 -15.40 -23.35
CA VAL B 370 -2.79 -14.27 -22.48
C VAL B 370 -2.23 -14.80 -21.16
N ASP B 371 -1.23 -14.11 -20.64
CA ASP B 371 -0.62 -14.38 -19.35
C ASP B 371 -0.81 -13.16 -18.47
N ILE B 372 -1.37 -13.34 -17.29
CA ILE B 372 -1.72 -12.25 -16.40
C ILE B 372 -1.17 -12.52 -15.02
N THR B 373 -0.38 -11.60 -14.49
CA THR B 373 0.19 -11.71 -13.15
C THR B 373 -0.22 -10.49 -12.34
N ASN B 374 -0.69 -10.72 -11.11
CA ASN B 374 -1.08 -9.65 -10.20
C ASN B 374 -0.38 -9.93 -8.88
N THR B 375 0.65 -9.16 -8.56
CA THR B 375 1.44 -9.36 -7.35
C THR B 375 1.12 -8.27 -6.35
N ARG B 376 1.16 -8.61 -5.07
CA ARG B 376 0.82 -7.63 -4.05
C ARG B 376 1.71 -7.91 -2.85
N THR B 377 2.65 -6.99 -2.57
CA THR B 377 3.65 -7.22 -1.53
C THR B 377 3.58 -6.12 -0.48
N SER B 378 3.97 -6.46 0.74
CA SER B 378 3.88 -5.56 1.88
C SER B 378 5.05 -5.80 2.81
N SER B 379 5.56 -4.72 3.39
CA SER B 379 6.66 -4.81 4.32
C SER B 379 6.45 -3.82 5.43
N LYS B 380 6.99 -4.12 6.61
CA LYS B 380 6.82 -3.27 7.78
C LYS B 380 8.15 -3.05 8.47
N ARG B 381 8.12 -2.12 9.41
CA ARG B 381 9.22 -1.82 10.32
C ARG B 381 8.51 -1.58 11.64
N MET B 382 8.54 -2.57 12.52
CA MET B 382 7.57 -2.63 13.61
C MET B 382 7.91 -1.59 14.67
N PRO B 383 6.91 -0.93 15.26
CA PRO B 383 7.18 0.08 16.26
C PRO B 383 7.49 -0.55 17.60
N ASN B 384 7.93 0.30 18.53
CA ASN B 384 8.28 -0.07 19.91
C ASN B 384 9.35 -1.15 19.95
N ASN B 385 10.46 -0.88 19.28
CA ASN B 385 11.60 -1.77 19.23
C ASN B 385 12.69 -1.16 20.08
N PRO B 386 13.18 -1.84 21.13
CA PRO B 386 14.19 -1.20 21.99
C PRO B 386 15.53 -1.05 21.33
N TYR B 387 15.86 -1.91 20.36
CA TYR B 387 17.18 -1.98 19.77
C TYR B 387 17.22 -1.32 18.40
N ASP B 388 16.44 -0.25 18.23
CA ASP B 388 16.28 0.46 16.96
C ASP B 388 16.75 1.90 17.15
N SER B 389 16.69 2.67 16.06
CA SER B 389 17.05 4.07 16.14
C SER B 389 15.86 4.94 16.52
N THR B 390 14.65 4.43 16.36
CA THR B 390 13.43 5.18 16.63
C THR B 390 12.34 4.23 17.12
N PRO B 391 11.45 4.69 18.00
CA PRO B 391 10.36 3.82 18.44
C PRO B 391 9.16 3.80 17.52
N LEU B 392 9.23 4.47 16.38
CA LEU B 392 8.14 4.59 15.44
C LEU B 392 8.33 3.62 14.29
N GLY B 393 7.22 3.14 13.75
CA GLY B 393 7.27 2.15 12.71
C GLY B 393 6.80 2.64 11.37
N GLU B 394 7.09 1.90 10.31
CA GLU B 394 6.73 2.24 8.94
C GLU B 394 6.09 1.05 8.26
N ARG B 395 5.44 1.30 7.13
CA ARG B 395 4.80 0.25 6.36
C ARG B 395 4.76 0.67 4.90
N ARG B 396 5.07 -0.25 3.99
CA ARG B 396 5.09 0.03 2.57
C ARG B 396 4.35 -1.07 1.82
N GLU B 397 3.41 -0.68 0.95
CA GLU B 397 2.60 -1.62 0.18
C GLU B 397 2.74 -1.34 -1.31
N ARG B 398 3.05 -2.37 -2.09
CA ARG B 398 3.19 -2.26 -3.54
C ARG B 398 2.24 -3.23 -4.25
N ALA B 399 1.78 -2.84 -5.44
CA ALA B 399 0.89 -3.64 -6.26
C ALA B 399 1.41 -3.69 -7.69
N TYR B 400 1.87 -4.85 -8.13
CA TYR B 400 2.42 -5.05 -9.47
C TYR B 400 1.40 -5.74 -10.37
N ARG B 401 1.44 -5.45 -11.66
CA ARG B 401 0.56 -6.08 -12.64
C ARG B 401 1.29 -6.24 -13.95
N ASP B 402 1.31 -7.45 -14.51
CA ASP B 402 1.85 -7.73 -15.85
C ASP B 402 0.79 -8.41 -16.69
N VAL B 403 0.69 -8.05 -17.95
CA VAL B 403 -0.25 -8.66 -18.89
C VAL B 403 0.46 -8.82 -20.23
N SER B 404 0.48 -10.04 -20.76
CA SER B 404 1.14 -10.34 -22.03
C SER B 404 0.19 -11.09 -22.94
N LYS B 405 0.01 -10.60 -24.16
CA LYS B 405 -0.87 -11.22 -25.14
C LYS B 405 -0.06 -11.76 -26.31
N SER B 406 -0.58 -12.80 -26.96
CA SER B 406 0.07 -13.26 -28.17
C SER B 406 -0.96 -13.89 -29.09
N PHE B 407 -0.74 -13.70 -30.39
CA PHE B 407 -1.57 -14.26 -31.45
C PHE B 407 -0.65 -14.86 -32.50
N THR B 408 -1.00 -16.04 -33.00
CA THR B 408 -0.21 -16.71 -34.03
C THR B 408 -1.14 -17.42 -35.00
N ASN B 409 -1.06 -17.07 -36.28
CA ASN B 409 -1.98 -17.59 -37.29
C ASN B 409 -1.18 -18.14 -38.46
N THR B 410 -1.18 -19.45 -38.65
CA THR B 410 -0.45 -20.06 -39.74
C THR B 410 -1.38 -20.81 -40.68
N ALA B 411 -0.87 -21.08 -41.87
CA ALA B 411 -1.59 -21.82 -42.91
C ALA B 411 -0.60 -22.67 -43.68
N GLU B 412 -0.67 -23.98 -43.51
CA GLU B 412 0.29 -24.91 -44.09
C GLU B 412 -0.38 -25.79 -45.12
N TYR B 413 0.19 -25.85 -46.32
CA TYR B 413 -0.33 -26.67 -47.42
C TYR B 413 0.72 -27.71 -47.80
N LYS B 414 0.39 -28.98 -47.60
CA LYS B 414 1.32 -30.08 -47.80
C LYS B 414 0.82 -30.99 -48.91
N PHE B 415 1.67 -31.26 -49.90
CA PHE B 415 1.24 -32.04 -51.05
C PHE B 415 2.42 -32.83 -51.62
N SER B 416 2.12 -33.61 -52.65
CA SER B 416 3.10 -34.47 -53.31
C SER B 416 2.99 -34.25 -54.81
N ILE B 417 4.03 -33.66 -55.40
CA ILE B 417 3.94 -33.24 -56.80
C ILE B 417 4.14 -34.44 -57.74
N ASP B 418 4.63 -35.55 -57.23
CA ASP B 418 4.83 -36.76 -58.02
C ASP B 418 4.68 -37.92 -57.04
N GLU B 419 5.14 -39.11 -57.41
CA GLU B 419 5.14 -40.21 -56.46
C GLU B 419 6.21 -40.04 -55.39
N LYS B 420 7.41 -39.63 -55.78
CA LYS B 420 8.56 -39.60 -54.89
C LYS B 420 9.09 -38.20 -54.63
N HIS B 421 8.26 -37.17 -54.77
CA HIS B 421 8.68 -35.79 -54.50
C HIS B 421 7.68 -35.19 -53.52
N ASP B 422 8.12 -34.92 -52.30
CA ASP B 422 7.28 -34.33 -51.30
C ASP B 422 7.61 -32.85 -51.13
N LEU B 423 6.59 -32.02 -50.99
CA LEU B 423 6.80 -30.61 -50.70
C LEU B 423 5.90 -30.20 -49.56
N THR B 424 6.26 -29.09 -48.92
CA THR B 424 5.47 -28.52 -47.83
C THR B 424 5.72 -27.03 -47.80
N ALA B 425 4.64 -26.24 -47.73
CA ALA B 425 4.74 -24.78 -47.70
C ALA B 425 4.01 -24.28 -46.47
N LEU B 426 4.63 -23.37 -45.73
CA LEU B 426 4.04 -22.80 -44.53
C LEU B 426 4.26 -21.31 -44.52
N MET B 427 3.23 -20.55 -44.15
CA MET B 427 3.35 -19.12 -43.96
C MET B 427 2.61 -18.74 -42.69
N GLY B 428 3.02 -17.65 -42.06
CA GLY B 428 2.48 -17.35 -40.75
C GLY B 428 2.72 -15.94 -40.29
N HIS B 429 2.00 -15.60 -39.23
CA HIS B 429 1.95 -14.27 -38.64
C HIS B 429 2.04 -14.40 -37.13
N GLU B 430 2.67 -13.42 -36.47
CA GLU B 430 2.84 -13.50 -35.02
C GLU B 430 2.90 -12.11 -34.40
N TYR B 431 2.08 -11.87 -33.38
CA TYR B 431 2.03 -10.57 -32.70
C TYR B 431 2.16 -10.78 -31.20
N ILE B 432 3.19 -10.21 -30.59
CA ILE B 432 3.43 -10.33 -29.16
C ILE B 432 3.37 -8.94 -28.54
N GLU B 433 2.79 -8.84 -27.36
CA GLU B 433 2.57 -7.56 -26.71
C GLU B 433 2.78 -7.71 -25.22
N TYR B 434 3.14 -6.63 -24.55
CA TYR B 434 3.36 -6.64 -23.12
C TYR B 434 3.07 -5.26 -22.57
N GLU B 435 2.48 -5.20 -21.38
CA GLU B 435 2.41 -3.97 -20.61
C GLU B 435 2.42 -4.32 -19.14
N GLY B 436 3.08 -3.50 -18.35
CA GLY B 436 3.22 -3.76 -16.93
C GLY B 436 3.38 -2.47 -16.16
N ASP B 437 2.88 -2.44 -14.93
CA ASP B 437 3.04 -1.27 -14.09
C ASP B 437 3.22 -1.68 -12.63
N VAL B 438 3.87 -0.82 -11.88
CA VAL B 438 4.01 -0.93 -10.43
C VAL B 438 3.49 0.37 -9.82
N ILE B 439 2.60 0.25 -8.85
CA ILE B 439 2.15 1.38 -8.05
C ILE B 439 2.56 1.09 -6.62
N GLY B 440 2.86 2.14 -5.86
CA GLY B 440 3.37 1.91 -4.50
C GLY B 440 3.13 3.09 -3.59
N ALA B 441 2.90 2.80 -2.33
CA ALA B 441 2.60 3.82 -1.33
C ALA B 441 3.25 3.45 -0.01
N SER B 442 3.49 4.45 0.82
CA SER B 442 4.24 4.28 2.04
C SER B 442 3.68 5.16 3.13
N SER B 443 4.05 4.86 4.37
CA SER B 443 3.55 5.58 5.52
C SER B 443 4.51 5.36 6.67
N LYS B 444 4.73 6.39 7.47
CA LYS B 444 5.66 6.27 8.58
C LYS B 444 5.11 7.01 9.77
N GLY B 445 5.50 6.57 10.95
CA GLY B 445 5.08 7.20 12.17
C GLY B 445 4.04 6.43 12.97
N PHE B 446 4.06 5.12 12.90
CA PHE B 446 3.10 4.35 13.69
C PHE B 446 3.64 4.09 15.07
N GLU B 447 2.72 3.99 16.04
CA GLU B 447 3.07 3.85 17.45
C GLU B 447 2.54 2.59 18.10
N SER B 448 1.56 1.91 17.51
CA SER B 448 1.11 0.63 18.02
C SER B 448 0.93 -0.33 16.87
N ASP B 449 1.15 -1.62 17.13
CA ASP B 449 1.21 -2.58 16.05
C ASP B 449 -0.15 -3.04 15.57
N LYS B 450 -1.22 -2.58 16.20
CA LYS B 450 -2.56 -2.91 15.73
C LYS B 450 -3.17 -1.79 14.91
N LEU B 451 -2.75 -0.57 15.14
CA LEU B 451 -3.17 0.58 14.36
C LEU B 451 -2.14 0.89 13.28
N MET B 452 -1.94 -0.03 12.34
CA MET B 452 -0.93 0.11 11.31
C MET B 452 -1.49 0.00 9.90
N LEU B 453 -2.70 0.47 9.66
CA LEU B 453 -3.14 0.72 8.31
C LEU B 453 -2.35 1.87 7.70
N LEU B 454 -2.34 1.93 6.37
CA LEU B 454 -1.53 2.91 5.68
C LEU B 454 -2.10 4.32 5.78
N SER B 455 -3.37 4.46 6.12
CA SER B 455 -4.01 5.75 6.30
C SER B 455 -3.90 6.29 7.71
N GLN B 456 -3.03 5.71 8.55
CA GLN B 456 -2.95 6.07 9.95
C GLN B 456 -1.54 6.48 10.35
N GLY B 457 -0.82 7.14 9.46
CA GLY B 457 0.50 7.64 9.76
C GLY B 457 0.43 9.10 10.17
N LYS B 458 1.61 9.63 10.51
CA LYS B 458 1.72 11.05 10.80
C LYS B 458 1.52 11.85 9.52
N THR B 459 1.08 13.09 9.68
CA THR B 459 0.46 13.84 8.59
C THR B 459 1.14 15.19 8.37
N GLY B 460 2.43 15.27 8.63
CA GLY B 460 3.09 16.54 8.44
C GLY B 460 4.24 16.48 7.47
N ASN B 461 5.45 16.49 8.01
CA ASN B 461 6.66 16.21 7.28
C ASN B 461 6.98 14.73 7.23
N SER B 462 6.11 13.89 7.75
CA SER B 462 6.24 12.45 7.65
C SER B 462 5.62 11.88 6.40
N LEU B 463 5.03 12.73 5.57
CA LEU B 463 4.44 12.25 4.33
C LEU B 463 5.53 12.15 3.27
N SER B 464 5.30 11.29 2.30
CA SER B 464 6.28 11.04 1.26
C SER B 464 5.56 10.96 -0.08
N LEU B 465 6.29 10.63 -1.09
CA LEU B 465 5.83 10.64 -2.46
C LEU B 465 5.68 9.21 -2.96
N PRO B 466 4.62 8.88 -3.72
CA PRO B 466 4.39 7.49 -4.10
C PRO B 466 5.39 6.96 -5.12
N GLU B 467 5.22 5.71 -5.53
CA GLU B 467 6.07 5.12 -6.55
C GLU B 467 5.20 4.66 -7.71
N HIS B 468 5.76 4.73 -8.91
CA HIS B 468 5.03 4.39 -10.12
C HIS B 468 6.04 4.09 -11.21
N ARG B 469 5.88 2.96 -11.89
CA ARG B 469 6.77 2.57 -12.97
C ARG B 469 6.00 1.81 -14.04
N VAL B 470 6.07 2.27 -15.30
CA VAL B 470 5.37 1.64 -16.41
C VAL B 470 6.38 1.18 -17.45
N ALA B 471 6.14 0.00 -18.05
CA ALA B 471 6.94 -0.50 -19.16
C ALA B 471 6.04 -1.22 -20.15
N GLU B 472 6.44 -1.21 -21.42
CA GLU B 472 5.70 -1.93 -22.46
C GLU B 472 6.57 -2.14 -23.70
N TYR B 473 6.23 -3.16 -24.47
CA TYR B 473 6.83 -3.41 -25.77
C TYR B 473 5.82 -4.13 -26.65
N ALA B 474 6.28 -4.56 -27.83
CA ALA B 474 5.49 -5.23 -28.87
C ALA B 474 6.43 -5.75 -29.94
N TYR B 475 6.07 -6.88 -30.54
CA TYR B 475 6.78 -7.49 -31.66
C TYR B 475 5.77 -7.87 -32.72
N LEU B 476 6.08 -7.59 -33.98
CA LEU B 476 5.29 -8.05 -35.12
C LEU B 476 6.20 -8.87 -36.01
N SER B 477 5.68 -9.95 -36.56
CA SER B 477 6.55 -10.84 -37.32
C SER B 477 5.75 -11.61 -38.35
N PHE B 478 6.38 -11.87 -39.49
CA PHE B 478 5.84 -12.72 -40.53
C PHE B 478 6.89 -13.74 -40.91
N PHE B 479 6.46 -14.95 -41.26
CA PHE B 479 7.47 -15.95 -41.62
C PHE B 479 6.92 -16.90 -42.67
N SER B 480 7.84 -17.65 -43.29
CA SER B 480 7.48 -18.69 -44.23
C SER B 480 8.59 -19.72 -44.27
N ARG B 481 8.19 -20.99 -44.36
CA ARG B 481 9.12 -22.12 -44.35
C ARG B 481 8.70 -23.15 -45.38
N PHE B 482 9.64 -23.58 -46.21
CA PHE B 482 9.37 -24.56 -47.27
C PHE B 482 10.25 -25.78 -47.05
N ASN B 483 9.69 -26.96 -47.31
CA ASN B 483 10.40 -28.21 -47.18
C ASN B 483 10.26 -29.02 -48.46
N TYR B 484 11.32 -29.74 -48.83
CA TYR B 484 11.34 -30.58 -50.01
C TYR B 484 12.07 -31.87 -49.68
N GLY B 485 11.50 -33.01 -50.10
CA GLY B 485 12.09 -34.29 -49.77
C GLY B 485 12.17 -35.28 -50.91
N PHE B 486 13.35 -35.78 -51.23
CA PHE B 486 13.57 -36.57 -52.44
C PHE B 486 13.67 -38.04 -52.12
N ASP B 487 12.59 -38.76 -52.43
CA ASP B 487 12.45 -40.19 -52.65
C ASP B 487 12.58 -41.09 -51.43
N LYS B 488 13.47 -40.81 -50.47
CA LYS B 488 13.21 -40.66 -49.04
C LYS B 488 14.45 -40.09 -48.36
N TRP B 489 15.48 -39.78 -49.14
CA TRP B 489 16.82 -39.66 -48.58
C TRP B 489 17.46 -38.29 -48.68
N MET B 490 16.86 -37.34 -49.39
CA MET B 490 17.44 -36.01 -49.50
C MET B 490 16.39 -35.00 -49.10
N TYR B 491 16.71 -34.14 -48.12
CA TYR B 491 15.75 -33.17 -47.62
C TYR B 491 16.38 -31.80 -47.64
N ILE B 492 15.67 -30.81 -48.19
CA ILE B 492 16.13 -29.42 -48.19
C ILE B 492 15.05 -28.59 -47.50
N ASP B 493 15.48 -27.59 -46.73
CA ASP B 493 14.57 -26.68 -46.05
C ASP B 493 15.00 -25.25 -46.32
N PHE B 494 14.04 -24.38 -46.62
CA PHE B 494 14.30 -22.97 -46.85
C PHE B 494 13.37 -22.16 -45.96
N SER B 495 13.83 -20.97 -45.55
CA SER B 495 13.05 -20.19 -44.60
C SER B 495 13.36 -18.72 -44.74
N VAL B 496 12.32 -17.89 -44.68
CA VAL B 496 12.46 -16.43 -44.74
C VAL B 496 11.49 -15.82 -43.74
N ARG B 497 11.98 -14.94 -42.87
CA ARG B 497 11.11 -14.25 -41.93
C ARG B 497 11.46 -12.77 -41.86
N ASN B 498 10.50 -11.99 -41.41
CA ASN B 498 10.61 -10.55 -41.25
C ASN B 498 10.17 -10.19 -39.84
N ASP B 499 11.01 -9.46 -39.13
CA ASP B 499 10.81 -9.15 -37.72
C ASP B 499 10.83 -7.66 -37.49
N GLN B 500 9.85 -7.14 -36.74
CA GLN B 500 9.85 -5.76 -36.28
C GLN B 500 9.59 -5.71 -34.78
N SER B 501 10.28 -4.81 -34.09
CA SER B 501 10.06 -4.64 -32.67
C SER B 501 9.90 -3.17 -32.33
N SER B 502 9.31 -2.92 -31.17
CA SER B 502 9.05 -1.57 -30.70
C SER B 502 10.26 -0.95 -30.03
N ARG B 503 11.34 -1.71 -29.85
CA ARG B 503 12.51 -1.26 -29.12
C ARG B 503 13.48 -0.46 -29.97
N PHE B 504 13.20 -0.27 -31.25
CA PHE B 504 14.07 0.43 -32.17
C PHE B 504 13.30 1.56 -32.84
N GLY B 505 14.05 2.41 -33.55
CA GLY B 505 13.49 3.62 -34.12
C GLY B 505 12.50 3.34 -35.22
N SER B 506 11.75 4.37 -35.59
CA SER B 506 10.63 4.18 -36.50
C SER B 506 11.05 3.89 -37.93
N ASN B 507 12.32 4.14 -38.28
CA ASN B 507 12.84 3.80 -39.59
C ASN B 507 14.07 2.90 -39.48
N ASN B 508 14.14 2.13 -38.41
CA ASN B 508 15.21 1.15 -38.23
C ASN B 508 14.70 -0.15 -37.61
N ARG B 509 13.39 -0.36 -37.55
CA ARG B 509 12.86 -1.40 -36.69
C ARG B 509 12.68 -2.74 -37.39
N SER B 510 12.72 -2.81 -38.70
CA SER B 510 12.36 -4.03 -39.42
C SER B 510 13.60 -4.70 -40.01
N ALA B 511 13.61 -6.03 -39.99
CA ALA B 511 14.75 -6.79 -40.47
C ALA B 511 14.29 -8.07 -41.14
N TRP B 512 15.14 -8.59 -42.03
CA TRP B 512 14.85 -9.79 -42.82
C TRP B 512 15.90 -10.85 -42.55
N PHE B 513 15.47 -12.04 -42.17
CA PHE B 513 16.37 -13.15 -41.88
C PHE B 513 15.99 -14.36 -42.73
N TYR B 514 16.95 -15.25 -42.95
CA TYR B 514 16.76 -16.40 -43.83
C TYR B 514 17.56 -17.59 -43.32
N SER B 515 17.16 -18.78 -43.76
CA SER B 515 17.81 -20.02 -43.33
C SER B 515 17.74 -21.07 -44.43
N VAL B 516 18.82 -21.83 -44.61
CA VAL B 516 18.88 -22.95 -45.56
C VAL B 516 19.45 -24.16 -44.84
N GLY B 517 18.71 -25.26 -44.83
CA GLY B 517 19.18 -26.47 -44.19
C GLY B 517 19.06 -27.66 -45.13
N GLY B 518 19.80 -28.71 -44.81
CA GLY B 518 19.77 -29.90 -45.62
C GLY B 518 20.20 -31.16 -44.90
N MET B 519 19.44 -32.23 -45.09
CA MET B 519 19.74 -33.54 -44.51
C MET B 519 19.91 -34.56 -45.62
N PHE B 520 20.85 -35.48 -45.42
CA PHE B 520 21.12 -36.55 -46.37
C PHE B 520 21.21 -37.84 -45.59
N ASP B 521 20.29 -38.76 -45.88
CA ASP B 521 20.26 -40.07 -45.23
C ASP B 521 21.14 -41.02 -46.03
N ILE B 522 22.38 -41.18 -45.59
CA ILE B 522 23.35 -41.95 -46.35
C ILE B 522 23.06 -43.45 -46.25
N TYR B 523 22.40 -43.89 -45.17
CA TYR B 523 22.17 -45.31 -44.97
C TYR B 523 21.06 -45.84 -45.87
N ASN B 524 20.05 -45.04 -46.18
CA ASN B 524 18.93 -45.52 -46.97
C ASN B 524 19.12 -45.28 -48.46
N LYS B 525 20.31 -44.89 -48.90
CA LYS B 525 20.56 -44.83 -50.33
C LYS B 525 21.83 -45.56 -50.69
N PHE B 526 22.86 -45.46 -49.86
CA PHE B 526 24.18 -45.92 -50.27
C PHE B 526 24.48 -47.33 -49.78
N ILE B 527 24.42 -47.54 -48.47
CA ILE B 527 24.64 -48.86 -47.88
C ILE B 527 23.33 -49.29 -47.20
N GLN B 528 22.48 -49.96 -47.98
CA GLN B 528 21.11 -50.20 -47.54
C GLN B 528 20.98 -51.38 -46.58
N GLU B 529 22.03 -52.18 -46.42
CA GLU B 529 22.02 -53.27 -45.46
C GLU B 529 23.44 -53.51 -44.97
N SER B 530 23.59 -53.66 -43.65
CA SER B 530 24.88 -53.90 -43.05
C SER B 530 24.66 -54.65 -41.75
N ASN B 531 25.72 -55.31 -41.27
CA ASN B 531 25.58 -56.16 -40.10
C ASN B 531 25.71 -55.38 -38.79
N TRP B 532 26.53 -54.34 -38.76
CA TRP B 532 26.77 -53.61 -37.53
C TRP B 532 26.18 -52.20 -37.53
N LEU B 533 26.26 -51.49 -38.65
CA LEU B 533 25.73 -50.13 -38.72
C LEU B 533 24.23 -50.17 -38.94
N SER B 534 23.53 -49.19 -38.35
CA SER B 534 22.07 -49.21 -38.38
C SER B 534 21.43 -47.90 -38.81
N ASP B 535 22.12 -46.77 -38.75
CA ASP B 535 21.59 -45.48 -39.19
C ASP B 535 22.77 -44.54 -39.38
N LEU B 536 22.67 -43.67 -40.38
CA LEU B 536 23.74 -42.71 -40.62
C LEU B 536 23.14 -41.53 -41.37
N ARG B 537 22.99 -40.40 -40.70
CA ARG B 537 22.46 -39.20 -41.30
C ARG B 537 23.50 -38.09 -41.23
N LEU B 538 23.49 -37.21 -42.23
CA LEU B 538 24.46 -36.13 -42.31
C LEU B 538 23.69 -34.86 -42.58
N LYS B 539 23.76 -33.90 -41.68
CA LYS B 539 22.98 -32.69 -41.80
C LYS B 539 23.86 -31.46 -41.80
N MET B 540 23.40 -30.39 -42.43
CA MET B 540 24.22 -29.22 -42.65
C MET B 540 23.31 -28.02 -42.83
N SER B 541 23.64 -26.91 -42.17
CA SER B 541 22.76 -25.76 -42.14
C SER B 541 23.55 -24.46 -42.17
N TYR B 542 22.94 -23.43 -42.75
CA TYR B 542 23.44 -22.07 -42.63
C TYR B 542 22.24 -21.16 -42.42
N GLY B 543 22.32 -20.28 -41.44
CA GLY B 543 21.18 -19.42 -41.21
C GLY B 543 21.60 -18.08 -40.63
N THR B 544 20.63 -17.17 -40.60
CA THR B 544 20.80 -15.83 -40.06
C THR B 544 19.64 -15.57 -39.13
N THR B 545 19.91 -15.12 -37.92
CA THR B 545 18.88 -14.75 -36.97
C THR B 545 19.25 -13.42 -36.33
N GLY B 546 18.38 -12.92 -35.45
CA GLY B 546 18.56 -11.61 -34.88
C GLY B 546 18.36 -11.64 -33.38
N ASN B 547 18.89 -10.62 -32.72
CA ASN B 547 18.78 -10.48 -31.29
C ASN B 547 18.38 -9.05 -30.98
N SER B 548 17.43 -8.91 -30.05
CA SER B 548 16.80 -7.63 -29.77
C SER B 548 16.47 -7.42 -28.31
N GLU B 549 17.21 -8.05 -27.39
CA GLU B 549 16.86 -8.07 -25.98
C GLU B 549 17.72 -7.05 -25.24
N ILE B 550 17.29 -5.79 -25.25
CA ILE B 550 18.10 -4.74 -24.66
C ILE B 550 17.38 -3.84 -23.68
N GLY B 551 16.06 -3.74 -23.77
CA GLY B 551 15.41 -2.74 -22.96
C GLY B 551 14.60 -1.78 -23.80
N ASN B 552 13.56 -1.19 -23.22
CA ASN B 552 12.44 -0.72 -24.02
C ASN B 552 12.70 0.63 -24.68
N TYR B 553 13.14 1.63 -23.93
CA TYR B 553 13.24 2.99 -24.44
C TYR B 553 14.69 3.43 -24.40
N ASN B 554 15.47 3.01 -25.39
CA ASN B 554 16.91 3.21 -25.36
C ASN B 554 17.43 3.93 -26.59
N HIS B 555 16.54 4.37 -27.48
CA HIS B 555 16.94 5.13 -28.64
C HIS B 555 16.43 6.55 -28.62
N GLN B 556 15.60 6.93 -27.65
CA GLN B 556 15.08 8.28 -27.54
C GLN B 556 16.05 9.15 -26.74
N ALA B 557 15.99 10.45 -27.00
CA ALA B 557 16.70 11.45 -26.22
C ALA B 557 15.70 12.13 -25.31
N LEU B 558 15.85 11.95 -24.01
CA LEU B 558 14.78 12.14 -23.05
C LEU B 558 15.11 13.22 -22.03
N VAL B 559 14.09 13.58 -21.26
CA VAL B 559 14.12 14.67 -20.29
C VAL B 559 13.17 14.30 -19.16
N THR B 560 13.61 14.44 -17.91
CA THR B 560 12.83 13.98 -16.77
C THR B 560 12.64 15.13 -15.78
N VAL B 561 11.83 14.87 -14.75
CA VAL B 561 11.52 15.87 -13.73
C VAL B 561 12.61 15.82 -12.66
N ASN B 562 13.20 16.98 -12.36
CA ASN B 562 14.17 17.17 -11.29
C ASN B 562 13.76 18.45 -10.57
N ASN B 563 12.87 18.33 -9.58
CA ASN B 563 12.32 19.52 -8.93
C ASN B 563 13.34 20.20 -8.04
N TYR B 564 13.30 21.53 -8.00
CA TYR B 564 14.15 22.29 -7.10
C TYR B 564 13.41 22.76 -5.87
N THR B 565 12.37 23.55 -6.05
CA THR B 565 11.55 24.04 -4.96
C THR B 565 10.26 23.26 -4.93
N GLU B 566 9.33 23.70 -4.09
CA GLU B 566 8.00 23.10 -4.02
C GLU B 566 6.96 23.92 -4.75
N ASP B 567 7.41 24.91 -5.52
CA ASP B 567 6.52 25.78 -6.28
C ASP B 567 6.40 25.35 -7.74
N ALA B 568 7.52 25.30 -8.45
CA ALA B 568 7.54 25.01 -9.87
C ALA B 568 8.42 23.79 -10.13
N MET B 569 8.24 23.18 -11.29
CA MET B 569 8.95 21.97 -11.63
C MET B 569 10.22 22.29 -12.41
N GLY B 570 11.12 21.31 -12.46
CA GLY B 570 12.35 21.45 -13.18
C GLY B 570 12.58 20.26 -14.08
N LEU B 571 13.36 20.46 -15.13
CA LEU B 571 13.59 19.44 -16.14
C LEU B 571 15.07 19.22 -16.35
N SER B 572 15.53 17.98 -16.20
CA SER B 572 16.91 17.64 -16.46
C SER B 572 17.00 16.68 -17.63
N ILE B 573 18.18 16.58 -18.22
CA ILE B 573 18.42 15.69 -19.35
C ILE B 573 18.70 14.30 -18.80
N SER B 574 17.99 13.31 -19.33
CA SER B 574 18.10 11.93 -18.86
C SER B 574 19.13 11.13 -19.65
N THR B 575 18.91 10.99 -20.95
CA THR B 575 19.69 10.10 -21.79
C THR B 575 20.17 10.85 -23.02
N ALA B 576 21.15 10.26 -23.70
CA ALA B 576 21.70 10.82 -24.91
C ALA B 576 20.96 10.34 -26.15
N GLY B 577 20.59 9.07 -26.20
CA GLY B 577 19.84 8.50 -27.30
C GLY B 577 20.73 8.02 -28.43
N ASN B 578 20.12 7.23 -29.31
CA ASN B 578 20.80 6.68 -30.48
C ASN B 578 19.77 6.49 -31.57
N PRO B 579 19.67 7.44 -32.52
CA PRO B 579 18.57 7.39 -33.49
C PRO B 579 18.69 6.27 -34.50
N ASP B 580 19.83 5.62 -34.63
CA ASP B 580 19.96 4.51 -35.58
C ASP B 580 20.32 3.22 -34.86
N LEU B 581 19.60 2.92 -33.78
CA LEU B 581 19.66 1.62 -33.14
C LEU B 581 18.87 0.62 -33.96
N SER B 582 19.43 -0.56 -34.19
CA SER B 582 18.74 -1.59 -34.97
C SER B 582 19.07 -2.95 -34.36
N TRP B 583 18.73 -4.01 -35.09
CA TRP B 583 18.86 -5.37 -34.60
C TRP B 583 20.32 -5.76 -34.50
N GLU B 584 20.58 -6.86 -33.81
CA GLU B 584 21.92 -7.43 -33.81
C GLU B 584 21.89 -8.72 -34.60
N LYS B 585 22.70 -8.82 -35.65
CA LYS B 585 22.58 -9.92 -36.58
C LYS B 585 23.56 -11.03 -36.21
N GLN B 586 23.11 -12.27 -36.25
CA GLN B 586 23.94 -13.43 -35.93
C GLN B 586 23.80 -14.45 -37.02
N SER B 587 24.91 -14.85 -37.62
CA SER B 587 24.89 -15.87 -38.66
C SER B 587 25.56 -17.13 -38.14
N GLN B 588 24.97 -18.28 -38.40
CA GLN B 588 25.48 -19.53 -37.86
C GLN B 588 25.56 -20.61 -38.93
N PHE B 589 26.74 -21.22 -39.05
CA PHE B 589 26.96 -22.39 -39.89
C PHE B 589 27.09 -23.60 -38.99
N ASN B 590 26.40 -24.68 -39.33
CA ASN B 590 26.38 -25.89 -38.52
C ASN B 590 26.54 -27.10 -39.42
N PHE B 591 27.36 -28.06 -38.99
CA PHE B 591 27.58 -29.26 -39.78
C PHE B 591 27.64 -30.44 -38.82
N GLY B 592 26.71 -31.38 -38.95
CA GLY B 592 26.58 -32.44 -37.99
C GLY B 592 26.44 -33.80 -38.65
N LEU B 593 26.74 -34.82 -37.86
CA LEU B 593 26.81 -36.20 -38.32
C LEU B 593 26.25 -37.08 -37.21
N ALA B 594 25.13 -37.73 -37.47
CA ALA B 594 24.50 -38.61 -36.49
C ALA B 594 24.61 -40.05 -36.96
N ALA B 595 24.95 -40.94 -36.04
CA ALA B 595 25.20 -42.33 -36.40
C ALA B 595 24.58 -43.25 -35.36
N GLY B 596 24.21 -44.44 -35.82
CA GLY B 596 23.68 -45.45 -34.95
C GLY B 596 24.57 -46.67 -34.97
N ALA B 597 24.24 -47.68 -34.19
CA ALA B 597 25.06 -48.88 -34.10
C ALA B 597 24.15 -50.04 -33.73
N PHE B 598 24.73 -51.07 -33.10
CA PHE B 598 24.27 -52.46 -33.10
C PHE B 598 22.82 -52.58 -32.64
N ASN B 599 21.91 -52.72 -33.60
CA ASN B 599 20.45 -52.60 -33.46
C ASN B 599 20.07 -51.45 -32.51
N ASN B 600 20.67 -50.27 -32.76
CA ASN B 600 20.48 -49.04 -31.96
C ASN B 600 20.75 -49.25 -30.47
N ARG B 601 21.76 -50.05 -30.13
CA ARG B 601 22.20 -50.11 -28.75
C ARG B 601 23.24 -49.04 -28.45
N LEU B 602 23.87 -48.50 -29.48
CA LEU B 602 24.84 -47.42 -29.36
C LEU B 602 24.50 -46.35 -30.37
N SER B 603 24.59 -45.10 -29.97
CA SER B 603 24.30 -44.01 -30.90
C SER B 603 25.19 -42.83 -30.59
N ALA B 604 25.49 -42.03 -31.60
CA ALA B 604 26.43 -40.95 -31.43
C ALA B 604 26.03 -39.78 -32.32
N GLU B 605 26.46 -38.58 -31.92
CA GLU B 605 26.20 -37.34 -32.64
C GLU B 605 27.42 -36.47 -32.53
N VAL B 606 27.86 -35.90 -33.64
CA VAL B 606 29.01 -34.98 -33.66
C VAL B 606 28.59 -33.74 -34.41
N ASP B 607 28.70 -32.58 -33.78
CA ASP B 607 28.33 -31.32 -34.43
C ASP B 607 29.46 -30.31 -34.35
N PHE B 608 29.69 -29.60 -35.45
CA PHE B 608 30.67 -28.52 -35.54
CA PHE B 608 30.66 -28.53 -35.52
C PHE B 608 29.93 -27.25 -35.89
N TYR B 609 30.14 -26.20 -35.11
CA TYR B 609 29.45 -24.95 -35.39
C TYR B 609 30.43 -23.80 -35.46
N VAL B 610 30.09 -22.82 -36.31
CA VAL B 610 30.69 -21.49 -36.32
C VAL B 610 29.55 -20.51 -36.16
N ARG B 611 29.73 -19.53 -35.29
CA ARG B 611 28.69 -18.57 -34.97
C ARG B 611 29.30 -17.17 -34.95
N THR B 612 28.68 -16.22 -35.66
CA THR B 612 29.27 -14.90 -35.87
C THR B 612 28.25 -13.85 -35.52
N THR B 613 28.62 -12.94 -34.62
CA THR B 613 27.74 -11.86 -34.20
C THR B 613 28.24 -10.56 -34.81
N ASN B 614 27.47 -10.02 -35.76
CA ASN B 614 27.78 -8.76 -36.40
C ASN B 614 26.79 -7.70 -35.97
N ASP B 615 27.29 -6.46 -35.91
CA ASP B 615 26.56 -5.28 -35.44
C ASP B 615 25.97 -5.52 -34.05
N MET B 616 26.84 -5.88 -33.11
CA MET B 616 26.33 -6.30 -31.82
C MET B 616 25.92 -5.10 -30.98
N LEU B 617 24.93 -5.33 -30.12
CA LEU B 617 24.39 -4.32 -29.22
C LEU B 617 25.24 -4.32 -27.98
N ILE B 618 26.14 -3.34 -27.86
CA ILE B 618 26.96 -3.16 -26.68
C ILE B 618 26.41 -1.98 -25.91
N ASP B 619 26.23 -2.14 -24.61
CA ASP B 619 26.01 -1.01 -23.72
C ASP B 619 27.35 -0.35 -23.52
N VAL B 620 27.73 0.54 -24.44
CA VAL B 620 29.11 1.02 -24.49
C VAL B 620 29.38 1.93 -23.30
N PRO B 621 30.57 1.87 -22.74
CA PRO B 621 30.95 2.78 -21.66
C PRO B 621 31.34 4.14 -22.19
N MET B 622 30.37 5.03 -22.30
CA MET B 622 30.63 6.42 -22.61
C MET B 622 31.61 7.00 -21.58
N PRO B 623 32.57 7.81 -22.00
CA PRO B 623 33.50 8.40 -21.04
C PRO B 623 32.79 9.38 -20.13
N TYR B 624 33.42 9.66 -18.99
CA TYR B 624 32.77 10.41 -17.93
C TYR B 624 32.58 11.88 -18.26
N ILE B 625 33.26 12.39 -19.29
CA ILE B 625 33.14 13.79 -19.67
C ILE B 625 31.83 14.08 -20.39
N SER B 626 31.09 13.06 -20.78
CA SER B 626 29.79 13.26 -21.38
C SER B 626 28.70 13.54 -20.36
N GLY B 627 28.82 12.97 -19.16
CA GLY B 627 27.80 13.13 -18.17
C GLY B 627 26.78 12.01 -18.14
N PHE B 628 26.96 10.99 -18.97
CA PHE B 628 26.09 9.82 -18.97
C PHE B 628 26.94 8.60 -18.66
N PHE B 629 26.31 7.62 -18.03
CA PHE B 629 27.03 6.42 -17.63
C PHE B 629 27.41 5.57 -18.84
N SER B 630 26.43 5.30 -19.70
CA SER B 630 26.59 4.32 -20.77
C SER B 630 25.57 4.63 -21.84
N GLN B 631 25.68 3.94 -22.97
CA GLN B 631 24.75 4.14 -24.07
C GLN B 631 24.71 2.90 -24.95
N TYR B 632 23.53 2.44 -25.33
CA TYR B 632 23.42 1.25 -26.17
C TYR B 632 23.73 1.62 -27.61
N GLN B 633 24.65 0.89 -28.23
CA GLN B 633 25.06 1.17 -29.60
C GLN B 633 25.26 -0.12 -30.37
N ASN B 634 25.22 0.01 -31.68
CA ASN B 634 25.44 -1.08 -32.63
C ASN B 634 26.88 -1.02 -33.14
N VAL B 635 27.80 -1.45 -32.29
CA VAL B 635 29.23 -1.48 -32.62
C VAL B 635 29.82 -2.78 -32.10
N GLY B 636 30.68 -3.40 -32.90
CA GLY B 636 31.43 -4.54 -32.43
C GLY B 636 31.03 -5.82 -33.15
N SER B 637 31.86 -6.85 -32.94
CA SER B 637 31.60 -8.17 -33.52
C SER B 637 32.19 -9.24 -32.60
N MET B 638 31.79 -10.48 -32.84
CA MET B 638 32.28 -11.59 -32.02
C MET B 638 32.14 -12.88 -32.82
N LYS B 639 32.79 -13.93 -32.34
CA LYS B 639 32.76 -15.22 -33.03
C LYS B 639 32.95 -16.35 -32.03
N ASN B 640 32.15 -17.41 -32.16
CA ASN B 640 32.25 -18.61 -31.34
C ASN B 640 32.40 -19.82 -32.25
N THR B 641 33.47 -20.58 -32.07
CA THR B 641 33.74 -21.78 -32.87
C THR B 641 33.79 -22.98 -31.95
N GLY B 642 33.11 -24.07 -32.31
CA GLY B 642 33.21 -25.19 -31.40
C GLY B 642 32.68 -26.50 -31.94
N VAL B 643 32.81 -27.53 -31.10
CA VAL B 643 32.37 -28.88 -31.42
C VAL B 643 31.64 -29.43 -30.20
N ASP B 644 30.57 -30.19 -30.42
CA ASP B 644 29.91 -30.90 -29.33
C ASP B 644 29.49 -32.28 -29.78
N LEU B 645 29.76 -33.28 -28.94
CA LEU B 645 29.52 -34.66 -29.30
C LEU B 645 28.82 -35.39 -28.17
N SER B 646 27.91 -36.27 -28.54
CA SER B 646 27.09 -37.01 -27.60
C SER B 646 27.08 -38.48 -27.98
N LEU B 647 26.86 -39.36 -26.99
CA LEU B 647 26.81 -40.78 -27.26
C LEU B 647 26.02 -41.50 -26.17
N LYS B 648 25.11 -42.37 -26.59
CA LYS B 648 24.27 -43.14 -25.69
C LYS B 648 24.51 -44.63 -25.92
N GLY B 649 24.38 -45.43 -24.87
CA GLY B 649 24.74 -46.83 -24.92
C GLY B 649 23.79 -47.69 -24.12
N THR B 650 24.08 -49.00 -24.14
CA THR B 650 23.38 -50.00 -23.33
C THR B 650 24.33 -51.17 -23.13
N ILE B 651 24.67 -51.47 -21.87
CA ILE B 651 25.77 -52.37 -21.59
C ILE B 651 25.27 -53.59 -20.82
N TYR B 652 24.01 -53.98 -21.02
CA TYR B 652 23.39 -54.83 -20.01
C TYR B 652 23.81 -56.29 -20.13
N GLN B 653 23.46 -57.06 -19.11
CA GLN B 653 24.10 -58.35 -18.82
C GLN B 653 23.19 -59.55 -19.01
N ASN B 654 21.98 -59.54 -18.48
CA ASN B 654 21.18 -60.76 -18.33
C ASN B 654 19.74 -60.46 -18.73
N LYS B 655 18.84 -61.37 -18.35
CA LYS B 655 17.44 -61.23 -18.70
C LYS B 655 16.75 -60.13 -17.88
N ASP B 656 17.20 -59.95 -16.64
CA ASP B 656 16.57 -59.01 -15.72
C ASP B 656 17.30 -57.68 -15.62
N TRP B 657 18.62 -57.67 -15.77
CA TRP B 657 19.37 -56.44 -15.67
C TRP B 657 19.14 -55.55 -16.89
N ASN B 658 19.36 -54.26 -16.71
CA ASN B 658 19.27 -53.29 -17.81
C ASN B 658 20.16 -52.12 -17.44
N VAL B 659 21.38 -52.10 -17.99
CA VAL B 659 22.39 -51.10 -17.65
C VAL B 659 22.65 -50.23 -18.87
N TYR B 660 22.63 -48.92 -18.67
CA TYR B 660 22.85 -47.98 -19.76
C TYR B 660 23.74 -46.85 -19.28
N ALA B 661 24.10 -45.96 -20.20
CA ALA B 661 24.99 -44.85 -19.92
C ALA B 661 24.79 -43.79 -20.98
N SER B 662 25.41 -42.63 -20.78
CA SER B 662 25.38 -41.53 -21.73
C SER B 662 26.51 -40.57 -21.38
N ALA B 663 26.81 -39.66 -22.30
CA ALA B 663 27.87 -38.70 -22.10
C ALA B 663 27.65 -37.49 -23.00
N ASN B 664 28.24 -36.37 -22.61
CA ASN B 664 28.20 -35.14 -23.38
C ASN B 664 29.55 -34.46 -23.28
N PHE B 665 29.80 -33.54 -24.20
CA PHE B 665 31.03 -32.77 -24.26
C PHE B 665 30.79 -31.60 -25.17
N ASN B 666 31.46 -30.48 -24.88
CA ASN B 666 31.38 -29.30 -25.74
C ASN B 666 32.58 -28.42 -25.45
N TYR B 667 33.40 -28.16 -26.46
CA TYR B 667 34.46 -27.18 -26.40
C TYR B 667 34.03 -25.95 -27.17
N ASN B 668 34.30 -24.77 -26.63
CA ASN B 668 33.85 -23.54 -27.26
C ASN B 668 34.91 -22.46 -27.17
N ARG B 669 35.30 -21.92 -28.31
CA ARG B 669 36.36 -20.93 -28.40
C ARG B 669 35.75 -19.60 -28.81
N GLN B 670 35.80 -18.62 -27.91
CA GLN B 670 35.32 -17.28 -28.19
C GLN B 670 36.43 -16.46 -28.83
N GLU B 671 36.05 -15.36 -29.49
CA GLU B 671 37.01 -14.44 -30.08
C GLU B 671 36.30 -13.12 -30.33
N ILE B 672 36.82 -12.04 -29.78
CA ILE B 672 36.32 -10.71 -30.08
C ILE B 672 37.07 -10.18 -31.29
N THR B 673 36.33 -9.72 -32.31
CA THR B 673 36.98 -9.30 -33.54
C THR B 673 36.87 -7.81 -33.84
N LYS B 674 36.02 -7.05 -33.15
CA LYS B 674 35.94 -5.60 -33.32
C LYS B 674 35.25 -4.98 -32.12
N LEU B 675 35.90 -3.98 -31.51
CA LEU B 675 35.39 -3.20 -30.40
C LEU B 675 34.83 -1.85 -30.88
N PHE B 676 34.57 -0.95 -29.93
CA PHE B 676 33.67 0.19 -30.19
C PHE B 676 34.30 1.51 -30.63
N PHE B 677 35.10 2.16 -29.81
CA PHE B 677 35.54 3.51 -30.21
C PHE B 677 36.85 3.47 -31.01
N GLY B 678 36.95 2.58 -31.98
CA GLY B 678 38.23 2.37 -32.65
C GLY B 678 39.30 1.84 -31.73
N LEU B 679 38.92 1.14 -30.67
CA LEU B 679 39.83 0.65 -29.65
C LEU B 679 40.30 -0.75 -30.01
N ASN B 680 41.48 -1.11 -29.52
CA ASN B 680 41.95 -2.47 -29.65
C ASN B 680 41.71 -3.28 -28.39
N LYS B 681 41.65 -2.63 -27.25
CA LYS B 681 41.31 -3.30 -26.01
C LYS B 681 40.59 -2.33 -25.09
N TYR B 682 39.74 -2.87 -24.24
CA TYR B 682 39.05 -2.09 -23.23
C TYR B 682 39.09 -2.87 -21.93
N MET B 683 39.65 -2.27 -20.89
CA MET B 683 39.73 -2.89 -19.58
C MET B 683 38.57 -2.41 -18.72
N LEU B 684 37.75 -3.33 -18.26
CA LEU B 684 36.60 -2.98 -17.44
C LEU B 684 37.08 -2.66 -16.03
N PRO B 685 36.84 -1.45 -15.52
CA PRO B 685 37.45 -1.06 -14.24
C PRO B 685 36.76 -1.73 -13.07
N ASN B 686 37.58 -2.17 -12.11
CA ASN B 686 37.16 -2.88 -10.90
C ASN B 686 36.40 -4.16 -11.17
N THR B 687 36.62 -4.80 -12.30
CA THR B 687 36.15 -6.16 -12.49
C THR B 687 37.28 -7.16 -12.53
N GLY B 688 38.43 -6.76 -13.03
CA GLY B 688 39.55 -7.67 -13.19
C GLY B 688 39.59 -8.35 -14.54
N THR B 689 38.86 -7.86 -15.53
CA THR B 689 38.70 -8.48 -16.83
C THR B 689 39.10 -7.50 -17.93
N ILE B 690 39.07 -7.97 -19.19
CA ILE B 690 39.45 -7.18 -20.34
C ILE B 690 38.73 -7.74 -21.56
N TRP B 691 38.41 -6.86 -22.52
CA TRP B 691 37.97 -7.26 -23.86
C TRP B 691 39.05 -6.82 -24.85
N GLU B 692 39.76 -7.77 -25.46
CA GLU B 692 40.83 -7.46 -26.39
C GLU B 692 40.60 -8.16 -27.72
N ILE B 693 40.87 -7.47 -28.82
CA ILE B 693 40.56 -7.96 -30.16
C ILE B 693 41.48 -9.11 -30.52
N GLY B 694 40.90 -10.29 -30.73
CA GLY B 694 41.63 -11.48 -31.10
C GLY B 694 41.57 -12.59 -30.07
N TYR B 695 41.16 -12.28 -28.84
CA TYR B 695 41.19 -13.19 -27.72
C TYR B 695 39.83 -13.17 -27.05
N PRO B 696 39.49 -14.22 -26.28
CA PRO B 696 38.21 -14.19 -25.56
C PRO B 696 38.15 -13.18 -24.41
N ASN B 697 37.04 -13.16 -23.71
CA ASN B 697 36.92 -12.35 -22.50
C ASN B 697 37.83 -12.98 -21.44
N SER B 698 38.94 -12.33 -21.13
CA SER B 698 39.98 -12.89 -20.30
C SER B 698 40.07 -12.12 -19.00
N PHE B 699 41.02 -12.52 -18.15
CA PHE B 699 41.31 -11.85 -16.91
C PHE B 699 42.52 -10.94 -17.10
N TYR B 700 42.67 -9.96 -16.21
CA TYR B 700 43.64 -8.89 -16.41
C TYR B 700 44.12 -8.40 -15.06
N MET B 701 45.28 -8.88 -14.64
CA MET B 701 45.81 -8.55 -13.32
C MET B 701 47.31 -8.82 -13.31
N ALA B 702 47.97 -8.32 -12.29
CA ALA B 702 49.40 -8.48 -12.14
C ALA B 702 49.72 -9.88 -11.63
N GLU B 703 50.96 -10.31 -11.83
CA GLU B 703 51.38 -11.65 -11.43
C GLU B 703 52.16 -11.57 -10.13
N TYR B 704 51.62 -12.17 -9.09
CA TYR B 704 52.25 -12.21 -7.78
C TYR B 704 53.43 -13.17 -7.81
N ALA B 705 54.60 -12.71 -7.37
CA ALA B 705 55.77 -13.58 -7.34
C ALA B 705 55.89 -14.30 -6.00
N GLY B 706 56.05 -13.55 -4.93
CA GLY B 706 56.25 -14.12 -3.62
C GLY B 706 56.51 -13.02 -2.64
N ILE B 707 57.47 -13.20 -1.73
CA ILE B 707 57.92 -12.10 -0.90
C ILE B 707 59.43 -11.98 -1.03
N ASP B 708 59.93 -10.79 -0.77
CA ASP B 708 61.37 -10.56 -0.66
C ASP B 708 61.77 -11.04 0.72
N LYS B 709 62.67 -12.02 0.78
CA LYS B 709 63.02 -12.61 2.06
C LYS B 709 63.92 -11.73 2.91
N LYS B 710 64.49 -10.67 2.34
CA LYS B 710 65.35 -9.79 3.10
C LYS B 710 64.60 -8.60 3.70
N THR B 711 63.53 -8.15 3.04
CA THR B 711 62.77 -6.99 3.52
C THR B 711 61.35 -7.33 3.95
N GLY B 712 60.73 -8.35 3.38
CA GLY B 712 59.40 -8.73 3.76
C GLY B 712 58.29 -8.15 2.92
N LYS B 713 58.62 -7.45 1.84
CA LYS B 713 57.65 -6.80 0.98
C LYS B 713 56.98 -7.82 0.06
N GLN B 714 55.87 -7.41 -0.55
CA GLN B 714 55.23 -8.18 -1.60
C GLN B 714 55.88 -7.82 -2.92
N LEU B 715 56.01 -8.81 -3.79
CA LEU B 715 56.73 -8.64 -5.06
C LEU B 715 55.87 -9.09 -6.22
N TRP B 716 55.87 -8.31 -7.28
CA TRP B 716 55.17 -8.66 -8.50
C TRP B 716 56.15 -8.65 -9.67
N TYR B 717 55.84 -9.48 -10.66
CA TYR B 717 56.64 -9.54 -11.88
C TYR B 717 56.35 -8.33 -12.74
N VAL B 718 57.40 -7.65 -13.18
CA VAL B 718 57.24 -6.61 -14.19
C VAL B 718 57.08 -7.27 -15.56
N PRO B 719 56.04 -6.94 -16.32
CA PRO B 719 55.68 -7.78 -17.47
C PRO B 719 56.61 -7.56 -18.66
N GLY B 720 57.03 -8.67 -19.27
CA GLY B 720 57.80 -8.62 -20.50
C GLY B 720 59.23 -8.19 -20.33
N GLN B 721 59.87 -8.57 -19.24
CA GLN B 721 61.26 -8.17 -18.99
C GLN B 721 61.97 -9.31 -18.28
N VAL B 722 63.07 -9.79 -18.87
CA VAL B 722 63.95 -10.77 -18.26
C VAL B 722 65.35 -10.17 -18.18
N ASP B 723 66.00 -10.32 -17.05
CA ASP B 723 67.37 -9.86 -16.86
C ASP B 723 68.35 -10.94 -17.35
N ALA B 724 69.62 -10.82 -16.93
CA ALA B 724 70.62 -11.86 -17.18
C ALA B 724 70.17 -13.20 -16.58
N ASP B 725 70.83 -14.28 -17.05
CA ASP B 725 70.27 -15.61 -17.30
C ASP B 725 69.17 -16.08 -16.35
N GLY B 726 69.46 -16.12 -15.05
CA GLY B 726 68.53 -15.92 -13.95
C GLY B 726 67.09 -16.37 -14.04
N ASN B 727 66.19 -15.45 -13.72
CA ASN B 727 64.74 -15.66 -13.83
C ASN B 727 64.16 -14.36 -14.37
N LYS B 728 62.84 -14.20 -14.26
CA LYS B 728 62.22 -12.94 -14.64
C LYS B 728 62.49 -11.87 -13.58
N VAL B 729 62.22 -10.63 -13.93
CA VAL B 729 62.48 -9.48 -13.08
C VAL B 729 61.25 -9.21 -12.24
N THR B 730 61.46 -8.89 -10.96
CA THR B 730 60.38 -8.53 -10.04
C THR B 730 60.51 -7.08 -9.63
N THR B 731 59.50 -6.60 -8.90
CA THR B 731 59.49 -5.27 -8.32
C THR B 731 58.54 -5.24 -7.14
N SER B 732 58.80 -4.32 -6.21
CA SER B 732 58.05 -4.26 -4.96
C SER B 732 57.18 -3.02 -4.85
N GLN B 733 57.10 -2.21 -5.90
CA GLN B 733 56.23 -1.05 -5.94
C GLN B 733 55.07 -1.36 -6.88
N TYR B 734 53.86 -1.40 -6.33
CA TYR B 734 52.70 -1.74 -7.13
C TYR B 734 52.31 -0.58 -8.03
N SER B 735 52.36 -0.81 -9.33
CA SER B 735 51.90 0.16 -10.31
C SER B 735 50.79 -0.48 -11.11
N ALA B 736 49.98 0.37 -11.73
CA ALA B 736 48.95 -0.13 -12.63
C ALA B 736 49.51 -0.61 -13.97
N ASP B 737 50.79 -0.36 -14.23
CA ASP B 737 51.47 -0.81 -15.44
C ASP B 737 51.98 -2.23 -15.33
N LEU B 738 51.71 -2.90 -14.22
CA LEU B 738 52.13 -4.27 -14.01
C LEU B 738 51.06 -5.26 -14.38
N GLU B 739 49.94 -4.79 -14.92
CA GLU B 739 48.79 -5.65 -15.20
C GLU B 739 48.91 -6.27 -16.59
N THR B 740 48.78 -7.58 -16.65
CA THR B 740 48.97 -8.38 -17.85
C THR B 740 47.67 -9.11 -18.15
N ARG B 741 47.32 -9.21 -19.43
CA ARG B 741 46.20 -10.08 -19.79
C ARG B 741 46.60 -11.54 -19.59
N ILE B 742 45.91 -12.21 -18.70
CA ILE B 742 46.15 -13.61 -18.40
C ILE B 742 45.41 -14.44 -19.44
N ASP B 743 45.96 -15.59 -19.80
CA ASP B 743 45.30 -16.52 -20.72
C ASP B 743 44.32 -17.43 -19.99
N LYS B 744 43.38 -16.81 -19.28
CA LYS B 744 42.38 -17.50 -18.47
C LYS B 744 41.05 -16.84 -18.75
N SER B 745 40.08 -17.61 -19.24
CA SER B 745 38.84 -17.06 -19.76
C SER B 745 37.80 -16.85 -18.68
N VAL B 746 36.98 -15.82 -18.86
CA VAL B 746 35.92 -15.52 -17.90
C VAL B 746 34.79 -16.53 -18.04
N THR B 747 34.37 -16.80 -19.25
CA THR B 747 33.33 -17.81 -19.44
C THR B 747 33.96 -19.18 -19.74
N PRO B 748 33.52 -20.24 -19.07
CA PRO B 748 34.25 -21.51 -19.10
C PRO B 748 34.13 -22.20 -20.44
N PRO B 749 35.23 -22.65 -21.02
CA PRO B 749 35.16 -23.31 -22.33
C PRO B 749 34.59 -24.71 -22.32
N ILE B 750 34.97 -25.59 -21.40
CA ILE B 750 34.60 -26.99 -21.47
C ILE B 750 33.46 -27.26 -20.50
N THR B 751 32.42 -27.93 -20.99
CA THR B 751 31.16 -28.12 -20.29
C THR B 751 30.62 -29.49 -20.66
N GLY B 752 30.22 -30.28 -19.68
CA GLY B 752 29.62 -31.55 -20.03
C GLY B 752 29.03 -32.27 -18.86
N GLY B 753 28.80 -33.56 -19.07
CA GLY B 753 28.28 -34.41 -18.01
C GLY B 753 28.19 -35.83 -18.53
N PHE B 754 27.79 -36.71 -17.63
CA PHE B 754 27.56 -38.10 -17.99
C PHE B 754 26.54 -38.70 -17.03
N SER B 755 26.20 -39.96 -17.24
CA SER B 755 25.14 -40.58 -16.46
C SER B 755 25.30 -42.08 -16.44
N LEU B 756 24.83 -42.69 -15.37
CA LEU B 756 24.79 -44.13 -15.20
C LEU B 756 23.39 -44.54 -14.77
N GLY B 757 22.93 -45.68 -15.27
CA GLY B 757 21.65 -46.18 -14.84
C GLY B 757 21.60 -47.69 -14.83
N ALA B 758 21.25 -48.28 -13.71
CA ALA B 758 21.12 -49.73 -13.62
C ALA B 758 19.75 -50.07 -13.06
N SER B 759 19.31 -51.29 -13.30
CA SER B 759 18.01 -51.72 -12.81
C SER B 759 18.07 -53.21 -12.52
N TRP B 760 16.96 -53.73 -12.03
CA TRP B 760 16.81 -55.11 -11.62
C TRP B 760 15.32 -55.41 -11.66
N LYS B 761 14.88 -56.43 -10.94
CA LYS B 761 13.44 -56.72 -10.88
C LYS B 761 12.77 -55.66 -10.01
N GLY B 762 12.45 -54.53 -10.65
CA GLY B 762 11.84 -53.40 -9.98
C GLY B 762 12.78 -52.34 -9.46
N LEU B 763 13.79 -52.75 -8.71
CA LEU B 763 14.72 -51.81 -8.09
C LEU B 763 15.61 -51.17 -9.14
N SER B 764 15.76 -49.85 -9.08
CA SER B 764 16.55 -49.11 -10.06
C SER B 764 17.41 -48.08 -9.36
N LEU B 765 18.53 -47.74 -9.99
CA LEU B 765 19.48 -46.76 -9.47
C LEU B 765 19.97 -45.89 -10.61
N ASP B 766 20.01 -44.59 -10.38
CA ASP B 766 20.38 -43.61 -11.40
C ASP B 766 21.37 -42.62 -10.80
N ALA B 767 22.33 -42.17 -11.61
CA ALA B 767 23.34 -41.23 -11.14
C ALA B 767 23.73 -40.31 -12.29
N ASP B 768 23.61 -39.00 -12.10
CA ASP B 768 23.98 -38.03 -13.11
C ASP B 768 25.08 -37.12 -12.61
N PHE B 769 26.13 -36.95 -13.42
CA PHE B 769 27.28 -36.13 -13.11
C PHE B 769 27.33 -34.96 -14.09
N ALA B 770 27.80 -33.80 -13.63
CA ALA B 770 27.94 -32.62 -14.47
C ALA B 770 29.23 -31.91 -14.13
N TYR B 771 30.05 -31.63 -15.14
CA TYR B 771 31.34 -31.03 -14.91
C TYR B 771 31.51 -29.76 -15.73
N ILE B 772 32.25 -28.82 -15.16
CA ILE B 772 32.66 -27.59 -15.83
C ILE B 772 34.17 -27.49 -15.68
N VAL B 773 34.88 -27.41 -16.80
CA VAL B 773 36.33 -27.36 -16.82
C VAL B 773 36.76 -26.11 -17.57
N GLY B 774 37.63 -25.33 -16.95
CA GLY B 774 38.13 -24.10 -17.51
C GLY B 774 37.63 -22.85 -16.84
N LYS B 775 37.21 -22.93 -15.58
CA LYS B 775 36.58 -21.84 -14.87
C LYS B 775 37.57 -21.26 -13.87
N TRP B 776 37.61 -19.93 -13.77
CA TRP B 776 38.43 -19.24 -12.80
C TRP B 776 37.57 -18.19 -12.11
N MET B 777 37.88 -17.90 -10.86
CA MET B 777 37.11 -16.89 -10.15
C MET B 777 38.00 -16.12 -9.19
N ILE B 778 37.72 -14.83 -9.05
CA ILE B 778 38.41 -14.01 -8.05
C ILE B 778 37.73 -14.21 -6.71
N ASN B 779 38.43 -14.79 -5.76
CA ASN B 779 37.90 -14.97 -4.42
C ASN B 779 37.99 -13.65 -3.67
N ASN B 780 36.86 -13.01 -3.45
CA ASN B 780 36.86 -11.72 -2.79
C ASN B 780 36.94 -11.85 -1.28
N ASP B 781 36.48 -12.96 -0.71
CA ASP B 781 36.52 -13.13 0.73
C ASP B 781 37.94 -13.33 1.24
N ARG B 782 38.86 -13.76 0.40
CA ARG B 782 40.25 -13.92 0.79
C ARG B 782 41.02 -12.61 0.73
N TYR B 783 40.38 -11.51 0.34
CA TYR B 783 40.92 -10.19 0.57
C TYR B 783 40.71 -9.75 2.01
N PHE B 784 39.70 -10.30 2.68
CA PHE B 784 39.31 -9.88 4.01
C PHE B 784 39.84 -10.79 5.10
N THR B 785 40.10 -12.05 4.80
CA THR B 785 40.61 -12.98 5.77
C THR B 785 42.09 -13.25 5.63
N GLU B 786 42.76 -12.58 4.71
CA GLU B 786 44.17 -12.84 4.48
C GLU B 786 44.96 -11.55 4.34
N ASN B 787 44.69 -10.54 5.15
CA ASN B 787 45.50 -9.33 5.09
C ASN B 787 45.79 -8.78 6.47
N GLY B 788 47.00 -8.26 6.63
CA GLY B 788 47.40 -7.67 7.88
C GLY B 788 47.42 -6.17 7.82
N GLY B 789 47.15 -5.64 6.63
CA GLY B 789 47.17 -4.20 6.43
C GLY B 789 45.96 -3.50 7.01
N GLY B 790 44.77 -3.95 6.66
CA GLY B 790 43.56 -3.31 7.11
C GLY B 790 42.56 -4.33 7.60
N LEU B 791 41.45 -3.82 8.14
CA LEU B 791 40.32 -4.61 8.63
C LEU B 791 40.75 -5.59 9.71
N MET B 792 41.43 -5.08 10.72
CA MET B 792 42.04 -5.91 11.74
C MET B 792 41.09 -6.32 12.83
N GLN B 793 39.84 -5.87 12.78
CA GLN B 793 38.86 -6.30 13.77
C GLN B 793 38.20 -7.60 13.39
N LEU B 794 38.44 -8.11 12.19
CA LEU B 794 37.79 -9.31 11.71
C LEU B 794 38.60 -10.54 12.09
N ASN B 795 38.00 -11.69 11.91
CA ASN B 795 38.71 -12.95 12.07
C ASN B 795 39.55 -13.21 10.82
N LYS B 796 40.75 -13.72 11.02
CA LYS B 796 41.70 -13.91 9.93
C LYS B 796 42.05 -15.38 9.80
N ASP B 797 42.76 -15.71 8.73
CA ASP B 797 43.20 -17.06 8.48
C ASP B 797 44.39 -17.38 9.37
N LYS B 798 44.60 -18.67 9.63
CA LYS B 798 45.61 -19.11 10.58
C LYS B 798 47.04 -18.91 10.08
N MET B 799 47.23 -18.61 8.80
CA MET B 799 48.58 -18.45 8.26
C MET B 799 49.20 -17.13 8.67
N LEU B 800 48.39 -16.15 9.08
CA LEU B 800 48.90 -14.84 9.41
C LEU B 800 49.64 -14.80 10.74
N LEU B 801 49.55 -15.84 11.56
CA LEU B 801 50.39 -15.93 12.74
C LEU B 801 51.84 -16.14 12.35
N ASN B 802 52.08 -16.96 11.32
CA ASN B 802 53.42 -17.26 10.85
C ASN B 802 53.78 -16.21 9.78
N ALA B 803 53.94 -14.98 10.23
CA ALA B 803 54.22 -13.86 9.35
C ALA B 803 55.69 -13.49 9.43
N TRP B 804 56.13 -12.64 8.50
CA TRP B 804 57.52 -12.27 8.40
C TRP B 804 57.87 -11.25 9.47
N THR B 805 58.89 -11.56 10.26
CA THR B 805 59.50 -10.62 11.20
C THR B 805 61.00 -10.81 11.08
N GLU B 806 61.78 -9.91 11.68
CA GLU B 806 63.23 -10.06 11.70
C GLU B 806 63.67 -11.29 12.49
N ASP B 807 62.82 -11.78 13.41
CA ASP B 807 63.10 -13.02 14.11
C ASP B 807 62.70 -14.22 13.26
N ASN B 808 61.50 -14.18 12.68
CA ASN B 808 60.93 -15.27 11.90
C ASN B 808 61.08 -14.93 10.43
N LYS B 809 62.17 -15.40 9.82
CA LYS B 809 62.61 -14.87 8.54
C LYS B 809 62.67 -15.92 7.43
N GLU B 810 62.02 -17.06 7.61
CA GLU B 810 61.95 -18.09 6.58
C GLU B 810 60.51 -18.53 6.36
N THR B 811 59.62 -17.55 6.24
CA THR B 811 58.22 -17.77 5.95
C THR B 811 57.93 -17.49 4.48
N ASP B 812 56.65 -17.46 4.15
CA ASP B 812 56.21 -17.08 2.82
C ASP B 812 54.97 -16.21 2.80
N VAL B 813 54.45 -15.77 3.95
CA VAL B 813 53.37 -14.80 3.94
C VAL B 813 54.05 -13.47 4.26
N PRO B 814 53.52 -12.33 3.82
CA PRO B 814 54.31 -11.10 3.92
C PRO B 814 54.37 -10.50 5.32
N LYS B 815 54.97 -9.31 5.42
CA LYS B 815 54.94 -8.53 6.64
C LYS B 815 53.52 -8.05 6.93
N LEU B 816 53.34 -7.42 8.09
CA LEU B 816 51.97 -7.15 8.52
C LEU B 816 51.38 -5.93 7.83
N GLY B 817 51.98 -4.76 8.00
CA GLY B 817 51.34 -3.54 7.52
C GLY B 817 51.38 -3.33 6.02
N GLN B 818 50.68 -4.16 5.25
CA GLN B 818 50.67 -4.09 3.80
C GLN B 818 49.30 -4.50 3.28
N SER B 819 48.73 -3.70 2.43
CA SER B 819 47.46 -4.10 1.86
C SER B 819 47.69 -5.07 0.70
N PRO B 820 46.81 -6.05 0.52
CA PRO B 820 46.92 -6.93 -0.64
C PRO B 820 46.28 -6.31 -1.86
N GLN B 821 46.65 -6.83 -3.01
CA GLN B 821 46.07 -6.38 -4.26
C GLN B 821 45.23 -7.48 -4.87
N PHE B 822 44.47 -7.11 -5.89
CA PHE B 822 43.69 -8.09 -6.64
C PHE B 822 44.57 -8.56 -7.79
N ASP B 823 45.49 -9.46 -7.47
CA ASP B 823 46.41 -10.03 -8.42
C ASP B 823 46.18 -11.53 -8.50
N THR B 824 47.14 -12.22 -9.12
CA THR B 824 47.01 -13.63 -9.48
C THR B 824 46.90 -14.53 -8.26
N HIS B 825 47.33 -14.07 -7.09
CA HIS B 825 47.16 -14.88 -5.89
C HIS B 825 45.73 -14.90 -5.35
N LEU B 826 44.79 -14.21 -6.00
CA LEU B 826 43.37 -14.32 -5.67
C LEU B 826 42.54 -15.00 -6.75
N LEU B 827 43.11 -15.29 -7.92
CA LEU B 827 42.43 -16.12 -8.90
C LEU B 827 42.49 -17.58 -8.48
N GLU B 828 41.33 -18.16 -8.21
CA GLU B 828 41.24 -19.57 -7.86
C GLU B 828 40.65 -20.36 -9.01
N ASN B 829 41.05 -21.62 -9.09
CA ASN B 829 40.65 -22.54 -10.15
C ASN B 829 39.33 -23.17 -9.75
N ALA B 830 38.23 -22.65 -10.28
CA ALA B 830 36.90 -23.04 -9.83
C ALA B 830 36.26 -24.10 -10.72
N SER B 831 37.06 -24.96 -11.33
CA SER B 831 36.50 -26.05 -12.13
C SER B 831 35.98 -27.15 -11.23
N PHE B 832 34.89 -27.79 -11.61
CA PHE B 832 34.28 -28.75 -10.71
C PHE B 832 33.69 -29.93 -11.47
N LEU B 833 33.45 -30.99 -10.71
CA LEU B 833 32.69 -32.15 -11.14
C LEU B 833 31.71 -32.46 -10.02
N ARG B 834 30.42 -32.51 -10.33
CA ARG B 834 29.40 -32.61 -9.31
C ARG B 834 28.48 -33.78 -9.60
N LEU B 835 28.20 -34.58 -8.59
CA LEU B 835 27.17 -35.60 -8.68
C LEU B 835 25.84 -34.90 -8.47
N LYS B 836 25.07 -34.73 -9.55
CA LYS B 836 23.87 -33.91 -9.48
C LYS B 836 22.78 -34.57 -8.65
N ASN B 837 22.33 -35.75 -9.05
CA ASN B 837 21.37 -36.47 -8.23
C ASN B 837 21.70 -37.95 -8.26
N LEU B 838 21.29 -38.64 -7.20
CA LEU B 838 21.53 -40.07 -7.02
C LEU B 838 20.21 -40.68 -6.57
N LYS B 839 19.47 -41.28 -7.48
CA LYS B 839 18.12 -41.73 -7.19
C LYS B 839 18.08 -43.24 -7.09
N LEU B 840 17.35 -43.75 -6.11
CA LEU B 840 17.16 -45.19 -5.91
C LEU B 840 15.67 -45.42 -5.77
N THR B 841 15.05 -46.00 -6.79
CA THR B 841 13.61 -46.18 -6.79
C THR B 841 13.25 -47.66 -6.81
N TYR B 842 12.04 -47.98 -6.38
CA TYR B 842 11.61 -49.37 -6.33
C TYR B 842 10.13 -49.45 -6.67
N VAL B 843 9.82 -49.87 -7.89
CA VAL B 843 8.45 -50.08 -8.29
C VAL B 843 7.92 -51.34 -7.61
N LEU B 844 6.80 -51.20 -6.90
CA LEU B 844 6.24 -52.35 -6.19
C LEU B 844 5.67 -53.34 -7.19
N PRO B 845 5.85 -54.64 -6.95
CA PRO B 845 5.55 -55.63 -7.99
C PRO B 845 4.06 -55.82 -8.18
N ASN B 846 3.70 -56.30 -9.37
CA ASN B 846 2.30 -56.41 -9.77
C ASN B 846 1.56 -57.56 -9.09
N SER B 847 2.25 -58.38 -8.30
CA SER B 847 1.60 -59.50 -7.64
C SER B 847 0.78 -59.07 -6.43
N LEU B 848 1.13 -57.94 -5.80
CA LEU B 848 0.41 -57.51 -4.60
C LEU B 848 -0.96 -56.95 -4.94
N PHE B 849 -1.08 -56.25 -6.06
CA PHE B 849 -2.36 -55.68 -6.49
C PHE B 849 -3.06 -56.63 -7.46
N ALA B 850 -3.39 -57.81 -6.93
CA ALA B 850 -3.99 -58.85 -7.75
C ALA B 850 -5.51 -58.81 -7.69
N GLY B 851 -6.08 -58.80 -6.49
CA GLY B 851 -7.51 -58.80 -6.31
C GLY B 851 -8.13 -57.44 -6.06
N GLN B 852 -7.39 -56.49 -5.49
CA GLN B 852 -7.92 -55.17 -5.22
C GLN B 852 -7.88 -54.35 -6.50
N ASN B 853 -9.04 -53.79 -6.87
CA ASN B 853 -9.18 -53.05 -8.11
C ASN B 853 -9.18 -51.54 -7.94
N VAL B 854 -8.94 -51.03 -6.72
CA VAL B 854 -8.91 -49.59 -6.54
C VAL B 854 -7.50 -49.02 -6.57
N ILE B 855 -6.46 -49.82 -6.35
CA ILE B 855 -5.08 -49.39 -6.44
C ILE B 855 -4.37 -50.25 -7.47
N GLY B 856 -3.67 -49.61 -8.40
CA GLY B 856 -3.07 -50.34 -9.49
C GLY B 856 -1.56 -50.23 -9.57
N GLY B 857 -0.95 -49.52 -8.63
CA GLY B 857 0.48 -49.35 -8.67
C GLY B 857 0.94 -48.54 -7.49
N ALA B 858 2.25 -48.62 -7.23
CA ALA B 858 2.90 -47.89 -6.15
C ALA B 858 4.37 -47.82 -6.46
N ARG B 859 5.02 -46.76 -6.00
CA ARG B 859 6.43 -46.57 -6.31
C ARG B 859 7.05 -45.72 -5.22
N VAL B 860 8.18 -46.17 -4.69
CA VAL B 860 8.88 -45.52 -3.60
C VAL B 860 10.28 -45.19 -4.05
N TYR B 861 10.76 -43.98 -3.77
CA TYR B 861 12.11 -43.61 -4.16
C TYR B 861 12.80 -42.84 -3.05
N LEU B 862 14.11 -43.01 -2.97
CA LEU B 862 14.99 -42.13 -2.20
C LEU B 862 15.84 -41.32 -3.15
N MET B 863 16.24 -40.13 -2.73
CA MET B 863 16.90 -39.21 -3.64
C MET B 863 17.84 -38.33 -2.84
N ALA B 864 19.01 -38.04 -3.40
CA ALA B 864 19.95 -37.14 -2.79
C ALA B 864 20.53 -36.23 -3.85
N ARG B 865 20.43 -34.93 -3.64
CA ARG B 865 20.86 -33.94 -4.61
C ARG B 865 22.09 -33.21 -4.07
N ASN B 866 23.10 -33.06 -4.95
CA ASN B 866 24.31 -32.25 -4.74
C ASN B 866 25.25 -32.83 -3.69
N LEU B 867 25.35 -34.16 -3.59
CA LEU B 867 26.05 -34.72 -2.45
C LEU B 867 27.52 -35.02 -2.71
N LEU B 868 28.07 -34.64 -3.86
CA LEU B 868 29.51 -34.82 -4.09
C LEU B 868 30.01 -33.71 -4.98
N THR B 869 31.18 -33.16 -4.64
CA THR B 869 31.80 -32.09 -5.42
C THR B 869 33.31 -32.28 -5.38
N VAL B 870 33.96 -32.19 -6.52
CA VAL B 870 35.40 -32.33 -6.63
C VAL B 870 35.97 -31.01 -7.12
N THR B 871 36.63 -30.27 -6.24
CA THR B 871 37.09 -28.92 -6.54
C THR B 871 38.50 -28.69 -6.05
N LYS B 872 39.04 -27.54 -6.43
CA LYS B 872 40.18 -26.93 -5.76
C LYS B 872 39.85 -25.55 -5.22
N TYR B 873 38.60 -25.12 -5.33
CA TYR B 873 38.17 -23.80 -4.89
C TYR B 873 37.96 -23.81 -3.38
N LYS B 874 38.62 -22.89 -2.69
CA LYS B 874 38.47 -22.74 -1.24
C LYS B 874 37.52 -21.61 -0.89
N GLY B 875 36.25 -21.74 -1.23
CA GLY B 875 35.37 -20.60 -1.05
C GLY B 875 33.89 -20.77 -0.78
N PHE B 876 33.49 -21.94 -0.28
CA PHE B 876 32.14 -22.50 -0.02
C PHE B 876 31.40 -22.97 -1.26
N ASP B 877 31.73 -22.48 -2.47
CA ASP B 877 31.06 -22.92 -3.69
C ASP B 877 31.72 -22.41 -4.96
N PRO B 878 32.02 -23.27 -5.92
CA PRO B 878 32.63 -22.81 -7.17
C PRO B 878 31.62 -22.28 -8.19
N GLU B 879 30.39 -22.76 -8.13
CA GLU B 879 29.41 -22.42 -9.15
C GLU B 879 28.82 -21.04 -8.95
N ALA B 880 28.74 -20.57 -7.71
CA ALA B 880 28.18 -19.26 -7.40
C ALA B 880 29.24 -18.20 -7.67
N GLY B 881 29.06 -17.41 -8.72
CA GLY B 881 30.17 -16.63 -9.19
C GLY B 881 29.92 -15.88 -10.48
N GLY B 882 30.81 -16.04 -11.46
CA GLY B 882 30.78 -15.14 -12.59
C GLY B 882 31.78 -14.02 -12.46
N ASN B 883 33.05 -14.41 -12.34
CA ASN B 883 34.34 -13.72 -12.22
C ASN B 883 34.66 -13.21 -10.83
N VAL B 884 33.72 -13.15 -9.89
CA VAL B 884 33.97 -12.64 -8.54
C VAL B 884 33.07 -13.42 -7.60
N GLY B 885 33.67 -14.08 -6.60
CA GLY B 885 32.91 -14.73 -5.59
C GLY B 885 32.70 -13.88 -4.37
N LYS B 886 31.55 -13.24 -4.30
CA LYS B 886 31.21 -12.37 -3.20
C LYS B 886 30.55 -13.17 -2.09
N ASN B 887 29.91 -12.48 -1.15
CA ASN B 887 29.26 -13.12 -0.01
C ASN B 887 28.07 -13.91 -0.54
N GLN B 888 28.28 -15.20 -0.76
CA GLN B 888 27.39 -15.99 -1.59
C GLN B 888 26.50 -16.90 -0.77
N TYR B 889 25.32 -17.18 -1.33
CA TYR B 889 24.33 -18.08 -0.77
C TYR B 889 24.66 -19.40 -1.41
N PRO B 890 25.33 -20.34 -0.73
CA PRO B 890 25.83 -21.52 -1.42
C PRO B 890 24.71 -22.46 -1.85
N ASN B 891 25.05 -23.39 -2.73
CA ASN B 891 24.05 -24.33 -3.22
C ASN B 891 23.67 -25.32 -2.13
N SER B 892 22.42 -25.76 -2.17
CA SER B 892 21.90 -26.64 -1.14
C SER B 892 22.39 -28.06 -1.35
N LYS B 893 22.03 -28.93 -0.41
CA LYS B 893 22.25 -30.37 -0.52
C LYS B 893 21.00 -31.04 0.02
N GLN B 894 20.25 -31.72 -0.83
CA GLN B 894 18.93 -32.20 -0.45
C GLN B 894 18.92 -33.70 -0.23
N TYR B 895 18.05 -34.14 0.69
CA TYR B 895 17.72 -35.54 0.89
C TYR B 895 16.21 -35.66 0.87
N VAL B 896 15.66 -36.34 -0.13
CA VAL B 896 14.23 -36.35 -0.41
C VAL B 896 13.76 -37.80 -0.45
N ALA B 897 12.59 -38.07 0.14
CA ALA B 897 12.01 -39.41 0.14
C ALA B 897 10.52 -39.30 -0.14
N GLY B 898 10.09 -39.76 -1.32
CA GLY B 898 8.71 -39.59 -1.73
C GLY B 898 8.06 -40.90 -2.12
N ILE B 899 6.76 -40.83 -2.37
CA ILE B 899 5.96 -41.95 -2.84
C ILE B 899 5.06 -41.50 -3.99
N GLN B 900 4.63 -42.46 -4.78
CA GLN B 900 3.67 -42.24 -5.85
C GLN B 900 2.68 -43.39 -5.87
N LEU B 901 1.40 -43.08 -5.79
CA LEU B 901 0.32 -44.06 -5.85
C LEU B 901 -0.44 -43.87 -7.15
N SER B 902 -0.35 -44.83 -8.06
CA SER B 902 -1.07 -44.73 -9.32
C SER B 902 -2.37 -45.49 -9.27
N PHE B 903 -3.34 -45.00 -8.51
CA PHE B 903 -4.50 -45.79 -8.18
C PHE B 903 -5.70 -45.38 -9.00
N SER C 1 21.83 -6.06 8.39
CA SER C 1 22.28 -4.69 8.53
C SER C 1 23.67 -4.60 9.13
N GLY C 2 24.11 -3.40 9.46
CA GLY C 2 25.41 -3.20 10.05
C GLY C 2 26.28 -2.23 9.27
N ALA C 3 27.58 -2.22 9.55
CA ALA C 3 28.52 -1.40 8.80
C ALA C 3 29.03 -2.16 7.59
N THR C 4 29.22 -1.45 6.49
CA THR C 4 29.68 -2.05 5.25
C THR C 4 31.20 -2.05 5.21
N THR C 5 31.80 -3.19 4.92
CA THR C 5 33.24 -3.28 4.79
C THR C 5 33.62 -3.15 3.32
N ALA C 6 34.46 -2.18 3.00
CA ALA C 6 34.68 -1.77 1.62
C ALA C 6 35.76 -2.64 0.97
N THR C 7 36.22 -2.21 -0.22
CA THR C 7 37.11 -2.91 -1.17
C THR C 7 36.51 -4.22 -1.68
N THR C 8 35.49 -4.06 -2.50
CA THR C 8 34.96 -5.10 -3.36
C THR C 8 35.39 -4.86 -4.80
N THR C 9 35.44 -5.94 -5.58
CA THR C 9 35.52 -5.81 -7.02
C THR C 9 34.11 -5.90 -7.60
N THR C 10 33.79 -4.97 -8.49
CA THR C 10 32.45 -4.92 -9.07
C THR C 10 32.29 -6.04 -10.08
N SER C 11 31.25 -6.84 -9.91
CA SER C 11 31.04 -8.00 -10.75
C SER C 11 30.43 -7.64 -12.08
N ASN C 12 31.13 -7.95 -13.17
CA ASN C 12 30.55 -8.01 -14.51
C ASN C 12 30.93 -9.34 -15.14
N SER C 13 29.99 -9.89 -15.91
CA SER C 13 29.83 -11.33 -16.16
C SER C 13 29.71 -12.03 -14.82
N CYS D 1 -10.01 -25.44 13.49
CA CYS D 1 -10.49 -24.28 12.74
C CYS D 1 -11.01 -23.20 13.65
N GLU D 2 -10.20 -22.17 13.87
CA GLU D 2 -10.66 -20.98 14.57
C GLU D 2 -11.13 -19.95 13.56
N LEU D 3 -12.24 -19.30 13.84
CA LEU D 3 -12.86 -18.35 12.95
C LEU D 3 -13.10 -17.03 13.66
N ASP D 4 -12.06 -16.53 14.30
CA ASP D 4 -12.03 -15.17 14.81
C ASP D 4 -11.35 -14.30 13.76
N ARG D 5 -12.00 -13.22 13.38
CA ARG D 5 -11.41 -12.25 12.45
C ARG D 5 -11.41 -10.89 13.14
N ASP D 6 -10.26 -10.51 13.70
CA ASP D 6 -10.03 -9.28 14.43
C ASP D 6 -9.86 -8.11 13.47
N PRO D 7 -10.41 -6.94 13.80
CA PRO D 7 -10.38 -5.83 12.84
C PRO D 7 -8.99 -5.26 12.68
N GLU D 8 -8.54 -5.17 11.44
CA GLU D 8 -7.24 -4.57 11.19
C GLU D 8 -7.40 -3.07 11.06
N GLY D 9 -6.59 -2.33 11.76
CA GLY D 9 -6.66 -0.89 11.77
C GLY D 9 -7.16 -0.30 13.05
N LYS D 10 -7.65 -1.13 13.97
CA LYS D 10 -8.03 -0.67 15.29
C LYS D 10 -7.89 -1.83 16.27
N ASP D 11 -7.80 -1.47 17.53
CA ASP D 11 -7.77 -2.40 18.64
C ASP D 11 -9.16 -2.58 19.21
N PHE D 12 -9.33 -3.58 20.06
CA PHE D 12 -10.60 -3.75 20.74
C PHE D 12 -10.32 -4.19 22.17
N GLN D 13 -11.35 -4.12 23.01
CA GLN D 13 -11.19 -4.35 24.43
C GLN D 13 -11.04 -5.84 24.73
N GLN D 14 -9.95 -6.20 25.43
CA GLN D 14 -9.54 -7.57 25.71
C GLN D 14 -8.46 -7.52 26.78
N PRO D 15 -8.08 -8.62 27.42
CA PRO D 15 -6.94 -8.57 28.34
C PRO D 15 -5.64 -8.32 27.62
N TYR D 16 -4.75 -7.57 28.27
CA TYR D 16 -3.55 -7.06 27.64
C TYR D 16 -2.54 -8.17 27.36
N THR D 17 -1.64 -7.89 26.42
CA THR D 17 -0.59 -8.83 26.03
C THR D 17 0.79 -8.20 26.01
N SER D 18 0.93 -6.90 26.27
CA SER D 18 2.22 -6.26 26.27
C SER D 18 2.18 -5.07 27.19
N PHE D 19 3.35 -4.49 27.44
CA PHE D 19 3.42 -3.33 28.32
C PHE D 19 3.09 -2.05 27.59
N VAL D 20 3.30 -2.01 26.27
CA VAL D 20 3.02 -0.80 25.53
C VAL D 20 1.53 -0.60 25.38
N GLN D 21 0.77 -1.69 25.26
CA GLN D 21 -0.69 -1.60 25.23
C GLN D 21 -1.23 -1.07 26.55
N THR D 22 -0.65 -1.52 27.68
CA THR D 22 -1.05 -1.03 28.99
C THR D 22 -0.74 0.44 29.16
N LYS D 23 0.45 0.86 28.73
CA LYS D 23 0.82 2.26 28.86
C LYS D 23 -0.04 3.17 27.97
N GLN D 24 -0.38 2.71 26.78
CA GLN D 24 -1.19 3.53 25.88
C GLN D 24 -2.63 3.62 26.35
N ASN D 25 -3.17 2.53 26.89
CA ASN D 25 -4.52 2.57 27.44
C ASN D 25 -4.59 3.43 28.70
N ARG D 26 -3.51 3.48 29.49
CA ARG D 26 -3.47 4.39 30.63
C ARG D 26 -3.46 5.85 30.21
N ASP D 27 -2.67 6.20 29.17
CA ASP D 27 -2.67 7.58 28.68
C ASP D 27 -4.03 7.98 28.13
N GLY D 28 -4.73 7.07 27.47
CA GLY D 28 -6.08 7.37 27.05
C GLY D 28 -7.06 7.53 28.20
N LEU D 29 -6.83 6.80 29.28
CA LEU D 29 -7.66 6.99 30.48
C LEU D 29 -7.46 8.36 31.11
N TYR D 30 -6.22 8.85 31.11
CA TYR D 30 -5.97 10.19 31.65
C TYR D 30 -6.53 11.27 30.74
N ALA D 31 -6.42 11.10 29.42
CA ALA D 31 -7.04 12.05 28.49
C ALA D 31 -8.56 12.03 28.59
N LEU D 32 -9.14 10.90 28.98
CA LEU D 32 -10.57 10.87 29.26
C LEU D 32 -10.91 11.59 30.55
N LEU D 33 -10.08 11.42 31.59
CA LEU D 33 -10.33 12.08 32.88
C LEU D 33 -10.24 13.58 32.77
N ARG D 34 -9.42 14.10 31.85
CA ARG D 34 -9.28 15.54 31.66
C ARG D 34 -10.59 16.22 31.26
N ASN D 35 -11.43 15.56 30.47
CA ASN D 35 -12.71 16.13 30.05
C ASN D 35 -13.84 15.85 31.03
N THR D 36 -13.61 15.00 32.03
CA THR D 36 -14.61 14.66 33.02
C THR D 36 -14.50 15.56 34.25
N GLU D 37 -13.33 15.55 34.88
CA GLU D 37 -13.06 16.40 36.04
C GLU D 37 -12.62 17.77 35.55
N ASN D 38 -13.58 18.53 35.04
CA ASN D 38 -13.35 19.85 34.53
C ASN D 38 -13.95 20.90 35.45
N PRO D 39 -13.51 22.15 35.37
CA PRO D 39 -14.27 23.22 36.02
C PRO D 39 -15.62 23.46 35.38
N ARG D 40 -15.80 23.14 34.10
CA ARG D 40 -17.06 23.42 33.42
C ARG D 40 -18.18 22.49 33.85
N MET D 41 -17.85 21.36 34.48
CA MET D 41 -18.88 20.47 34.99
C MET D 41 -19.33 20.83 36.39
N HIS D 42 -18.50 21.55 37.14
CA HIS D 42 -18.81 21.87 38.52
C HIS D 42 -19.39 23.26 38.69
N PHE D 43 -19.76 23.92 37.61
CA PHE D 43 -20.36 25.24 37.74
C PHE D 43 -21.83 25.17 38.13
N TYR D 44 -22.50 24.05 37.89
CA TYR D 44 -23.92 23.96 38.18
C TYR D 44 -24.18 23.81 39.66
N GLN D 45 -23.25 23.22 40.41
CA GLN D 45 -23.35 23.17 41.86
C GLN D 45 -22.74 24.38 42.53
N GLU D 46 -22.06 25.24 41.76
CA GLU D 46 -21.62 26.52 42.29
C GLU D 46 -22.74 27.54 42.23
N LEU D 47 -23.54 27.51 41.16
CA LEU D 47 -24.63 28.45 40.98
C LEU D 47 -25.85 28.10 41.81
N GLN D 48 -25.98 26.87 42.29
CA GLN D 48 -27.11 26.51 43.13
C GLN D 48 -26.90 26.90 44.59
N SER D 49 -25.83 27.60 44.89
CA SER D 49 -25.53 28.06 46.24
C SER D 49 -26.20 29.41 46.48
N ASP D 50 -26.05 29.93 47.69
CA ASP D 50 -26.63 31.24 48.02
C ASP D 50 -25.63 32.37 47.84
N MET D 51 -24.95 32.42 46.70
CA MET D 51 -23.99 33.50 46.49
C MET D 51 -24.00 34.03 45.08
N TYR D 52 -25.12 33.94 44.36
CA TYR D 52 -25.17 34.41 42.99
C TYR D 52 -26.51 35.06 42.71
N CYS D 53 -26.50 35.96 41.74
CA CYS D 53 -27.68 36.69 41.32
C CYS D 53 -27.62 36.83 39.81
N THR D 54 -28.64 36.34 39.12
CA THR D 54 -28.64 36.39 37.67
C THR D 54 -28.91 37.81 37.20
N THR D 55 -28.41 38.12 36.01
CA THR D 55 -28.52 39.45 35.43
C THR D 55 -29.44 39.41 34.22
N ILE D 56 -29.54 40.55 33.53
CA ILE D 56 -30.41 40.64 32.34
C ILE D 56 -29.78 40.03 31.11
N THR D 57 -28.53 39.60 31.18
CA THR D 57 -27.87 38.92 30.07
C THR D 57 -28.33 37.47 29.95
N ASP D 58 -28.99 36.95 30.96
CA ASP D 58 -29.43 35.57 31.01
C ASP D 58 -30.48 35.27 29.94
N GLY D 59 -30.57 34.00 29.56
CA GLY D 59 -31.58 33.56 28.64
C GLY D 59 -32.32 32.34 29.15
N ASN D 60 -32.55 32.32 30.48
CA ASN D 60 -33.03 31.16 31.23
C ASN D 60 -32.16 29.93 30.97
N SER D 61 -30.84 30.11 31.15
CA SER D 61 -29.88 29.02 31.08
C SER D 61 -29.16 28.82 32.41
N LEU D 62 -28.62 29.89 32.99
CA LEU D 62 -28.09 29.87 34.35
C LEU D 62 -29.17 30.18 35.39
N ALA D 63 -30.39 30.44 34.94
CA ALA D 63 -31.56 30.74 35.76
C ALA D 63 -32.23 29.56 36.48
N PRO D 64 -32.31 28.33 35.95
CA PRO D 64 -32.92 27.25 36.75
C PRO D 64 -32.12 26.86 37.98
N PHE D 65 -30.86 27.23 38.07
CA PHE D 65 -30.06 26.85 39.22
C PHE D 65 -30.03 27.92 40.31
N VAL D 66 -29.96 29.20 39.94
CA VAL D 66 -29.87 30.24 40.95
C VAL D 66 -31.23 30.50 41.58
N ASN D 67 -32.31 30.25 40.86
CA ASN D 67 -33.66 30.53 41.33
C ASN D 67 -34.39 29.30 41.86
N TRP D 68 -33.76 28.13 41.78
CA TRP D 68 -34.28 26.86 42.28
C TRP D 68 -35.61 26.48 41.63
N ASP D 69 -35.59 26.39 40.30
CA ASP D 69 -36.78 26.07 39.51
C ASP D 69 -36.89 24.56 39.47
N LEU D 70 -37.67 23.99 40.39
CA LEU D 70 -37.76 22.55 40.55
C LEU D 70 -38.58 21.85 39.47
N GLY D 71 -39.14 22.59 38.52
CA GLY D 71 -39.76 21.95 37.37
C GLY D 71 -38.80 21.74 36.22
N ILE D 72 -37.76 22.58 36.13
CA ILE D 72 -36.76 22.40 35.10
C ILE D 72 -35.67 21.44 35.58
N LEU D 73 -35.36 21.47 36.88
CA LEU D 73 -34.30 20.62 37.41
C LEU D 73 -34.69 19.16 37.54
N ASN D 74 -35.93 18.79 37.26
CA ASN D 74 -36.35 17.40 37.45
C ASN D 74 -35.83 16.52 36.33
N ASP D 75 -35.74 17.06 35.12
CA ASP D 75 -35.09 16.39 33.98
C ASP D 75 -34.36 17.46 33.17
N HIS D 76 -33.11 17.72 33.53
CA HIS D 76 -32.33 18.81 32.99
C HIS D 76 -31.13 18.26 32.25
N GLY D 77 -30.72 18.95 31.20
CA GLY D 77 -29.48 18.64 30.52
C GLY D 77 -29.64 17.54 29.49
N ARG D 78 -28.67 17.48 28.59
CA ARG D 78 -28.66 16.51 27.51
C ARG D 78 -27.27 15.91 27.36
N ALA D 79 -27.21 14.68 26.87
CA ALA D 79 -25.95 13.98 26.67
C ALA D 79 -25.97 13.22 25.35
N ASP D 80 -26.37 13.90 24.27
CA ASP D 80 -26.20 13.35 22.95
C ASP D 80 -24.88 13.83 22.36
N GLU D 81 -24.62 13.52 21.10
CA GLU D 81 -23.31 13.75 20.52
C GLU D 81 -23.05 15.22 20.21
N ASP D 82 -24.10 16.05 20.16
CA ASP D 82 -23.91 17.46 19.88
C ASP D 82 -23.35 18.19 21.09
N GLU D 83 -23.84 17.86 22.28
CA GLU D 83 -23.51 18.60 23.48
C GLU D 83 -23.71 17.69 24.70
N VAL D 84 -22.73 17.72 25.60
CA VAL D 84 -22.81 17.01 26.87
C VAL D 84 -22.79 18.06 27.96
N SER D 85 -23.94 18.33 28.58
CA SER D 85 -24.05 19.40 29.55
C SER D 85 -25.22 19.15 30.48
N GLY D 86 -25.20 19.83 31.61
CA GLY D 86 -26.30 19.75 32.55
C GLY D 86 -26.14 18.62 33.53
N ILE D 87 -27.27 18.26 34.16
CA ILE D 87 -27.28 17.18 35.15
C ILE D 87 -27.11 15.84 34.46
N ALA D 88 -27.75 15.64 33.32
CA ALA D 88 -27.55 14.44 32.54
C ALA D 88 -26.13 14.37 31.98
N GLY D 89 -25.53 15.51 31.66
CA GLY D 89 -24.16 15.50 31.20
C GLY D 89 -23.18 15.15 32.30
N TYR D 90 -23.45 15.62 33.51
CA TYR D 90 -22.68 15.23 34.69
C TYR D 90 -22.72 13.73 34.92
N TYR D 91 -23.94 13.17 34.96
CA TYR D 91 -24.13 11.74 35.15
C TYR D 91 -23.47 10.92 34.06
N PHE D 92 -23.54 11.40 32.82
CA PHE D 92 -22.96 10.67 31.70
C PHE D 92 -21.44 10.63 31.78
N VAL D 93 -20.80 11.77 32.04
CA VAL D 93 -19.34 11.78 32.02
C VAL D 93 -18.77 11.01 33.20
N TYR D 94 -19.47 10.99 34.34
CA TYR D 94 -18.88 10.24 35.45
C TYR D 94 -19.13 8.74 35.33
N ASN D 95 -20.27 8.31 34.79
CA ASN D 95 -20.44 6.89 34.53
C ASN D 95 -19.53 6.41 33.39
N ARG D 96 -19.22 7.28 32.44
CA ARG D 96 -18.27 6.93 31.39
C ARG D 96 -16.88 6.70 31.94
N LEU D 97 -16.41 7.60 32.82
CA LEU D 97 -15.09 7.43 33.41
C LEU D 97 -15.03 6.20 34.30
N ASN D 98 -16.12 5.89 35.00
CA ASN D 98 -16.16 4.70 35.84
C ASN D 98 -16.06 3.43 35.02
N GLN D 99 -16.73 3.37 33.86
CA GLN D 99 -16.67 2.16 33.05
C GLN D 99 -15.33 1.98 32.37
N GLN D 100 -14.73 3.06 31.87
CA GLN D 100 -13.41 2.93 31.25
C GLN D 100 -12.34 2.55 32.26
N ALA D 101 -12.42 3.08 33.49
CA ALA D 101 -11.47 2.70 34.53
C ALA D 101 -11.66 1.26 34.96
N ASN D 102 -12.91 0.77 34.99
CA ASN D 102 -13.16 -0.64 35.25
C ASN D 102 -12.52 -1.54 34.22
N ALA D 103 -12.63 -1.16 32.94
CA ALA D 103 -12.02 -1.95 31.87
C ALA D 103 -10.51 -1.99 31.99
N PHE D 104 -9.88 -0.83 32.26
CA PHE D 104 -8.43 -0.79 32.38
C PHE D 104 -7.92 -1.59 33.57
N VAL D 105 -8.63 -1.51 34.70
CA VAL D 105 -8.18 -2.20 35.91
C VAL D 105 -8.33 -3.71 35.77
N ASN D 106 -9.45 -4.18 35.21
CA ASN D 106 -9.64 -5.62 35.07
C ASN D 106 -8.72 -6.21 34.01
N ASN D 107 -8.44 -5.47 32.93
CA ASN D 107 -7.51 -5.97 31.93
C ASN D 107 -6.08 -6.02 32.46
N THR D 108 -5.67 -5.02 33.25
CA THR D 108 -4.34 -5.03 33.84
C THR D 108 -4.18 -6.14 34.87
N GLU D 109 -5.22 -6.44 35.66
CA GLU D 109 -5.12 -7.53 36.62
C GLU D 109 -5.04 -8.89 35.93
N ALA D 110 -5.83 -9.09 34.86
CA ALA D 110 -5.73 -10.34 34.10
C ALA D 110 -4.38 -10.47 33.42
N ALA D 111 -3.81 -9.36 32.93
CA ALA D 111 -2.50 -9.44 32.30
C ALA D 111 -1.38 -9.63 33.33
N LEU D 112 -1.60 -9.19 34.56
CA LEU D 112 -0.60 -9.41 35.59
C LEU D 112 -0.60 -10.86 36.06
N GLN D 113 -1.78 -11.46 36.19
CA GLN D 113 -1.81 -12.86 36.61
C GLN D 113 -1.55 -13.83 35.46
N ASN D 114 -1.69 -13.40 34.21
CA ASN D 114 -1.42 -14.26 33.06
C ASN D 114 0.04 -14.29 32.65
N GLN D 115 0.89 -13.51 33.32
CA GLN D 115 2.36 -13.49 33.15
C GLN D 115 2.77 -13.18 31.71
N VAL D 116 2.41 -11.98 31.26
CA VAL D 116 2.76 -11.53 29.91
C VAL D 116 3.80 -10.42 29.93
N TYR D 117 4.27 -10.02 31.10
CA TYR D 117 5.28 -8.96 31.21
C TYR D 117 6.64 -9.60 31.38
N LYS D 118 7.62 -9.09 30.63
CA LYS D 118 8.86 -9.82 30.43
C LYS D 118 9.82 -9.66 31.61
N ASN D 119 10.25 -8.44 31.88
CA ASN D 119 11.24 -8.20 32.93
C ASN D 119 10.53 -7.88 34.25
N SER D 120 11.29 -7.35 35.21
CA SER D 120 10.70 -6.94 36.47
C SER D 120 10.30 -5.47 36.46
N THR D 121 10.93 -4.67 35.59
CA THR D 121 10.59 -3.25 35.46
C THR D 121 9.17 -3.07 34.97
N GLU D 122 8.74 -3.86 33.98
CA GLU D 122 7.40 -3.74 33.47
C GLU D 122 6.37 -4.26 34.45
N ILE D 123 6.72 -5.25 35.27
CA ILE D 123 5.80 -5.74 36.30
C ILE D 123 5.60 -4.69 37.39
N ALA D 124 6.69 -4.04 37.83
CA ALA D 124 6.58 -3.00 38.85
C ALA D 124 5.79 -1.80 38.34
N ASN D 125 6.07 -1.37 37.10
CA ASN D 125 5.35 -0.26 36.50
C ASN D 125 3.87 -0.60 36.30
N ALA D 126 3.56 -1.84 35.94
CA ALA D 126 2.17 -2.21 35.74
C ALA D 126 1.40 -2.28 37.06
N LYS D 127 2.08 -2.63 38.15
CA LYS D 127 1.40 -2.58 39.44
C LYS D 127 1.12 -1.14 39.88
N SER D 128 2.04 -0.22 39.60
CA SER D 128 1.73 1.20 39.86
C SER D 128 0.62 1.73 38.96
N PHE D 129 0.55 1.25 37.72
CA PHE D 129 -0.51 1.65 36.79
C PHE D 129 -1.88 1.16 37.27
N LEU D 130 -1.90 -0.05 37.83
CA LEU D 130 -3.12 -0.59 38.42
C LEU D 130 -3.58 0.23 39.62
N ALA D 131 -2.64 0.68 40.45
CA ALA D 131 -3.01 1.52 41.59
C ALA D 131 -3.61 2.86 41.14
N GLU D 132 -3.06 3.45 40.08
CA GLU D 132 -3.65 4.68 39.55
C GLU D 132 -5.07 4.47 39.03
N GLY D 133 -5.30 3.34 38.35
CA GLY D 133 -6.64 3.04 37.88
C GLY D 133 -7.65 2.86 39.00
N LYS D 134 -7.21 2.29 40.13
CA LYS D 134 -8.10 2.15 41.28
C LYS D 134 -8.44 3.51 41.92
N VAL D 135 -7.49 4.44 41.95
CA VAL D 135 -7.78 5.79 42.43
C VAL D 135 -8.81 6.48 41.54
N LEU D 136 -8.71 6.29 40.22
CA LEU D 136 -9.71 6.90 39.32
C LEU D 136 -11.09 6.27 39.46
N GLN D 137 -11.17 4.97 39.77
CA GLN D 137 -12.46 4.37 40.09
C GLN D 137 -13.09 4.98 41.34
N ALA D 138 -12.28 5.18 42.39
CA ALA D 138 -12.82 5.75 43.62
C ALA D 138 -13.26 7.19 43.42
N LEU D 139 -12.54 7.94 42.58
CA LEU D 139 -12.94 9.32 42.28
C LEU D 139 -14.26 9.37 41.52
N ALA D 140 -14.45 8.46 40.55
CA ALA D 140 -15.70 8.46 39.78
C ALA D 140 -16.89 8.11 40.65
N ILE D 141 -16.77 7.07 41.49
CA ILE D 141 -17.88 6.69 42.34
C ILE D 141 -18.18 7.75 43.40
N TRP D 142 -17.15 8.42 43.95
CA TRP D 142 -17.41 9.47 44.93
C TRP D 142 -18.07 10.67 44.29
N ARG D 143 -17.65 11.05 43.09
CA ARG D 143 -18.27 12.21 42.46
C ARG D 143 -19.68 11.94 41.98
N LEU D 144 -20.05 10.67 41.80
CA LEU D 144 -21.47 10.39 41.57
C LEU D 144 -22.27 10.36 42.86
N MET D 145 -21.71 9.76 43.92
CA MET D 145 -22.38 9.67 45.22
C MET D 145 -22.54 11.04 45.87
N ASP D 146 -21.72 12.00 45.50
CA ASP D 146 -21.81 13.34 46.08
C ASP D 146 -23.11 14.03 45.68
N ARG D 147 -23.48 13.95 44.40
CA ARG D 147 -24.66 14.67 43.93
C ARG D 147 -25.92 13.83 43.86
N PHE D 148 -25.83 12.51 43.70
CA PHE D 148 -27.04 11.73 43.47
C PHE D 148 -27.44 10.84 44.64
N SER D 149 -26.90 11.07 45.84
CA SER D 149 -27.29 10.31 47.02
C SER D 149 -27.50 11.25 48.18
N PHE D 150 -28.49 10.93 49.01
CA PHE D 150 -28.94 11.86 50.04
C PHE D 150 -27.96 11.94 51.20
N HIS D 151 -27.78 13.15 51.71
CA HIS D 151 -27.12 13.35 52.99
C HIS D 151 -28.00 12.80 54.11
N GLU D 152 -27.40 12.53 55.26
CA GLU D 152 -28.15 11.96 56.37
C GLU D 152 -29.13 12.95 56.99
N SER D 153 -28.89 14.25 56.82
CA SER D 153 -29.73 15.28 57.41
C SER D 153 -30.77 15.79 56.41
N VAL D 154 -31.60 14.87 55.91
CA VAL D 154 -32.66 15.21 54.98
C VAL D 154 -34.00 14.85 55.62
N THR D 155 -34.98 15.74 55.47
CA THR D 155 -36.26 15.56 56.15
C THR D 155 -37.20 14.64 55.37
N GLU D 156 -37.57 15.04 54.16
CA GLU D 156 -38.60 14.37 53.39
C GLU D 156 -38.03 13.89 52.06
N VAL D 157 -38.17 12.59 51.80
CA VAL D 157 -37.60 11.93 50.64
C VAL D 157 -38.68 11.07 50.00
N ASN D 158 -38.32 10.41 48.91
CA ASN D 158 -39.16 9.33 48.40
C ASN D 158 -39.08 8.15 49.35
N SER D 159 -40.17 7.39 49.44
CA SER D 159 -40.27 6.31 50.41
C SER D 159 -39.39 5.15 49.96
N GLY D 160 -38.24 5.00 50.62
CA GLY D 160 -37.30 3.93 50.32
C GLY D 160 -35.94 4.41 49.85
N ALA D 161 -35.80 5.68 49.49
CA ALA D 161 -34.56 6.22 48.95
C ALA D 161 -33.77 7.00 49.99
N LYS D 162 -33.92 6.65 51.26
CA LYS D 162 -33.22 7.39 52.30
C LYS D 162 -31.78 6.93 52.45
N ASP D 163 -31.53 5.62 52.33
CA ASP D 163 -30.21 5.05 52.56
C ASP D 163 -29.81 4.25 51.32
N LEU D 164 -29.89 4.88 50.16
CA LEU D 164 -29.47 4.29 48.91
C LEU D 164 -28.39 5.15 48.27
N GLY D 165 -27.56 4.51 47.46
CA GLY D 165 -26.49 5.24 46.80
C GLY D 165 -26.68 5.29 45.30
N VAL D 166 -25.58 5.16 44.56
CA VAL D 166 -25.62 5.10 43.12
C VAL D 166 -25.42 3.65 42.69
N ILE D 167 -25.63 3.39 41.40
CA ILE D 167 -25.55 2.03 40.89
C ILE D 167 -24.10 1.59 40.83
N LEU D 168 -23.70 0.77 41.80
CA LEU D 168 -22.32 0.34 41.96
C LEU D 168 -22.02 -0.75 40.96
N LEU D 169 -21.36 -0.39 39.86
CA LEU D 169 -20.96 -1.32 38.83
C LEU D 169 -19.46 -1.56 38.94
N LYS D 170 -19.05 -2.82 38.91
CA LYS D 170 -17.66 -3.20 39.15
C LYS D 170 -16.95 -3.79 37.95
N GLU D 171 -17.68 -4.21 36.92
CA GLU D 171 -17.11 -4.73 35.70
C GLU D 171 -17.44 -3.79 34.56
N TYR D 172 -16.99 -4.14 33.37
CA TYR D 172 -17.29 -3.38 32.16
C TYR D 172 -18.43 -4.09 31.45
N ASN D 173 -19.61 -3.50 31.49
CA ASN D 173 -20.61 -3.78 30.49
C ASN D 173 -21.46 -2.54 30.24
N PRO D 174 -21.55 -2.07 29.01
CA PRO D 174 -22.37 -0.89 28.74
C PRO D 174 -23.86 -1.17 28.83
N GLY D 175 -24.30 -2.38 28.53
CA GLY D 175 -25.70 -2.68 28.70
C GLY D 175 -25.98 -3.35 30.02
N TYR D 176 -26.37 -2.55 31.02
CA TYR D 176 -26.50 -3.06 32.38
C TYR D 176 -27.77 -2.51 32.99
N ILE D 177 -28.59 -3.40 33.52
CA ILE D 177 -29.86 -3.06 34.14
C ILE D 177 -29.80 -3.62 35.55
N GLY D 178 -29.63 -2.74 36.54
CA GLY D 178 -29.45 -3.18 37.90
C GLY D 178 -30.09 -2.26 38.92
N PRO D 179 -30.03 -2.65 40.19
CA PRO D 179 -30.59 -1.82 41.26
C PRO D 179 -29.56 -0.93 41.95
N ARG D 180 -30.03 0.01 42.76
CA ARG D 180 -29.12 0.88 43.48
C ARG D 180 -28.53 0.17 44.69
N ALA D 181 -27.21 0.20 44.81
CA ALA D 181 -26.56 -0.33 45.99
C ALA D 181 -26.77 0.60 47.17
N THR D 182 -26.66 0.05 48.37
CA THR D 182 -26.84 0.86 49.56
C THR D 182 -25.64 1.77 49.78
N LYS D 183 -25.82 2.78 50.62
CA LYS D 183 -24.81 3.82 50.81
C LYS D 183 -23.56 3.29 51.51
N ALA D 184 -23.76 2.34 52.43
CA ALA D 184 -22.63 1.76 53.15
C ALA D 184 -21.72 0.97 52.22
N GLN D 185 -22.31 0.24 51.27
CA GLN D 185 -21.51 -0.54 50.32
C GLN D 185 -20.72 0.36 49.39
N CYS D 186 -21.29 1.49 48.99
CA CYS D 186 -20.59 2.43 48.12
C CYS D 186 -19.43 3.10 48.84
N TYR D 187 -19.62 3.47 50.10
CA TYR D 187 -18.52 4.10 50.82
C TYR D 187 -17.42 3.10 51.19
N ASP D 188 -17.79 1.85 51.51
CA ASP D 188 -16.77 0.84 51.72
C ASP D 188 -16.01 0.51 50.44
N TYR D 189 -16.68 0.55 49.29
CA TYR D 189 -16.01 0.32 48.01
C TYR D 189 -15.00 1.42 47.69
N ILE D 190 -15.40 2.68 47.88
CA ILE D 190 -14.51 3.81 47.65
C ILE D 190 -13.28 3.74 48.56
N LEU D 191 -13.52 3.50 49.85
CA LEU D 191 -12.40 3.51 50.79
C LEU D 191 -11.51 2.28 50.63
N SER D 192 -12.05 1.15 50.14
CA SER D 192 -11.18 0.00 49.89
C SER D 192 -10.34 0.21 48.63
N ARG D 193 -10.90 0.88 47.61
CA ARG D 193 -10.10 1.25 46.44
C ARG D 193 -8.92 2.13 46.82
N LEU D 194 -9.18 3.19 47.58
CA LEU D 194 -8.09 4.08 47.99
C LEU D 194 -7.13 3.40 48.97
N SER D 195 -7.62 2.49 49.82
CA SER D 195 -6.76 1.78 50.74
C SER D 195 -5.81 0.83 50.03
N GLU D 196 -6.31 0.08 49.03
CA GLU D 196 -5.42 -0.78 48.24
C GLU D 196 -4.52 0.02 47.32
N ALA D 197 -4.88 1.27 47.00
CA ALA D 197 -4.02 2.02 46.09
C ALA D 197 -2.94 2.81 46.80
N ILE D 198 -3.11 3.11 48.08
CA ILE D 198 -2.12 3.94 48.78
C ILE D 198 -0.84 3.15 49.04
N GLU D 199 -0.95 1.87 49.39
CA GLU D 199 0.20 1.07 49.77
C GLU D 199 0.99 0.52 48.58
N VAL D 200 0.65 0.92 47.35
CA VAL D 200 1.37 0.46 46.16
C VAL D 200 2.12 1.61 45.50
N LEU D 201 1.55 2.81 45.52
CA LEU D 201 2.15 3.98 44.89
C LEU D 201 3.42 4.40 45.63
N PRO D 202 4.40 4.96 44.92
CA PRO D 202 5.65 5.36 45.58
C PRO D 202 5.47 6.61 46.42
N GLU D 203 6.42 6.79 47.35
CA GLU D 203 6.31 7.88 48.33
C GLU D 203 6.52 9.23 47.69
N ASN D 204 7.56 9.39 46.88
CA ASN D 204 7.86 10.64 46.20
C ASN D 204 7.09 10.73 44.90
N ARG D 205 6.54 11.91 44.62
CA ARG D 205 5.67 12.11 43.47
C ARG D 205 6.47 12.07 42.17
N GLU D 206 6.05 11.19 41.25
CA GLU D 206 6.76 11.01 39.99
C GLU D 206 6.56 12.21 39.07
N SER D 207 5.31 12.54 38.76
CA SER D 207 5.00 13.67 37.90
C SER D 207 3.67 14.26 38.32
N VAL D 208 3.50 15.56 38.04
CA VAL D 208 2.28 16.24 38.45
C VAL D 208 1.12 15.89 37.52
N LEU D 209 1.43 15.36 36.34
CA LEU D 209 0.39 15.05 35.37
C LEU D 209 -0.27 13.70 35.61
N TYR D 210 0.21 12.91 36.57
CA TYR D 210 -0.30 11.57 36.85
C TYR D 210 -0.59 11.43 38.34
N VAL D 211 -1.30 10.37 38.69
CA VAL D 211 -1.75 10.16 40.06
C VAL D 211 -0.58 9.71 40.91
N SER D 212 -0.39 10.36 42.05
CA SER D 212 0.66 10.05 43.01
C SER D 212 0.03 9.60 44.31
N ARG D 213 0.85 9.43 45.34
CA ARG D 213 0.33 9.07 46.64
C ARG D 213 -0.24 10.27 47.38
N ASP D 214 0.29 11.45 47.08
CA ASP D 214 -0.22 12.68 47.67
C ASP D 214 -1.66 12.95 47.25
N TYR D 215 -2.00 12.63 46.00
CA TYR D 215 -3.38 12.79 45.56
C TYR D 215 -4.30 11.79 46.22
N ALA D 216 -3.84 10.56 46.47
CA ALA D 216 -4.69 9.58 47.12
C ALA D 216 -4.93 9.92 48.58
N TYR D 217 -3.91 10.46 49.26
CA TYR D 217 -4.10 10.95 50.62
C TYR D 217 -5.03 12.16 50.66
N ALA D 218 -4.88 13.09 49.72
CA ALA D 218 -5.74 14.27 49.72
C ALA D 218 -7.18 13.93 49.37
N LEU D 219 -7.38 12.97 48.47
CA LEU D 219 -8.73 12.55 48.12
C LEU D 219 -9.38 11.77 49.26
N ARG D 220 -8.60 10.97 49.99
CA ARG D 220 -9.16 10.30 51.17
C ARG D 220 -9.48 11.29 52.28
N ALA D 221 -8.72 12.38 52.37
CA ALA D 221 -9.05 13.43 53.32
C ALA D 221 -10.34 14.15 52.95
N ARG D 222 -10.52 14.48 51.67
CA ARG D 222 -11.75 15.17 51.27
C ARG D 222 -12.96 14.25 51.30
N ILE D 223 -12.76 12.93 51.26
CA ILE D 223 -13.88 12.02 51.43
C ILE D 223 -14.24 11.86 52.91
N TYR D 224 -13.23 11.69 53.77
CA TYR D 224 -13.47 11.57 55.20
C TYR D 224 -14.02 12.84 55.82
N LEU D 225 -13.73 14.01 55.24
CA LEU D 225 -14.30 15.25 55.76
C LEU D 225 -15.79 15.33 55.48
N ALA D 226 -16.18 15.18 54.22
CA ALA D 226 -17.58 15.31 53.84
C ALA D 226 -18.41 14.13 54.32
N LEU D 227 -17.78 12.98 54.56
CA LEU D 227 -18.48 11.85 55.14
C LEU D 227 -18.88 12.10 56.58
N GLY D 228 -18.18 12.99 57.27
CA GLY D 228 -18.50 13.27 58.66
C GLY D 228 -17.62 12.53 59.64
N GLU D 229 -16.35 12.31 59.32
CA GLU D 229 -15.41 11.60 60.17
C GLU D 229 -14.16 12.46 60.30
N TYR D 230 -14.19 13.38 61.27
CA TYR D 230 -13.10 14.33 61.45
C TYR D 230 -11.86 13.73 62.10
N GLY D 231 -11.92 12.48 62.54
CA GLY D 231 -10.76 11.89 63.20
C GLY D 231 -9.67 11.52 62.22
N LYS D 232 -10.02 10.88 61.12
CA LYS D 232 -9.05 10.40 60.16
C LYS D 232 -8.83 11.37 58.99
N ALA D 233 -9.70 12.37 58.84
CA ALA D 233 -9.46 13.40 57.84
C ALA D 233 -8.22 14.21 58.16
N ALA D 234 -7.99 14.51 59.45
CA ALA D 234 -6.78 15.23 59.83
C ALA D 234 -5.55 14.36 59.70
N ALA D 235 -5.68 13.07 60.03
CA ALA D 235 -4.54 12.16 59.94
C ALA D 235 -4.15 11.88 58.50
N ASP D 236 -5.08 12.02 57.55
CA ASP D 236 -4.75 11.92 56.14
C ASP D 236 -4.33 13.24 55.54
N ALA D 237 -4.82 14.37 56.07
CA ALA D 237 -4.41 15.66 55.54
C ALA D 237 -3.04 16.10 56.03
N LYS D 238 -2.58 15.59 57.17
CA LYS D 238 -1.28 16.04 57.66
C LYS D 238 -0.11 15.29 57.02
N MET D 239 -0.36 14.38 56.09
CA MET D 239 0.73 13.69 55.40
C MET D 239 1.15 14.40 54.12
N VAL D 240 0.28 15.22 53.55
CA VAL D 240 0.56 15.95 52.32
C VAL D 240 0.96 17.39 52.60
N VAL D 241 0.45 17.98 53.69
CA VAL D 241 0.49 19.41 53.91
C VAL D 241 1.91 19.98 54.09
N ASP D 242 2.89 19.12 54.37
CA ASP D 242 4.26 19.55 54.55
C ASP D 242 5.06 19.56 53.24
N LYS D 243 4.51 19.04 52.15
CA LYS D 243 5.32 18.78 50.96
C LYS D 243 5.13 19.81 49.86
N TYR D 244 4.11 20.66 49.94
CA TYR D 244 3.83 21.64 48.89
C TYR D 244 3.73 23.02 49.51
N PRO D 245 4.63 23.94 49.18
CA PRO D 245 4.62 25.25 49.83
C PRO D 245 3.60 26.19 49.19
N LEU D 246 3.25 27.23 49.95
CA LEU D 246 2.30 28.20 49.46
C LEU D 246 3.00 29.24 48.57
N ILE D 247 2.18 30.05 47.91
CA ILE D 247 2.69 31.07 47.00
C ILE D 247 3.27 32.23 47.79
N GLY D 248 4.51 32.61 47.48
CA GLY D 248 5.12 33.78 48.06
C GLY D 248 5.16 34.95 47.10
N ALA D 249 4.40 36.00 47.38
CA ALA D 249 4.35 37.17 46.51
C ALA D 249 4.09 38.41 47.37
N ALA D 250 4.45 39.58 46.83
CA ALA D 250 4.26 40.83 47.55
C ALA D 250 3.10 41.66 47.01
N ASP D 251 2.95 41.75 45.70
CA ASP D 251 1.90 42.52 45.06
C ASP D 251 0.96 41.59 44.31
N ALA D 252 -0.26 42.07 44.04
CA ALA D 252 -1.28 41.24 43.40
C ALA D 252 -0.95 40.98 41.94
N SER D 253 -0.13 41.82 41.31
CA SER D 253 0.35 41.51 39.97
C SER D 253 1.30 40.32 39.99
N GLU D 254 2.14 40.21 41.04
CA GLU D 254 2.98 39.03 41.20
C GLU D 254 2.14 37.78 41.45
N PHE D 255 1.05 37.94 42.22
CA PHE D 255 0.14 36.83 42.48
C PHE D 255 -0.60 36.40 41.20
N GLU D 256 -0.94 37.34 40.32
CA GLU D 256 -1.61 36.93 39.10
C GLU D 256 -0.62 36.47 38.03
N ASN D 257 0.67 36.72 38.21
CA ASN D 257 1.60 36.11 37.27
C ASN D 257 2.14 34.77 37.73
N ILE D 258 2.03 34.44 39.02
CA ILE D 258 2.44 33.11 39.46
C ILE D 258 1.23 32.19 39.69
N TYR D 259 0.03 32.73 39.88
CA TYR D 259 -1.13 31.89 40.13
C TYR D 259 -1.76 31.37 38.85
N ARG D 260 -1.95 32.23 37.85
CA ARG D 260 -2.58 31.79 36.61
C ARG D 260 -1.67 30.84 35.83
N SER D 261 -0.36 30.96 36.00
CA SER D 261 0.57 30.07 35.31
C SER D 261 0.53 28.70 35.95
N ASP D 262 0.18 27.68 35.16
CA ASP D 262 0.07 26.32 35.67
C ASP D 262 1.42 25.70 35.95
N ALA D 263 2.43 26.01 35.13
CA ALA D 263 3.73 25.37 35.26
C ALA D 263 4.51 25.91 36.45
N ASN D 264 4.28 27.18 36.82
CA ASN D 264 5.02 27.83 37.87
C ASN D 264 4.35 27.79 39.23
N ASN D 265 3.14 27.25 39.31
CA ASN D 265 2.41 27.21 40.57
C ASN D 265 2.99 26.12 41.47
N PRO D 266 3.52 26.46 42.65
CA PRO D 266 4.08 25.43 43.53
C PRO D 266 3.07 24.75 44.44
N GLU D 267 1.77 24.88 44.17
CA GLU D 267 0.74 24.38 45.05
C GLU D 267 -0.03 23.20 44.50
N ILE D 268 -0.02 22.97 43.19
CA ILE D 268 -0.90 22.00 42.57
C ILE D 268 -0.37 20.60 42.82
N ILE D 269 -1.24 19.71 43.31
CA ILE D 269 -0.85 18.33 43.57
C ILE D 269 -1.02 17.47 42.32
N PHE D 270 -2.12 17.68 41.61
CA PHE D 270 -2.49 16.85 40.46
C PHE D 270 -3.18 17.76 39.47
N ARG D 271 -2.72 17.74 38.23
CA ARG D 271 -3.33 18.54 37.17
C ARG D 271 -3.17 17.78 35.86
N GLY D 272 -3.93 18.20 34.86
CA GLY D 272 -3.92 17.54 33.57
C GLY D 272 -3.04 18.27 32.57
N PHE D 273 -2.45 17.52 31.66
CA PHE D 273 -1.57 18.07 30.64
C PHE D 273 -2.37 18.96 29.70
N ALA D 274 -2.04 20.24 29.69
CA ALA D 274 -2.62 21.17 28.74
C ALA D 274 -1.51 22.00 28.11
N SER D 275 -1.69 22.32 26.84
CA SER D 275 -0.75 23.16 26.11
C SER D 275 -1.56 24.07 25.20
N ALA D 276 -0.89 24.72 24.26
CA ALA D 276 -1.56 25.67 23.39
C ALA D 276 -2.32 24.98 22.26
N THR D 277 -2.18 23.67 22.09
CA THR D 277 -2.80 22.94 21.00
C THR D 277 -3.72 21.83 21.47
N LEU D 278 -3.43 21.22 22.61
CA LEU D 278 -4.13 20.02 23.06
C LEU D 278 -4.39 20.10 24.54
N GLY D 279 -5.65 19.98 24.93
CA GLY D 279 -6.02 19.94 26.32
C GLY D 279 -6.46 21.25 26.92
N SER D 280 -6.65 22.28 26.11
CA SER D 280 -7.01 23.60 26.60
C SER D 280 -8.45 23.93 26.23
N PHE D 281 -9.14 24.63 27.12
CA PHE D 281 -10.56 24.91 26.95
C PHE D 281 -10.86 26.26 27.57
N THR D 282 -12.00 26.83 27.21
CA THR D 282 -12.41 28.15 27.70
C THR D 282 -13.53 27.97 28.72
N ALA D 283 -13.23 28.19 30.00
CA ALA D 283 -14.23 28.07 31.04
C ALA D 283 -14.88 29.40 31.36
N THR D 284 -15.38 30.09 30.34
CA THR D 284 -15.94 31.43 30.50
C THR D 284 -17.45 31.38 30.68
N THR D 285 -17.87 30.96 31.88
CA THR D 285 -19.27 30.90 32.24
C THR D 285 -19.62 31.87 33.36
N LEU D 286 -18.87 31.79 34.46
CA LEU D 286 -19.13 32.66 35.61
C LEU D 286 -18.62 34.08 35.37
N ASN D 287 -17.65 34.25 34.47
CA ASN D 287 -17.25 35.61 34.10
C ASN D 287 -17.87 36.03 32.77
N GLY D 288 -17.92 35.12 31.80
CA GLY D 288 -18.51 35.45 30.52
C GLY D 288 -17.66 36.35 29.66
N ALA D 289 -16.35 36.12 29.64
CA ALA D 289 -15.43 37.01 28.95
C ALA D 289 -15.47 36.80 27.45
N ALA D 290 -14.77 37.67 26.73
CA ALA D 290 -14.63 37.62 25.28
C ALA D 290 -13.39 38.35 24.83
N PRO D 291 -12.58 37.78 23.92
CA PRO D 291 -11.34 38.42 23.45
C PRO D 291 -11.49 39.40 22.29
N ALA D 292 -11.78 40.66 22.61
CA ALA D 292 -11.94 41.69 21.59
C ALA D 292 -10.60 42.36 21.32
N GLY D 293 -10.06 42.14 20.12
CA GLY D 293 -8.78 42.73 19.74
C GLY D 293 -7.62 42.21 20.55
N LYS D 294 -7.07 43.06 21.40
CA LYS D 294 -6.03 42.66 22.34
C LYS D 294 -6.50 42.70 23.79
N ASP D 295 -7.76 43.08 24.04
CA ASP D 295 -8.22 43.08 25.43
C ASP D 295 -9.51 42.30 25.59
N ILE D 296 -10.10 42.34 26.78
CA ILE D 296 -11.12 41.39 27.20
C ILE D 296 -12.38 42.16 27.61
N LYS D 297 -13.50 41.81 27.00
CA LYS D 297 -14.80 42.29 27.45
C LYS D 297 -15.44 41.28 28.39
N TYR D 298 -16.29 41.78 29.27
CA TYR D 298 -16.97 40.95 30.25
C TYR D 298 -18.47 41.19 30.15
N ASN D 299 -19.24 40.12 29.98
CA ASN D 299 -20.69 40.17 29.92
C ASN D 299 -21.26 39.00 30.72
N PRO D 300 -21.24 39.10 32.05
CA PRO D 300 -21.58 37.92 32.87
C PRO D 300 -23.07 37.68 32.95
N SER D 301 -23.43 36.40 33.05
CA SER D 301 -24.81 35.98 33.22
C SER D 301 -25.19 35.80 34.68
N ALA D 302 -24.24 35.90 35.60
CA ALA D 302 -24.51 35.80 37.03
C ALA D 302 -23.40 36.51 37.78
N VAL D 303 -23.78 37.44 38.66
CA VAL D 303 -22.82 38.22 39.45
C VAL D 303 -23.00 37.86 40.91
N PRO D 304 -21.98 37.94 41.76
CA PRO D 304 -22.14 37.58 43.16
C PRO D 304 -22.90 38.65 43.94
N PHE D 305 -23.31 38.27 45.14
CA PHE D 305 -24.00 39.17 46.06
C PHE D 305 -23.02 40.14 46.70
N GLN D 306 -23.51 40.92 47.66
CA GLN D 306 -22.68 41.90 48.35
C GLN D 306 -21.94 41.31 49.52
N TRP D 307 -22.48 40.28 50.19
CA TRP D 307 -21.79 39.69 51.32
C TRP D 307 -20.56 38.90 50.87
N VAL D 308 -20.58 38.39 49.64
CA VAL D 308 -19.39 37.77 49.08
C VAL D 308 -18.30 38.81 48.83
N VAL D 309 -18.70 40.03 48.49
CA VAL D 309 -17.75 41.12 48.30
C VAL D 309 -17.18 41.56 49.65
N ASP D 310 -18.05 41.75 50.64
CA ASP D 310 -17.60 42.18 51.96
C ASP D 310 -16.96 41.07 52.77
N LEU D 311 -16.96 39.82 52.28
CA LEU D 311 -16.15 38.80 52.93
C LEU D 311 -14.67 39.06 52.68
N TYR D 312 -14.30 39.42 51.46
CA TYR D 312 -12.93 39.81 51.16
C TYR D 312 -12.69 41.22 51.69
N GLU D 313 -11.69 41.36 52.56
CA GLU D 313 -11.26 42.70 52.92
C GLU D 313 -10.27 43.22 51.88
N ASN D 314 -10.02 44.52 51.91
CA ASN D 314 -9.53 45.24 50.74
C ASN D 314 -8.08 44.91 50.41
N GLU D 315 -7.25 44.65 51.41
CA GLU D 315 -5.84 44.37 51.19
C GLU D 315 -5.56 42.89 50.96
N ASP D 316 -6.36 42.27 50.08
CA ASP D 316 -6.27 40.85 49.78
C ASP D 316 -5.84 40.67 48.33
N PHE D 317 -5.02 39.65 48.10
CA PHE D 317 -4.65 39.32 46.73
C PHE D 317 -5.82 38.71 45.96
N ARG D 318 -6.71 38.00 46.63
CA ARG D 318 -7.82 37.33 46.00
C ARG D 318 -8.86 38.29 45.44
N LYS D 319 -8.88 39.54 45.87
CA LYS D 319 -9.83 40.51 45.37
C LYS D 319 -9.38 41.08 44.02
N SER D 320 -8.19 40.72 43.55
CA SER D 320 -7.76 41.09 42.22
C SER D 320 -7.61 39.91 41.27
N VAL D 321 -7.69 38.66 41.74
CA VAL D 321 -7.48 37.50 40.89
C VAL D 321 -8.71 36.59 40.86
N TYR D 322 -9.38 36.39 42.00
CA TYR D 322 -10.54 35.53 42.05
C TYR D 322 -11.79 36.31 41.69
N ILE D 323 -11.95 37.46 42.34
CA ILE D 323 -13.00 38.42 42.04
C ILE D 323 -12.34 39.58 41.30
N ALA D 324 -13.06 40.21 40.38
CA ALA D 324 -12.50 41.31 39.63
C ALA D 324 -13.52 42.42 39.44
N LYS D 325 -13.07 43.66 39.56
CA LYS D 325 -13.91 44.84 39.33
C LYS D 325 -13.82 45.23 37.86
N VAL D 326 -14.47 44.41 37.03
CA VAL D 326 -14.42 44.56 35.58
C VAL D 326 -15.78 44.56 34.92
N VAL D 327 -16.86 44.53 35.69
CA VAL D 327 -18.20 44.54 35.11
C VAL D 327 -18.60 45.99 34.85
N LYS D 328 -19.30 46.21 33.72
CA LYS D 328 -19.72 47.53 33.21
C LYS D 328 -18.54 48.46 32.95
N LYS D 329 -17.36 47.87 32.76
CA LYS D 329 -16.05 48.42 32.43
C LYS D 329 -15.38 49.22 33.55
N ASP D 330 -16.15 49.69 34.54
CA ASP D 330 -15.69 49.81 35.94
C ASP D 330 -16.96 50.00 36.78
N LYS D 331 -17.54 48.90 37.24
CA LYS D 331 -18.50 48.82 38.35
C LYS D 331 -18.26 47.48 39.04
N GLY D 332 -19.24 47.02 39.82
CA GLY D 332 -18.98 46.28 41.05
C GLY D 332 -17.99 45.14 41.07
N TYR D 333 -18.34 43.93 40.60
CA TYR D 333 -17.48 42.76 40.74
C TYR D 333 -18.06 41.59 39.96
N LEU D 334 -17.19 40.65 39.62
CA LEU D 334 -17.60 39.35 39.08
C LEU D 334 -16.55 38.30 39.44
N VAL D 335 -16.95 37.03 39.34
CA VAL D 335 -16.04 35.92 39.62
C VAL D 335 -15.14 35.71 38.41
N ASN D 336 -13.84 35.87 38.60
CA ASN D 336 -12.89 35.88 37.50
C ASN D 336 -11.73 34.94 37.78
N LYS D 337 -12.04 33.75 38.29
CA LYS D 337 -10.99 32.82 38.68
C LYS D 337 -10.42 32.10 37.48
N PHE D 338 -11.27 31.51 36.65
CA PHE D 338 -10.84 30.73 35.50
C PHE D 338 -10.82 31.59 34.25
N LEU D 339 -10.01 32.64 34.28
CA LEU D 339 -10.00 33.57 33.16
C LEU D 339 -9.15 33.03 32.02
N GLU D 340 -7.85 32.88 32.24
CA GLU D 340 -6.94 32.62 31.14
C GLU D 340 -5.65 32.02 31.68
N ASP D 341 -4.76 31.72 30.75
CA ASP D 341 -3.39 31.31 31.02
C ASP D 341 -2.55 31.80 29.85
N LYS D 342 -1.54 32.60 30.15
CA LYS D 342 -0.81 33.27 29.08
C LYS D 342 0.12 32.34 28.33
N ALA D 343 0.44 31.17 28.89
CA ALA D 343 1.32 30.23 28.20
C ALA D 343 0.58 29.38 27.19
N TYR D 344 -0.75 29.47 27.13
CA TYR D 344 -1.55 28.67 26.20
C TYR D 344 -2.08 29.50 25.05
N ARG D 345 -1.43 30.62 24.72
CA ARG D 345 -1.84 31.45 23.61
C ARG D 345 -1.06 31.07 22.36
N ASP D 346 -1.70 31.24 21.21
CA ASP D 346 -1.01 30.95 19.96
C ASP D 346 -0.25 32.17 19.45
N VAL D 347 -0.74 33.36 19.71
CA VAL D 347 0.03 34.59 19.53
C VAL D 347 -0.07 35.40 20.82
N GLN D 348 1.06 35.92 21.28
CA GLN D 348 1.22 36.36 22.65
C GLN D 348 0.72 37.77 22.91
N ASP D 349 -0.12 38.33 22.06
CA ASP D 349 -0.84 39.56 22.35
C ASP D 349 -2.35 39.40 22.29
N LYS D 350 -2.85 38.60 21.35
CA LYS D 350 -4.27 38.30 21.31
C LYS D 350 -4.60 37.22 22.33
N PRO D 351 -5.49 37.48 23.28
CA PRO D 351 -5.93 36.40 24.16
C PRO D 351 -6.89 35.47 23.46
N ASN D 352 -6.98 34.24 23.97
CA ASN D 352 -8.02 33.32 23.59
C ASN D 352 -8.72 32.70 24.79
N LEU D 353 -8.29 33.05 26.00
CA LEU D 353 -8.95 32.72 27.28
C LEU D 353 -9.05 31.21 27.50
N LYS D 354 -7.91 30.54 27.45
CA LYS D 354 -7.85 29.10 27.62
C LYS D 354 -7.18 28.76 28.94
N VAL D 355 -7.73 27.77 29.64
CA VAL D 355 -7.23 27.36 30.94
C VAL D 355 -6.81 25.90 30.90
N GLY D 356 -6.42 25.37 32.05
CA GLY D 356 -6.16 23.95 32.18
C GLY D 356 -6.85 23.40 33.40
N ALA D 357 -7.07 22.09 33.40
CA ALA D 357 -7.75 21.44 34.51
C ALA D 357 -6.79 21.23 35.67
N ARG D 358 -7.23 21.63 36.86
CA ARG D 358 -6.49 21.40 38.10
C ARG D 358 -7.37 20.53 38.98
N TYR D 359 -6.86 19.37 39.37
CA TYR D 359 -7.71 18.43 40.09
C TYR D 359 -7.64 18.61 41.60
N PHE D 360 -6.48 18.98 42.14
CA PHE D 360 -6.37 19.24 43.56
C PHE D 360 -5.34 20.33 43.78
N SER D 361 -5.44 21.01 44.92
CA SER D 361 -4.54 22.08 45.28
C SER D 361 -4.23 21.99 46.76
N VAL D 362 -3.23 22.74 47.22
CA VAL D 362 -2.79 22.60 48.60
C VAL D 362 -3.57 23.52 49.55
N ALA D 363 -4.30 24.50 49.03
CA ALA D 363 -5.14 25.32 49.89
C ALA D 363 -6.30 24.52 50.46
N GLU D 364 -6.84 23.60 49.66
CA GLU D 364 -7.93 22.76 50.09
C GLU D 364 -7.52 21.81 51.20
N VAL D 365 -6.30 21.27 51.13
CA VAL D 365 -5.88 20.35 52.19
C VAL D 365 -5.51 21.11 53.46
N TYR D 366 -5.06 22.36 53.33
CA TYR D 366 -4.90 23.25 54.48
C TYR D 366 -6.23 23.46 55.18
N LEU D 367 -7.29 23.72 54.39
CA LEU D 367 -8.60 24.00 54.97
C LEU D 367 -9.22 22.75 55.58
N ILE D 368 -9.01 21.58 54.97
CA ILE D 368 -9.47 20.32 55.54
C ILE D 368 -8.78 20.05 56.87
N LEU D 369 -7.46 20.32 56.94
CA LEU D 369 -6.71 20.09 58.16
C LEU D 369 -7.14 21.03 59.28
N VAL D 370 -7.38 22.31 58.97
CA VAL D 370 -7.75 23.23 60.05
C VAL D 370 -9.20 22.99 60.50
N GLU D 371 -10.11 22.60 59.61
CA GLU D 371 -11.47 22.31 60.05
C GLU D 371 -11.55 21.03 60.87
N SER D 372 -10.85 19.98 60.44
CA SER D 372 -10.84 18.75 61.22
C SER D 372 -10.08 18.92 62.53
N ALA D 373 -9.07 19.78 62.57
CA ALA D 373 -8.37 20.04 63.82
C ALA D 373 -9.20 20.89 64.77
N LEU D 374 -10.04 21.78 64.23
CA LEU D 374 -10.94 22.55 65.08
C LEU D 374 -12.02 21.67 65.68
N GLN D 375 -12.60 20.77 64.88
CA GLN D 375 -13.67 19.95 65.42
C GLN D 375 -13.21 18.65 66.08
N THR D 376 -11.92 18.32 66.04
CA THR D 376 -11.46 17.16 66.80
C THR D 376 -11.11 17.52 68.23
N GLY D 377 -11.11 18.80 68.58
CA GLY D 377 -10.79 19.22 69.93
C GLY D 377 -9.33 19.49 70.18
N ASP D 378 -8.49 19.47 69.16
CA ASP D 378 -7.06 19.74 69.31
C ASP D 378 -6.77 21.02 68.52
N THR D 379 -7.02 22.16 69.17
CA THR D 379 -6.83 23.49 68.61
C THR D 379 -5.42 24.04 68.36
N PRO D 380 -4.31 23.63 69.02
CA PRO D 380 -3.03 24.31 68.72
C PRO D 380 -2.45 24.06 67.34
N THR D 381 -2.93 23.06 66.59
CA THR D 381 -2.51 22.88 65.21
C THR D 381 -3.48 23.51 64.23
N ALA D 382 -4.39 24.35 64.71
CA ALA D 382 -5.40 24.97 63.85
C ALA D 382 -5.12 26.45 63.59
N GLU D 383 -4.56 27.19 64.55
CA GLU D 383 -4.28 28.59 64.29
C GLU D 383 -3.07 28.74 63.38
N LYS D 384 -2.15 27.77 63.44
CA LYS D 384 -0.89 27.81 62.69
C LYS D 384 -1.15 27.78 61.19
N TYR D 385 -1.88 26.77 60.72
CA TYR D 385 -2.09 26.58 59.30
C TYR D 385 -3.02 27.65 58.74
N LEU D 386 -3.98 28.11 59.54
CA LEU D 386 -4.91 29.12 59.03
C LEU D 386 -4.25 30.50 58.94
N LYS D 387 -3.45 30.89 59.93
CA LYS D 387 -2.73 32.15 59.77
C LYS D 387 -1.63 32.05 58.72
N ALA D 388 -1.05 30.87 58.53
CA ALA D 388 -0.08 30.69 57.46
C ALA D 388 -0.73 30.84 56.09
N LEU D 389 -1.89 30.23 55.90
CA LEU D 389 -2.61 30.32 54.62
C LEU D 389 -3.09 31.74 54.36
N SER D 390 -3.65 32.41 55.37
CA SER D 390 -4.16 33.75 55.15
C SER D 390 -3.05 34.78 54.99
N LYS D 391 -1.92 34.60 55.69
CA LYS D 391 -0.81 35.53 55.51
C LYS D 391 -0.12 35.30 54.17
N ALA D 392 -0.07 34.04 53.71
CA ALA D 392 0.48 33.76 52.39
C ALA D 392 -0.44 34.28 51.29
N ARG D 393 -1.74 34.31 51.54
CA ARG D 393 -2.67 34.83 50.55
C ARG D 393 -2.98 36.30 50.74
N GLY D 394 -2.35 36.96 51.71
CA GLY D 394 -2.61 38.37 51.90
C GLY D 394 -2.99 38.77 53.31
N ALA D 395 -4.22 39.21 53.48
CA ALA D 395 -4.71 39.70 54.75
C ALA D 395 -4.78 38.58 55.79
N GLU D 396 -4.43 38.92 57.02
CA GLU D 396 -4.29 37.94 58.09
C GLU D 396 -5.54 37.91 58.95
N VAL D 397 -5.96 36.71 59.35
CA VAL D 397 -7.07 36.55 60.27
C VAL D 397 -6.55 36.76 61.68
N SER D 398 -7.32 37.49 62.50
CA SER D 398 -6.89 37.82 63.85
C SER D 398 -6.91 36.61 64.76
N VAL D 399 -8.10 36.03 64.96
CA VAL D 399 -8.26 34.86 65.81
C VAL D 399 -9.26 33.94 65.13
N VAL D 400 -9.19 32.65 65.47
CA VAL D 400 -10.07 31.64 64.89
C VAL D 400 -11.19 31.32 65.87
N ASN D 401 -12.43 31.27 65.38
CA ASN D 401 -13.58 31.00 66.21
C ASN D 401 -14.64 30.20 65.45
N MET D 402 -14.20 29.44 64.44
CA MET D 402 -14.95 28.48 63.59
C MET D 402 -15.86 29.18 62.57
N GLU D 403 -16.11 30.48 62.72
CA GLU D 403 -16.76 31.20 61.63
C GLU D 403 -15.77 31.97 60.78
N ALA D 404 -14.59 32.31 61.32
CA ALA D 404 -13.51 32.80 60.49
C ALA D 404 -13.02 31.72 59.54
N LEU D 405 -13.09 30.46 59.95
CA LEU D 405 -12.77 29.36 59.06
C LEU D 405 -13.80 29.21 57.96
N GLN D 406 -15.08 29.38 58.29
CA GLN D 406 -16.12 29.35 57.26
C GLN D 406 -15.94 30.49 56.27
N ALA D 407 -15.55 31.66 56.78
CA ALA D 407 -15.24 32.78 55.90
C ALA D 407 -14.03 32.49 55.01
N GLU D 408 -13.02 31.82 55.55
CA GLU D 408 -11.82 31.52 54.77
C GLU D 408 -12.10 30.45 53.72
N ARG D 409 -12.91 29.45 54.06
CA ARG D 409 -13.25 28.40 53.10
C ARG D 409 -14.18 28.94 52.02
N THR D 410 -15.05 29.88 52.34
CA THR D 410 -15.84 30.52 51.30
C THR D 410 -14.98 31.42 50.42
N ARG D 411 -14.01 32.11 51.01
CA ARG D 411 -13.17 33.04 50.25
C ARG D 411 -12.23 32.30 49.32
N GLU D 412 -11.68 31.17 49.77
CA GLU D 412 -10.67 30.48 48.97
C GLU D 412 -11.30 29.65 47.87
N LEU D 413 -12.23 28.76 48.23
CA LEU D 413 -12.82 27.84 47.26
C LEU D 413 -14.09 28.43 46.66
N ILE D 414 -13.89 29.48 45.88
CA ILE D 414 -14.99 30.11 45.16
C ILE D 414 -14.91 29.65 43.70
N GLY D 415 -16.08 29.51 43.08
CA GLY D 415 -16.12 29.01 41.71
C GLY D 415 -15.77 27.55 41.56
N GLU D 416 -15.84 26.76 42.62
CA GLU D 416 -15.45 25.36 42.57
C GLU D 416 -16.58 24.39 42.81
N GLY D 417 -17.69 24.81 43.39
CA GLY D 417 -18.73 23.88 43.74
C GLY D 417 -18.61 23.30 45.13
N SER D 418 -17.79 23.89 45.98
CA SER D 418 -17.64 23.41 47.34
C SER D 418 -18.62 24.05 48.31
N ARG D 419 -19.38 25.05 47.87
CA ARG D 419 -20.28 25.74 48.78
C ARG D 419 -21.55 24.94 49.05
N LEU D 420 -22.14 24.35 48.00
CA LEU D 420 -23.38 23.60 48.15
C LEU D 420 -23.18 22.35 48.99
N ARG D 421 -21.98 21.76 48.95
CA ARG D 421 -21.66 20.67 49.86
C ARG D 421 -21.49 21.18 51.28
N ASP D 422 -21.08 22.44 51.43
CA ASP D 422 -20.79 22.99 52.76
C ASP D 422 -22.03 23.48 53.47
N MET D 423 -23.06 23.90 52.73
CA MET D 423 -24.29 24.36 53.35
C MET D 423 -25.04 23.21 54.01
N VAL D 424 -24.86 21.99 53.52
CA VAL D 424 -25.59 20.86 54.08
C VAL D 424 -24.91 20.38 55.37
N ARG D 425 -23.58 20.39 55.41
CA ARG D 425 -22.87 19.96 56.61
C ARG D 425 -22.94 21.00 57.73
N TRP D 426 -22.87 22.27 57.39
CA TRP D 426 -22.92 23.33 58.38
C TRP D 426 -24.34 23.75 58.73
N SER D 427 -25.34 23.14 58.08
CA SER D 427 -26.77 23.37 58.31
C SER D 427 -27.15 24.84 58.10
N ILE D 428 -26.93 25.30 56.88
CA ILE D 428 -27.23 26.67 56.47
C ILE D 428 -28.37 26.64 55.47
N PRO D 429 -29.44 27.39 55.68
CA PRO D 429 -30.49 27.51 54.66
C PRO D 429 -30.04 28.45 53.55
N ASN D 430 -30.90 28.64 52.58
CA ASN D 430 -30.50 29.43 51.42
C ASN D 430 -30.49 30.92 51.73
N ASN D 431 -31.67 31.48 52.02
CA ASN D 431 -31.90 32.94 52.16
C ASN D 431 -31.37 33.70 50.95
N HIS D 432 -31.77 33.25 49.76
CA HIS D 432 -31.32 33.89 48.53
C HIS D 432 -31.94 35.28 48.38
N ASP D 433 -33.19 35.44 48.80
CA ASP D 433 -33.90 36.69 48.66
C ASP D 433 -33.80 37.59 49.89
N ALA D 434 -33.11 37.14 50.95
CA ALA D 434 -32.89 37.99 52.10
C ALA D 434 -31.67 38.89 51.94
N PHE D 435 -30.68 38.44 51.18
CA PHE D 435 -29.48 39.23 50.95
C PHE D 435 -29.77 40.36 49.97
N GLU D 436 -28.79 41.23 49.79
CA GLU D 436 -28.91 42.37 48.91
C GLU D 436 -27.89 42.27 47.80
N THR D 437 -28.22 42.85 46.65
CA THR D 437 -27.31 42.87 45.52
C THR D 437 -26.30 43.98 45.67
N GLN D 438 -25.43 44.14 44.68
CA GLN D 438 -24.39 45.14 44.78
C GLN D 438 -24.94 46.53 44.48
N PRO D 439 -24.53 47.55 45.23
CA PRO D 439 -25.04 48.91 44.99
C PRO D 439 -24.46 49.56 43.74
N GLY D 440 -23.45 48.97 43.11
CA GLY D 440 -22.99 49.48 41.84
C GLY D 440 -23.76 48.92 40.67
N LEU D 441 -24.54 47.87 40.89
CA LEU D 441 -25.29 47.19 39.84
C LEU D 441 -26.75 47.08 40.26
N GLU D 442 -27.55 48.09 39.91
CA GLU D 442 -29.00 47.98 39.86
C GLU D 442 -29.44 48.32 38.45
N GLY D 443 -30.31 47.49 37.90
CA GLY D 443 -30.66 47.58 36.49
C GLY D 443 -29.98 46.48 35.72
N PHE D 444 -28.74 46.16 36.08
CA PHE D 444 -28.05 45.01 35.50
C PHE D 444 -28.49 43.72 36.17
N ALA D 445 -28.34 43.64 37.49
CA ALA D 445 -28.77 42.46 38.23
C ALA D 445 -30.28 42.40 38.30
N ASN D 446 -30.81 41.19 38.47
CA ASN D 446 -32.24 40.98 38.58
C ASN D 446 -32.66 40.84 40.03
N THR D 447 -33.97 40.93 40.26
CA THR D 447 -34.56 40.77 41.59
C THR D 447 -35.75 39.83 41.45
N THR D 448 -35.59 38.60 41.93
CA THR D 448 -36.67 37.62 41.87
C THR D 448 -36.51 36.65 43.04
N PRO D 449 -37.60 36.18 43.63
CA PRO D 449 -37.47 35.17 44.70
C PRO D 449 -37.30 33.78 44.12
N LEU D 450 -37.07 32.84 45.03
CA LEU D 450 -36.91 31.45 44.64
C LEU D 450 -38.24 30.86 44.18
N LYS D 451 -38.20 30.03 43.14
CA LYS D 451 -39.41 29.33 42.72
C LYS D 451 -39.82 28.29 43.75
N ALA D 452 -38.87 27.74 44.49
CA ALA D 452 -39.16 26.81 45.57
C ALA D 452 -38.22 27.11 46.72
N GLN D 453 -38.78 27.37 47.90
CA GLN D 453 -37.97 27.69 49.06
C GLN D 453 -37.19 26.47 49.51
N ALA D 454 -35.95 26.70 49.96
CA ALA D 454 -35.04 25.62 50.36
C ALA D 454 -34.68 25.78 51.83
N PRO D 455 -35.46 25.19 52.74
CA PRO D 455 -35.06 25.18 54.15
C PRO D 455 -33.98 24.15 54.42
N VAL D 456 -33.62 23.99 55.69
CA VAL D 456 -32.62 22.99 56.06
C VAL D 456 -33.24 21.61 55.97
N GLY D 457 -32.63 20.75 55.16
CA GLY D 457 -33.13 19.40 54.98
C GLY D 457 -34.04 19.22 53.80
N PHE D 458 -34.07 20.16 52.87
CA PHE D 458 -34.88 20.03 51.67
C PHE D 458 -34.32 18.94 50.77
N TYR D 459 -35.20 18.29 50.02
CA TYR D 459 -34.76 17.19 49.18
C TYR D 459 -33.99 17.66 47.95
N ALA D 460 -34.15 18.91 47.54
CA ALA D 460 -33.61 19.37 46.27
C ALA D 460 -32.13 19.74 46.34
N TYR D 461 -31.45 19.45 47.45
CA TYR D 461 -30.02 19.65 47.49
C TYR D 461 -29.27 18.54 46.76
N THR D 462 -29.91 17.41 46.53
CA THR D 462 -29.34 16.32 45.75
C THR D 462 -30.15 16.18 44.48
N TRP D 463 -29.46 16.03 43.36
CA TRP D 463 -30.12 16.03 42.08
C TRP D 463 -30.88 14.74 41.84
N GLU D 464 -31.76 14.77 40.85
CA GLU D 464 -32.59 13.63 40.50
C GLU D 464 -31.95 12.85 39.38
N PHE D 465 -32.09 11.53 39.43
CA PHE D 465 -31.62 10.63 38.38
C PHE D 465 -32.27 11.00 37.04
N PRO D 466 -31.54 10.87 35.93
CA PRO D 466 -32.02 11.43 34.66
C PRO D 466 -33.24 10.71 34.12
N GLN D 467 -33.84 11.32 33.11
CA GLN D 467 -35.11 10.84 32.59
C GLN D 467 -34.96 9.62 31.72
N ARG D 468 -33.82 9.46 31.02
CA ARG D 468 -33.65 8.30 30.16
C ARG D 468 -33.38 7.04 30.99
N ASP D 469 -32.65 7.17 32.09
CA ASP D 469 -32.67 6.17 33.14
C ASP D 469 -34.02 6.21 33.84
N ARG D 470 -34.35 5.13 34.55
CA ARG D 470 -35.59 4.94 35.33
C ARG D 470 -36.87 4.93 34.49
N GLN D 471 -36.76 5.10 33.16
CA GLN D 471 -37.79 4.69 32.23
C GLN D 471 -37.48 3.36 31.58
N THR D 472 -36.20 3.07 31.34
CA THR D 472 -35.75 1.81 30.78
C THR D 472 -35.34 0.81 31.86
N ASN D 473 -35.47 1.17 33.14
CA ASN D 473 -34.96 0.38 34.25
C ASN D 473 -35.95 0.49 35.40
N PRO D 474 -36.81 -0.52 35.60
CA PRO D 474 -37.81 -0.43 36.67
C PRO D 474 -37.27 -0.68 38.06
N GLN D 475 -36.00 -1.06 38.21
CA GLN D 475 -35.42 -1.27 39.52
C GLN D 475 -34.74 -0.03 40.09
N LEU D 476 -34.86 1.12 39.41
CA LEU D 476 -34.27 2.35 39.91
C LEU D 476 -35.28 3.08 40.78
N ILE D 477 -34.93 3.32 42.03
CA ILE D 477 -35.77 4.05 42.96
C ILE D 477 -35.40 5.52 42.87
N LYS D 478 -36.36 6.35 42.48
CA LYS D 478 -36.09 7.76 42.27
C LYS D 478 -35.90 8.49 43.60
N ASN D 479 -35.31 9.68 43.52
CA ASN D 479 -34.90 10.39 44.72
C ASN D 479 -36.00 11.29 45.29
N TRP D 480 -36.55 12.17 44.47
CA TRP D 480 -37.43 13.22 44.96
C TRP D 480 -38.83 12.67 45.22
N PRO D 481 -39.55 13.23 46.22
CA PRO D 481 -40.89 12.71 46.52
C PRO D 481 -41.97 13.12 45.53
N ILE D 482 -41.66 13.99 44.57
CA ILE D 482 -42.65 14.43 43.59
C ILE D 482 -42.83 13.39 42.49
N GLN E 1 -38.35 -32.92 -14.84
CA GLN E 1 -37.92 -31.65 -14.26
C GLN E 1 -37.37 -31.83 -12.86
N VAL E 2 -36.06 -31.98 -12.74
CA VAL E 2 -35.41 -32.10 -11.44
C VAL E 2 -34.83 -30.75 -11.06
N VAL E 3 -34.77 -30.47 -9.76
CA VAL E 3 -34.21 -29.22 -9.25
C VAL E 3 -33.29 -29.55 -8.08
N VAL E 4 -32.04 -29.15 -8.19
CA VAL E 4 -31.09 -29.26 -7.07
C VAL E 4 -31.43 -28.13 -6.11
N LEU E 5 -32.12 -28.45 -5.02
CA LEU E 5 -32.51 -27.43 -4.05
C LEU E 5 -31.50 -27.52 -2.91
N GLY E 6 -30.43 -26.73 -3.04
CA GLY E 6 -29.34 -26.78 -2.09
C GLY E 6 -28.26 -27.76 -2.49
N TYR E 7 -28.28 -28.94 -1.89
CA TYR E 7 -27.21 -29.90 -2.00
C TYR E 7 -27.76 -31.25 -2.43
N GLY E 8 -26.86 -32.17 -2.73
CA GLY E 8 -27.26 -33.51 -3.09
C GLY E 8 -27.70 -33.60 -4.54
N THR E 9 -28.53 -34.59 -4.82
CA THR E 9 -29.11 -34.80 -6.14
C THR E 9 -30.56 -34.35 -6.13
N GLY E 10 -30.97 -33.64 -7.17
CA GLY E 10 -32.31 -33.09 -7.20
C GLY E 10 -33.35 -34.18 -7.43
N GLN E 11 -34.44 -34.12 -6.68
CA GLN E 11 -35.40 -35.20 -6.76
C GLN E 11 -36.38 -35.03 -7.94
N LYS E 12 -37.23 -34.02 -7.88
CA LYS E 12 -38.21 -33.70 -8.91
C LYS E 12 -38.59 -32.25 -8.67
N LEU E 13 -39.58 -31.76 -9.41
CA LEU E 13 -40.23 -30.55 -8.98
C LEU E 13 -41.65 -30.83 -8.52
N SER E 14 -42.19 -32.00 -8.85
CA SER E 14 -43.52 -32.41 -8.46
C SER E 14 -43.56 -33.12 -7.12
N THR E 15 -42.40 -33.32 -6.46
CA THR E 15 -42.37 -33.93 -5.15
C THR E 15 -41.75 -33.06 -4.06
N VAL E 16 -41.12 -31.94 -4.41
CA VAL E 16 -40.62 -31.04 -3.38
C VAL E 16 -41.79 -30.29 -2.76
N SER E 17 -41.58 -29.78 -1.56
CA SER E 17 -42.65 -29.18 -0.79
C SER E 17 -42.25 -27.81 -0.27
N GLY E 18 -41.57 -27.01 -1.08
CA GLY E 18 -40.97 -25.82 -0.54
C GLY E 18 -41.01 -24.57 -1.38
N SER E 19 -41.95 -24.48 -2.33
CA SER E 19 -42.21 -23.28 -3.14
C SER E 19 -40.97 -22.86 -3.94
N VAL E 20 -40.56 -23.72 -4.86
CA VAL E 20 -39.47 -23.44 -5.78
C VAL E 20 -40.06 -22.89 -7.07
N ALA E 21 -39.44 -21.86 -7.63
CA ALA E 21 -39.82 -21.33 -8.93
C ALA E 21 -38.63 -21.47 -9.86
N LYS E 22 -38.77 -22.30 -10.88
CA LYS E 22 -37.67 -22.56 -11.81
C LYS E 22 -37.88 -21.78 -13.11
N VAL E 23 -36.87 -21.02 -13.50
CA VAL E 23 -36.89 -20.21 -14.71
C VAL E 23 -35.90 -20.83 -15.69
N SER E 24 -36.34 -21.04 -16.92
CA SER E 24 -35.58 -21.78 -17.92
C SER E 24 -34.68 -20.85 -18.71
N SER E 25 -33.93 -21.44 -19.65
CA SER E 25 -32.89 -20.74 -20.40
C SER E 25 -33.43 -19.68 -21.34
N GLU E 26 -34.69 -19.77 -21.75
CA GLU E 26 -35.25 -18.83 -22.69
C GLU E 26 -35.60 -17.49 -22.06
N LYS E 27 -35.66 -17.41 -20.75
CA LYS E 27 -35.82 -16.13 -20.07
C LYS E 27 -34.51 -15.55 -19.59
N LEU E 28 -33.39 -16.16 -20.01
CA LEU E 28 -32.05 -15.73 -19.60
C LEU E 28 -31.24 -15.23 -20.78
N ALA E 29 -31.86 -15.13 -21.96
CA ALA E 29 -31.13 -15.04 -23.21
C ALA E 29 -31.50 -13.78 -23.99
N GLU E 30 -30.46 -13.21 -24.60
CA GLU E 30 -30.37 -12.18 -25.63
C GLU E 30 -30.59 -10.73 -25.18
N LYS E 31 -31.29 -10.51 -24.06
CA LYS E 31 -31.00 -9.66 -22.91
C LYS E 31 -29.94 -8.59 -23.11
N PRO E 32 -30.26 -7.46 -23.74
CA PRO E 32 -29.22 -6.46 -24.08
C PRO E 32 -28.58 -5.70 -22.92
N VAL E 33 -28.83 -6.07 -21.67
CA VAL E 33 -28.25 -5.40 -20.53
C VAL E 33 -27.25 -6.33 -19.86
N ALA E 34 -26.50 -5.77 -18.91
CA ALA E 34 -25.51 -6.53 -18.17
C ALA E 34 -26.08 -7.18 -16.91
N ASN E 35 -27.01 -6.53 -16.22
CA ASN E 35 -27.61 -7.17 -15.05
C ASN E 35 -28.65 -8.18 -15.49
N ILE E 36 -28.53 -9.38 -14.94
CA ILE E 36 -29.35 -10.51 -15.36
C ILE E 36 -30.65 -10.59 -14.58
N MET E 37 -30.73 -9.96 -13.41
CA MET E 37 -31.97 -9.96 -12.64
C MET E 37 -33.01 -9.01 -13.17
N ASP E 38 -32.66 -8.13 -14.11
CA ASP E 38 -33.67 -7.26 -14.69
C ASP E 38 -34.61 -8.02 -15.61
N ALA E 39 -34.12 -9.12 -16.20
CA ALA E 39 -34.96 -9.97 -17.03
C ALA E 39 -36.02 -10.72 -16.24
N LEU E 40 -35.91 -10.75 -14.91
CA LEU E 40 -36.81 -11.48 -14.05
C LEU E 40 -37.91 -10.62 -13.46
N GLN E 41 -38.02 -9.36 -13.88
CA GLN E 41 -39.05 -8.50 -13.35
C GLN E 41 -40.40 -8.89 -13.94
N GLY E 42 -41.29 -9.41 -13.10
CA GLY E 42 -42.59 -9.82 -13.52
C GLY E 42 -42.73 -11.29 -13.85
N GLN E 43 -41.68 -12.08 -13.66
CA GLN E 43 -41.72 -13.49 -14.02
C GLN E 43 -41.93 -14.42 -12.83
N VAL E 44 -41.23 -14.19 -11.72
CA VAL E 44 -41.35 -15.02 -10.53
C VAL E 44 -42.42 -14.41 -9.64
N ALA E 45 -43.30 -15.24 -9.10
CA ALA E 45 -44.41 -14.76 -8.30
C ALA E 45 -43.94 -14.52 -6.88
N GLY E 46 -43.95 -13.28 -6.44
CA GLY E 46 -43.51 -12.92 -5.11
C GLY E 46 -42.15 -12.27 -5.06
N MET E 47 -41.38 -12.33 -6.13
CA MET E 47 -40.09 -11.67 -6.21
C MET E 47 -40.26 -10.32 -6.87
N GLN E 48 -39.73 -9.28 -6.24
CA GLN E 48 -39.90 -7.91 -6.69
C GLN E 48 -38.53 -7.34 -7.04
N VAL E 49 -38.32 -7.07 -8.32
CA VAL E 49 -37.05 -6.59 -8.83
C VAL E 49 -37.21 -5.14 -9.27
N MET E 50 -36.33 -4.26 -8.80
CA MET E 50 -36.32 -2.90 -9.30
C MET E 50 -34.88 -2.43 -9.44
N THR E 51 -34.55 -1.93 -10.62
CA THR E 51 -33.24 -1.34 -10.88
C THR E 51 -33.39 0.16 -10.95
N THR E 52 -32.64 0.86 -10.11
CA THR E 52 -32.88 2.27 -9.84
C THR E 52 -32.01 3.19 -10.66
N SER E 53 -31.43 2.70 -11.75
CA SER E 53 -30.54 3.53 -12.55
C SER E 53 -30.46 2.94 -13.94
N GLY E 54 -30.45 3.80 -14.95
CA GLY E 54 -30.19 3.43 -16.32
C GLY E 54 -28.73 3.39 -16.67
N ASP E 55 -27.87 3.40 -15.67
CA ASP E 55 -26.44 3.29 -15.83
C ASP E 55 -26.09 1.89 -16.33
N PRO E 56 -25.17 1.75 -17.29
CA PRO E 56 -24.76 0.42 -17.71
C PRO E 56 -24.03 -0.39 -16.66
N THR E 57 -23.55 0.22 -15.60
CA THR E 57 -22.86 -0.48 -14.52
C THR E 57 -23.68 -0.51 -13.25
N ALA E 58 -24.99 -0.71 -13.37
CA ALA E 58 -25.90 -0.71 -12.23
C ALA E 58 -26.59 -2.06 -12.10
N VAL E 59 -26.70 -2.53 -10.86
CA VAL E 59 -27.28 -3.84 -10.57
C VAL E 59 -28.60 -3.65 -9.85
N ALA E 60 -29.44 -4.67 -9.92
CA ALA E 60 -30.82 -4.55 -9.49
C ALA E 60 -30.95 -4.81 -7.99
N SER E 61 -32.08 -4.39 -7.43
CA SER E 61 -32.42 -4.65 -6.04
C SER E 61 -33.63 -5.57 -6.01
N VAL E 62 -33.48 -6.73 -5.40
CA VAL E 62 -34.42 -7.83 -5.47
C VAL E 62 -34.90 -8.15 -4.07
N GLU E 63 -36.22 -8.23 -3.88
CA GLU E 63 -36.80 -8.55 -2.58
C GLU E 63 -37.82 -9.66 -2.74
N ILE E 64 -37.65 -10.73 -1.99
CA ILE E 64 -38.58 -11.86 -2.00
C ILE E 64 -39.46 -11.75 -0.77
N HIS E 65 -40.77 -11.64 -1.00
CA HIS E 65 -41.81 -11.57 0.05
C HIS E 65 -41.62 -10.38 0.98
N GLY E 66 -41.45 -9.21 0.39
CA GLY E 66 -41.38 -7.99 1.15
C GLY E 66 -40.06 -7.77 1.85
N THR E 67 -39.96 -6.63 2.50
CA THR E 67 -38.77 -6.26 3.25
C THR E 67 -38.86 -6.87 4.64
N GLY E 68 -37.88 -7.69 4.99
CA GLY E 68 -37.97 -8.44 6.22
C GLY E 68 -37.53 -7.70 7.45
N SER E 69 -36.43 -6.98 7.34
CA SER E 69 -35.77 -6.41 8.50
C SER E 69 -35.82 -4.89 8.46
N LEU E 70 -35.61 -4.30 9.63
CA LEU E 70 -35.32 -2.88 9.77
C LEU E 70 -33.84 -2.73 10.03
N GLY E 71 -33.18 -1.89 9.25
CA GLY E 71 -31.76 -1.68 9.45
C GLY E 71 -30.86 -2.82 9.04
N ALA E 72 -31.27 -3.64 8.08
CA ALA E 72 -30.40 -4.66 7.52
C ALA E 72 -30.66 -4.76 6.02
N SER E 73 -29.95 -5.66 5.37
CA SER E 73 -30.07 -5.84 3.94
C SER E 73 -31.24 -6.80 3.63
N SER E 74 -31.79 -6.65 2.44
CA SER E 74 -32.90 -7.48 1.99
C SER E 74 -32.61 -8.21 0.69
N ALA E 75 -31.36 -8.24 0.27
CA ALA E 75 -30.98 -8.95 -0.93
C ALA E 75 -30.94 -10.45 -0.66
N PRO E 76 -31.22 -11.27 -1.67
CA PRO E 76 -31.13 -12.72 -1.48
C PRO E 76 -29.70 -13.24 -1.46
N LEU E 77 -29.57 -14.55 -1.42
CA LEU E 77 -28.28 -15.22 -1.49
C LEU E 77 -28.08 -15.72 -2.90
N TYR E 78 -27.13 -15.15 -3.62
CA TYR E 78 -26.87 -15.54 -5.00
C TYR E 78 -25.85 -16.64 -5.01
N ILE E 79 -26.24 -17.81 -5.52
CA ILE E 79 -25.37 -18.95 -5.70
C ILE E 79 -25.18 -19.14 -7.20
N VAL E 80 -23.93 -19.33 -7.64
CA VAL E 80 -23.65 -19.74 -9.01
C VAL E 80 -22.80 -20.99 -8.95
N ASP E 81 -23.39 -22.13 -9.32
CA ASP E 81 -22.72 -23.44 -9.38
C ASP E 81 -22.12 -23.83 -8.04
N GLY E 82 -22.96 -23.91 -7.03
CA GLY E 82 -22.51 -24.41 -5.75
C GLY E 82 -21.91 -23.42 -4.77
N MET E 83 -21.19 -22.43 -5.27
CA MET E 83 -20.59 -21.44 -4.40
C MET E 83 -21.25 -20.09 -4.60
N GLN E 84 -21.22 -19.28 -3.55
CA GLN E 84 -21.97 -18.04 -3.56
C GLN E 84 -21.18 -16.91 -4.20
N THR E 85 -21.90 -15.95 -4.77
CA THR E 85 -21.27 -14.81 -5.44
C THR E 85 -21.90 -13.50 -5.00
N SER E 86 -21.57 -12.42 -5.69
CA SER E 86 -22.23 -11.14 -5.55
C SER E 86 -22.72 -10.73 -6.93
N LEU E 87 -23.63 -9.76 -6.98
CA LEU E 87 -24.24 -9.38 -8.26
C LEU E 87 -23.26 -8.69 -9.20
N ASP E 88 -22.24 -8.03 -8.64
CA ASP E 88 -21.19 -7.44 -9.46
C ASP E 88 -20.29 -8.50 -10.10
N VAL E 89 -20.21 -9.69 -9.50
CA VAL E 89 -19.44 -10.77 -10.08
C VAL E 89 -20.24 -11.48 -11.17
N VAL E 90 -21.54 -11.64 -10.97
CA VAL E 90 -22.41 -12.23 -11.99
C VAL E 90 -22.54 -11.30 -13.19
N ALA E 91 -22.33 -10.00 -13.00
CA ALA E 91 -22.31 -9.05 -14.12
C ALA E 91 -21.20 -9.32 -15.13
N THR E 92 -20.15 -10.05 -14.76
CA THR E 92 -19.05 -10.37 -15.66
C THR E 92 -19.19 -11.74 -16.30
N MET E 93 -20.24 -12.50 -15.99
CA MET E 93 -20.45 -13.81 -16.59
C MET E 93 -21.41 -13.69 -17.76
N ASN E 94 -21.05 -14.30 -18.87
CA ASN E 94 -21.87 -14.32 -20.07
C ASN E 94 -23.14 -15.11 -19.82
N PRO E 95 -24.32 -14.50 -19.90
CA PRO E 95 -25.54 -15.20 -19.48
C PRO E 95 -26.07 -16.22 -20.47
N ASN E 96 -25.37 -16.45 -21.57
CA ASN E 96 -25.71 -17.56 -22.45
C ASN E 96 -25.12 -18.87 -21.99
N ASP E 97 -24.41 -18.88 -20.86
CA ASP E 97 -23.95 -20.08 -20.21
C ASP E 97 -24.89 -20.57 -19.13
N PHE E 98 -25.88 -19.77 -18.74
CA PHE E 98 -26.76 -20.13 -17.63
C PHE E 98 -27.86 -21.02 -18.15
N GLU E 99 -27.92 -22.25 -17.66
CA GLU E 99 -28.92 -23.19 -18.15
C GLU E 99 -30.28 -22.92 -17.54
N SER E 100 -30.33 -22.62 -16.25
CA SER E 100 -31.58 -22.29 -15.58
C SER E 100 -31.25 -21.40 -14.41
N MET E 101 -32.28 -20.99 -13.68
CA MET E 101 -32.09 -20.47 -12.34
C MET E 101 -33.30 -20.84 -11.51
N SER E 102 -33.08 -21.08 -10.23
CA SER E 102 -34.15 -21.47 -9.32
C SER E 102 -34.24 -20.45 -8.21
N VAL E 103 -35.40 -19.87 -8.04
CA VAL E 103 -35.70 -19.00 -6.92
C VAL E 103 -36.37 -19.85 -5.86
N LEU E 104 -35.66 -20.08 -4.76
CA LEU E 104 -36.17 -20.88 -3.67
C LEU E 104 -36.68 -19.93 -2.59
N LYS E 105 -37.99 -19.92 -2.36
CA LYS E 105 -38.63 -18.81 -1.68
C LYS E 105 -39.02 -19.09 -0.23
N ASP E 106 -39.37 -20.32 0.12
CA ASP E 106 -39.92 -20.57 1.42
C ASP E 106 -39.08 -21.60 2.17
N ALA E 107 -39.17 -21.58 3.50
CA ALA E 107 -38.15 -22.18 4.35
C ALA E 107 -38.39 -23.65 4.65
N SER E 108 -38.66 -24.41 3.61
CA SER E 108 -38.37 -25.82 3.57
C SER E 108 -37.36 -26.14 2.50
N ALA E 109 -37.31 -25.32 1.45
CA ALA E 109 -36.28 -25.35 0.44
C ALA E 109 -35.05 -24.58 0.85
N THR E 110 -35.19 -23.57 1.73
CA THR E 110 -34.13 -22.65 2.09
C THR E 110 -33.80 -22.69 3.56
N SER E 111 -33.65 -23.84 4.16
CA SER E 111 -33.23 -23.86 5.54
C SER E 111 -31.99 -24.68 5.77
N ILE E 112 -31.46 -25.33 4.73
CA ILE E 112 -30.10 -25.84 4.75
C ILE E 112 -29.10 -24.77 4.34
N TYR E 113 -29.55 -23.57 4.09
CA TYR E 113 -28.67 -22.42 3.89
C TYR E 113 -28.81 -21.45 5.05
N GLY E 114 -29.19 -21.95 6.22
CA GLY E 114 -29.59 -21.08 7.32
C GLY E 114 -28.44 -20.23 7.82
N ALA E 115 -28.83 -19.08 8.40
CA ALA E 115 -28.04 -17.87 8.67
C ALA E 115 -27.58 -17.17 7.41
N ARG E 116 -28.00 -17.63 6.24
CA ARG E 116 -27.82 -16.87 5.02
C ARG E 116 -29.08 -16.86 4.17
N ALA E 117 -30.13 -17.57 4.55
CA ALA E 117 -31.29 -17.77 3.72
C ALA E 117 -32.55 -17.19 4.31
N ALA E 118 -32.47 -16.03 4.95
CA ALA E 118 -33.70 -15.42 5.41
C ALA E 118 -34.41 -14.66 4.32
N ASN E 119 -33.69 -14.18 3.32
CA ASN E 119 -34.26 -13.33 2.28
C ASN E 119 -34.58 -14.09 1.01
N GLY E 120 -34.43 -15.41 1.01
CA GLY E 120 -34.56 -16.20 -0.20
C GLY E 120 -33.20 -16.49 -0.81
N VAL E 121 -33.18 -17.51 -1.67
CA VAL E 121 -31.96 -17.94 -2.36
C VAL E 121 -32.24 -17.96 -3.85
N VAL E 122 -31.31 -17.44 -4.65
CA VAL E 122 -31.40 -17.49 -6.10
C VAL E 122 -30.25 -18.37 -6.59
N PHE E 123 -30.58 -19.54 -7.12
CA PHE E 123 -29.61 -20.61 -7.37
C PHE E 123 -29.40 -20.78 -8.87
N ILE E 124 -28.37 -20.13 -9.39
CA ILE E 124 -28.04 -20.12 -10.82
C ILE E 124 -27.16 -21.32 -11.13
N GLN E 125 -27.43 -21.98 -12.26
CA GLN E 125 -26.72 -23.19 -12.64
C GLN E 125 -26.35 -23.11 -14.10
N THR E 126 -25.15 -23.54 -14.45
CA THR E 126 -24.61 -23.32 -15.78
C THR E 126 -24.63 -24.59 -16.61
N LYS E 127 -24.39 -24.43 -17.91
CA LYS E 127 -24.54 -25.51 -18.87
C LYS E 127 -23.40 -26.50 -18.76
N LYS E 128 -23.65 -27.72 -19.24
CA LYS E 128 -22.66 -28.78 -19.13
C LYS E 128 -22.42 -29.57 -20.41
N GLY E 129 -23.26 -29.45 -21.42
CA GLY E 129 -22.92 -30.05 -22.70
C GLY E 129 -23.50 -31.44 -22.87
N LYS E 130 -24.48 -31.57 -23.76
CA LYS E 130 -25.13 -32.85 -23.97
C LYS E 130 -24.40 -33.65 -25.04
N MET E 131 -24.28 -34.95 -24.79
CA MET E 131 -23.37 -35.79 -25.56
C MET E 131 -23.94 -36.12 -26.93
N SER E 132 -23.07 -36.09 -27.94
CA SER E 132 -23.46 -36.37 -29.31
C SER E 132 -22.23 -36.83 -30.09
N GLU E 133 -22.49 -37.43 -31.25
CA GLU E 133 -21.43 -37.93 -32.11
C GLU E 133 -20.62 -36.79 -32.72
N ARG E 134 -21.26 -35.65 -32.96
CA ARG E 134 -20.60 -34.45 -33.43
C ARG E 134 -20.91 -33.31 -32.48
N GLY E 135 -19.88 -32.64 -31.99
CA GLY E 135 -20.10 -31.49 -31.14
C GLY E 135 -20.70 -30.34 -31.92
N ARG E 136 -21.47 -29.50 -31.24
CA ARG E 136 -22.16 -28.41 -31.92
C ARG E 136 -21.53 -27.07 -31.61
N ILE E 137 -21.48 -26.23 -32.63
CA ILE E 137 -20.90 -24.90 -32.58
C ILE E 137 -22.04 -23.91 -32.71
N THR E 138 -21.96 -22.81 -31.99
CA THR E 138 -23.04 -21.82 -32.02
C THR E 138 -22.42 -20.44 -31.99
N PHE E 139 -22.89 -19.55 -32.86
CA PHE E 139 -22.32 -18.22 -33.02
C PHE E 139 -23.42 -17.17 -32.90
N ASN E 140 -23.44 -16.44 -31.80
CA ASN E 140 -24.38 -15.36 -31.56
C ASN E 140 -23.73 -14.01 -31.89
N ALA E 141 -24.50 -13.14 -32.52
CA ALA E 141 -24.11 -11.74 -32.71
C ALA E 141 -25.34 -10.89 -32.47
N SER E 142 -25.12 -9.60 -32.26
CA SER E 142 -26.19 -8.69 -31.88
C SER E 142 -25.74 -7.26 -32.05
N TYR E 143 -26.71 -6.36 -32.20
CA TYR E 143 -26.42 -4.93 -32.30
C TYR E 143 -27.67 -4.15 -31.96
N GLY E 144 -27.53 -3.11 -31.15
CA GLY E 144 -28.70 -2.33 -30.76
C GLY E 144 -28.36 -0.91 -30.40
N ILE E 145 -29.40 -0.11 -30.21
CA ILE E 145 -29.25 1.26 -29.74
C ILE E 145 -30.16 1.49 -28.54
N SER E 146 -29.70 2.33 -27.62
CA SER E 146 -30.45 2.68 -26.43
C SER E 146 -30.56 4.19 -26.33
N GLN E 147 -31.78 4.67 -26.05
CA GLN E 147 -32.06 6.09 -25.88
C GLN E 147 -32.98 6.26 -24.69
N ILE E 148 -33.37 7.50 -24.40
CA ILE E 148 -34.07 7.78 -23.16
C ILE E 148 -35.54 7.37 -23.30
N LEU E 149 -36.15 7.01 -22.17
CA LEU E 149 -37.54 6.54 -22.13
C LEU E 149 -38.55 7.57 -22.62
N ASN E 150 -38.72 8.65 -21.86
CA ASN E 150 -39.74 9.63 -22.19
C ASN E 150 -39.20 11.04 -22.00
N THR E 151 -39.65 11.92 -22.89
CA THR E 151 -39.30 13.34 -22.86
C THR E 151 -40.49 14.21 -22.49
N LYS E 152 -41.45 13.65 -21.78
CA LYS E 152 -42.65 14.37 -21.34
C LYS E 152 -42.45 15.42 -20.24
N PRO E 153 -41.60 15.25 -19.20
CA PRO E 153 -41.48 16.32 -18.19
C PRO E 153 -40.97 17.65 -18.67
N LEU E 154 -40.30 17.71 -19.82
CA LEU E 154 -39.87 18.99 -20.36
C LEU E 154 -40.90 19.59 -21.30
N ASP E 155 -42.11 19.05 -21.33
CA ASP E 155 -43.18 19.70 -22.08
C ASP E 155 -43.83 20.84 -21.29
N ASN E 156 -43.50 20.99 -20.02
CA ASN E 156 -44.12 22.01 -19.17
C ASN E 156 -43.15 23.08 -18.72
N MET E 157 -41.89 23.02 -19.12
CA MET E 157 -40.97 24.07 -18.73
C MET E 157 -41.23 25.33 -19.55
N MET E 158 -40.68 26.44 -19.06
CA MET E 158 -40.87 27.72 -19.72
C MET E 158 -40.02 27.80 -20.98
N THR E 159 -40.24 28.86 -21.75
CA THR E 159 -39.46 29.17 -22.93
C THR E 159 -38.35 30.14 -22.51
N GLY E 160 -37.57 30.63 -23.46
CA GLY E 160 -36.61 31.68 -23.12
C GLY E 160 -37.29 32.99 -22.80
N ASP E 161 -38.28 33.35 -23.62
CA ASP E 161 -38.98 34.64 -23.47
C ASP E 161 -39.82 34.68 -22.21
N GLU E 162 -40.55 33.60 -21.91
CA GLU E 162 -41.38 33.57 -20.72
C GLU E 162 -40.55 33.56 -19.46
N LEU E 163 -39.40 32.87 -19.47
CA LEU E 163 -38.53 32.88 -18.30
C LEU E 163 -37.89 34.23 -18.10
N LEU E 164 -37.53 34.91 -19.19
CA LEU E 164 -36.95 36.24 -19.05
C LEU E 164 -37.97 37.24 -18.51
N ASP E 165 -39.22 37.17 -19.00
CA ASP E 165 -40.26 38.04 -18.49
C ASP E 165 -40.58 37.76 -17.02
N PHE E 166 -40.67 36.48 -16.65
CA PHE E 166 -40.93 36.11 -15.26
C PHE E 166 -39.78 36.54 -14.34
N GLN E 167 -38.54 36.47 -14.83
CA GLN E 167 -37.41 36.88 -14.01
C GLN E 167 -37.33 38.39 -13.87
N VAL E 168 -37.70 39.14 -14.90
CA VAL E 168 -37.57 40.59 -14.76
C VAL E 168 -38.76 41.16 -13.98
N LYS E 169 -39.94 40.53 -14.05
CA LYS E 169 -41.06 41.02 -13.25
C LYS E 169 -41.05 40.49 -11.82
N ALA E 170 -40.39 39.37 -11.56
CA ALA E 170 -40.28 38.90 -10.18
C ALA E 170 -39.23 39.65 -9.38
N GLY E 171 -38.50 40.57 -10.01
CA GLY E 171 -37.52 41.35 -9.29
C GLY E 171 -36.20 40.65 -9.06
N PHE E 172 -35.79 39.76 -9.96
CA PHE E 172 -34.53 39.06 -9.76
C PHE E 172 -33.35 39.90 -10.25
N TRP E 173 -33.51 40.60 -11.37
CA TRP E 173 -32.41 41.35 -11.95
C TRP E 173 -32.20 42.67 -11.22
N GLY E 174 -33.27 43.35 -10.89
CA GLY E 174 -33.14 44.62 -10.21
C GLY E 174 -34.49 45.28 -10.03
N ASN E 175 -34.46 46.57 -9.70
CA ASN E 175 -35.70 47.30 -9.46
C ASN E 175 -36.31 47.83 -10.75
N ASN E 176 -35.59 48.70 -11.45
CA ASN E 176 -36.13 49.42 -12.61
C ASN E 176 -35.70 48.81 -13.94
N GLN E 177 -35.34 47.52 -13.93
CA GLN E 177 -34.93 46.88 -15.18
C GLN E 177 -36.14 46.50 -16.01
N THR E 178 -35.98 46.53 -17.32
CA THR E 178 -36.97 46.02 -18.25
C THR E 178 -36.26 45.15 -19.27
N VAL E 179 -37.04 44.39 -20.05
CA VAL E 179 -36.47 43.63 -21.15
C VAL E 179 -36.01 44.61 -22.23
N GLN E 180 -34.99 44.19 -22.99
CA GLN E 180 -34.13 45.02 -23.86
C GLN E 180 -33.39 46.09 -23.04
N LYS E 181 -33.25 45.86 -21.74
CA LYS E 181 -32.23 46.47 -20.90
C LYS E 181 -31.48 45.44 -20.08
N VAL E 182 -32.13 44.33 -19.76
CA VAL E 182 -31.45 43.19 -19.17
C VAL E 182 -31.03 42.18 -20.23
N LYS E 183 -31.84 41.99 -21.27
CA LYS E 183 -31.40 41.12 -22.36
C LYS E 183 -30.47 41.84 -23.31
N ASP E 184 -30.36 43.15 -23.22
CA ASP E 184 -29.69 43.93 -24.26
C ASP E 184 -28.17 43.79 -24.16
N MET E 185 -27.60 44.28 -23.07
CA MET E 185 -26.16 44.19 -22.93
C MET E 185 -25.67 43.87 -21.52
N ILE E 186 -26.52 43.40 -20.62
CA ILE E 186 -25.96 42.84 -19.40
C ILE E 186 -25.94 41.31 -19.46
N LEU E 187 -26.72 40.71 -20.35
CA LEU E 187 -26.53 39.31 -20.69
C LEU E 187 -25.79 39.13 -22.00
N ALA E 188 -26.30 39.72 -23.09
CA ALA E 188 -25.65 39.60 -24.38
C ALA E 188 -24.38 40.42 -24.46
N GLY E 189 -24.20 41.38 -23.56
CA GLY E 189 -22.96 42.13 -23.46
C GLY E 189 -22.03 41.51 -22.44
N ALA E 190 -21.96 40.19 -22.44
CA ALA E 190 -21.00 39.42 -21.65
C ALA E 190 -20.07 38.65 -22.57
N GLU E 191 -19.59 39.33 -23.61
CA GLU E 191 -18.37 38.95 -24.30
C GLU E 191 -17.14 39.50 -23.62
N ASP E 192 -17.32 40.16 -22.48
CA ASP E 192 -16.20 40.51 -21.61
C ASP E 192 -15.56 39.26 -21.03
N LEU E 193 -16.35 38.21 -20.80
CA LEU E 193 -15.78 36.96 -20.31
C LEU E 193 -15.14 36.16 -21.42
N TYR E 194 -15.73 36.17 -22.61
CA TYR E 194 -15.16 35.43 -23.72
C TYR E 194 -13.97 36.14 -24.34
N GLY E 195 -13.71 37.40 -23.98
CA GLY E 195 -12.58 38.12 -24.51
C GLY E 195 -11.29 37.93 -23.77
N ASN E 196 -11.34 37.32 -22.59
CA ASN E 196 -10.13 37.09 -21.80
C ASN E 196 -9.36 35.86 -22.23
N TYR E 197 -9.92 35.02 -23.08
CA TYR E 197 -9.37 33.72 -23.39
C TYR E 197 -9.00 33.66 -24.87
N ASP E 198 -7.77 33.22 -25.15
CA ASP E 198 -7.27 33.21 -26.52
C ASP E 198 -7.96 32.17 -27.39
N SER E 199 -8.63 31.19 -26.79
CA SER E 199 -9.36 30.18 -27.56
C SER E 199 -10.76 30.64 -27.93
N LEU E 200 -11.25 31.72 -27.33
CA LEU E 200 -12.62 32.17 -27.54
C LEU E 200 -12.71 33.63 -27.97
N LYS E 201 -11.62 34.39 -27.95
CA LYS E 201 -11.72 35.81 -28.25
C LYS E 201 -11.93 36.09 -29.72
N ASP E 202 -11.57 35.16 -30.60
CA ASP E 202 -11.84 35.28 -32.02
C ASP E 202 -12.98 34.37 -32.46
N GLU E 203 -13.65 33.70 -31.53
CA GLU E 203 -14.77 32.84 -31.87
C GLU E 203 -16.11 33.42 -31.47
N TYR E 204 -16.13 34.47 -30.66
CA TYR E 204 -17.40 35.10 -30.30
C TYR E 204 -17.96 35.84 -31.50
N GLY E 205 -19.24 35.64 -31.76
CA GLY E 205 -19.94 36.34 -32.82
C GLY E 205 -19.86 35.67 -34.18
N LYS E 206 -18.87 34.82 -34.41
CA LYS E 206 -18.77 34.11 -35.68
C LYS E 206 -19.24 32.66 -35.58
N THR E 207 -18.63 31.86 -34.70
CA THR E 207 -19.06 30.48 -34.52
C THR E 207 -19.65 30.18 -33.16
N LEU E 208 -19.38 30.99 -32.15
CA LEU E 208 -19.90 30.79 -30.81
C LEU E 208 -20.90 31.89 -30.49
N PHE E 209 -22.16 31.53 -30.31
CA PHE E 209 -23.20 32.45 -29.85
C PHE E 209 -23.71 31.94 -28.50
N PRO E 210 -23.03 32.27 -27.39
CA PRO E 210 -23.39 31.67 -26.11
C PRO E 210 -24.68 32.19 -25.52
N VAL E 211 -25.13 33.37 -25.89
CA VAL E 211 -26.42 33.90 -25.46
C VAL E 211 -27.26 34.16 -26.70
N ASP E 212 -28.38 33.46 -26.81
CA ASP E 212 -29.26 33.56 -27.97
C ASP E 212 -30.69 33.71 -27.45
N PHE E 213 -31.37 34.77 -27.86
CA PHE E 213 -32.68 35.08 -27.31
C PHE E 213 -33.82 34.81 -28.29
N ASN E 214 -33.54 34.65 -29.58
CA ASN E 214 -34.62 34.51 -30.55
C ASN E 214 -35.25 33.12 -30.47
N HIS E 215 -34.49 32.08 -30.77
CA HIS E 215 -34.98 30.72 -30.69
C HIS E 215 -34.13 29.94 -29.70
N ASP E 216 -34.79 29.17 -28.84
CA ASP E 216 -34.18 28.61 -27.66
C ASP E 216 -33.46 27.30 -27.97
N ALA E 217 -32.54 26.93 -27.09
CA ALA E 217 -31.64 25.81 -27.30
C ALA E 217 -32.30 24.50 -26.87
N ASP E 218 -31.63 23.41 -27.20
CA ASP E 218 -32.06 22.05 -26.87
C ASP E 218 -31.12 21.52 -25.81
N TRP E 219 -31.61 21.39 -24.59
CA TRP E 219 -30.78 20.89 -23.50
C TRP E 219 -30.97 19.40 -23.25
N LEU E 220 -31.78 18.73 -24.05
CA LEU E 220 -31.80 17.28 -24.04
C LEU E 220 -30.82 16.69 -25.05
N LYS E 221 -30.56 17.40 -26.14
CA LYS E 221 -29.53 17.00 -27.08
C LYS E 221 -28.13 17.29 -26.55
N ALA E 222 -27.99 18.22 -25.62
CA ALA E 222 -26.69 18.59 -25.09
C ALA E 222 -26.29 17.78 -23.87
N LEU E 223 -27.16 16.90 -23.38
CA LEU E 223 -26.86 16.12 -22.20
C LEU E 223 -27.15 14.63 -22.33
N PHE E 224 -27.98 14.21 -23.28
CA PHE E 224 -28.23 12.80 -23.54
C PHE E 224 -28.07 12.53 -25.02
N LYS E 225 -27.75 11.28 -25.36
CA LYS E 225 -27.53 10.91 -26.74
C LYS E 225 -28.18 9.56 -27.01
N THR E 226 -27.88 9.00 -28.18
CA THR E 226 -28.29 7.66 -28.55
C THR E 226 -27.05 6.78 -28.59
N ALA E 227 -27.10 5.64 -27.92
CA ALA E 227 -25.82 4.99 -27.72
C ALA E 227 -25.86 3.53 -28.16
N PRO E 228 -24.80 3.03 -28.79
CA PRO E 228 -24.81 1.68 -29.34
C PRO E 228 -24.47 0.59 -28.34
N THR E 229 -24.77 -0.65 -28.74
CA THR E 229 -24.53 -1.83 -27.96
C THR E 229 -24.18 -2.97 -28.90
N SER E 230 -23.09 -3.69 -28.61
CA SER E 230 -22.65 -4.80 -29.42
C SER E 230 -22.49 -6.04 -28.53
N GLN E 231 -22.81 -7.19 -29.11
CA GLN E 231 -22.58 -8.48 -28.47
C GLN E 231 -21.96 -9.40 -29.48
N GLY E 232 -21.59 -10.58 -29.01
CA GLY E 232 -20.90 -11.55 -29.85
C GLY E 232 -20.39 -12.67 -28.99
N ASP E 233 -20.53 -13.91 -29.44
CA ASP E 233 -20.32 -15.05 -28.56
C ASP E 233 -20.18 -16.27 -29.44
N ILE E 234 -19.27 -17.17 -29.11
CA ILE E 234 -19.18 -18.45 -29.81
C ILE E 234 -18.92 -19.55 -28.82
N SER E 235 -19.68 -20.64 -28.93
CA SER E 235 -19.60 -21.72 -27.97
C SER E 235 -19.54 -23.07 -28.66
N PHE E 236 -18.90 -24.03 -28.01
CA PHE E 236 -18.67 -25.39 -28.50
C PHE E 236 -19.14 -26.33 -27.42
N SER E 237 -20.16 -27.11 -27.69
CA SER E 237 -20.50 -28.17 -26.74
C SER E 237 -20.38 -29.50 -27.43
N GLY E 238 -20.60 -30.55 -26.67
CA GLY E 238 -20.38 -31.89 -27.16
C GLY E 238 -20.20 -32.83 -26.00
N GLY E 239 -19.50 -33.91 -26.26
CA GLY E 239 -19.36 -34.95 -25.27
C GLY E 239 -19.32 -36.31 -25.93
N SER E 240 -19.02 -37.30 -25.12
CA SER E 240 -18.61 -38.60 -25.60
C SER E 240 -18.88 -39.64 -24.51
N GLN E 241 -18.18 -40.76 -24.57
CA GLN E 241 -18.38 -41.87 -23.63
C GLN E 241 -17.92 -41.52 -22.23
N GLY E 242 -18.81 -40.95 -21.42
CA GLY E 242 -18.49 -40.52 -20.08
C GLY E 242 -18.19 -39.04 -19.95
N THR E 243 -17.45 -38.48 -20.91
CA THR E 243 -16.99 -37.10 -20.84
C THR E 243 -18.01 -36.16 -21.45
N SER E 244 -18.13 -34.95 -20.88
CA SER E 244 -18.87 -33.87 -21.51
C SER E 244 -18.16 -32.56 -21.23
N TYR E 245 -18.28 -31.62 -22.17
CA TYR E 245 -17.61 -30.33 -22.06
C TYR E 245 -18.53 -29.24 -22.57
N TYR E 246 -18.15 -27.99 -22.28
CA TYR E 246 -18.85 -26.82 -22.80
C TYR E 246 -17.87 -25.66 -22.74
N ALA E 247 -17.42 -25.18 -23.89
CA ALA E 247 -16.49 -24.07 -23.94
C ALA E 247 -17.15 -22.88 -24.61
N SER E 248 -16.74 -21.67 -24.23
CA SER E 248 -17.36 -20.48 -24.78
C SER E 248 -16.45 -19.28 -24.62
N ILE E 249 -16.44 -18.40 -25.62
CA ILE E 249 -15.78 -17.10 -25.50
C ILE E 249 -16.70 -16.02 -26.02
N GLY E 250 -16.71 -14.87 -25.36
CA GLY E 250 -17.67 -13.84 -25.68
C GLY E 250 -17.21 -12.45 -25.36
N TYR E 251 -17.98 -11.49 -25.85
CA TYR E 251 -17.66 -10.07 -25.84
C TYR E 251 -18.94 -9.30 -25.61
N PHE E 252 -18.84 -8.18 -24.89
CA PHE E 252 -19.99 -7.35 -24.57
C PHE E 252 -19.53 -5.92 -24.45
N ASP E 253 -20.27 -5.00 -25.05
CA ASP E 253 -19.96 -3.58 -25.01
C ASP E 253 -21.27 -2.82 -24.93
N GLN E 254 -21.43 -2.00 -23.89
CA GLN E 254 -22.62 -1.17 -23.76
C GLN E 254 -22.18 0.22 -23.36
N GLU E 255 -22.56 1.20 -24.14
CA GLU E 255 -22.23 2.58 -23.85
C GLU E 255 -23.47 3.30 -23.36
N GLY E 256 -23.30 4.17 -22.38
CA GLY E 256 -24.44 4.81 -21.76
C GLY E 256 -25.02 5.90 -22.64
N MET E 257 -26.31 6.18 -22.42
CA MET E 257 -27.00 7.16 -23.24
C MET E 257 -26.75 8.59 -22.82
N ALA E 258 -26.18 8.83 -21.64
CA ALA E 258 -25.87 10.19 -21.24
C ALA E 258 -24.50 10.60 -21.76
N ARG E 259 -24.31 11.92 -21.93
CA ARG E 259 -23.08 12.42 -22.53
C ARG E 259 -21.87 12.22 -21.63
N GLU E 260 -22.04 12.29 -20.31
CA GLU E 260 -20.90 11.97 -19.48
C GLU E 260 -20.76 10.45 -19.39
N PRO E 261 -19.57 9.91 -19.63
CA PRO E 261 -19.49 8.53 -20.11
C PRO E 261 -19.73 7.50 -19.02
N ALA E 262 -20.39 6.41 -19.39
CA ALA E 262 -20.77 5.39 -18.43
C ALA E 262 -20.72 4.00 -19.04
N ASN E 263 -19.66 3.68 -19.79
CA ASN E 263 -19.63 2.41 -20.53
C ASN E 263 -19.48 1.19 -19.61
N PHE E 264 -19.57 0.01 -20.21
CA PHE E 264 -19.29 -1.28 -19.58
C PHE E 264 -18.92 -2.26 -20.68
N LYS E 265 -17.77 -2.90 -20.56
CA LYS E 265 -17.26 -3.76 -21.60
C LYS E 265 -16.56 -4.96 -20.99
N ARG E 266 -16.95 -6.17 -21.40
CA ARG E 266 -16.28 -7.35 -20.89
C ARG E 266 -15.90 -8.32 -21.99
N TYR E 267 -14.77 -8.98 -21.79
CA TYR E 267 -14.30 -10.09 -22.60
C TYR E 267 -14.23 -11.30 -21.68
N SER E 268 -14.97 -12.34 -21.99
CA SER E 268 -15.13 -13.42 -21.03
C SER E 268 -14.95 -14.79 -21.67
N GLY E 269 -14.63 -15.76 -20.83
CA GLY E 269 -14.48 -17.13 -21.29
C GLY E 269 -14.95 -18.12 -20.24
N ARG E 270 -15.34 -19.29 -20.71
CA ARG E 270 -15.94 -20.33 -19.88
C ARG E 270 -15.52 -21.70 -20.38
N LEU E 271 -15.19 -22.61 -19.46
CA LEU E 271 -14.98 -24.01 -19.81
C LEU E 271 -15.52 -24.88 -18.69
N ASN E 272 -16.65 -25.53 -18.93
CA ASN E 272 -17.19 -26.55 -18.05
C ASN E 272 -16.78 -27.91 -18.54
N PHE E 273 -16.57 -28.83 -17.62
CA PHE E 273 -15.97 -30.10 -17.98
C PHE E 273 -16.37 -31.12 -16.92
N GLU E 274 -16.73 -32.32 -17.36
CA GLU E 274 -17.13 -33.35 -16.42
C GLU E 274 -16.84 -34.71 -17.01
N SER E 275 -16.03 -35.50 -16.33
CA SER E 275 -15.60 -36.78 -16.86
C SER E 275 -15.85 -37.89 -15.85
N ARG E 276 -16.06 -39.08 -16.37
CA ARG E 276 -16.18 -40.29 -15.56
C ARG E 276 -14.88 -41.07 -15.71
N ILE E 277 -14.08 -41.08 -14.66
CA ILE E 277 -12.75 -41.68 -14.73
C ILE E 277 -12.86 -43.20 -14.80
N ASN E 278 -13.52 -43.80 -13.81
CA ASN E 278 -13.70 -45.22 -13.77
C ASN E 278 -15.04 -45.51 -13.12
N GLU E 279 -15.22 -46.74 -12.62
CA GLU E 279 -16.52 -47.20 -12.17
C GLU E 279 -16.99 -46.51 -10.89
N TRP E 280 -16.09 -45.99 -10.06
CA TRP E 280 -16.52 -45.38 -8.81
C TRP E 280 -16.30 -43.88 -8.74
N LEU E 281 -15.39 -43.31 -9.53
CA LEU E 281 -15.01 -41.91 -9.41
C LEU E 281 -15.50 -41.10 -10.61
N LYS E 282 -15.95 -39.88 -10.36
CA LYS E 282 -16.29 -38.94 -11.41
C LYS E 282 -15.77 -37.56 -11.02
N VAL E 283 -15.02 -36.91 -11.91
CA VAL E 283 -14.41 -35.63 -11.60
C VAL E 283 -14.99 -34.56 -12.50
N GLY E 284 -14.82 -33.31 -12.09
CA GLY E 284 -15.33 -32.23 -12.91
C GLY E 284 -14.81 -30.89 -12.47
N ALA E 285 -14.91 -29.91 -13.38
CA ALA E 285 -14.41 -28.57 -13.11
C ALA E 285 -15.18 -27.54 -13.92
N ASN E 286 -15.45 -26.39 -13.29
CA ASN E 286 -16.04 -25.23 -13.93
C ASN E 286 -15.04 -24.09 -13.84
N LEU E 287 -14.55 -23.61 -14.97
CA LEU E 287 -13.56 -22.55 -15.00
C LEU E 287 -14.11 -21.36 -15.75
N SER E 288 -13.85 -20.17 -15.25
CA SER E 288 -14.47 -18.97 -15.80
C SER E 288 -13.57 -17.78 -15.58
N GLY E 289 -13.50 -16.88 -16.55
CA GLY E 289 -12.64 -15.73 -16.40
C GLY E 289 -13.15 -14.57 -17.22
N ALA E 290 -12.73 -13.38 -16.82
CA ALA E 290 -13.20 -12.18 -17.51
C ALA E 290 -12.20 -11.05 -17.34
N ILE E 291 -12.16 -10.17 -18.33
CA ILE E 291 -11.55 -8.87 -18.23
C ILE E 291 -12.64 -7.84 -18.43
N ALA E 292 -12.88 -7.01 -17.43
CA ALA E 292 -13.98 -6.07 -17.46
C ALA E 292 -13.48 -4.64 -17.35
N ASN E 293 -14.20 -3.72 -17.99
CA ASN E 293 -13.90 -2.29 -17.99
C ASN E 293 -15.19 -1.58 -17.65
N ARG E 294 -15.20 -0.83 -16.56
CA ARG E 294 -16.39 -0.11 -16.13
C ARG E 294 -16.12 1.38 -16.04
N ARG E 295 -17.20 2.15 -16.11
CA ARG E 295 -17.15 3.58 -15.92
C ARG E 295 -18.53 4.01 -15.45
N SER E 296 -18.58 4.85 -14.43
CA SER E 296 -19.85 5.26 -13.84
C SER E 296 -20.05 6.75 -14.04
N ALA E 297 -21.31 7.13 -14.27
CA ALA E 297 -21.71 8.53 -14.29
C ALA E 297 -22.02 8.90 -12.86
N ASP E 298 -21.09 9.59 -12.22
CA ASP E 298 -21.14 9.76 -10.77
C ASP E 298 -21.74 11.09 -10.34
N TYR E 299 -22.04 12.00 -11.28
CA TYR E 299 -22.80 13.19 -10.93
C TYR E 299 -24.28 13.00 -11.18
N PHE E 300 -24.83 11.89 -10.71
CA PHE E 300 -26.25 11.59 -10.77
C PHE E 300 -26.68 11.22 -9.37
N GLY E 301 -27.80 11.74 -8.92
CA GLY E 301 -28.16 11.67 -7.52
C GLY E 301 -27.78 12.89 -6.72
N LYS E 302 -27.01 13.79 -7.30
CA LYS E 302 -26.57 15.01 -6.66
C LYS E 302 -26.95 16.19 -7.55
N TYR E 303 -27.05 17.37 -6.95
CA TYR E 303 -27.61 18.54 -7.63
C TYR E 303 -26.50 19.51 -8.00
N TYR E 304 -26.03 19.43 -9.23
CA TYR E 304 -25.15 20.44 -9.80
C TYR E 304 -25.86 21.05 -10.99
N MET E 305 -25.34 22.18 -11.44
CA MET E 305 -26.08 23.02 -12.38
C MET E 305 -25.59 22.73 -13.79
N GLY E 306 -26.51 22.30 -14.65
CA GLY E 306 -26.16 21.85 -15.98
C GLY E 306 -25.66 20.43 -16.03
N SER E 307 -26.13 19.58 -15.13
CA SER E 307 -25.64 18.22 -15.00
C SER E 307 -26.81 17.28 -14.80
N GLY E 308 -27.00 16.35 -15.73
CA GLY E 308 -28.01 15.32 -15.58
C GLY E 308 -29.38 15.79 -16.01
N THR E 309 -30.41 15.08 -15.51
CA THR E 309 -31.78 15.45 -15.81
C THR E 309 -32.20 16.73 -15.12
N PHE E 310 -31.58 17.05 -13.99
CA PHE E 310 -31.73 18.36 -13.36
C PHE E 310 -31.25 19.46 -14.30
N GLY E 311 -30.15 19.22 -15.01
CA GLY E 311 -29.70 20.18 -15.99
C GLY E 311 -30.52 20.19 -17.25
N VAL E 312 -31.16 19.07 -17.59
CA VAL E 312 -32.09 19.08 -18.71
C VAL E 312 -33.28 19.98 -18.41
N LEU E 313 -33.84 19.86 -17.21
CA LEU E 313 -35.01 20.66 -16.86
C LEU E 313 -34.65 22.12 -16.58
N THR E 314 -33.81 22.36 -15.59
CA THR E 314 -33.74 23.67 -14.96
C THR E 314 -32.82 24.67 -15.65
N MET E 315 -32.07 24.28 -16.66
CA MET E 315 -31.13 25.23 -17.23
C MET E 315 -31.86 26.17 -18.17
N PRO E 316 -31.62 27.49 -18.08
CA PRO E 316 -32.38 28.45 -18.88
C PRO E 316 -32.18 28.28 -20.37
N ARG E 317 -33.20 28.65 -21.12
CA ARG E 317 -33.26 28.32 -22.54
C ARG E 317 -32.65 29.39 -23.42
N TYR E 318 -32.21 30.50 -22.86
CA TYR E 318 -31.50 31.51 -23.64
C TYR E 318 -29.99 31.38 -23.53
N TYR E 319 -29.49 30.30 -22.96
CA TYR E 319 -28.08 29.95 -23.01
C TYR E 319 -27.90 28.85 -24.03
N ASN E 320 -26.92 29.00 -24.91
CA ASN E 320 -26.73 28.09 -26.02
C ASN E 320 -25.43 27.33 -25.84
N PRO E 321 -25.43 26.00 -25.70
CA PRO E 321 -24.18 25.26 -25.60
C PRO E 321 -23.62 24.78 -26.92
N PHE E 322 -24.34 25.00 -28.03
CA PHE E 322 -23.90 24.54 -29.32
C PHE E 322 -23.15 25.63 -30.06
N ASP E 323 -22.64 25.29 -31.23
CA ASP E 323 -22.05 26.25 -32.15
C ASP E 323 -22.92 26.26 -33.42
N VAL E 324 -22.42 26.90 -34.47
CA VAL E 324 -23.26 27.19 -35.64
C VAL E 324 -23.55 25.90 -36.42
N ASN E 325 -22.59 25.00 -36.52
CA ASN E 325 -22.81 23.77 -37.27
C ASN E 325 -23.60 22.71 -36.48
N GLY E 326 -23.96 22.99 -35.24
CA GLY E 326 -24.79 22.06 -34.49
C GLY E 326 -24.06 21.03 -33.69
N ASP E 327 -22.75 21.17 -33.51
CA ASP E 327 -21.99 20.33 -32.59
C ASP E 327 -22.03 20.98 -31.21
N LEU E 328 -21.29 20.43 -30.26
CA LEU E 328 -21.19 21.05 -28.95
C LEU E 328 -19.91 21.89 -28.89
N ALA E 329 -20.03 23.09 -28.33
CA ALA E 329 -18.97 24.06 -28.49
C ALA E 329 -17.89 24.00 -27.43
N ASP E 330 -17.88 22.93 -26.61
CA ASP E 330 -16.97 22.60 -25.52
C ASP E 330 -16.86 23.67 -24.43
N VAL E 331 -17.76 24.66 -24.43
CA VAL E 331 -17.83 25.68 -23.39
C VAL E 331 -19.17 26.38 -23.57
N TYR E 332 -19.72 26.91 -22.48
CA TYR E 332 -20.90 27.77 -22.56
C TYR E 332 -20.81 28.82 -21.46
N TYR E 333 -21.83 29.68 -21.39
CA TYR E 333 -21.79 30.83 -20.51
C TYR E 333 -23.04 30.87 -19.64
N MET E 334 -22.85 31.03 -18.34
CA MET E 334 -23.91 31.37 -17.41
C MET E 334 -23.60 32.72 -16.77
N TYR E 335 -24.63 33.50 -16.50
CA TYR E 335 -24.42 34.87 -16.07
C TYR E 335 -23.94 34.93 -14.63
N GLY E 336 -22.88 35.71 -14.39
CA GLY E 336 -22.27 35.79 -13.09
C GLY E 336 -21.15 34.81 -12.86
N ALA E 337 -20.51 34.32 -13.92
CA ALA E 337 -19.47 33.32 -13.78
C ALA E 337 -18.10 34.00 -13.78
N THR E 338 -17.14 33.38 -13.08
CA THR E 338 -15.78 33.86 -13.08
C THR E 338 -15.02 33.35 -14.30
N ARG E 339 -15.21 32.08 -14.63
CA ARG E 339 -14.64 31.43 -15.80
C ARG E 339 -15.78 30.66 -16.46
N PRO E 340 -15.72 30.43 -17.77
CA PRO E 340 -16.88 29.85 -18.45
C PRO E 340 -16.99 28.36 -18.19
N SER E 341 -18.23 27.89 -18.08
CA SER E 341 -18.49 26.50 -17.72
C SER E 341 -18.31 25.61 -18.93
N MET E 342 -17.79 24.41 -18.70
CA MET E 342 -17.50 23.52 -19.82
C MET E 342 -18.55 22.42 -19.93
N THR E 343 -18.77 21.95 -21.15
CA THR E 343 -19.81 20.97 -21.42
C THR E 343 -19.33 19.57 -21.05
N GLU E 344 -20.14 18.56 -21.37
CA GLU E 344 -19.87 17.20 -20.92
C GLU E 344 -18.81 16.44 -21.72
N PRO E 345 -18.72 16.51 -23.06
CA PRO E 345 -17.58 15.87 -23.73
C PRO E 345 -16.23 16.50 -23.41
N TYR E 346 -16.16 17.81 -23.21
CA TYR E 346 -14.89 18.43 -22.85
C TYR E 346 -14.49 18.09 -21.42
N PHE E 347 -15.44 18.03 -20.51
CA PHE E 347 -15.16 17.62 -19.14
C PHE E 347 -14.80 16.14 -19.08
N ALA E 348 -15.27 15.33 -20.03
CA ALA E 348 -14.82 13.95 -20.08
C ALA E 348 -13.44 13.84 -20.71
N LYS E 349 -13.09 14.75 -21.61
CA LYS E 349 -11.75 14.74 -22.17
C LYS E 349 -10.72 15.26 -21.19
N MET E 350 -11.12 16.05 -20.21
CA MET E 350 -10.19 16.56 -19.23
C MET E 350 -10.09 15.72 -17.97
N ARG E 351 -10.96 14.72 -17.79
CA ARG E 351 -10.92 13.83 -16.62
C ARG E 351 -10.83 12.37 -17.06
N PRO E 352 -9.66 11.90 -17.47
CA PRO E 352 -9.55 10.55 -18.02
C PRO E 352 -9.58 9.40 -17.02
N PHE E 353 -10.77 8.88 -16.70
CA PHE E 353 -10.90 7.71 -15.82
C PHE E 353 -10.67 6.42 -16.60
N SER E 354 -10.15 5.41 -15.91
CA SER E 354 -9.93 4.09 -16.47
C SER E 354 -9.98 3.07 -15.34
N SER E 355 -10.42 1.85 -15.64
CA SER E 355 -10.63 0.85 -14.60
C SER E 355 -10.63 -0.54 -15.21
N GLU E 356 -9.61 -1.35 -14.95
CA GLU E 356 -9.55 -2.70 -15.52
C GLU E 356 -9.62 -3.73 -14.42
N SER E 357 -10.56 -4.66 -14.55
CA SER E 357 -10.79 -5.71 -13.56
C SER E 357 -10.49 -7.05 -14.17
N HIS E 358 -9.82 -7.92 -13.41
CA HIS E 358 -9.49 -9.27 -13.83
C HIS E 358 -10.17 -10.23 -12.87
N GLN E 359 -11.07 -11.06 -13.39
CA GLN E 359 -11.86 -11.96 -12.56
C GLN E 359 -11.55 -13.40 -12.95
N ALA E 360 -11.32 -14.26 -11.98
CA ALA E 360 -11.15 -15.69 -12.24
C ALA E 360 -11.90 -16.50 -11.21
N ASN E 361 -12.89 -17.26 -11.65
CA ASN E 361 -13.58 -18.26 -10.85
C ASN E 361 -13.05 -19.63 -11.24
N VAL E 362 -12.67 -20.43 -10.26
CA VAL E 362 -12.29 -21.80 -10.55
C VAL E 362 -12.88 -22.72 -9.48
N ASN E 363 -13.65 -23.71 -9.92
CA ASN E 363 -14.45 -24.56 -9.06
C ASN E 363 -14.26 -26.00 -9.53
N GLY E 364 -14.23 -26.95 -8.60
CA GLY E 364 -13.98 -28.32 -8.99
C GLY E 364 -14.53 -29.30 -7.97
N PHE E 365 -14.80 -30.52 -8.44
CA PHE E 365 -15.40 -31.51 -7.57
C PHE E 365 -14.96 -32.91 -7.96
N ALA E 366 -15.02 -33.80 -6.96
CA ALA E 366 -14.81 -35.23 -7.13
C ALA E 366 -15.89 -35.98 -6.39
N GLN E 367 -16.53 -36.94 -7.06
CA GLN E 367 -17.68 -37.66 -6.55
C GLN E 367 -17.40 -39.15 -6.59
N ILE E 368 -17.66 -39.85 -5.49
CA ILE E 368 -17.33 -41.26 -5.33
C ILE E 368 -18.60 -42.02 -4.97
N THR E 369 -18.94 -43.05 -5.74
CA THR E 369 -20.15 -43.84 -5.51
C THR E 369 -19.80 -45.32 -5.32
N PRO E 370 -19.33 -45.71 -4.14
CA PRO E 370 -18.86 -47.09 -3.97
C PRO E 370 -19.92 -48.18 -3.82
N ILE E 371 -20.97 -47.96 -3.02
CA ILE E 371 -21.77 -49.08 -2.52
C ILE E 371 -23.25 -48.89 -2.91
N LYS E 372 -23.46 -48.45 -4.16
CA LYS E 372 -24.71 -48.61 -4.93
C LYS E 372 -25.83 -47.68 -4.47
N GLY E 373 -25.73 -47.10 -3.29
CA GLY E 373 -26.69 -46.07 -2.93
C GLY E 373 -25.98 -44.81 -2.48
N LEU E 374 -24.77 -45.01 -1.99
CA LEU E 374 -24.05 -43.96 -1.29
C LEU E 374 -23.18 -43.18 -2.26
N THR E 375 -23.29 -41.86 -2.21
CA THR E 375 -22.46 -40.99 -3.03
C THR E 375 -21.84 -39.92 -2.14
N LEU E 376 -20.54 -39.72 -2.31
CA LEU E 376 -19.74 -38.86 -1.46
C LEU E 376 -19.10 -37.82 -2.34
N LYS E 377 -19.40 -36.56 -2.11
CA LYS E 377 -18.95 -35.48 -2.97
C LYS E 377 -18.04 -34.55 -2.20
N ALA E 378 -16.94 -34.14 -2.84
CA ALA E 378 -16.04 -33.13 -2.30
C ALA E 378 -15.93 -32.03 -3.33
N GLN E 379 -16.21 -30.80 -2.94
CA GLN E 379 -16.20 -29.67 -3.85
C GLN E 379 -15.39 -28.55 -3.25
N ALA E 380 -14.55 -27.89 -4.06
CA ALA E 380 -13.75 -26.77 -3.59
C ALA E 380 -13.64 -25.73 -4.69
N GLY E 381 -13.56 -24.46 -4.30
CA GLY E 381 -13.44 -23.41 -5.28
C GLY E 381 -12.82 -22.15 -4.72
N VAL E 382 -12.13 -21.40 -5.59
CA VAL E 382 -11.70 -20.04 -5.28
C VAL E 382 -12.19 -19.07 -6.33
N ASP E 383 -12.24 -17.81 -5.92
CA ASP E 383 -12.83 -16.73 -6.70
C ASP E 383 -11.98 -15.49 -6.42
N ILE E 384 -11.16 -15.10 -7.39
CA ILE E 384 -10.16 -14.06 -7.21
C ILE E 384 -10.47 -12.88 -8.12
N THR E 385 -10.52 -11.68 -7.56
CA THR E 385 -10.78 -10.46 -8.31
C THR E 385 -9.68 -9.45 -8.04
N ASN E 386 -9.04 -8.96 -9.10
CA ASN E 386 -8.00 -7.94 -9.00
C ASN E 386 -8.37 -6.77 -9.89
N THR E 387 -8.70 -5.63 -9.31
CA THR E 387 -9.12 -4.45 -10.05
C THR E 387 -8.02 -3.41 -9.94
N ARG E 388 -7.94 -2.52 -10.92
CA ARG E 388 -6.88 -1.55 -10.95
C ARG E 388 -7.42 -0.31 -11.67
N THR E 389 -7.56 0.78 -10.90
CA THR E 389 -8.34 1.95 -11.24
C THR E 389 -7.46 3.19 -11.27
N SER E 390 -7.65 4.03 -12.29
CA SER E 390 -6.80 5.21 -12.46
C SER E 390 -7.64 6.41 -12.86
N SER E 391 -7.63 7.46 -12.05
CA SER E 391 -8.30 8.72 -12.35
C SER E 391 -7.26 9.80 -12.62
N LYS E 392 -7.66 10.83 -13.34
CA LYS E 392 -6.72 11.88 -13.71
C LYS E 392 -7.45 13.19 -13.87
N ARG E 393 -6.70 14.29 -13.73
CA ARG E 393 -7.22 15.64 -13.93
C ARG E 393 -6.17 16.42 -14.67
N MET E 394 -6.54 17.02 -15.78
CA MET E 394 -5.44 17.36 -16.66
C MET E 394 -4.92 18.77 -16.40
N PRO E 395 -3.62 19.00 -16.56
CA PRO E 395 -3.07 20.34 -16.38
C PRO E 395 -3.16 21.19 -17.62
N ASN E 396 -2.81 22.48 -17.49
CA ASN E 396 -2.80 23.47 -18.57
C ASN E 396 -4.17 23.60 -19.24
N ASN E 397 -5.21 23.67 -18.43
CA ASN E 397 -6.57 23.81 -18.91
C ASN E 397 -7.06 25.21 -18.62
N PRO E 398 -7.55 25.96 -19.61
CA PRO E 398 -7.88 27.38 -19.37
C PRO E 398 -9.15 27.61 -18.58
N TYR E 399 -10.14 26.72 -18.71
CA TYR E 399 -11.44 26.93 -18.09
C TYR E 399 -11.53 26.29 -16.72
N ASP E 400 -10.39 26.03 -16.07
CA ASP E 400 -10.31 25.42 -14.77
C ASP E 400 -9.84 26.44 -13.74
N SER E 401 -9.93 26.07 -12.47
CA SER E 401 -9.52 26.99 -11.41
C SER E 401 -8.04 26.91 -11.10
N THR E 402 -7.40 25.79 -11.37
CA THR E 402 -5.96 25.69 -11.27
C THR E 402 -5.36 25.17 -12.57
N PRO E 403 -4.17 25.64 -12.95
CA PRO E 403 -3.47 25.06 -14.10
C PRO E 403 -2.66 23.82 -13.77
N LEU E 404 -2.78 23.27 -12.57
CA LEU E 404 -2.05 22.10 -12.13
C LEU E 404 -2.95 20.87 -12.16
N GLY E 405 -2.36 19.73 -12.48
CA GLY E 405 -3.09 18.49 -12.60
C GLY E 405 -2.90 17.57 -11.43
N GLU E 406 -3.78 16.57 -11.34
CA GLU E 406 -3.80 15.61 -10.25
C GLU E 406 -3.91 14.21 -10.83
N ARG E 407 -3.62 13.21 -10.00
CA ARG E 407 -3.68 11.81 -10.45
C ARG E 407 -3.90 10.94 -9.24
N ARG E 408 -4.67 9.86 -9.40
CA ARG E 408 -4.94 8.95 -8.31
C ARG E 408 -5.02 7.53 -8.84
N GLU E 409 -4.38 6.59 -8.16
CA GLU E 409 -4.30 5.20 -8.58
C GLU E 409 -4.71 4.30 -7.44
N ARG E 410 -5.69 3.44 -7.65
CA ARG E 410 -6.10 2.46 -6.66
C ARG E 410 -5.93 1.06 -7.19
N ALA E 411 -5.74 0.10 -6.27
CA ALA E 411 -5.70 -1.31 -6.59
C ALA E 411 -6.56 -2.06 -5.61
N TYR E 412 -7.49 -2.86 -6.11
CA TYR E 412 -8.41 -3.64 -5.30
C TYR E 412 -8.11 -5.12 -5.45
N ARG E 413 -8.37 -5.88 -4.39
CA ARG E 413 -8.20 -7.33 -4.39
C ARG E 413 -9.23 -7.95 -3.47
N ASP E 414 -9.96 -8.95 -3.94
CA ASP E 414 -10.72 -9.77 -3.00
C ASP E 414 -10.77 -11.22 -3.42
N VAL E 415 -10.55 -12.10 -2.44
CA VAL E 415 -10.41 -13.53 -2.65
C VAL E 415 -11.42 -14.25 -1.77
N SER E 416 -12.21 -15.14 -2.37
CA SER E 416 -13.19 -15.95 -1.67
C SER E 416 -12.87 -17.42 -1.87
N LYS E 417 -12.99 -18.20 -0.81
CA LYS E 417 -12.70 -19.64 -0.85
C LYS E 417 -13.86 -20.41 -0.27
N SER E 418 -14.15 -21.59 -0.82
CA SER E 418 -15.29 -22.35 -0.35
C SER E 418 -15.07 -23.84 -0.51
N PHE E 419 -15.40 -24.61 0.52
CA PHE E 419 -15.26 -26.07 0.51
C PHE E 419 -16.53 -26.71 1.05
N THR E 420 -17.14 -27.60 0.28
CA THR E 420 -18.31 -28.32 0.78
C THR E 420 -18.21 -29.81 0.52
N ASN E 421 -18.44 -30.60 1.55
CA ASN E 421 -18.34 -32.06 1.48
C ASN E 421 -19.66 -32.64 1.92
N THR E 422 -20.07 -33.73 1.28
CA THR E 422 -21.45 -34.16 1.33
C THR E 422 -21.56 -35.67 1.17
N ALA E 423 -22.34 -36.31 2.02
CA ALA E 423 -22.59 -37.75 1.92
C ALA E 423 -24.08 -37.99 1.83
N GLU E 424 -24.52 -38.63 0.76
CA GLU E 424 -25.94 -38.91 0.56
C GLU E 424 -26.15 -40.40 0.35
N TYR E 425 -27.14 -40.97 1.05
CA TYR E 425 -27.50 -42.36 0.89
C TYR E 425 -29.00 -42.45 0.70
N LYS E 426 -29.43 -42.93 -0.46
CA LYS E 426 -30.85 -43.11 -0.73
C LYS E 426 -31.15 -44.59 -0.91
N PHE E 427 -32.25 -45.04 -0.32
CA PHE E 427 -32.58 -46.44 -0.34
C PHE E 427 -34.09 -46.59 -0.18
N SER E 428 -34.53 -47.84 -0.14
CA SER E 428 -35.94 -48.19 -0.03
C SER E 428 -36.09 -49.36 0.92
N ILE E 429 -36.83 -49.16 2.01
CA ILE E 429 -37.04 -50.23 2.98
C ILE E 429 -37.94 -51.30 2.40
N ASP E 430 -39.07 -50.90 1.86
CA ASP E 430 -40.03 -51.78 1.22
C ASP E 430 -40.20 -51.29 -0.22
N GLU E 431 -41.22 -51.79 -0.91
CA GLU E 431 -41.53 -51.20 -2.21
C GLU E 431 -42.25 -49.87 -2.02
N LYS E 432 -43.00 -49.71 -0.93
CA LYS E 432 -43.82 -48.53 -0.71
C LYS E 432 -43.15 -47.48 0.18
N HIS E 433 -41.84 -47.57 0.40
CA HIS E 433 -41.14 -46.62 1.24
C HIS E 433 -39.82 -46.25 0.58
N ASP E 434 -39.53 -44.96 0.49
CA ASP E 434 -38.24 -44.46 0.04
C ASP E 434 -37.69 -43.52 1.10
N LEU E 435 -36.38 -43.55 1.32
CA LEU E 435 -35.75 -42.64 2.25
C LEU E 435 -34.44 -42.13 1.66
N THR E 436 -34.12 -40.88 1.95
CA THR E 436 -32.89 -40.27 1.47
C THR E 436 -32.26 -39.49 2.62
N ALA E 437 -31.04 -39.85 3.00
CA ALA E 437 -30.34 -39.20 4.08
C ALA E 437 -29.15 -38.42 3.54
N LEU E 438 -28.95 -37.21 4.07
CA LEU E 438 -27.90 -36.32 3.60
C LEU E 438 -27.20 -35.72 4.80
N MET E 439 -25.87 -35.77 4.80
CA MET E 439 -25.05 -35.14 5.82
C MET E 439 -24.02 -34.27 5.14
N GLY E 440 -23.60 -33.20 5.80
CA GLY E 440 -22.65 -32.34 5.10
C GLY E 440 -21.92 -31.34 5.98
N HIS E 441 -20.85 -30.80 5.40
CA HIS E 441 -19.96 -29.82 5.98
C HIS E 441 -19.66 -28.74 4.96
N GLU E 442 -19.53 -27.49 5.40
CA GLU E 442 -19.26 -26.38 4.49
C GLU E 442 -18.45 -25.29 5.18
N TYR E 443 -17.41 -24.80 4.52
CA TYR E 443 -16.58 -23.72 5.01
C TYR E 443 -16.49 -22.61 3.97
N ILE E 444 -16.81 -21.39 4.38
CA ILE E 444 -16.80 -20.21 3.51
C ILE E 444 -15.81 -19.22 4.09
N GLU E 445 -14.96 -18.64 3.26
CA GLU E 445 -14.00 -17.65 3.74
C GLU E 445 -13.93 -16.49 2.76
N TYR E 446 -13.77 -15.27 3.28
CA TYR E 446 -13.61 -14.10 2.43
C TYR E 446 -12.53 -13.19 2.98
N GLU E 447 -11.76 -12.58 2.06
CA GLU E 447 -10.68 -11.65 2.41
C GLU E 447 -10.60 -10.54 1.37
N GLY E 448 -10.77 -9.29 1.79
CA GLY E 448 -10.71 -8.15 0.90
C GLY E 448 -9.64 -7.15 1.34
N ASP E 449 -9.31 -6.23 0.43
CA ASP E 449 -8.14 -5.37 0.57
C ASP E 449 -8.17 -4.28 -0.50
N VAL E 450 -7.87 -3.04 -0.11
CA VAL E 450 -7.78 -1.91 -1.03
C VAL E 450 -6.53 -1.10 -0.69
N ILE E 451 -5.76 -0.73 -1.70
CA ILE E 451 -4.63 0.19 -1.56
C ILE E 451 -4.89 1.35 -2.52
N GLY E 452 -4.38 2.53 -2.19
CA GLY E 452 -4.62 3.65 -3.09
C GLY E 452 -3.78 4.87 -2.78
N ALA E 453 -3.33 5.60 -3.79
CA ALA E 453 -2.40 6.69 -3.59
C ALA E 453 -2.66 7.80 -4.59
N SER E 454 -2.40 9.03 -4.17
CA SER E 454 -2.72 10.20 -4.95
C SER E 454 -1.55 11.17 -4.95
N SER E 455 -1.47 12.01 -5.98
CA SER E 455 -0.47 13.06 -6.03
C SER E 455 -0.99 14.20 -6.89
N LYS E 456 -0.37 15.37 -6.75
CA LYS E 456 -0.86 16.54 -7.46
C LYS E 456 0.30 17.49 -7.75
N GLY E 457 0.01 18.51 -8.53
CA GLY E 457 0.99 19.52 -8.86
C GLY E 457 1.71 19.29 -10.16
N PHE E 458 1.03 18.79 -11.16
CA PHE E 458 1.65 18.47 -12.43
C PHE E 458 1.54 19.65 -13.37
N GLU E 459 2.50 19.76 -14.29
CA GLU E 459 2.50 20.85 -15.24
C GLU E 459 2.62 20.43 -16.69
N SER E 460 2.66 19.13 -16.98
CA SER E 460 2.68 18.65 -18.35
C SER E 460 1.86 17.37 -18.44
N ASP E 461 1.41 17.07 -19.65
CA ASP E 461 0.67 15.84 -19.89
C ASP E 461 1.57 14.63 -20.02
N LYS E 462 2.81 14.83 -20.45
CA LYS E 462 3.75 13.71 -20.57
C LYS E 462 4.30 13.32 -19.22
N LEU E 463 4.69 14.29 -18.42
CA LEU E 463 5.42 14.05 -17.19
C LEU E 463 4.43 14.00 -16.03
N MET E 464 3.65 12.92 -15.99
CA MET E 464 2.54 12.79 -15.05
C MET E 464 2.50 11.42 -14.43
N LEU E 465 3.66 10.86 -14.07
CA LEU E 465 3.68 9.68 -13.24
C LEU E 465 3.35 10.07 -11.81
N LEU E 466 3.11 9.09 -10.96
CA LEU E 466 2.65 9.40 -9.62
C LEU E 466 3.76 9.89 -8.71
N SER E 467 5.01 9.63 -9.08
CA SER E 467 6.16 10.06 -8.31
C SER E 467 6.70 11.42 -8.72
N GLN E 468 6.24 11.98 -9.83
CA GLN E 468 6.68 13.28 -10.29
C GLN E 468 5.72 14.39 -9.90
N GLY E 469 5.30 14.42 -8.64
CA GLY E 469 4.43 15.46 -8.14
C GLY E 469 5.21 16.42 -7.27
N LYS E 470 4.51 17.38 -6.72
CA LYS E 470 5.16 18.34 -5.83
C LYS E 470 5.03 17.87 -4.39
N THR E 471 6.07 18.11 -3.62
CA THR E 471 6.11 17.70 -2.22
C THR E 471 5.59 18.85 -1.36
N GLY E 472 5.80 18.75 -0.05
CA GLY E 472 5.42 19.82 0.84
C GLY E 472 3.98 19.76 1.29
N ASN E 473 3.19 20.73 0.83
CA ASN E 473 1.78 20.81 1.15
C ASN E 473 0.89 20.07 0.19
N SER E 474 1.47 19.48 -0.86
CA SER E 474 0.72 18.70 -1.83
C SER E 474 0.83 17.21 -1.58
N LEU E 475 1.18 16.81 -0.37
CA LEU E 475 1.26 15.41 -0.02
C LEU E 475 0.05 15.02 0.80
N SER E 476 -0.37 13.78 0.64
CA SER E 476 -1.56 13.27 1.32
C SER E 476 -1.27 11.90 1.91
N LEU E 477 -2.11 11.47 2.79
CA LEU E 477 -1.99 10.13 3.29
C LEU E 477 -2.60 9.15 2.31
N PRO E 478 -2.02 7.96 2.15
CA PRO E 478 -2.62 6.98 1.23
C PRO E 478 -3.90 6.36 1.77
N GLU E 479 -4.51 5.46 1.00
CA GLU E 479 -5.72 4.80 1.43
C GLU E 479 -5.44 3.31 1.64
N HIS E 480 -6.17 2.72 2.58
CA HIS E 480 -5.97 1.33 2.96
C HIS E 480 -7.21 0.86 3.70
N ARG E 481 -7.80 -0.25 3.28
CA ARG E 481 -8.99 -0.82 3.89
C ARG E 481 -8.87 -2.33 3.83
N VAL E 482 -9.37 -3.04 4.85
CA VAL E 482 -9.34 -4.50 4.90
C VAL E 482 -10.69 -4.97 5.44
N ALA E 483 -11.25 -6.02 4.87
CA ALA E 483 -12.41 -6.71 5.43
C ALA E 483 -12.21 -8.21 5.28
N GLU E 484 -12.74 -8.99 6.22
CA GLU E 484 -12.62 -10.44 6.23
C GLU E 484 -13.80 -11.07 6.95
N TYR E 485 -14.21 -12.27 6.52
CA TYR E 485 -15.16 -13.06 7.31
C TYR E 485 -14.96 -14.55 7.05
N ALA E 486 -15.66 -15.38 7.83
CA ALA E 486 -15.58 -16.83 7.72
C ALA E 486 -16.82 -17.48 8.34
N TYR E 487 -17.34 -18.51 7.67
CA TYR E 487 -18.45 -19.32 8.15
C TYR E 487 -18.04 -20.78 8.15
N LEU E 488 -18.55 -21.54 9.10
CA LEU E 488 -18.37 -22.99 9.15
C LEU E 488 -19.68 -23.62 9.57
N SER E 489 -20.15 -24.63 8.83
CA SER E 489 -21.50 -25.11 9.02
C SER E 489 -21.57 -26.62 8.84
N PHE E 490 -22.52 -27.24 9.54
CA PHE E 490 -22.79 -28.67 9.43
C PHE E 490 -24.29 -28.87 9.25
N PHE E 491 -24.69 -29.57 8.19
CA PHE E 491 -26.10 -29.67 7.87
C PHE E 491 -26.52 -31.12 7.67
N SER E 492 -27.84 -31.34 7.68
CA SER E 492 -28.40 -32.66 7.49
C SER E 492 -29.85 -32.55 7.01
N ARG E 493 -30.28 -33.56 6.25
CA ARG E 493 -31.61 -33.54 5.67
C ARG E 493 -32.11 -34.96 5.43
N PHE E 494 -33.35 -35.23 5.82
CA PHE E 494 -34.01 -36.50 5.58
C PHE E 494 -35.23 -36.28 4.70
N ASN E 495 -35.31 -37.01 3.60
CA ASN E 495 -36.52 -37.09 2.79
C ASN E 495 -37.16 -38.46 3.02
N TYR E 496 -38.47 -38.48 3.22
CA TYR E 496 -39.19 -39.72 3.39
C TYR E 496 -40.39 -39.69 2.44
N GLY E 497 -40.62 -40.79 1.76
CA GLY E 497 -41.71 -40.84 0.81
C GLY E 497 -42.57 -42.07 0.93
N PHE E 498 -43.87 -41.89 1.21
CA PHE E 498 -44.82 -42.98 1.11
C PHE E 498 -45.18 -43.18 -0.34
N ASP E 499 -46.21 -44.01 -0.60
CA ASP E 499 -46.39 -44.86 -1.77
C ASP E 499 -46.02 -44.21 -3.10
N LYS E 500 -46.82 -43.24 -3.55
CA LYS E 500 -46.40 -42.14 -4.40
C LYS E 500 -47.19 -40.88 -4.10
N TRP E 501 -47.84 -40.79 -2.94
CA TRP E 501 -48.76 -39.69 -2.69
C TRP E 501 -48.43 -38.87 -1.46
N MET E 502 -47.37 -39.19 -0.73
CA MET E 502 -47.06 -38.44 0.48
C MET E 502 -45.56 -38.29 0.60
N TYR E 503 -45.09 -37.07 0.81
CA TYR E 503 -43.68 -36.81 1.00
C TYR E 503 -43.48 -35.89 2.19
N ILE E 504 -42.52 -36.22 3.04
CA ILE E 504 -42.25 -35.47 4.27
C ILE E 504 -40.75 -35.30 4.41
N ASP E 505 -40.28 -34.07 4.56
CA ASP E 505 -38.85 -33.85 4.70
C ASP E 505 -38.50 -32.93 5.86
N PHE E 506 -37.33 -33.19 6.45
CA PHE E 506 -36.87 -32.57 7.68
C PHE E 506 -35.44 -32.09 7.47
N SER E 507 -35.15 -30.86 7.86
CA SER E 507 -33.86 -30.23 7.62
C SER E 507 -33.33 -29.63 8.90
N VAL E 508 -32.01 -29.65 9.08
CA VAL E 508 -31.40 -29.02 10.25
C VAL E 508 -30.00 -28.57 9.88
N ARG E 509 -29.60 -27.40 10.37
CA ARG E 509 -28.29 -26.84 10.08
C ARG E 509 -27.73 -26.14 11.30
N ASN E 510 -26.45 -26.39 11.58
CA ASN E 510 -25.67 -25.71 12.59
C ASN E 510 -24.71 -24.76 11.88
N ASP E 511 -24.65 -23.51 12.34
CA ASP E 511 -23.91 -22.49 11.61
C ASP E 511 -23.17 -21.60 12.59
N GLN E 512 -21.87 -21.47 12.39
CA GLN E 512 -20.99 -20.63 13.20
C GLN E 512 -20.32 -19.61 12.29
N SER E 513 -19.97 -18.45 12.83
CA SER E 513 -19.45 -17.42 11.97
C SER E 513 -18.55 -16.48 12.77
N SER E 514 -17.78 -15.68 12.04
CA SER E 514 -16.90 -14.70 12.63
C SER E 514 -17.60 -13.39 12.92
N ARG E 515 -18.86 -13.26 12.48
CA ARG E 515 -19.63 -12.05 12.66
C ARG E 515 -20.46 -12.04 13.93
N PHE E 516 -20.76 -13.21 14.50
CA PHE E 516 -21.64 -13.31 15.64
C PHE E 516 -20.89 -12.93 16.91
N GLY E 517 -21.61 -12.82 18.00
CA GLY E 517 -21.01 -12.41 19.25
C GLY E 517 -20.10 -13.47 19.83
N SER E 518 -19.37 -13.09 20.85
CA SER E 518 -18.42 -14.05 21.41
C SER E 518 -19.08 -15.03 22.37
N ASN E 519 -20.30 -14.76 22.81
CA ASN E 519 -21.03 -15.70 23.65
C ASN E 519 -21.85 -16.70 22.85
N ASN E 520 -22.72 -16.21 21.96
CA ASN E 520 -23.49 -17.12 21.10
C ASN E 520 -22.82 -17.17 19.74
N ARG E 521 -21.95 -18.14 19.56
CA ARG E 521 -21.29 -18.31 18.27
C ARG E 521 -22.00 -19.29 17.37
N SER E 522 -22.79 -20.22 17.91
CA SER E 522 -23.40 -21.27 17.12
C SER E 522 -24.90 -21.07 17.02
N ALA E 523 -25.45 -21.31 15.84
CA ALA E 523 -26.85 -21.15 15.53
C ALA E 523 -27.45 -22.49 15.11
N TRP E 524 -28.74 -22.66 15.33
CA TRP E 524 -29.42 -23.91 15.03
C TRP E 524 -30.72 -23.60 14.31
N PHE E 525 -30.82 -24.01 13.06
CA PHE E 525 -32.02 -23.78 12.26
C PHE E 525 -32.62 -25.11 11.84
N TYR E 526 -33.94 -25.18 11.84
CA TYR E 526 -34.62 -26.41 11.46
C TYR E 526 -35.75 -26.10 10.49
N SER E 527 -36.27 -27.17 9.90
CA SER E 527 -37.37 -27.07 8.95
C SER E 527 -38.11 -28.39 8.88
N VAL E 528 -39.41 -28.32 8.67
CA VAL E 528 -40.22 -29.50 8.41
C VAL E 528 -41.22 -29.14 7.32
N GLY E 529 -41.54 -30.12 6.48
CA GLY E 529 -42.46 -29.85 5.38
C GLY E 529 -43.08 -31.10 4.83
N GLY E 530 -44.22 -30.91 4.19
CA GLY E 530 -44.97 -32.03 3.63
C GLY E 530 -45.73 -31.72 2.37
N MET E 531 -45.82 -32.70 1.48
CA MET E 531 -46.50 -32.55 0.19
C MET E 531 -47.40 -33.76 0.01
N PHE E 532 -48.69 -33.51 -0.18
CA PHE E 532 -49.68 -34.56 -0.35
C PHE E 532 -50.27 -34.46 -1.75
N ASP E 533 -50.18 -35.56 -2.50
CA ASP E 533 -50.70 -35.63 -3.86
C ASP E 533 -52.09 -36.23 -3.78
N ILE E 534 -53.11 -35.39 -3.87
CA ILE E 534 -54.48 -35.86 -3.68
C ILE E 534 -54.97 -36.55 -4.95
N TYR E 535 -54.50 -36.12 -6.12
CA TYR E 535 -54.92 -36.74 -7.38
C TYR E 535 -54.00 -37.92 -7.76
N ASN E 536 -53.74 -38.78 -6.78
CA ASN E 536 -53.23 -40.12 -7.06
C ASN E 536 -53.87 -41.10 -6.11
N LYS E 537 -54.48 -40.59 -5.06
CA LYS E 537 -55.05 -41.42 -4.01
C LYS E 537 -56.56 -41.32 -3.93
N PHE E 538 -57.09 -40.11 -3.77
CA PHE E 538 -58.49 -39.95 -3.43
C PHE E 538 -59.34 -39.86 -4.69
N ILE E 539 -59.07 -38.90 -5.55
CA ILE E 539 -59.70 -38.87 -6.87
C ILE E 539 -58.74 -39.44 -7.90
N GLN E 540 -59.09 -40.59 -8.47
CA GLN E 540 -58.13 -41.32 -9.28
C GLN E 540 -58.10 -40.80 -10.71
N GLU E 541 -59.27 -40.54 -11.28
CA GLU E 541 -59.32 -39.99 -12.64
C GLU E 541 -60.64 -39.27 -12.82
N SER E 542 -60.59 -38.06 -13.38
CA SER E 542 -61.77 -37.26 -13.63
C SER E 542 -61.68 -36.67 -15.03
N ASN E 543 -62.79 -36.10 -15.50
CA ASN E 543 -62.85 -35.62 -16.87
C ASN E 543 -62.14 -34.29 -17.05
N TRP E 544 -62.36 -33.35 -16.13
CA TRP E 544 -61.79 -32.01 -16.31
C TRP E 544 -60.47 -31.83 -15.56
N LEU E 545 -60.34 -32.39 -14.36
CA LEU E 545 -59.13 -32.20 -13.57
C LEU E 545 -58.02 -33.11 -14.08
N SER E 546 -56.78 -32.70 -13.88
CA SER E 546 -55.65 -33.52 -14.24
C SER E 546 -54.55 -33.59 -13.19
N ASP E 547 -54.47 -32.63 -12.27
CA ASP E 547 -53.53 -32.73 -11.16
C ASP E 547 -54.01 -31.86 -10.01
N LEU E 548 -53.69 -32.27 -8.78
CA LEU E 548 -54.02 -31.48 -7.60
C LEU E 548 -53.10 -31.90 -6.47
N ARG E 549 -52.25 -30.99 -6.01
CA ARG E 549 -51.35 -31.25 -4.89
C ARG E 549 -51.52 -30.16 -3.83
N LEU E 550 -51.23 -30.53 -2.59
CA LEU E 550 -51.32 -29.63 -1.46
C LEU E 550 -50.01 -29.69 -0.70
N LYS E 551 -49.55 -28.57 -0.15
CA LYS E 551 -48.27 -28.61 0.53
C LYS E 551 -48.24 -27.65 1.71
N MET E 552 -47.55 -28.05 2.76
CA MET E 552 -47.40 -27.28 3.98
C MET E 552 -45.93 -27.23 4.36
N SER E 553 -45.54 -26.17 5.07
CA SER E 553 -44.14 -26.02 5.43
C SER E 553 -44.02 -25.10 6.63
N TYR E 554 -43.00 -25.37 7.46
CA TYR E 554 -42.66 -24.48 8.55
C TYR E 554 -41.17 -24.57 8.79
N GLY E 555 -40.49 -23.42 8.90
CA GLY E 555 -39.07 -23.48 9.16
C GLY E 555 -38.50 -22.17 9.64
N THR E 556 -37.39 -22.25 10.36
CA THR E 556 -36.73 -21.05 10.86
C THR E 556 -35.39 -20.84 10.16
N THR E 557 -35.06 -19.57 9.93
CA THR E 557 -33.83 -19.16 9.28
C THR E 557 -33.28 -17.94 10.00
N GLY E 558 -32.24 -17.33 9.44
CA GLY E 558 -31.61 -16.18 10.05
C GLY E 558 -30.93 -15.36 8.98
N ASN E 559 -30.66 -14.11 9.33
CA ASN E 559 -30.08 -13.14 8.40
C ASN E 559 -28.78 -12.61 8.99
N SER E 560 -27.66 -13.23 8.63
CA SER E 560 -26.38 -12.84 9.19
C SER E 560 -25.68 -11.76 8.39
N GLU E 561 -26.40 -10.96 7.62
CA GLU E 561 -25.81 -9.78 6.99
C GLU E 561 -25.87 -8.63 7.99
N ILE E 562 -24.98 -8.71 8.96
CA ILE E 562 -24.72 -7.69 9.97
C ILE E 562 -23.30 -7.26 9.66
N GLY E 563 -22.71 -6.43 10.49
CA GLY E 563 -21.36 -5.99 10.20
C GLY E 563 -20.34 -7.10 10.39
N ASN E 564 -19.18 -6.93 9.76
CA ASN E 564 -18.10 -7.89 9.96
C ASN E 564 -17.50 -7.76 11.35
N TYR E 565 -17.52 -6.57 11.93
CA TYR E 565 -16.95 -6.29 13.25
C TYR E 565 -17.94 -5.40 13.99
N ASN E 566 -18.94 -6.00 14.61
CA ASN E 566 -19.99 -5.24 15.27
C ASN E 566 -20.23 -5.67 16.70
N HIS E 567 -19.53 -6.68 17.18
CA HIS E 567 -19.66 -7.20 18.52
C HIS E 567 -18.45 -6.88 19.37
N GLN E 568 -17.54 -6.07 18.86
CA GLN E 568 -16.27 -5.78 19.49
C GLN E 568 -16.27 -4.34 19.98
N ALA E 569 -15.59 -4.11 21.09
CA ALA E 569 -15.54 -2.79 21.71
C ALA E 569 -14.32 -2.07 21.21
N LEU E 570 -14.47 -1.35 20.10
CA LEU E 570 -13.32 -0.85 19.36
C LEU E 570 -12.62 0.28 20.10
N VAL E 571 -11.30 0.31 19.96
CA VAL E 571 -10.42 1.17 20.74
C VAL E 571 -9.69 2.08 19.76
N THR E 572 -9.81 3.38 19.94
CA THR E 572 -9.23 4.35 19.02
C THR E 572 -8.33 5.34 19.76
N VAL E 573 -7.84 6.32 19.03
CA VAL E 573 -6.83 7.24 19.52
C VAL E 573 -7.48 8.27 20.44
N ASN E 574 -6.83 8.54 21.57
CA ASN E 574 -7.21 9.62 22.48
C ASN E 574 -5.93 10.05 23.20
N ASN E 575 -5.26 11.06 22.66
CA ASN E 575 -3.93 11.40 23.14
C ASN E 575 -4.00 12.22 24.42
N TYR E 576 -3.08 11.95 25.33
CA TYR E 576 -2.88 12.77 26.52
C TYR E 576 -1.85 13.86 26.25
N THR E 577 -0.62 13.44 25.96
CA THR E 577 0.47 14.33 25.66
C THR E 577 0.67 14.41 24.15
N GLU E 578 1.44 15.41 23.73
CA GLU E 578 1.62 15.69 22.32
C GLU E 578 2.65 14.79 21.64
N ASP E 579 3.19 13.79 22.32
CA ASP E 579 4.16 12.90 21.69
C ASP E 579 3.72 11.44 21.70
N ALA E 580 3.28 10.91 22.83
CA ALA E 580 2.91 9.51 22.93
C ALA E 580 1.44 9.29 22.62
N MET E 581 1.14 8.11 22.09
CA MET E 581 -0.23 7.74 21.74
C MET E 581 -0.99 7.30 22.97
N GLY E 582 -2.25 7.70 23.06
CA GLY E 582 -3.16 7.16 24.04
C GLY E 582 -4.26 6.41 23.33
N LEU E 583 -5.02 5.57 24.03
CA LEU E 583 -6.06 4.76 23.41
C LEU E 583 -7.24 4.66 24.36
N SER E 584 -8.45 4.62 23.79
CA SER E 584 -9.64 4.52 24.62
C SER E 584 -10.76 3.85 23.85
N ILE E 585 -11.65 3.19 24.60
CA ILE E 585 -12.77 2.46 24.03
C ILE E 585 -13.76 3.45 23.41
N SER E 586 -14.32 3.09 22.25
CA SER E 586 -15.13 4.06 21.54
C SER E 586 -16.50 3.58 21.04
N THR E 587 -16.72 2.28 20.80
CA THR E 587 -18.00 1.86 20.23
C THR E 587 -18.83 0.92 21.09
N ALA E 588 -18.24 0.21 22.05
CA ALA E 588 -18.79 -0.59 23.14
C ALA E 588 -19.30 -1.98 22.79
N GLY E 589 -19.54 -2.32 21.53
CA GLY E 589 -19.98 -3.65 21.11
C GLY E 589 -21.15 -4.27 21.85
N ASN E 590 -21.32 -5.60 21.74
CA ASN E 590 -21.96 -6.45 22.74
C ASN E 590 -21.63 -7.87 22.38
N PRO E 591 -21.26 -8.72 23.34
CA PRO E 591 -20.89 -10.09 23.02
C PRO E 591 -22.05 -11.02 22.74
N ASP E 592 -23.29 -10.53 22.69
CA ASP E 592 -24.46 -11.37 22.45
C ASP E 592 -25.14 -11.00 21.14
N LEU E 593 -24.38 -10.73 20.09
CA LEU E 593 -24.99 -10.40 18.81
C LEU E 593 -25.48 -11.68 18.14
N SER E 594 -26.78 -11.72 17.90
CA SER E 594 -27.44 -12.79 17.18
C SER E 594 -27.50 -12.39 15.70
N TRP E 595 -28.40 -13.03 14.96
CA TRP E 595 -28.35 -13.11 13.51
C TRP E 595 -29.70 -12.82 12.87
N GLU E 596 -30.55 -12.03 13.54
CA GLU E 596 -31.87 -11.63 13.04
C GLU E 596 -32.79 -12.79 12.70
N LYS E 597 -33.30 -13.48 13.72
CA LYS E 597 -34.02 -14.73 13.54
C LYS E 597 -35.32 -14.53 12.77
N GLN E 598 -35.75 -15.57 12.07
CA GLN E 598 -36.97 -15.52 11.27
C GLN E 598 -37.65 -16.88 11.29
N SER E 599 -38.97 -16.89 11.41
CA SER E 599 -39.76 -18.10 11.34
C SER E 599 -40.82 -17.93 10.27
N GLN E 600 -40.97 -18.92 9.38
CA GLN E 600 -41.88 -18.77 8.26
C GLN E 600 -42.78 -20.00 8.14
N PHE E 601 -44.09 -19.76 8.05
CA PHE E 601 -45.09 -20.79 7.85
C PHE E 601 -45.73 -20.59 6.48
N ASN E 602 -46.01 -21.70 5.80
CA ASN E 602 -46.38 -21.66 4.39
C ASN E 602 -47.43 -22.71 4.07
N PHE E 603 -48.43 -22.33 3.26
CA PHE E 603 -49.47 -23.25 2.85
C PHE E 603 -49.77 -23.02 1.37
N GLY E 604 -49.69 -24.06 0.56
CA GLY E 604 -49.81 -23.89 -0.88
C GLY E 604 -50.69 -24.95 -1.50
N LEU E 605 -51.24 -24.61 -2.66
CA LEU E 605 -52.18 -25.47 -3.38
C LEU E 605 -51.91 -25.33 -4.86
N ALA E 606 -51.64 -26.44 -5.55
CA ALA E 606 -51.33 -26.43 -6.96
C ALA E 606 -52.32 -27.31 -7.71
N ALA E 607 -52.77 -26.85 -8.87
CA ALA E 607 -53.79 -27.58 -9.61
C ALA E 607 -53.50 -27.51 -11.09
N GLY E 608 -53.94 -28.54 -11.81
CA GLY E 608 -53.80 -28.60 -13.25
C GLY E 608 -55.04 -29.12 -13.94
N ALA E 609 -55.63 -28.26 -14.79
CA ALA E 609 -56.87 -28.52 -15.52
C ALA E 609 -56.61 -29.34 -16.78
N PHE E 610 -57.51 -29.22 -17.75
CA PHE E 610 -57.74 -30.14 -18.87
C PHE E 610 -56.48 -30.52 -19.63
N ASN E 611 -56.05 -31.78 -19.44
CA ASN E 611 -54.84 -32.37 -20.01
C ASN E 611 -53.63 -31.47 -19.77
N ASN E 612 -53.54 -30.95 -18.54
CA ASN E 612 -52.46 -30.08 -18.06
C ASN E 612 -52.28 -28.82 -18.91
N ARG E 613 -53.36 -28.30 -19.49
CA ARG E 613 -53.25 -27.05 -20.24
C ARG E 613 -53.31 -25.85 -19.31
N LEU E 614 -54.44 -25.66 -18.64
CA LEU E 614 -54.58 -24.59 -17.66
C LEU E 614 -54.00 -25.05 -16.34
N SER E 615 -53.09 -24.25 -15.79
CA SER E 615 -52.38 -24.62 -14.57
C SER E 615 -52.40 -23.45 -13.59
N ALA E 616 -52.69 -23.73 -12.33
CA ALA E 616 -52.81 -22.67 -11.33
C ALA E 616 -52.05 -23.05 -10.08
N GLU E 617 -51.62 -22.03 -9.34
CA GLU E 617 -50.84 -22.22 -8.13
C GLU E 617 -51.14 -21.06 -7.20
N VAL E 618 -51.49 -21.35 -5.95
CA VAL E 618 -51.78 -20.31 -4.97
C VAL E 618 -50.99 -20.64 -3.70
N ASP E 619 -50.47 -19.62 -3.04
CA ASP E 619 -49.57 -19.80 -1.90
C ASP E 619 -49.80 -18.70 -0.88
N PHE E 620 -49.95 -19.09 0.38
CA PHE E 620 -50.15 -18.17 1.48
CA PHE E 620 -50.15 -18.17 1.48
C PHE E 620 -48.98 -18.28 2.44
N TYR E 621 -48.49 -17.14 2.93
CA TYR E 621 -47.32 -17.17 3.80
C TYR E 621 -47.47 -16.22 4.96
N VAL E 622 -46.92 -16.62 6.10
CA VAL E 622 -46.70 -15.74 7.25
C VAL E 622 -45.23 -15.81 7.60
N ARG E 623 -44.55 -14.68 7.55
CA ARG E 623 -43.11 -14.60 7.74
C ARG E 623 -42.83 -13.65 8.90
N THR E 624 -42.37 -14.18 10.02
CA THR E 624 -42.13 -13.40 11.22
C THR E 624 -40.63 -13.22 11.41
N THR E 625 -40.22 -12.01 11.74
CA THR E 625 -38.83 -11.70 12.02
C THR E 625 -38.71 -11.19 13.45
N ASN E 626 -37.76 -11.74 14.19
CA ASN E 626 -37.42 -11.26 15.51
C ASN E 626 -35.94 -10.90 15.54
N ASP E 627 -35.57 -10.11 16.55
CA ASP E 627 -34.19 -9.80 16.92
C ASP E 627 -33.46 -9.06 15.80
N MET E 628 -34.10 -8.02 15.26
CA MET E 628 -33.51 -7.20 14.23
C MET E 628 -32.42 -6.30 14.80
N LEU E 629 -31.53 -5.84 13.93
CA LEU E 629 -30.31 -5.14 14.33
C LEU E 629 -30.50 -3.64 14.20
N ILE E 630 -30.59 -2.95 15.34
CA ILE E 630 -30.80 -1.51 15.40
C ILE E 630 -29.71 -0.91 16.30
N ASP E 631 -29.23 0.28 15.95
CA ASP E 631 -28.31 1.05 16.79
C ASP E 631 -29.15 1.87 17.76
N VAL E 632 -29.52 1.28 18.88
CA VAL E 632 -30.53 1.85 19.77
C VAL E 632 -29.90 2.88 20.70
N PRO E 633 -30.61 3.95 21.07
CA PRO E 633 -30.03 4.93 22.01
C PRO E 633 -30.10 4.40 23.44
N MET E 634 -28.94 4.33 24.09
CA MET E 634 -28.73 3.66 25.36
C MET E 634 -29.01 4.59 26.52
N PRO E 635 -29.28 4.04 27.71
CA PRO E 635 -29.33 4.87 28.92
C PRO E 635 -27.96 5.43 29.29
N TYR E 636 -27.96 6.38 30.22
CA TYR E 636 -26.77 7.16 30.53
C TYR E 636 -25.75 6.43 31.37
N ILE E 637 -26.11 5.30 31.98
CA ILE E 637 -25.13 4.50 32.72
C ILE E 637 -24.20 3.76 31.78
N SER E 638 -24.54 3.67 30.50
CA SER E 638 -23.69 2.98 29.54
C SER E 638 -22.38 3.71 29.31
N GLY E 639 -22.41 5.03 29.36
CA GLY E 639 -21.23 5.78 28.99
C GLY E 639 -21.04 5.93 27.50
N PHE E 640 -22.00 5.47 26.70
CA PHE E 640 -21.96 5.56 25.25
C PHE E 640 -23.32 6.05 24.80
N PHE E 641 -23.44 6.37 23.51
CA PHE E 641 -24.70 6.84 22.98
C PHE E 641 -25.55 5.75 22.35
N SER E 642 -24.94 4.65 21.90
CA SER E 642 -25.67 3.59 21.21
C SER E 642 -24.91 2.29 21.35
N GLN E 643 -25.56 1.16 20.98
CA GLN E 643 -24.93 -0.13 21.21
C GLN E 643 -24.91 -1.14 20.06
N TYR E 644 -25.85 -1.11 19.11
CA TYR E 644 -26.07 -2.17 18.09
C TYR E 644 -26.45 -3.50 18.73
N GLN E 645 -27.68 -3.57 19.21
CA GLN E 645 -28.20 -4.81 19.79
C GLN E 645 -29.40 -5.33 19.01
N ASN E 646 -29.81 -6.56 19.33
CA ASN E 646 -30.90 -7.26 18.66
C ASN E 646 -32.20 -7.03 19.40
N VAL E 647 -33.01 -6.10 18.91
CA VAL E 647 -34.33 -5.81 19.45
C VAL E 647 -35.28 -5.61 18.29
N GLY E 648 -36.54 -5.95 18.50
CA GLY E 648 -37.58 -5.66 17.53
C GLY E 648 -38.31 -6.90 17.05
N SER E 649 -39.33 -6.65 16.24
CA SER E 649 -40.15 -7.69 15.65
C SER E 649 -40.87 -7.12 14.44
N MET E 650 -41.30 -8.02 13.56
CA MET E 650 -41.96 -7.64 12.31
C MET E 650 -42.69 -8.86 11.76
N LYS E 651 -43.78 -8.63 11.05
CA LYS E 651 -44.54 -9.72 10.45
C LYS E 651 -44.97 -9.33 9.04
N ASN E 652 -44.73 -10.22 8.09
CA ASN E 652 -45.13 -10.04 6.70
C ASN E 652 -46.12 -11.13 6.33
N THR E 653 -47.33 -10.74 5.97
CA THR E 653 -48.41 -11.68 5.67
C THR E 653 -48.81 -11.50 4.23
N GLY E 654 -48.94 -12.59 3.49
CA GLY E 654 -49.28 -12.34 2.10
C GLY E 654 -49.80 -13.55 1.35
N VAL E 655 -50.17 -13.29 0.10
CA VAL E 655 -50.65 -14.31 -0.82
C VAL E 655 -50.09 -14.05 -2.20
N ASP E 656 -49.58 -15.09 -2.85
CA ASP E 656 -49.15 -14.97 -4.24
C ASP E 656 -49.66 -16.13 -5.07
N LEU E 657 -50.09 -15.82 -6.29
CA LEU E 657 -50.65 -16.83 -7.16
C LEU E 657 -50.19 -16.62 -8.59
N SER E 658 -50.09 -17.72 -9.32
CA SER E 658 -49.66 -17.70 -10.71
C SER E 658 -50.45 -18.69 -11.52
N LEU E 659 -50.60 -18.40 -12.82
CA LEU E 659 -51.39 -19.27 -13.66
C LEU E 659 -50.94 -19.22 -15.11
N LYS E 660 -50.84 -20.40 -15.72
CA LYS E 660 -50.41 -20.61 -17.10
C LYS E 660 -51.55 -21.17 -17.92
N GLY E 661 -51.50 -20.94 -19.23
CA GLY E 661 -52.49 -21.49 -20.12
C GLY E 661 -51.99 -21.58 -21.54
N THR E 662 -52.59 -22.50 -22.30
CA THR E 662 -52.28 -22.71 -23.71
C THR E 662 -53.57 -22.67 -24.51
N ILE E 663 -53.62 -21.84 -25.55
CA ILE E 663 -54.84 -21.62 -26.33
C ILE E 663 -54.52 -21.97 -27.77
N TYR E 664 -54.69 -23.24 -28.15
CA TYR E 664 -54.52 -23.65 -29.53
C TYR E 664 -55.75 -23.24 -30.34
N GLN E 665 -55.55 -22.99 -31.63
CA GLN E 665 -56.66 -23.01 -32.57
C GLN E 665 -56.36 -23.82 -33.83
N ASN E 666 -55.17 -24.41 -33.96
CA ASN E 666 -54.76 -25.03 -35.21
C ASN E 666 -53.65 -26.03 -34.90
N LYS E 667 -53.13 -26.66 -35.96
CA LYS E 667 -51.97 -27.53 -35.85
C LYS E 667 -50.67 -26.74 -35.78
N ASP E 668 -50.55 -25.69 -36.60
CA ASP E 668 -49.33 -24.89 -36.64
C ASP E 668 -49.31 -23.85 -35.52
N TRP E 669 -50.44 -23.17 -35.30
CA TRP E 669 -50.52 -22.07 -34.36
C TRP E 669 -50.27 -22.54 -32.93
N ASN E 670 -49.58 -21.70 -32.16
CA ASN E 670 -49.46 -21.93 -30.73
C ASN E 670 -49.61 -20.59 -30.04
N VAL E 671 -50.65 -20.44 -29.22
CA VAL E 671 -50.86 -19.24 -28.41
C VAL E 671 -50.82 -19.66 -26.95
N TYR E 672 -50.10 -18.92 -26.13
CA TYR E 672 -50.02 -19.22 -24.71
C TYR E 672 -50.00 -17.92 -23.91
N ALA E 673 -50.30 -18.05 -22.63
CA ALA E 673 -50.39 -16.88 -21.76
C ALA E 673 -50.03 -17.26 -20.33
N SER E 674 -49.62 -16.27 -19.55
CA SER E 674 -49.22 -16.48 -18.17
C SER E 674 -49.50 -15.22 -17.35
N ALA E 675 -49.67 -15.40 -16.05
CA ALA E 675 -49.88 -14.25 -15.17
C ALA E 675 -49.42 -14.56 -13.75
N ASN E 676 -48.96 -13.52 -13.04
CA ASN E 676 -48.59 -13.61 -11.63
C ASN E 676 -49.29 -12.52 -10.84
N PHE E 677 -49.26 -12.68 -9.52
CA PHE E 677 -49.77 -11.67 -8.59
C PHE E 677 -49.16 -11.97 -7.23
N ASN E 678 -48.80 -10.91 -6.50
CA ASN E 678 -48.35 -11.05 -5.12
C ASN E 678 -48.82 -9.84 -4.34
N TYR E 679 -49.49 -10.10 -3.22
CA TYR E 679 -49.92 -9.07 -2.29
C TYR E 679 -49.30 -9.35 -0.93
N ASN E 680 -48.70 -8.33 -0.34
CA ASN E 680 -47.89 -8.45 0.86
C ASN E 680 -48.22 -7.32 1.82
N ARG E 681 -48.52 -7.65 3.06
CA ARG E 681 -48.85 -6.66 4.08
C ARG E 681 -47.84 -6.75 5.21
N GLN E 682 -47.13 -5.66 5.45
CA GLN E 682 -46.08 -5.57 6.45
C GLN E 682 -46.63 -4.92 7.71
N GLU E 683 -46.21 -5.42 8.87
CA GLU E 683 -46.67 -4.83 10.12
C GLU E 683 -45.57 -4.94 11.16
N ILE E 684 -45.27 -3.85 11.84
CA ILE E 684 -44.32 -3.83 12.93
C ILE E 684 -45.03 -4.27 14.21
N THR E 685 -44.36 -5.11 15.00
CA THR E 685 -44.96 -5.69 16.20
C THR E 685 -44.43 -5.08 17.49
N LYS E 686 -43.12 -5.07 17.71
CA LYS E 686 -42.58 -4.43 18.89
C LYS E 686 -41.22 -3.83 18.60
N LEU E 687 -40.88 -2.78 19.33
CA LEU E 687 -39.64 -2.03 19.25
C LEU E 687 -38.77 -2.32 20.48
N PHE E 688 -37.73 -1.51 20.68
CA PHE E 688 -36.88 -1.50 21.86
C PHE E 688 -37.57 -0.80 23.02
N PHE E 689 -36.83 -0.11 23.90
CA PHE E 689 -37.03 -0.06 25.35
C PHE E 689 -38.42 0.40 25.79
N GLY E 690 -39.38 -0.52 25.73
CA GLY E 690 -40.77 -0.23 26.03
C GLY E 690 -41.44 0.74 25.09
N LEU E 691 -40.82 1.05 23.96
CA LEU E 691 -41.19 2.19 23.15
C LEU E 691 -42.28 1.79 22.17
N ASN E 692 -43.07 2.77 21.77
CA ASN E 692 -44.21 2.53 20.90
C ASN E 692 -44.03 3.11 19.51
N LYS E 693 -43.03 3.96 19.31
CA LYS E 693 -42.90 4.73 18.10
C LYS E 693 -41.48 5.29 18.02
N TYR E 694 -40.80 5.03 16.91
CA TYR E 694 -39.43 5.51 16.79
C TYR E 694 -39.23 6.03 15.38
N MET E 695 -38.48 7.12 15.29
CA MET E 695 -38.28 7.86 14.07
C MET E 695 -36.78 7.92 13.83
N LEU E 696 -36.31 7.29 12.75
CA LEU E 696 -34.90 7.40 12.44
C LEU E 696 -34.56 8.84 12.04
N PRO E 697 -33.46 9.39 12.53
CA PRO E 697 -33.12 10.77 12.20
C PRO E 697 -32.59 10.86 10.77
N ASN E 698 -33.06 11.91 10.06
CA ASN E 698 -32.60 12.27 8.72
C ASN E 698 -32.90 11.19 7.69
N THR E 699 -34.07 10.54 7.84
CA THR E 699 -34.55 9.61 6.82
C THR E 699 -35.91 10.00 6.28
N GLY E 700 -36.79 10.48 7.15
CA GLY E 700 -38.13 10.86 6.74
C GLY E 700 -39.17 9.78 6.84
N THR E 701 -38.94 8.75 7.66
CA THR E 701 -39.87 7.66 7.87
C THR E 701 -40.18 7.56 9.36
N ILE E 702 -41.08 6.64 9.72
CA ILE E 702 -41.46 6.46 11.11
C ILE E 702 -41.88 5.02 11.32
N TRP E 703 -41.37 4.40 12.37
CA TRP E 703 -41.70 3.02 12.72
C TRP E 703 -42.72 3.06 13.85
N GLU E 704 -43.96 2.74 13.54
CA GLU E 704 -45.01 2.71 14.54
C GLU E 704 -45.58 1.30 14.65
N ILE E 705 -45.83 0.86 15.88
CA ILE E 705 -46.35 -0.48 16.13
C ILE E 705 -47.77 -0.59 15.61
N GLY E 706 -48.01 -1.58 14.75
CA GLY E 706 -49.31 -1.82 14.17
C GLY E 706 -49.43 -1.45 12.71
N TYR E 707 -48.46 -0.75 12.16
CA TYR E 707 -48.46 -0.23 10.80
C TYR E 707 -47.14 -0.59 10.16
N PRO E 708 -47.04 -0.56 8.82
CA PRO E 708 -45.74 -0.71 8.18
C PRO E 708 -44.87 0.52 8.36
N ASN E 709 -43.63 0.53 7.90
CA ASN E 709 -42.86 1.77 8.01
C ASN E 709 -43.36 2.73 6.95
N SER E 710 -43.86 3.86 7.40
CA SER E 710 -44.59 4.80 6.59
C SER E 710 -43.74 6.02 6.33
N PHE E 711 -44.33 7.01 5.69
CA PHE E 711 -43.68 8.30 5.49
C PHE E 711 -44.01 9.22 6.65
N TYR E 712 -43.12 10.19 6.89
CA TYR E 712 -43.24 11.08 8.05
C TYR E 712 -43.10 12.52 7.57
N MET E 713 -44.23 13.19 7.34
CA MET E 713 -44.22 14.51 6.76
C MET E 713 -45.46 15.27 7.20
N ALA E 714 -45.49 16.55 6.85
CA ALA E 714 -46.63 17.40 7.14
C ALA E 714 -47.59 17.38 5.97
N GLU E 715 -48.87 17.28 6.26
CA GLU E 715 -49.85 17.29 5.18
C GLU E 715 -50.02 18.72 4.65
N TYR E 716 -50.47 18.80 3.41
CA TYR E 716 -50.57 20.07 2.70
C TYR E 716 -52.01 20.29 2.29
N ALA E 717 -52.64 21.31 2.88
CA ALA E 717 -54.06 21.56 2.63
C ALA E 717 -54.28 22.23 1.29
N GLY E 718 -53.45 23.19 0.94
CA GLY E 718 -53.60 23.94 -0.28
C GLY E 718 -53.13 25.37 -0.04
N ILE E 719 -53.83 26.32 -0.65
CA ILE E 719 -53.62 27.73 -0.36
C ILE E 719 -54.92 28.34 0.11
N ASP E 720 -54.80 29.51 0.72
CA ASP E 720 -55.94 30.28 1.20
C ASP E 720 -56.13 31.39 0.18
N LYS E 721 -57.26 31.38 -0.51
CA LYS E 721 -57.51 32.38 -1.56
C LYS E 721 -57.99 33.72 -1.02
N LYS E 722 -57.86 33.99 0.27
CA LYS E 722 -58.04 35.34 0.78
C LYS E 722 -56.71 36.08 0.87
N THR E 723 -55.60 35.36 0.98
CA THR E 723 -54.29 35.97 1.06
C THR E 723 -53.22 35.30 0.22
N GLY E 724 -53.44 34.08 -0.27
CA GLY E 724 -52.50 33.45 -1.19
C GLY E 724 -51.31 32.79 -0.54
N LYS E 725 -51.45 32.30 0.68
CA LYS E 725 -50.35 31.68 1.41
C LYS E 725 -50.62 30.20 1.57
N GLN E 726 -49.54 29.44 1.77
CA GLN E 726 -49.66 27.99 1.89
C GLN E 726 -50.22 27.61 3.25
N LEU E 727 -50.93 26.48 3.29
CA LEU E 727 -51.59 26.01 4.50
C LEU E 727 -51.29 24.54 4.72
N TRP E 728 -50.86 24.20 5.93
CA TRP E 728 -50.64 22.81 6.31
C TRP E 728 -51.63 22.41 7.40
N TYR E 729 -51.98 21.12 7.39
CA TYR E 729 -52.90 20.58 8.39
C TYR E 729 -52.19 20.46 9.73
N VAL E 730 -52.99 20.38 10.79
CA VAL E 730 -52.51 20.15 12.14
C VAL E 730 -52.76 18.69 12.50
N PRO E 731 -51.77 17.97 13.04
CA PRO E 731 -52.02 16.60 13.50
C PRO E 731 -52.97 16.60 14.70
N GLY E 732 -54.11 15.94 14.53
CA GLY E 732 -55.19 16.06 15.48
C GLY E 732 -56.06 17.26 15.14
N GLN E 733 -56.70 17.84 16.15
CA GLN E 733 -57.47 19.09 16.02
C GLN E 733 -58.56 19.00 14.97
N VAL E 734 -59.40 17.98 15.07
CA VAL E 734 -60.41 17.74 14.06
C VAL E 734 -61.62 18.64 14.33
N ASP E 735 -62.23 19.12 13.26
CA ASP E 735 -63.45 19.93 13.35
C ASP E 735 -64.54 19.29 12.49
N LYS E 740 -60.57 19.66 9.09
CA LYS E 740 -59.52 19.86 10.07
C LYS E 740 -59.12 21.32 10.16
N VAL E 741 -58.18 21.63 11.04
CA VAL E 741 -57.71 23.00 11.25
C VAL E 741 -56.36 23.17 10.55
N THR E 742 -56.21 24.29 9.85
CA THR E 742 -55.03 24.59 9.06
C THR E 742 -54.33 25.81 9.61
N THR E 743 -53.00 25.79 9.58
CA THR E 743 -52.20 26.95 9.92
C THR E 743 -51.40 27.41 8.72
N SER E 744 -50.95 28.66 8.76
CA SER E 744 -50.18 29.26 7.69
C SER E 744 -48.71 29.40 8.02
N GLN E 745 -48.26 28.84 9.14
CA GLN E 745 -46.89 28.98 9.58
C GLN E 745 -46.31 27.59 9.78
N TYR E 746 -45.32 27.23 8.96
CA TYR E 746 -44.73 25.90 9.01
C TYR E 746 -43.79 25.77 10.19
N SER E 747 -43.80 24.59 10.82
CA SER E 747 -42.88 24.28 11.90
C SER E 747 -42.61 22.79 11.89
N ALA E 748 -41.52 22.39 12.55
CA ALA E 748 -41.16 20.98 12.60
C ALA E 748 -42.05 20.18 13.55
N ASP E 749 -42.88 20.84 14.35
CA ASP E 749 -43.86 20.19 15.21
C ASP E 749 -45.19 19.96 14.51
N LEU E 750 -45.19 19.98 13.19
CA LEU E 750 -46.38 19.84 12.39
C LEU E 750 -46.39 18.54 11.57
N GLU E 751 -45.28 17.81 11.58
CA GLU E 751 -45.17 16.57 10.83
C GLU E 751 -45.96 15.46 11.51
N THR E 752 -46.41 14.50 10.70
CA THR E 752 -47.19 13.40 11.20
C THR E 752 -46.95 12.17 10.32
N ARG E 753 -47.52 11.05 10.74
CA ARG E 753 -47.40 9.82 9.97
C ARG E 753 -48.38 9.81 8.81
N ILE E 754 -47.85 9.68 7.60
CA ILE E 754 -48.65 9.60 6.39
C ILE E 754 -48.95 8.13 6.16
N ASP E 755 -50.21 7.80 5.86
CA ASP E 755 -50.62 6.40 5.67
C ASP E 755 -50.35 5.94 4.24
N LYS E 756 -49.06 5.96 3.88
CA LYS E 756 -48.57 5.49 2.59
C LYS E 756 -47.24 4.81 2.86
N SER E 757 -47.13 3.55 2.49
CA SER E 757 -46.00 2.75 2.94
C SER E 757 -44.79 2.95 2.04
N VAL E 758 -43.61 2.64 2.57
CA VAL E 758 -42.37 2.81 1.84
C VAL E 758 -42.21 1.75 0.76
N THR E 759 -42.38 0.45 1.13
CA THR E 759 -42.32 -0.71 0.23
C THR E 759 -43.67 -0.93 -0.42
N PRO E 760 -43.73 -1.05 -1.75
CA PRO E 760 -45.03 -1.18 -2.43
C PRO E 760 -45.65 -2.53 -2.20
N PRO E 761 -46.95 -2.58 -1.94
CA PRO E 761 -47.58 -3.86 -1.59
C PRO E 761 -47.90 -4.78 -2.75
N ILE E 762 -48.32 -4.30 -3.93
CA ILE E 762 -48.81 -5.21 -4.96
C ILE E 762 -47.80 -5.29 -6.09
N THR E 763 -47.36 -6.50 -6.41
CA THR E 763 -46.36 -6.76 -7.44
C THR E 763 -46.94 -7.80 -8.40
N GLY E 764 -46.62 -7.71 -9.67
CA GLY E 764 -47.08 -8.73 -10.59
C GLY E 764 -46.37 -8.78 -11.91
N GLY E 765 -47.10 -9.22 -12.92
CA GLY E 765 -46.61 -9.31 -14.28
C GLY E 765 -47.31 -10.39 -15.07
N PHE E 766 -47.63 -10.12 -16.33
CA PHE E 766 -48.26 -11.12 -17.17
C PHE E 766 -47.56 -11.16 -18.51
N SER E 767 -47.94 -12.13 -19.34
CA SER E 767 -47.24 -12.29 -20.61
C SER E 767 -48.10 -13.05 -21.60
N LEU E 768 -47.92 -12.71 -22.88
CA LEU E 768 -48.56 -13.36 -24.02
C LEU E 768 -47.51 -14.13 -24.80
N GLY E 769 -47.98 -14.87 -25.80
CA GLY E 769 -47.07 -15.46 -26.77
C GLY E 769 -47.78 -16.15 -27.90
N ALA E 770 -47.23 -16.07 -29.12
CA ALA E 770 -47.84 -16.70 -30.29
C ALA E 770 -46.75 -17.08 -31.27
N SER E 771 -46.92 -18.25 -31.89
CA SER E 771 -45.94 -18.78 -32.85
C SER E 771 -46.69 -19.48 -33.97
N TRP E 772 -46.70 -18.87 -35.15
CA TRP E 772 -47.33 -19.47 -36.33
C TRP E 772 -46.59 -20.71 -36.81
N LYS E 773 -45.41 -20.54 -37.41
CA LYS E 773 -44.54 -21.67 -37.72
C LYS E 773 -43.13 -21.10 -37.83
N GLY E 774 -42.36 -21.24 -36.77
CA GLY E 774 -41.08 -20.53 -36.69
C GLY E 774 -41.21 -19.11 -36.25
N LEU E 775 -42.04 -18.32 -36.93
CA LEU E 775 -42.22 -16.90 -36.66
C LEU E 775 -42.96 -16.73 -35.34
N SER E 776 -42.24 -16.42 -34.27
CA SER E 776 -42.79 -16.28 -32.94
C SER E 776 -42.79 -14.82 -32.52
N LEU E 777 -43.73 -14.48 -31.64
CA LEU E 777 -43.89 -13.12 -31.13
C LEU E 777 -44.22 -13.21 -29.64
N ASP E 778 -43.36 -12.61 -28.81
CA ASP E 778 -43.54 -12.66 -27.37
C ASP E 778 -43.61 -11.25 -26.80
N ALA E 779 -44.43 -11.07 -25.77
CA ALA E 779 -44.58 -9.79 -25.11
C ALA E 779 -44.74 -10.00 -23.62
N ASP E 780 -44.00 -9.24 -22.81
CA ASP E 780 -44.00 -9.39 -21.36
C ASP E 780 -44.31 -8.05 -20.70
N PHE E 781 -45.21 -8.06 -19.73
CA PHE E 781 -45.60 -6.86 -18.99
C PHE E 781 -45.35 -7.08 -17.50
N ALA E 782 -44.98 -6.00 -16.80
CA ALA E 782 -44.66 -6.08 -15.39
C ALA E 782 -45.12 -4.83 -14.66
N TYR E 783 -45.93 -5.00 -13.63
CA TYR E 783 -46.53 -3.88 -12.91
C TYR E 783 -46.18 -3.92 -11.43
N ILE E 784 -46.10 -2.74 -10.83
CA ILE E 784 -45.95 -2.56 -9.39
C ILE E 784 -46.90 -1.45 -9.00
N VAL E 785 -47.87 -1.75 -8.14
CA VAL E 785 -48.81 -0.72 -7.71
C VAL E 785 -48.82 -0.64 -6.19
N GLY E 786 -48.98 0.59 -5.71
CA GLY E 786 -48.87 0.94 -4.32
C GLY E 786 -47.60 1.66 -3.94
N LYS E 787 -46.93 2.33 -4.87
CA LYS E 787 -45.58 2.83 -4.66
C LYS E 787 -45.57 4.35 -4.69
N TRP E 788 -45.08 4.95 -3.61
CA TRP E 788 -45.04 6.39 -3.44
C TRP E 788 -43.61 6.86 -3.43
N MET E 789 -43.38 8.10 -3.88
CA MET E 789 -42.02 8.53 -4.14
C MET E 789 -41.93 10.04 -4.12
N ILE E 790 -40.93 10.57 -3.42
CA ILE E 790 -40.76 12.01 -3.25
C ILE E 790 -40.07 12.56 -4.48
N ASN E 791 -40.73 13.44 -5.22
CA ASN E 791 -40.16 14.04 -6.42
C ASN E 791 -39.35 15.26 -6.02
N ASN E 792 -38.04 15.09 -5.90
CA ASN E 792 -37.19 16.14 -5.36
C ASN E 792 -36.87 17.24 -6.35
N ASP E 793 -37.05 16.99 -7.65
CA ASP E 793 -36.81 18.04 -8.64
C ASP E 793 -37.94 19.05 -8.70
N ARG E 794 -39.12 18.70 -8.22
CA ARG E 794 -40.21 19.66 -8.14
C ARG E 794 -40.07 20.59 -6.96
N TYR E 795 -39.11 20.37 -6.09
CA TYR E 795 -38.74 21.39 -5.12
C TYR E 795 -38.09 22.58 -5.81
N PHE E 796 -37.42 22.35 -6.94
CA PHE E 796 -36.72 23.40 -7.66
C PHE E 796 -37.49 23.94 -8.84
N THR E 797 -38.13 23.07 -9.63
CA THR E 797 -38.72 23.57 -10.87
C THR E 797 -40.07 24.23 -10.67
N GLU E 798 -40.68 24.16 -9.50
CA GLU E 798 -41.85 24.99 -9.19
C GLU E 798 -41.63 25.59 -7.81
N ASN E 799 -40.97 26.74 -7.80
CA ASN E 799 -40.45 27.37 -6.60
C ASN E 799 -40.66 28.86 -6.74
N GLY E 800 -41.48 29.44 -5.86
CA GLY E 800 -41.84 30.83 -6.02
C GLY E 800 -40.77 31.77 -5.53
N GLY E 801 -40.18 31.47 -4.39
CA GLY E 801 -39.16 32.32 -3.81
C GLY E 801 -37.86 31.60 -3.62
N GLY E 802 -36.79 32.13 -4.21
CA GLY E 802 -35.50 31.50 -4.14
C GLY E 802 -35.23 30.60 -5.33
N LEU E 803 -33.94 30.41 -5.60
CA LEU E 803 -33.43 29.69 -6.79
C LEU E 803 -34.01 30.26 -8.07
N MET E 804 -33.99 31.59 -8.17
CA MET E 804 -34.71 32.29 -9.22
C MET E 804 -33.96 32.30 -10.55
N GLN E 805 -32.70 31.89 -10.57
CA GLN E 805 -31.93 31.90 -11.81
C GLN E 805 -32.21 30.69 -12.68
N LEU E 806 -32.93 29.70 -12.17
CA LEU E 806 -33.19 28.46 -12.89
C LEU E 806 -34.42 28.59 -13.77
N ASN E 807 -34.68 27.56 -14.57
CA ASN E 807 -35.91 27.48 -15.33
C ASN E 807 -37.01 26.90 -14.45
N LYS E 808 -38.23 27.40 -14.63
CA LYS E 808 -39.33 27.05 -13.76
C LYS E 808 -40.41 26.36 -14.57
N ASP E 809 -41.50 26.00 -13.89
CA ASP E 809 -42.64 25.36 -14.51
C ASP E 809 -43.60 26.40 -15.05
N LYS E 810 -44.44 25.98 -16.00
CA LYS E 810 -45.36 26.91 -16.63
C LYS E 810 -46.52 27.30 -15.72
N MET E 811 -46.76 26.56 -14.65
CA MET E 811 -47.85 26.87 -13.75
C MET E 811 -47.51 27.98 -12.78
N LEU E 812 -46.30 28.53 -12.84
CA LEU E 812 -45.94 29.72 -12.09
C LEU E 812 -46.29 31.00 -12.84
N LEU E 813 -46.95 30.88 -13.98
CA LEU E 813 -47.35 32.06 -14.75
C LEU E 813 -48.74 32.57 -14.35
N ASN E 814 -49.53 31.74 -13.68
CA ASN E 814 -50.80 32.19 -13.10
C ASN E 814 -50.78 32.13 -11.59
N ALA E 815 -49.72 32.66 -10.98
CA ALA E 815 -49.59 32.68 -9.55
C ALA E 815 -50.63 33.58 -8.91
N TRP E 816 -50.81 33.40 -7.61
CA TRP E 816 -51.83 34.14 -6.87
C TRP E 816 -51.39 35.59 -6.72
N THR E 817 -52.11 36.50 -7.34
CA THR E 817 -52.04 37.92 -7.05
C THR E 817 -53.42 38.35 -6.58
N GLU E 818 -53.59 39.65 -6.34
CA GLU E 818 -54.92 40.10 -5.95
C GLU E 818 -55.83 40.25 -7.16
N ASP E 819 -55.26 40.27 -8.36
CA ASP E 819 -56.06 40.26 -9.58
C ASP E 819 -56.51 38.84 -9.92
N ASN E 820 -55.55 37.92 -10.01
CA ASN E 820 -55.82 36.50 -10.25
C ASN E 820 -55.81 35.80 -8.91
N LYS E 821 -56.98 35.57 -8.34
CA LYS E 821 -57.07 34.95 -7.02
C LYS E 821 -57.98 33.73 -7.01
N GLU E 822 -58.23 33.11 -8.16
CA GLU E 822 -58.96 31.85 -8.19
C GLU E 822 -58.10 30.74 -8.75
N THR E 823 -56.84 30.68 -8.31
CA THR E 823 -55.91 29.62 -8.67
C THR E 823 -55.55 28.83 -7.41
N ASP E 824 -54.75 27.79 -7.60
CA ASP E 824 -54.29 26.98 -6.48
C ASP E 824 -52.77 26.97 -6.36
N VAL E 825 -52.08 27.87 -7.04
CA VAL E 825 -50.63 28.01 -6.86
C VAL E 825 -50.36 29.28 -6.06
N PRO E 826 -49.38 29.27 -5.14
CA PRO E 826 -49.28 30.34 -4.14
C PRO E 826 -48.71 31.66 -4.66
N LYS E 827 -48.49 32.59 -3.75
CA LYS E 827 -47.82 33.83 -4.09
C LYS E 827 -46.34 33.58 -4.38
N LEU E 828 -45.69 34.57 -4.99
CA LEU E 828 -44.33 34.40 -5.45
C LEU E 828 -43.27 34.71 -4.40
N GLY E 829 -43.65 34.87 -3.14
CA GLY E 829 -42.65 35.23 -2.15
C GLY E 829 -42.35 34.14 -1.13
N GLN E 830 -42.81 32.93 -1.38
CA GLN E 830 -42.75 31.87 -0.39
C GLN E 830 -41.83 30.75 -0.85
N SER E 831 -41.30 30.04 0.12
CA SER E 831 -40.42 28.92 -0.15
C SER E 831 -41.14 27.62 0.15
N PRO E 832 -41.14 26.66 -0.76
CA PRO E 832 -41.84 25.40 -0.51
C PRO E 832 -41.10 24.55 0.50
N GLN E 833 -41.84 23.61 1.08
CA GLN E 833 -41.31 22.71 2.09
C GLN E 833 -41.33 21.30 1.53
N PHE E 834 -40.86 20.35 2.33
CA PHE E 834 -40.97 18.93 1.97
C PHE E 834 -42.20 18.32 2.65
N ASP E 835 -43.36 18.83 2.26
CA ASP E 835 -44.64 18.34 2.73
C ASP E 835 -45.13 17.26 1.78
N THR E 836 -46.39 16.88 1.87
CA THR E 836 -46.95 15.86 1.00
C THR E 836 -47.54 16.41 -0.28
N HIS E 837 -47.04 17.54 -0.77
CA HIS E 837 -47.31 17.89 -2.16
C HIS E 837 -46.18 17.45 -3.06
N LEU E 838 -45.13 16.86 -2.49
CA LEU E 838 -44.05 16.26 -3.26
C LEU E 838 -44.16 14.75 -3.33
N LEU E 839 -45.02 14.12 -2.54
CA LEU E 839 -45.26 12.70 -2.70
C LEU E 839 -46.04 12.44 -3.98
N GLU E 840 -45.41 11.78 -4.93
CA GLU E 840 -46.04 11.39 -6.17
C GLU E 840 -46.34 9.91 -6.13
N ASN E 841 -47.30 9.49 -6.94
CA ASN E 841 -47.75 8.11 -7.03
C ASN E 841 -47.00 7.44 -8.17
N ALA E 842 -45.97 6.66 -7.85
CA ALA E 842 -45.10 6.09 -8.87
C ALA E 842 -45.47 4.65 -9.19
N SER E 843 -46.75 4.33 -9.29
CA SER E 843 -47.17 3.03 -9.78
C SER E 843 -47.08 3.02 -11.30
N PHE E 844 -46.64 1.91 -11.88
CA PHE E 844 -46.44 1.87 -13.31
C PHE E 844 -46.90 0.54 -13.88
N LEU E 845 -46.77 0.42 -15.20
CA LEU E 845 -46.97 -0.84 -15.93
C LEU E 845 -46.08 -0.74 -17.15
N ARG E 846 -45.11 -1.62 -17.27
CA ARG E 846 -44.03 -1.48 -18.25
C ARG E 846 -44.05 -2.65 -19.21
N LEU E 847 -44.08 -2.36 -20.51
CA LEU E 847 -43.85 -3.40 -21.51
C LEU E 847 -42.37 -3.73 -21.52
N LYS E 848 -41.99 -4.69 -20.69
CA LYS E 848 -40.60 -4.93 -20.37
C LYS E 848 -39.83 -5.55 -21.54
N ASN E 849 -40.51 -6.28 -22.42
CA ASN E 849 -39.83 -7.00 -23.48
C ASN E 849 -40.83 -7.29 -24.60
N LEU E 850 -40.36 -7.30 -25.84
CA LEU E 850 -41.22 -7.59 -26.98
C LEU E 850 -40.34 -8.12 -28.11
N LYS E 851 -40.37 -9.42 -28.35
CA LYS E 851 -39.45 -10.04 -29.28
C LYS E 851 -40.20 -10.65 -30.45
N LEU E 852 -39.56 -10.61 -31.62
CA LEU E 852 -40.07 -11.21 -32.85
C LEU E 852 -38.98 -12.09 -33.44
N THR E 853 -39.11 -13.41 -33.26
CA THR E 853 -38.11 -14.37 -33.65
C THR E 853 -38.56 -15.08 -34.93
N TYR E 854 -37.61 -15.45 -35.78
CA TYR E 854 -37.92 -16.26 -36.95
C TYR E 854 -36.84 -17.31 -37.17
N VAL E 855 -37.13 -18.55 -36.80
CA VAL E 855 -36.23 -19.65 -37.09
C VAL E 855 -36.29 -19.96 -38.58
N LEU E 856 -35.13 -19.97 -39.24
CA LEU E 856 -35.09 -20.26 -40.66
C LEU E 856 -35.43 -21.73 -40.90
N PRO E 857 -36.16 -22.06 -41.96
CA PRO E 857 -36.72 -23.40 -42.10
C PRO E 857 -35.67 -24.44 -42.48
N ASN E 858 -36.00 -25.69 -42.18
CA ASN E 858 -35.05 -26.79 -42.33
C ASN E 858 -34.78 -27.15 -43.78
N SER E 859 -35.69 -26.82 -44.69
CA SER E 859 -35.54 -27.17 -46.09
C SER E 859 -34.53 -26.29 -46.82
N LEU E 860 -34.03 -25.23 -46.19
CA LEU E 860 -33.08 -24.35 -46.86
C LEU E 860 -31.67 -24.90 -46.78
N PHE E 861 -31.33 -25.62 -45.71
CA PHE E 861 -30.00 -26.21 -45.55
C PHE E 861 -30.06 -27.68 -45.97
N ALA E 862 -30.14 -27.90 -47.28
CA ALA E 862 -30.42 -29.22 -47.81
C ALA E 862 -29.19 -29.93 -48.36
N GLY E 863 -28.47 -29.32 -49.30
CA GLY E 863 -27.32 -29.98 -49.90
C GLY E 863 -26.01 -29.56 -49.27
N GLN E 864 -25.99 -29.46 -47.95
CA GLN E 864 -24.85 -28.94 -47.22
C GLN E 864 -24.68 -29.69 -45.91
N ASN E 865 -23.44 -29.73 -45.43
CA ASN E 865 -23.15 -30.29 -44.12
C ASN E 865 -22.35 -29.35 -43.23
N VAL E 866 -22.10 -28.12 -43.68
CA VAL E 866 -21.38 -27.16 -42.85
C VAL E 866 -22.32 -26.45 -41.89
N ILE E 867 -23.32 -25.75 -42.42
CA ILE E 867 -24.25 -24.97 -41.61
C ILE E 867 -25.43 -25.82 -41.21
N GLY E 868 -25.81 -25.77 -39.94
CA GLY E 868 -26.91 -26.56 -39.43
C GLY E 868 -28.22 -25.82 -39.34
N GLY E 869 -28.19 -24.58 -38.87
CA GLY E 869 -29.41 -23.80 -38.81
C GLY E 869 -29.10 -22.34 -38.57
N ALA E 870 -30.15 -21.53 -38.55
CA ALA E 870 -29.99 -20.11 -38.30
C ALA E 870 -31.21 -19.56 -37.59
N ARG E 871 -31.10 -18.31 -37.14
CA ARG E 871 -32.15 -17.63 -36.40
C ARG E 871 -31.92 -16.13 -36.50
N VAL E 872 -33.01 -15.36 -36.59
CA VAL E 872 -32.97 -13.90 -36.64
C VAL E 872 -33.96 -13.41 -35.60
N TYR E 873 -33.64 -12.31 -34.90
CA TYR E 873 -34.64 -11.74 -34.01
C TYR E 873 -34.55 -10.21 -33.98
N LEU E 874 -35.70 -9.61 -33.66
CA LEU E 874 -35.85 -8.17 -33.41
C LEU E 874 -36.49 -7.97 -32.06
N MET E 875 -35.89 -7.15 -31.21
CA MET E 875 -36.31 -7.01 -29.82
C MET E 875 -36.41 -5.54 -29.47
N ALA E 876 -37.38 -5.20 -28.62
CA ALA E 876 -37.53 -3.86 -28.07
C ALA E 876 -37.71 -3.96 -26.57
N ARG E 877 -36.93 -3.18 -25.82
CA ARG E 877 -36.94 -3.22 -24.37
C ARG E 877 -37.37 -1.86 -23.83
N ASN E 878 -38.28 -1.90 -22.86
CA ASN E 878 -38.93 -0.73 -22.24
C ASN E 878 -39.61 0.13 -23.29
N LEU E 879 -40.49 -0.49 -24.06
CA LEU E 879 -41.10 0.21 -25.18
C LEU E 879 -42.19 1.18 -24.73
N LEU E 880 -42.99 0.80 -23.74
CA LEU E 880 -44.21 1.51 -23.42
C LEU E 880 -44.40 1.50 -21.91
N THR E 881 -44.86 2.61 -21.35
CA THR E 881 -44.97 2.77 -19.90
C THR E 881 -46.21 3.59 -19.58
N VAL E 882 -47.00 3.14 -18.61
CA VAL E 882 -48.25 3.78 -18.21
C VAL E 882 -48.12 4.21 -16.76
N THR E 883 -47.99 5.52 -16.51
CA THR E 883 -47.64 6.00 -15.19
C THR E 883 -48.26 7.39 -14.99
N LYS E 884 -48.57 7.74 -13.73
CA LYS E 884 -48.98 9.08 -13.36
C LYS E 884 -47.86 9.91 -12.70
N TYR E 885 -46.62 9.44 -12.76
CA TYR E 885 -45.49 10.19 -12.24
C TYR E 885 -45.16 11.36 -13.16
N LYS E 886 -44.35 12.30 -12.66
CA LYS E 886 -44.02 13.51 -13.40
C LYS E 886 -42.51 13.72 -13.57
N GLY E 887 -41.71 12.69 -13.37
CA GLY E 887 -40.27 12.87 -13.20
C GLY E 887 -39.30 11.96 -13.91
N PHE E 888 -39.56 11.64 -15.18
CA PHE E 888 -38.71 10.89 -16.13
C PHE E 888 -38.64 9.38 -15.91
N ASP E 889 -38.98 8.88 -14.71
CA ASP E 889 -38.99 7.46 -14.40
C ASP E 889 -39.64 7.19 -13.05
N PRO E 890 -40.61 6.31 -12.98
CA PRO E 890 -41.12 5.90 -11.67
C PRO E 890 -40.22 4.92 -10.95
N GLU E 891 -39.57 4.04 -11.69
CA GLU E 891 -38.80 2.96 -11.07
C GLU E 891 -37.42 3.44 -10.62
N ALA E 892 -36.78 4.28 -11.41
CA ALA E 892 -35.44 4.77 -11.10
C ALA E 892 -35.52 5.73 -9.93
N GLY E 893 -34.99 5.32 -8.80
CA GLY E 893 -35.24 6.03 -7.58
C GLY E 893 -35.25 5.10 -6.40
N GLY E 894 -36.38 5.03 -5.71
CA GLY E 894 -36.44 4.25 -4.50
C GLY E 894 -36.41 5.19 -3.32
N ASN E 895 -37.61 5.48 -2.82
CA ASN E 895 -37.97 6.30 -1.66
C ASN E 895 -37.79 7.81 -1.87
N VAL E 896 -37.07 8.22 -2.91
CA VAL E 896 -36.84 9.61 -3.24
C VAL E 896 -36.30 9.70 -4.67
N GLY E 897 -36.75 10.68 -5.44
CA GLY E 897 -36.21 10.83 -6.77
C GLY E 897 -35.36 12.08 -6.95
N LYS E 898 -34.04 11.91 -6.94
CA LYS E 898 -33.12 13.02 -7.08
C LYS E 898 -32.78 13.19 -8.56
N ASN E 899 -31.69 13.88 -8.87
CA ASN E 899 -31.19 13.98 -10.24
C ASN E 899 -30.83 12.58 -10.68
N GLN E 900 -31.68 11.98 -11.52
CA GLN E 900 -31.65 10.55 -11.72
C GLN E 900 -31.22 10.18 -13.13
N TYR E 901 -30.77 8.94 -13.27
CA TYR E 901 -30.46 8.37 -14.56
C TYR E 901 -31.69 7.59 -14.96
N PRO E 902 -32.43 7.98 -15.98
CA PRO E 902 -33.63 7.23 -16.35
C PRO E 902 -33.26 5.92 -17.01
N ASN E 903 -34.20 4.97 -16.98
CA ASN E 903 -33.98 3.70 -17.64
C ASN E 903 -33.99 3.89 -19.15
N SER E 904 -33.45 2.92 -19.86
CA SER E 904 -33.23 3.04 -21.29
C SER E 904 -34.33 2.33 -22.08
N LYS E 905 -34.52 2.79 -23.29
CA LYS E 905 -35.40 2.18 -24.28
C LYS E 905 -34.51 1.69 -25.41
N GLN E 906 -34.55 0.39 -25.68
CA GLN E 906 -33.55 -0.23 -26.55
C GLN E 906 -34.20 -0.95 -27.72
N TYR E 907 -33.53 -0.89 -28.87
CA TYR E 907 -33.93 -1.62 -30.07
C TYR E 907 -32.74 -2.48 -30.47
N VAL E 908 -32.93 -3.80 -30.55
CA VAL E 908 -31.83 -4.76 -30.77
C VAL E 908 -32.20 -5.65 -31.94
N ALA E 909 -31.24 -5.88 -32.84
CA ALA E 909 -31.38 -6.87 -33.90
C ALA E 909 -30.26 -7.89 -33.75
N GLY E 910 -30.58 -9.17 -33.94
CA GLY E 910 -29.60 -10.21 -33.66
C GLY E 910 -29.71 -11.39 -34.60
N ILE E 911 -28.58 -12.07 -34.74
CA ILE E 911 -28.41 -13.23 -35.61
C ILE E 911 -27.96 -14.40 -34.73
N GLN E 912 -28.13 -15.61 -35.25
CA GLN E 912 -27.53 -16.79 -34.63
C GLN E 912 -27.36 -17.86 -35.69
N LEU E 913 -26.14 -18.32 -35.89
CA LEU E 913 -25.81 -19.30 -36.91
C LEU E 913 -25.39 -20.59 -36.22
N SER E 914 -26.33 -21.50 -36.01
CA SER E 914 -26.01 -22.75 -35.32
C SER E 914 -25.45 -23.76 -36.31
N PHE E 915 -24.19 -23.55 -36.66
CA PHE E 915 -23.54 -24.36 -37.69
C PHE E 915 -22.70 -25.45 -37.07
OCO 5PL F . -1.71 -6.61 -38.37
CBL 5PL F . -2.11 -7.68 -38.03
CBM 5PL F . -2.58 -8.70 -39.08
OCL 5PL F . -2.17 -8.02 -36.67
CBN 5PL F . -3.77 -9.55 -38.54
CBO 5PL F . -3.82 -10.89 -39.31
CBP 5PL F . -4.93 -11.80 -38.74
CAA 5PL F . -4.99 -13.11 -39.57
CBR 5PL F . -6.18 -14.00 -39.09
CBS 5PL F . -6.34 -15.24 -40.03
CBT 5PL F . -7.01 -16.41 -39.28
CAL 5PL F . -6.64 -17.76 -39.97
CBI 5PL F . -1.54 -7.11 -35.79
CBH 5PL F . -2.53 -6.61 -34.75
CAW 5PL F . -2.06 -5.27 -34.18
CBV 5PL F . -3.96 -9.63 -34.16
CBW 5PL F . -5.42 -10.07 -34.04
CBX 5PL F . -5.59 -11.37 -34.85
CBY 5PL F . -6.71 -12.22 -34.26
CAE 5PL F . -7.83 -14.48 -34.53
CAF 5PL F . -8.72 -15.23 -35.54
CAG 5PL F . -9.50 -16.35 -34.78
CAK 5PL F . -10.47 -17.07 -35.74
CBZ 5PL F . -7.10 -13.33 -35.26
CBU 5PL F . -3.82 -8.21 -33.59
OCK 5PL F . -2.60 -7.53 -33.70
OCN 5PL F . -4.74 -7.70 -33.06
C1 PLM G . -1.78 -1.67 -38.22
O2 PLM G . -2.15 -0.47 -38.29
C2 PLM G . -2.31 -2.61 -39.34
C3 PLM G . -3.73 -2.32 -39.83
C4 PLM G . -4.23 -3.30 -40.90
C5 PLM G . -4.88 -4.56 -40.32
C6 PLM G . -5.31 -5.58 -41.37
C7 PLM G . -5.91 -6.86 -40.78
C8 PLM G . -6.85 -7.61 -41.72
C9 PLM G . -6.95 -9.10 -41.43
CA PLM G . -7.00 -9.97 -42.68
CB PLM G . -7.72 -11.31 -42.51
C6 C8E H . -8.13 -3.23 -22.45
C7 C8E H . -8.49 -4.71 -22.57
C8 C8E H . -8.11 -5.24 -23.94
O9 C8E H . -7.76 -6.59 -23.81
C10 C8E H . -8.64 -7.45 -24.47
C11 C8E H . -8.29 -8.85 -24.01
O12 C8E H . -8.70 -9.80 -24.96
C13 C8E H . -7.58 -10.40 -25.56
C14 C8E H . -7.90 -11.87 -25.77
O15 C8E H . -6.77 -12.63 -25.47
C16 C8E H . -6.86 -13.90 -26.06
C17 C8E H . -7.74 -14.79 -25.21
O18 C8E H . -8.25 -15.82 -26.01
C19 C8E H . -7.61 -17.03 -25.78
C20 C8E H . -8.64 -18.08 -25.44
O21 C8E H . -8.23 -18.75 -24.29
C6 C8E I . -6.21 -12.94 -11.63
C7 C8E I . -6.69 -14.22 -10.99
C8 C8E I . -5.99 -15.44 -11.56
O9 C8E I . -5.72 -16.38 -10.54
C10 C8E I . -5.60 -17.70 -11.00
C11 C8E I . -5.22 -18.55 -9.82
O12 C8E I . -6.07 -19.66 -9.71
C13 C8E I . -5.71 -20.48 -8.64
C14 C8E I . -5.51 -21.93 -9.06
O15 C8E I . -6.01 -22.72 -8.02
C16 C8E I . -5.02 -23.37 -7.28
C17 C8E I . -5.34 -24.87 -7.27
O18 C8E I . -4.48 -25.54 -6.38
C19 C8E I . -4.98 -25.58 -5.07
C20 C8E I . -4.85 -26.99 -4.54
O21 C8E I . -3.90 -27.01 -3.49
C1 C8E J . -12.25 -21.95 -24.80
C2 C8E J . -11.29 -21.55 -23.70
C3 C8E J . -11.97 -20.77 -22.59
C4 C8E J . -11.03 -20.66 -21.38
C5 C8E J . -11.41 -19.53 -20.45
C6 C8E J . -11.29 -19.98 -18.99
C7 C8E J . -10.30 -19.10 -18.26
C8 C8E J . -10.36 -19.29 -16.75
O9 C8E J . -9.14 -19.78 -16.28
C10 C8E J . -8.51 -18.86 -15.43
C11 C8E J . -7.18 -19.46 -14.94
O12 C8E J . -7.38 -20.38 -13.91
C13 C8E J . -6.73 -21.60 -14.18
C14 C8E J . -7.59 -22.79 -13.79
O15 C8E J . -6.81 -23.67 -13.02
C16 C8E J . -6.99 -25.01 -13.38
C17 C8E J . -7.84 -25.73 -12.35
O18 C8E J . -8.22 -26.98 -12.88
C19 C8E J . -7.76 -28.05 -12.11
C20 C8E J . -8.97 -28.75 -11.50
O21 C8E J . -9.14 -30.03 -12.07
OCO 5PL K . -14.03 -29.90 9.51
CBL 5PL K . -13.07 -29.48 8.96
CBM 5PL K . -12.56 -30.19 7.69
OCL 5PL K . -12.40 -28.35 9.47
CBN 5PL K . -13.46 -31.41 7.42
CBO 5PL K . -13.02 -32.10 6.10
CBP 5PL K . -14.01 -33.24 5.80
CAA 5PL K . -13.38 -34.23 4.78
CBR 5PL K . -14.45 -34.66 3.73
CBS 5PL K . -13.92 -35.85 2.88
CBT 5PL K . -15.04 -36.38 1.95
CBI 5PL K . -13.04 -27.11 9.25
CBH 5PL K . -11.96 -26.02 9.14
CAW 5PL K . -12.15 -24.95 10.23
CBV 5PL K . -10.59 -25.72 5.79
CBW 5PL K . -11.30 -27.05 5.50
CBX 5PL K . -10.55 -27.77 4.37
CBY 5PL K . -11.21 -29.13 4.10
CAE 5PL K . -11.13 -31.15 2.65
CAF 5PL K . -10.75 -31.77 1.29
CAG 5PL K . -11.37 -33.19 1.23
CAK 5PL K . -11.13 -33.80 -0.18
CBZ 5PL K . -10.77 -29.65 2.72
CBU 5PL K . -10.78 -25.31 7.27
OCK 5PL K . -12.04 -25.44 7.89
OCN 5PL K . -9.88 -24.89 7.87
C1 PLM L . -9.33 -26.64 13.86
O2 PLM L . -8.59 -26.35 12.87
C2 PLM L . -9.74 -28.14 13.99
C3 PLM L . -9.09 -29.09 13.00
C4 PLM L . -9.70 -30.50 12.98
C5 PLM L . -9.77 -31.14 11.60
C6 PLM L . -10.70 -32.34 11.53
C7 PLM L . -10.74 -33.01 10.16
C1 C8E M . -7.64 -13.87 -14.92
C2 C8E M . -8.46 -13.51 -16.15
C3 C8E M . -8.31 -14.55 -17.23
C4 C8E M . -9.52 -14.58 -18.13
C5 C8E M . -9.22 -14.08 -19.53
C6 C8E M . -10.30 -14.59 -20.46
C7 C8E M . -10.48 -13.73 -21.70
C8 C8E M . -10.65 -14.65 -22.88
O9 C8E M . -11.72 -14.28 -23.69
C10 C8E M . -11.39 -13.42 -24.74
C11 C8E M . -12.43 -13.61 -25.83
O12 C8E M . -12.98 -12.39 -26.23
C13 C8E M . -13.26 -12.42 -27.61
C14 C8E M . -12.87 -11.13 -28.31
C1 C8E N . -9.87 -26.60 -7.84
C2 C8E N . -10.23 -25.97 -6.51
C3 C8E N . -9.16 -25.01 -6.03
C4 C8E N . -8.76 -25.34 -4.60
C5 C8E N . -8.78 -24.10 -3.74
C6 C8E N . -7.72 -24.17 -2.65
C7 C8E N . -7.22 -22.80 -2.25
C8 C8E N . -5.74 -22.88 -1.89
O9 C8E N . -5.17 -21.59 -1.88
C10 C8E N . -4.71 -21.22 -0.61
C11 C8E N . -4.21 -19.78 -0.69
O12 C8E N . -3.88 -19.32 0.60
C13 C8E N . -2.79 -18.42 0.60
C14 C8E N . -1.76 -18.86 1.63
#